data_9E9Y
#
_entry.id   9E9Y
#
_cell.length_a   1.00
_cell.length_b   1.00
_cell.length_c   1.00
_cell.angle_alpha   90.00
_cell.angle_beta   90.00
_cell.angle_gamma   90.00
#
_symmetry.space_group_name_H-M   'P 1'
#
loop_
_entity.id
_entity.type
_entity.pdbx_description
1 polymer 'Spike glycoprotein E1'
2 polymer 'Structural polyprotein'
3 polymer 'Capsid protein'
4 polymer 'Very low-density lipoprotein receptor'
5 non-polymer 'CALCIUM ION'
#
loop_
_entity_poly.entity_id
_entity_poly.type
_entity_poly.pdbx_seq_one_letter_code
_entity_poly.pdbx_strand_id
1 'polypeptide(L)'
;FEHATTVPNVPGIPYKALVERAGYAPLNLEITVVSSELTPSTNKEYVTCRFHTVIPSPQVKCCGSLECKASSKADYTCRV
FGGVYPFMWGGAQCFCDSENTQLSEAYVEFAPDCTIDHAVALKVHTAALKVGLRIVYGNTTAHLDTFVNGVTPGSSRDLK
VIAGPISAAFSPFDHKVVIRKGLVYNYDFPEYGAMKPGAFGDIQASSLDATDIVARTDIRLLKPSVKNIHVPYTQAVSGY
EMWKNNSGRPLQETAPFGCKIEVEPLRASNCAYGHIPISIDIPDAAFVRSSESPTILEVSCTVADCIYSADFGGSLTLQY
KADREGHCPVHSHSTTAVLKEATTHVTAVGSITLHFSTSSPQANFIVSLCGKKTTCNAECKPPADHIIGEPHKVDQEFQA
AVSKTSWNWLLALFGGASSLIVVGLIVLVCSSMLINTRR
;
A,C,G,J
2 'polypeptide(L)'
;PYLGFCPYCRHSAPCFSPIKIENVWDESDDGSIRIQVSAQFGYNQAGTADVTKFRYMSYDHDHDIKEDSMEKIAISTSGP
CRRLGHKGYFLLAQCPPGDSVTVSITSGASENSCTVEKKIRRKFVGREEYLFPPVQGKLVKCHVYDRLKETSAGYITMHR
PGPHAYKSYLKEASGEVYIKPPSGKNVTYECKCGDYSTGIVSTQTKMNGCTKARQCIAYKLDQTKWVFNSPDLIRHTDHS
VQGKLHIPFRLTPTVCPVPLAHTPTVTKWFKGITLHLTATRPTLLTTRKLGLRADATAEWITGTTSRNFSVGREGLEYVW
GNHEPVRVWAQESAPGDPHGWPHEIIIHYYHRHPVYTVIVLCGVALAILVGTASSAACIAKARRDCLTPYALAPNATVPT
ALAVLCCI
;
B,D,H,K
3 'polypeptide(L)'
;ESDKTFPIMLNGQVNGYACVVGGRLMKPLHVEGKIDNEQLAAVKLKKASMYDLEYGDVPQNMKSDTLQYTSDKPPGFYNW
HHGAVQYENGRFTVPRGVGGKGDSGRPILDNRGRVVAIVLGGANEGTRTALSVVTWNQKGVTIKDTPEGSEPW
;
E,F,I,L
4 'polypeptide(L)' AKCEPSQFQCTNGRCITLLWKCDGDEDCVDGSDEKNCVKKTCAESDFVCNNGQCVPSRWKCDGDPDCEDGSDESPEQC V,X,Y,Z
#
loop_
_chem_comp.id
_chem_comp.type
_chem_comp.name
_chem_comp.formula
CA non-polymer 'CALCIUM ION' 'Ca 2'
#
# COMPACT_ATOMS: atom_id res chain seq x y z
N PHE A 1 -20.88 -14.94 -23.57
CA PHE A 1 -21.34 -15.84 -22.50
C PHE A 1 -20.34 -16.95 -22.21
N GLU A 2 -19.94 -17.07 -20.95
CA GLU A 2 -19.03 -18.12 -20.53
C GLU A 2 -19.80 -19.14 -19.69
N HIS A 3 -19.74 -20.40 -20.11
CA HIS A 3 -20.24 -21.50 -19.30
C HIS A 3 -19.14 -22.00 -18.39
N ALA A 4 -19.53 -22.66 -17.30
CA ALA A 4 -18.55 -23.28 -16.44
C ALA A 4 -19.12 -24.56 -15.86
N THR A 5 -18.24 -25.56 -15.70
CA THR A 5 -18.63 -26.82 -15.11
C THR A 5 -17.39 -27.56 -14.63
N THR A 6 -17.58 -28.42 -13.64
CA THR A 6 -16.54 -29.36 -13.27
C THR A 6 -16.44 -30.46 -14.32
N VAL A 7 -15.23 -30.99 -14.49
CA VAL A 7 -15.01 -32.08 -15.43
C VAL A 7 -14.19 -33.16 -14.75
N PRO A 8 -14.58 -34.43 -14.86
CA PRO A 8 -13.79 -35.49 -14.24
C PRO A 8 -12.42 -35.57 -14.88
N ASN A 9 -11.38 -35.54 -14.05
CA ASN A 9 -10.01 -35.61 -14.55
C ASN A 9 -9.67 -37.06 -14.89
N VAL A 10 -10.33 -37.56 -15.93
CA VAL A 10 -10.13 -38.95 -16.33
C VAL A 10 -9.80 -38.95 -17.82
N PRO A 11 -8.57 -39.33 -18.18
CA PRO A 11 -8.17 -39.27 -19.58
C PRO A 11 -9.00 -40.17 -20.47
N GLY A 12 -9.26 -39.69 -21.68
CA GLY A 12 -10.04 -40.41 -22.67
C GLY A 12 -11.52 -40.45 -22.42
N ILE A 13 -11.99 -39.99 -21.27
CA ILE A 13 -13.43 -39.98 -21.00
C ILE A 13 -14.07 -38.77 -21.66
N PRO A 14 -14.98 -38.97 -22.59
CA PRO A 14 -15.64 -37.83 -23.25
C PRO A 14 -16.78 -37.28 -22.41
N TYR A 15 -16.42 -36.63 -21.31
CA TYR A 15 -17.43 -36.00 -20.47
C TYR A 15 -18.18 -34.93 -21.26
N LYS A 16 -19.49 -34.92 -21.11
CA LYS A 16 -20.33 -33.99 -21.85
C LYS A 16 -21.04 -33.03 -20.92
N ALA A 17 -21.30 -31.84 -21.43
CA ALA A 17 -22.06 -30.83 -20.73
C ALA A 17 -23.01 -30.18 -21.73
N LEU A 18 -24.06 -29.56 -21.21
CA LEU A 18 -25.00 -28.82 -22.05
C LEU A 18 -25.02 -27.37 -21.61
N VAL A 19 -24.75 -26.48 -22.55
CA VAL A 19 -24.80 -25.05 -22.27
C VAL A 19 -26.22 -24.56 -22.51
N GLU A 20 -26.61 -23.52 -21.79
CA GLU A 20 -27.99 -23.06 -21.79
C GLU A 20 -28.05 -21.54 -21.85
N ARG A 21 -27.39 -20.97 -22.86
CA ARG A 21 -27.46 -19.54 -23.12
C ARG A 21 -28.83 -19.28 -23.72
N ALA A 22 -29.83 -19.30 -22.84
CA ALA A 22 -31.25 -19.31 -23.17
C ALA A 22 -31.69 -18.35 -24.25
N GLY A 23 -30.96 -17.25 -24.48
CA GLY A 23 -31.34 -16.45 -25.62
C GLY A 23 -31.18 -17.19 -26.94
N TYR A 24 -30.56 -18.35 -26.91
CA TYR A 24 -30.33 -19.20 -28.06
C TYR A 24 -30.62 -20.63 -27.62
N ALA A 25 -30.85 -21.50 -28.60
CA ALA A 25 -31.12 -22.90 -28.28
C ALA A 25 -29.90 -23.53 -27.61
N PRO A 26 -30.11 -24.58 -26.81
CA PRO A 26 -28.97 -25.25 -26.18
C PRO A 26 -27.97 -25.74 -27.21
N LEU A 27 -26.74 -25.93 -26.76
CA LEU A 27 -25.67 -26.42 -27.61
C LEU A 27 -24.90 -27.50 -26.86
N ASN A 28 -24.59 -28.58 -27.56
CA ASN A 28 -23.86 -29.68 -26.97
C ASN A 28 -22.39 -29.33 -26.77
N LEU A 29 -21.85 -29.66 -25.60
CA LEU A 29 -20.46 -29.38 -25.28
C LEU A 29 -19.82 -30.63 -24.69
N GLU A 30 -18.65 -30.99 -25.20
CA GLU A 30 -17.87 -32.10 -24.67
C GLU A 30 -16.51 -31.58 -24.22
N ILE A 31 -16.17 -31.83 -22.97
CA ILE A 31 -14.86 -31.49 -22.42
C ILE A 31 -14.13 -32.81 -22.24
N THR A 32 -13.18 -33.09 -23.12
CA THR A 32 -12.45 -34.36 -23.09
C THR A 32 -11.00 -34.12 -22.72
N VAL A 33 -10.56 -34.75 -21.64
CA VAL A 33 -9.17 -34.68 -21.19
C VAL A 33 -8.36 -35.61 -22.08
N VAL A 34 -7.75 -35.07 -23.13
CA VAL A 34 -6.95 -35.92 -24.02
C VAL A 34 -5.75 -36.48 -23.28
N SER A 35 -5.03 -35.62 -22.57
CA SER A 35 -3.88 -36.07 -21.82
C SER A 35 -3.64 -35.09 -20.68
N SER A 36 -2.90 -35.56 -19.69
CA SER A 36 -2.48 -34.72 -18.58
C SER A 36 -0.98 -34.81 -18.46
N GLU A 37 -0.37 -33.72 -18.00
CA GLU A 37 1.08 -33.68 -17.79
C GLU A 37 1.30 -32.90 -16.50
N LEU A 38 1.14 -33.59 -15.38
CA LEU A 38 1.40 -33.00 -14.08
C LEU A 38 2.91 -32.92 -13.93
N THR A 39 3.47 -31.72 -14.07
CA THR A 39 4.92 -31.56 -14.02
C THR A 39 5.37 -30.99 -12.69
N PRO A 40 6.19 -31.72 -11.95
CA PRO A 40 6.73 -31.21 -10.69
C PRO A 40 7.84 -30.20 -10.92
N SER A 41 7.89 -29.18 -10.06
CA SER A 41 9.00 -28.25 -10.09
C SER A 41 10.16 -28.94 -9.38
N THR A 42 11.32 -28.99 -10.04
CA THR A 42 12.45 -29.74 -9.52
C THR A 42 13.75 -29.10 -9.93
N ASN A 43 14.81 -29.49 -9.21
CA ASN A 43 16.17 -29.10 -9.54
C ASN A 43 17.07 -30.31 -9.38
N LYS A 44 18.16 -30.32 -10.12
CA LYS A 44 19.17 -31.37 -9.97
C LYS A 44 19.94 -31.14 -8.68
N GLU A 45 19.64 -31.92 -7.65
CA GLU A 45 20.40 -31.78 -6.42
C GLU A 45 21.84 -32.22 -6.64
N TYR A 46 22.04 -33.36 -7.28
CA TYR A 46 23.36 -33.81 -7.69
C TYR A 46 23.21 -35.03 -8.57
N VAL A 47 24.21 -35.29 -9.36
CA VAL A 47 24.32 -36.54 -10.11
C VAL A 47 25.05 -37.53 -9.24
N THR A 48 24.81 -38.82 -9.47
CA THR A 48 25.58 -39.84 -8.80
C THR A 48 25.65 -41.09 -9.67
N CYS A 49 26.64 -41.92 -9.41
CA CYS A 49 26.82 -43.17 -10.15
C CYS A 49 27.88 -43.99 -9.44
N ARG A 50 28.21 -45.12 -10.04
CA ARG A 50 29.28 -45.96 -9.51
C ARG A 50 30.59 -45.21 -9.61
N PHE A 51 31.17 -44.84 -8.48
CA PHE A 51 32.43 -44.12 -8.50
C PHE A 51 33.57 -45.03 -8.95
N HIS A 52 34.58 -44.41 -9.55
CA HIS A 52 35.80 -45.09 -9.95
C HIS A 52 36.92 -44.57 -9.06
N THR A 53 37.54 -45.47 -8.30
CA THR A 53 38.60 -45.10 -7.37
C THR A 53 39.95 -45.08 -8.07
N VAL A 54 40.33 -43.89 -8.56
CA VAL A 54 41.64 -43.74 -9.18
C VAL A 54 42.69 -43.79 -8.09
N ILE A 55 43.71 -44.61 -8.31
CA ILE A 55 44.81 -44.73 -7.36
C ILE A 55 46.07 -44.32 -8.09
N PRO A 56 46.29 -43.02 -8.29
CA PRO A 56 47.45 -42.57 -9.05
C PRO A 56 48.72 -43.15 -8.47
N SER A 57 49.62 -43.55 -9.35
CA SER A 57 50.86 -44.18 -8.96
C SER A 57 51.49 -43.44 -7.79
N PRO A 58 51.92 -44.14 -6.75
CA PRO A 58 52.36 -43.47 -5.54
C PRO A 58 53.63 -42.67 -5.73
N GLN A 59 53.72 -41.59 -4.98
CA GLN A 59 54.92 -40.79 -4.93
C GLN A 59 55.89 -41.48 -3.98
N VAL A 60 57.15 -41.59 -4.39
CA VAL A 60 58.15 -42.19 -3.52
C VAL A 60 59.28 -41.20 -3.30
N LYS A 61 59.89 -41.31 -2.13
CA LYS A 61 61.03 -40.50 -1.75
C LYS A 61 62.06 -41.42 -1.12
N CYS A 62 63.32 -41.20 -1.47
CA CYS A 62 64.38 -42.11 -1.10
C CYS A 62 65.29 -41.56 0.00
N CYS A 63 64.97 -40.39 0.55
CA CYS A 63 65.81 -39.83 1.60
C CYS A 63 65.04 -38.96 2.59
N GLY A 64 63.72 -39.03 2.60
CA GLY A 64 62.96 -38.16 3.51
C GLY A 64 61.48 -38.42 3.39
N SER A 65 60.74 -37.73 4.25
CA SER A 65 59.30 -37.84 4.29
C SER A 65 58.66 -37.00 3.19
N LEU A 66 57.35 -37.22 3.00
CA LEU A 66 56.57 -36.51 2.01
C LEU A 66 55.32 -35.95 2.67
N GLU A 67 55.07 -34.66 2.46
CA GLU A 67 53.88 -34.04 3.04
C GLU A 67 52.62 -34.51 2.35
N CYS A 68 51.57 -34.73 3.14
CA CYS A 68 50.26 -35.14 2.63
C CYS A 68 49.47 -33.95 2.10
N LYS A 69 50.09 -33.18 1.19
CA LYS A 69 49.45 -32.00 0.61
C LYS A 69 48.01 -32.29 0.19
N ALA A 70 47.07 -31.63 0.84
CA ALA A 70 45.66 -31.86 0.56
C ALA A 70 45.32 -31.46 -0.87
N SER A 71 44.25 -32.04 -1.38
CA SER A 71 43.78 -31.77 -2.74
C SER A 71 42.26 -31.66 -2.76
N SER A 72 41.76 -30.90 -3.74
CA SER A 72 40.33 -30.73 -3.93
C SER A 72 39.66 -31.94 -4.54
N LYS A 73 40.42 -32.96 -4.94
CA LYS A 73 39.83 -34.15 -5.51
C LYS A 73 38.85 -34.78 -4.54
N ALA A 74 37.86 -35.48 -5.08
CA ALA A 74 36.78 -36.02 -4.27
C ALA A 74 37.27 -37.13 -3.34
N ASP A 75 36.89 -37.01 -2.07
CA ASP A 75 37.27 -37.94 -1.01
C ASP A 75 38.77 -38.19 -0.97
N TYR A 76 39.52 -37.13 -1.23
CA TYR A 76 40.98 -37.19 -1.19
C TYR A 76 41.42 -37.50 0.23
N THR A 77 42.07 -38.65 0.42
CA THR A 77 42.37 -39.15 1.76
C THR A 77 43.74 -39.82 1.81
N CYS A 78 44.73 -39.18 1.21
CA CYS A 78 46.05 -39.78 1.05
C CYS A 78 46.78 -39.89 2.39
N ARG A 79 47.65 -40.89 2.47
CA ARG A 79 48.42 -41.19 3.66
C ARG A 79 49.87 -41.43 3.29
N VAL A 80 50.77 -41.07 4.20
CA VAL A 80 52.20 -41.23 4.02
C VAL A 80 52.66 -42.41 4.89
N PHE A 81 53.55 -43.23 4.34
CA PHE A 81 54.02 -44.42 5.02
C PHE A 81 55.53 -44.54 4.94
N GLY A 82 56.16 -44.90 6.06
CA GLY A 82 57.58 -45.14 6.13
C GLY A 82 57.90 -46.62 5.98
N GLY A 83 59.20 -46.91 5.80
CA GLY A 83 59.61 -48.29 5.69
C GLY A 83 59.12 -48.99 4.45
N VAL A 84 58.74 -48.23 3.43
CA VAL A 84 58.12 -48.80 2.24
C VAL A 84 59.10 -49.67 1.46
N TYR A 85 60.32 -49.18 1.20
CA TYR A 85 61.34 -49.87 0.41
C TYR A 85 60.73 -50.77 -0.66
N PRO A 86 59.98 -50.20 -1.59
CA PRO A 86 59.27 -51.01 -2.57
C PRO A 86 60.16 -51.43 -3.74
N PHE A 87 59.82 -52.58 -4.31
CA PHE A 87 60.47 -53.04 -5.52
C PHE A 87 59.58 -52.73 -6.72
N MET A 88 60.13 -53.00 -7.90
CA MET A 88 59.41 -52.90 -9.16
C MET A 88 59.94 -54.04 -10.02
N TRP A 89 59.40 -54.19 -11.22
CA TRP A 89 59.81 -55.31 -12.07
C TRP A 89 61.32 -55.47 -12.08
N GLY A 90 62.04 -54.37 -12.16
CA GLY A 90 63.49 -54.47 -12.17
C GLY A 90 64.11 -54.70 -10.81
N GLY A 91 63.64 -54.00 -9.79
CA GLY A 91 64.24 -54.13 -8.48
C GLY A 91 63.83 -53.00 -7.57
N ALA A 92 64.56 -52.89 -6.46
CA ALA A 92 64.36 -51.80 -5.52
C ALA A 92 64.42 -50.45 -6.23
N GLN A 93 63.56 -49.52 -5.78
CA GLN A 93 63.47 -48.20 -6.37
C GLN A 93 63.93 -47.09 -5.44
N CYS A 94 64.66 -47.42 -4.37
CA CYS A 94 65.10 -46.40 -3.44
C CYS A 94 66.52 -46.67 -2.98
N PHE A 95 67.14 -45.63 -2.42
CA PHE A 95 68.55 -45.67 -2.06
C PHE A 95 68.80 -46.37 -0.73
N CYS A 96 68.03 -46.01 0.29
CA CYS A 96 68.27 -46.45 1.65
C CYS A 96 67.31 -47.56 2.05
N ASP A 97 67.15 -47.75 3.37
CA ASP A 97 66.22 -48.74 3.90
C ASP A 97 65.08 -48.01 4.59
N SER A 98 65.17 -47.74 5.90
CA SER A 98 64.11 -47.06 6.62
C SER A 98 63.98 -45.58 6.26
N GLU A 99 65.02 -44.98 5.69
CA GLU A 99 64.95 -43.54 5.42
C GLU A 99 63.99 -43.21 4.27
N ASN A 100 63.60 -44.20 3.48
CA ASN A 100 62.66 -43.96 2.40
C ASN A 100 61.24 -43.95 2.95
N THR A 101 60.39 -43.18 2.29
CA THR A 101 58.98 -43.07 2.65
C THR A 101 58.17 -43.03 1.36
N GLN A 102 56.89 -43.37 1.50
CA GLN A 102 56.00 -43.41 0.34
C GLN A 102 54.67 -42.78 0.67
N LEU A 103 54.12 -42.06 -0.29
CA LEU A 103 52.82 -41.44 -0.20
C LEU A 103 51.88 -42.17 -1.14
N SER A 104 50.84 -42.76 -0.60
CA SER A 104 49.82 -43.41 -1.41
C SER A 104 48.65 -42.45 -1.55
N GLU A 105 48.26 -42.19 -2.79
CA GLU A 105 47.27 -41.19 -3.10
C GLU A 105 46.10 -41.84 -3.83
N ALA A 106 44.88 -41.55 -3.38
CA ALA A 106 43.70 -42.11 -4.01
C ALA A 106 42.53 -41.16 -3.86
N TYR A 107 41.67 -41.14 -4.87
CA TYR A 107 40.45 -40.34 -4.86
C TYR A 107 39.50 -40.99 -5.84
N VAL A 108 38.32 -40.40 -5.99
CA VAL A 108 37.29 -40.99 -6.85
C VAL A 108 36.77 -40.02 -7.89
N GLU A 109 36.45 -40.57 -9.06
CA GLU A 109 35.84 -39.85 -10.16
C GLU A 109 34.77 -40.73 -10.77
N PHE A 110 33.86 -40.11 -11.50
CA PHE A 110 32.80 -40.86 -12.15
C PHE A 110 33.39 -41.83 -13.16
N ALA A 111 32.98 -43.09 -13.06
CA ALA A 111 33.40 -44.08 -14.03
C ALA A 111 32.97 -43.62 -15.43
N PRO A 112 33.71 -44.01 -16.46
CA PRO A 112 33.37 -43.52 -17.81
C PRO A 112 31.95 -43.80 -18.22
N ASP A 113 31.43 -44.98 -17.87
CA ASP A 113 30.06 -45.35 -18.21
C ASP A 113 29.02 -44.50 -17.50
N CYS A 114 29.38 -43.83 -16.42
CA CYS A 114 28.42 -43.01 -15.68
C CYS A 114 27.66 -42.03 -16.57
N THR A 115 28.32 -41.51 -17.62
CA THR A 115 27.67 -40.63 -18.59
C THR A 115 26.27 -41.08 -18.96
N ILE A 116 26.04 -42.39 -19.00
CA ILE A 116 24.72 -42.92 -19.31
C ILE A 116 23.90 -43.27 -18.07
N ASP A 117 24.45 -44.13 -17.20
CA ASP A 117 23.71 -44.58 -16.03
C ASP A 117 24.12 -43.79 -14.79
N HIS A 118 23.61 -42.56 -14.72
CA HIS A 118 23.84 -41.67 -13.60
C HIS A 118 22.49 -41.30 -13.01
N ALA A 119 22.38 -41.46 -11.69
CA ALA A 119 21.12 -41.20 -10.99
C ALA A 119 20.98 -39.73 -10.63
N VAL A 120 20.24 -38.99 -11.45
CA VAL A 120 19.98 -37.58 -11.19
C VAL A 120 19.06 -37.46 -9.98
N ALA A 121 19.59 -37.03 -8.85
CA ALA A 121 18.76 -36.76 -7.69
C ALA A 121 17.99 -35.46 -7.90
N LEU A 122 16.69 -35.47 -7.65
CA LEU A 122 15.89 -34.26 -7.74
C LEU A 122 14.97 -34.08 -6.54
N LYS A 123 14.94 -32.86 -6.01
CA LYS A 123 13.94 -32.49 -5.01
C LYS A 123 12.67 -32.16 -5.76
N VAL A 124 11.52 -32.53 -5.21
CA VAL A 124 10.23 -32.29 -5.87
C VAL A 124 9.39 -31.29 -5.10
N HIS A 125 8.82 -30.34 -5.83
CA HIS A 125 7.95 -29.31 -5.30
C HIS A 125 6.61 -29.36 -6.02
N THR A 126 5.56 -28.92 -5.33
CA THR A 126 4.18 -29.03 -5.77
C THR A 126 4.00 -28.89 -7.28
N ALA A 127 3.64 -30.00 -7.90
CA ALA A 127 3.49 -30.05 -9.35
C ALA A 127 2.26 -29.31 -9.84
N ALA A 128 2.43 -28.54 -10.91
CA ALA A 128 1.34 -27.84 -11.56
C ALA A 128 0.80 -28.74 -12.66
N LEU A 129 -0.49 -29.06 -12.59
CA LEU A 129 -1.10 -29.89 -13.62
C LEU A 129 -1.33 -29.13 -14.92
N LYS A 130 -0.97 -29.77 -16.03
CA LYS A 130 -1.28 -29.32 -17.38
C LYS A 130 -2.07 -30.41 -18.06
N VAL A 131 -3.05 -30.03 -18.88
CA VAL A 131 -3.87 -31.01 -19.59
C VAL A 131 -4.08 -30.57 -21.03
N GLY A 132 -4.03 -31.54 -21.93
CA GLY A 132 -4.38 -31.30 -23.32
C GLY A 132 -5.85 -31.63 -23.44
N LEU A 133 -6.68 -30.64 -23.75
CA LEU A 133 -8.11 -30.84 -23.89
C LEU A 133 -8.56 -30.72 -25.33
N ARG A 134 -9.42 -31.65 -25.73
CA ARG A 134 -10.11 -31.60 -27.01
C ARG A 134 -11.54 -31.20 -26.68
N ILE A 135 -11.96 -30.06 -27.21
CA ILE A 135 -13.28 -29.52 -26.93
C ILE A 135 -14.06 -29.50 -28.23
N VAL A 136 -15.32 -29.90 -28.16
CA VAL A 136 -16.20 -29.85 -29.31
C VAL A 136 -17.52 -29.26 -28.83
N TYR A 137 -18.07 -28.37 -29.63
CA TYR A 137 -19.28 -27.62 -29.30
C TYR A 137 -20.02 -27.41 -30.61
N GLY A 138 -21.11 -28.15 -30.79
CA GLY A 138 -21.85 -28.18 -32.03
C GLY A 138 -20.96 -28.74 -33.13
N ASN A 139 -21.14 -28.24 -34.35
CA ASN A 139 -20.26 -28.70 -35.41
C ASN A 139 -18.84 -28.18 -35.26
N THR A 140 -18.64 -27.18 -34.41
CA THR A 140 -17.31 -26.61 -34.22
C THR A 140 -16.56 -27.43 -33.18
N THR A 141 -15.25 -27.57 -33.37
CA THR A 141 -14.43 -28.30 -32.42
C THR A 141 -13.01 -27.76 -32.46
N ALA A 142 -12.31 -27.89 -31.33
CA ALA A 142 -10.95 -27.39 -31.21
C ALA A 142 -10.21 -28.20 -30.16
N HIS A 143 -8.89 -28.20 -30.26
CA HIS A 143 -8.03 -28.90 -29.31
C HIS A 143 -7.06 -27.90 -28.70
N LEU A 144 -6.76 -28.08 -27.41
CA LEU A 144 -5.91 -27.11 -26.73
C LEU A 144 -5.21 -27.74 -25.54
N ASP A 145 -4.18 -27.04 -25.05
CA ASP A 145 -3.40 -27.44 -23.89
C ASP A 145 -3.38 -26.30 -22.87
N THR A 146 -4.00 -26.53 -21.72
CA THR A 146 -4.12 -25.53 -20.66
C THR A 146 -3.47 -26.01 -19.37
N PHE A 147 -2.58 -25.18 -18.82
CA PHE A 147 -2.01 -25.47 -17.51
C PHE A 147 -3.14 -25.30 -16.50
N VAL A 148 -3.44 -26.36 -15.75
CA VAL A 148 -4.54 -26.33 -14.80
C VAL A 148 -4.19 -25.67 -13.48
N ASN A 149 -4.10 -24.34 -13.49
CA ASN A 149 -3.84 -23.59 -12.28
C ASN A 149 -5.02 -22.75 -11.84
N GLY A 150 -5.94 -22.45 -12.75
CA GLY A 150 -7.11 -21.66 -12.46
C GLY A 150 -6.95 -20.18 -12.72
N VAL A 151 -5.89 -19.78 -13.41
CA VAL A 151 -5.62 -18.38 -13.68
C VAL A 151 -5.25 -18.17 -15.14
N THR A 152 -4.42 -19.07 -15.68
CA THR A 152 -3.97 -18.89 -17.05
C THR A 152 -5.07 -19.23 -18.06
N PRO A 153 -5.32 -18.38 -19.02
CA PRO A 153 -6.20 -18.74 -20.13
C PRO A 153 -5.42 -19.45 -21.22
N GLY A 154 -5.31 -20.77 -21.17
CA GLY A 154 -4.59 -21.48 -22.23
C GLY A 154 -5.42 -21.56 -23.50
N SER A 155 -5.95 -20.40 -23.89
CA SER A 155 -6.87 -20.26 -25.00
C SER A 155 -6.30 -20.82 -26.30
N SER A 156 -7.21 -21.28 -27.16
CA SER A 156 -6.91 -21.73 -28.50
C SER A 156 -8.12 -21.35 -29.35
N ARG A 157 -7.86 -21.00 -30.61
CA ARG A 157 -8.92 -20.48 -31.48
C ARG A 157 -9.64 -19.36 -30.75
N ASP A 158 -10.93 -19.51 -30.52
CA ASP A 158 -11.70 -18.52 -29.78
C ASP A 158 -12.08 -18.97 -28.37
N LEU A 159 -11.81 -20.23 -28.01
CA LEU A 159 -12.18 -20.75 -26.70
C LEU A 159 -11.29 -20.15 -25.61
N LYS A 160 -11.89 -19.36 -24.73
CA LYS A 160 -11.19 -18.76 -23.59
C LYS A 160 -11.15 -19.74 -22.43
N VAL A 161 -10.73 -20.98 -22.69
CA VAL A 161 -10.68 -22.01 -21.67
C VAL A 161 -9.74 -21.64 -20.53
N ILE A 162 -10.20 -21.89 -19.30
CA ILE A 162 -9.43 -21.71 -18.08
C ILE A 162 -9.69 -22.94 -17.22
N ALA A 163 -8.67 -23.44 -16.54
CA ALA A 163 -8.81 -24.69 -15.81
C ALA A 163 -8.12 -24.69 -14.46
N GLY A 164 -8.78 -25.30 -13.48
CA GLY A 164 -8.27 -25.46 -12.14
C GLY A 164 -8.71 -24.41 -11.15
N PRO A 165 -8.15 -24.48 -9.92
CA PRO A 165 -7.19 -25.48 -9.45
C PRO A 165 -7.84 -26.84 -9.24
N ILE A 166 -7.05 -27.90 -9.05
CA ILE A 166 -7.62 -29.23 -8.91
C ILE A 166 -8.48 -29.30 -7.66
N SER A 167 -9.59 -30.05 -7.76
CA SER A 167 -10.46 -30.24 -6.61
C SER A 167 -9.66 -30.77 -5.43
N ALA A 168 -8.76 -31.72 -5.69
CA ALA A 168 -7.87 -32.28 -4.68
C ALA A 168 -6.47 -32.31 -5.27
N ALA A 169 -5.52 -31.69 -4.57
CA ALA A 169 -4.15 -31.65 -5.06
C ALA A 169 -3.42 -32.93 -4.69
N PHE A 170 -2.79 -33.56 -5.68
CA PHE A 170 -2.06 -34.80 -5.49
C PHE A 170 -0.82 -34.82 -6.38
N SER A 171 0.31 -35.21 -5.81
CA SER A 171 1.55 -35.38 -6.56
C SER A 171 2.09 -36.77 -6.28
N PRO A 172 2.29 -37.61 -7.30
CA PRO A 172 2.80 -38.96 -7.04
C PRO A 172 4.21 -39.00 -6.50
N PHE A 173 5.01 -37.97 -6.76
CA PHE A 173 6.39 -37.95 -6.31
C PHE A 173 6.49 -37.58 -4.83
N ASP A 174 7.33 -38.31 -4.11
CA ASP A 174 7.65 -37.90 -2.75
C ASP A 174 8.53 -36.66 -2.79
N HIS A 175 8.71 -36.05 -1.60
CA HIS A 175 9.53 -34.86 -1.50
C HIS A 175 10.90 -35.03 -2.14
N LYS A 176 11.45 -36.24 -2.12
CA LYS A 176 12.73 -36.55 -2.74
C LYS A 176 12.55 -37.66 -3.77
N VAL A 177 13.17 -37.50 -4.94
CA VAL A 177 13.05 -38.48 -6.00
C VAL A 177 14.39 -38.61 -6.72
N VAL A 178 14.58 -39.75 -7.37
CA VAL A 178 15.79 -40.02 -8.13
C VAL A 178 15.44 -40.69 -9.45
N ILE A 179 16.08 -40.28 -10.52
CA ILE A 179 15.88 -40.83 -11.86
C ILE A 179 17.12 -41.65 -12.25
N ARG A 180 16.90 -42.85 -12.76
CA ARG A 180 17.97 -43.69 -13.26
C ARG A 180 17.58 -44.32 -14.58
N LYS A 181 18.39 -44.10 -15.63
CA LYS A 181 18.17 -44.70 -16.94
C LYS A 181 16.75 -44.49 -17.45
N GLY A 182 16.07 -43.46 -16.97
CA GLY A 182 14.69 -43.20 -17.28
C GLY A 182 13.72 -43.86 -16.33
N LEU A 183 14.19 -44.77 -15.48
CA LEU A 183 13.39 -45.21 -14.36
C LEU A 183 13.38 -44.12 -13.32
N VAL A 184 12.40 -44.13 -12.43
CA VAL A 184 12.32 -43.12 -11.40
C VAL A 184 11.87 -43.77 -10.11
N TYR A 185 12.45 -43.33 -9.00
CA TYR A 185 12.17 -43.91 -7.69
C TYR A 185 11.97 -42.80 -6.67
N ASN A 186 10.92 -42.90 -5.87
CA ASN A 186 10.81 -42.00 -4.74
C ASN A 186 11.80 -42.49 -3.70
N TYR A 187 12.67 -41.60 -3.21
CA TYR A 187 13.73 -42.08 -2.33
C TYR A 187 14.35 -40.91 -1.59
N ASP A 188 14.51 -41.07 -0.28
CA ASP A 188 15.08 -40.02 0.56
C ASP A 188 16.61 -40.03 0.42
N PHE A 189 17.06 -39.56 -0.74
CA PHE A 189 18.49 -39.47 -0.99
C PHE A 189 19.11 -38.47 -0.02
N PRO A 190 20.38 -38.62 0.32
CA PRO A 190 21.02 -37.66 1.22
C PRO A 190 21.27 -36.35 0.50
N GLU A 191 21.09 -35.26 1.22
CA GLU A 191 21.24 -33.93 0.65
C GLU A 191 22.67 -33.73 0.13
N TYR A 192 22.85 -32.65 -0.62
CA TYR A 192 24.16 -32.27 -1.10
C TYR A 192 25.14 -32.17 0.05
N GLY A 193 26.31 -32.78 -0.11
CA GLY A 193 27.30 -32.79 0.95
C GLY A 193 27.06 -33.79 2.04
N ALA A 194 25.95 -34.51 2.02
CA ALA A 194 25.62 -35.47 3.06
C ALA A 194 26.11 -36.88 2.74
N MET A 195 27.11 -37.01 1.87
CA MET A 195 27.57 -38.33 1.46
C MET A 195 27.92 -39.19 2.66
N LYS A 196 27.51 -40.47 2.59
CA LYS A 196 27.79 -41.49 3.57
C LYS A 196 28.27 -42.73 2.84
N PRO A 197 29.25 -43.44 3.40
CA PRO A 197 29.78 -44.61 2.71
C PRO A 197 28.77 -45.73 2.60
N GLY A 198 28.92 -46.53 1.56
CA GLY A 198 28.07 -47.70 1.38
C GLY A 198 26.60 -47.41 1.16
N ALA A 199 26.24 -46.19 0.80
CA ALA A 199 24.85 -45.86 0.58
C ALA A 199 24.73 -44.94 -0.63
N PHE A 200 23.48 -44.77 -1.08
CA PHE A 200 23.22 -43.91 -2.22
C PHE A 200 23.76 -42.51 -1.98
N GLY A 201 24.34 -41.92 -3.01
CA GLY A 201 24.89 -40.59 -2.90
C GLY A 201 26.24 -40.52 -2.23
N ASP A 202 27.00 -41.62 -2.25
CA ASP A 202 28.34 -41.60 -1.69
C ASP A 202 29.26 -40.68 -2.49
N ILE A 203 28.99 -40.52 -3.78
CA ILE A 203 29.71 -39.59 -4.64
C ILE A 203 28.67 -38.69 -5.27
N GLN A 204 28.95 -37.39 -5.30
CA GLN A 204 27.96 -36.45 -5.84
C GLN A 204 28.66 -35.28 -6.49
N ALA A 205 27.96 -34.66 -7.44
CA ALA A 205 28.47 -33.46 -8.08
C ALA A 205 27.30 -32.69 -8.68
N SER A 206 27.54 -31.41 -8.94
CA SER A 206 26.51 -30.56 -9.55
C SER A 206 26.14 -31.08 -10.92
N SER A 207 27.10 -31.65 -11.64
CA SER A 207 26.85 -32.27 -12.92
C SER A 207 27.97 -33.26 -13.18
N LEU A 208 27.70 -34.21 -14.07
CA LEU A 208 28.64 -35.30 -14.27
C LEU A 208 29.97 -34.80 -14.81
N ASP A 209 29.96 -33.82 -15.69
CA ASP A 209 31.19 -33.27 -16.21
C ASP A 209 31.86 -32.29 -15.26
N ALA A 210 31.17 -31.87 -14.21
CA ALA A 210 31.71 -30.85 -13.32
C ALA A 210 32.85 -31.37 -12.45
N THR A 211 33.79 -30.46 -12.15
CA THR A 211 34.89 -30.73 -11.25
C THR A 211 34.47 -30.68 -9.79
N ASP A 212 33.32 -30.09 -9.51
CA ASP A 212 32.80 -29.95 -8.15
C ASP A 212 32.31 -31.30 -7.63
N ILE A 213 33.22 -32.25 -7.46
CA ILE A 213 32.88 -33.58 -6.99
C ILE A 213 33.25 -33.68 -5.52
N VAL A 214 32.33 -34.22 -4.72
CA VAL A 214 32.53 -34.45 -3.31
C VAL A 214 32.17 -35.90 -3.03
N ALA A 215 32.85 -36.52 -2.08
CA ALA A 215 32.55 -37.93 -1.85
C ALA A 215 32.95 -38.36 -0.46
N ARG A 216 32.20 -39.32 0.05
CA ARG A 216 32.45 -39.99 1.32
C ARG A 216 32.34 -41.48 1.01
N THR A 217 33.42 -42.21 1.21
CA THR A 217 33.47 -43.60 0.79
C THR A 217 34.19 -44.51 1.77
N ASP A 218 34.61 -44.02 2.92
CA ASP A 218 35.42 -44.77 3.87
C ASP A 218 36.72 -45.26 3.24
N ILE A 219 37.14 -44.65 2.13
CA ILE A 219 38.40 -45.06 1.53
C ILE A 219 39.51 -44.89 2.54
N ARG A 220 40.29 -45.95 2.71
CA ARG A 220 41.40 -45.97 3.63
C ARG A 220 42.46 -46.86 2.99
N LEU A 221 43.72 -46.53 3.28
CA LEU A 221 44.83 -47.22 2.65
C LEU A 221 45.66 -47.92 3.70
N LEU A 222 46.07 -49.14 3.40
CA LEU A 222 46.90 -49.89 4.32
C LEU A 222 48.37 -49.64 4.02
N LYS A 223 49.19 -49.87 5.02
CA LYS A 223 50.62 -49.73 4.85
C LYS A 223 51.12 -50.75 3.83
N PRO A 224 51.83 -50.31 2.79
CA PRO A 224 52.38 -51.26 1.82
C PRO A 224 53.09 -52.42 2.48
N SER A 225 52.84 -53.62 1.99
CA SER A 225 53.38 -54.79 2.65
C SER A 225 54.16 -55.72 1.74
N VAL A 226 53.57 -56.06 0.59
CA VAL A 226 54.24 -56.95 -0.34
C VAL A 226 55.53 -56.33 -0.87
N LYS A 227 56.48 -57.19 -1.23
CA LYS A 227 57.76 -56.75 -1.76
C LYS A 227 57.58 -55.84 -2.97
N ASN A 228 56.70 -56.23 -3.88
CA ASN A 228 56.44 -55.41 -5.05
C ASN A 228 55.69 -54.15 -4.63
N ILE A 229 56.01 -53.02 -5.28
CA ILE A 229 55.29 -51.80 -4.99
C ILE A 229 53.80 -52.06 -5.16
N HIS A 230 53.02 -51.61 -4.21
CA HIS A 230 51.58 -51.81 -4.27
C HIS A 230 50.92 -50.77 -3.40
N VAL A 231 49.61 -50.65 -3.55
CA VAL A 231 48.88 -49.70 -2.72
C VAL A 231 47.58 -50.39 -2.28
N PRO A 232 47.68 -51.43 -1.46
CA PRO A 232 46.46 -52.12 -1.01
C PRO A 232 45.56 -51.16 -0.25
N TYR A 233 44.28 -51.18 -0.60
CA TYR A 233 43.31 -50.26 -0.05
C TYR A 233 41.94 -50.92 -0.10
N THR A 234 41.03 -50.40 0.72
CA THR A 234 39.68 -50.92 0.79
C THR A 234 38.69 -49.77 0.84
N GLN A 235 37.45 -50.09 0.53
CA GLN A 235 36.38 -49.10 0.46
C GLN A 235 35.06 -49.81 0.57
N ALA A 236 34.04 -49.07 0.97
CA ALA A 236 32.69 -49.64 0.94
C ALA A 236 32.31 -49.91 -0.50
N VAL A 237 31.46 -50.91 -0.70
CA VAL A 237 30.95 -51.16 -2.04
C VAL A 237 30.28 -49.91 -2.54
N SER A 238 30.43 -49.64 -3.84
CA SER A 238 29.88 -48.44 -4.44
C SER A 238 28.41 -48.27 -4.07
N GLY A 239 28.13 -47.20 -3.31
CA GLY A 239 26.80 -47.02 -2.78
C GLY A 239 25.74 -46.96 -3.87
N TYR A 240 26.08 -46.37 -5.00
CA TYR A 240 25.16 -46.37 -6.13
C TYR A 240 24.82 -47.79 -6.56
N GLU A 241 25.82 -48.66 -6.66
CA GLU A 241 25.53 -50.04 -7.05
C GLU A 241 24.82 -50.80 -5.94
N MET A 242 25.12 -50.50 -4.69
CA MET A 242 24.41 -51.14 -3.59
C MET A 242 22.93 -50.80 -3.65
N TRP A 243 22.61 -49.52 -3.87
CA TRP A 243 21.23 -49.13 -4.02
C TRP A 243 20.62 -49.75 -5.27
N LYS A 244 21.42 -49.89 -6.33
CA LYS A 244 20.95 -50.53 -7.55
C LYS A 244 20.43 -51.92 -7.27
N ASN A 245 21.18 -52.70 -6.48
CA ASN A 245 20.73 -54.04 -6.15
C ASN A 245 19.46 -54.03 -5.31
N ASN A 246 19.30 -53.05 -4.44
CA ASN A 246 18.16 -52.98 -3.53
C ASN A 246 17.24 -51.81 -3.83
N SER A 247 17.08 -51.47 -5.11
CA SER A 247 16.32 -50.28 -5.48
C SER A 247 14.83 -50.40 -5.21
N GLY A 248 14.33 -51.58 -4.87
CA GLY A 248 12.89 -51.69 -4.75
C GLY A 248 12.21 -51.58 -6.10
N ARG A 249 10.95 -51.14 -6.09
CA ARG A 249 10.27 -51.02 -7.36
C ARG A 249 10.13 -49.56 -7.78
N PRO A 250 10.43 -49.26 -9.04
CA PRO A 250 10.34 -47.87 -9.51
C PRO A 250 8.92 -47.33 -9.45
N LEU A 251 8.83 -46.01 -9.38
CA LEU A 251 7.54 -45.34 -9.28
C LEU A 251 6.65 -45.63 -10.48
N GLN A 252 7.24 -45.91 -11.64
CA GLN A 252 6.44 -46.24 -12.80
C GLN A 252 5.59 -47.48 -12.57
N GLU A 253 5.96 -48.31 -11.61
CA GLU A 253 5.20 -49.49 -11.25
C GLU A 253 4.46 -49.28 -9.94
N THR A 254 4.53 -48.07 -9.37
CA THR A 254 4.02 -47.86 -8.01
C THR A 254 3.23 -46.58 -7.83
N ALA A 255 3.27 -45.62 -8.75
CA ALA A 255 2.49 -44.42 -8.54
C ALA A 255 0.99 -44.75 -8.55
N PRO A 256 0.23 -44.15 -7.66
CA PRO A 256 -1.22 -44.37 -7.67
C PRO A 256 -1.92 -43.64 -8.79
N PHE A 257 -3.25 -43.72 -8.80
CA PHE A 257 -4.11 -43.04 -9.76
C PHE A 257 -3.76 -43.37 -11.20
N GLY A 258 -3.01 -44.44 -11.42
CA GLY A 258 -2.67 -44.83 -12.78
C GLY A 258 -1.73 -43.88 -13.48
N CYS A 259 -1.07 -42.99 -12.75
CA CYS A 259 -0.16 -42.05 -13.38
C CYS A 259 0.89 -42.79 -14.19
N LYS A 260 1.00 -42.48 -15.47
CA LYS A 260 2.17 -42.91 -16.19
C LYS A 260 3.27 -41.92 -15.83
N ILE A 261 4.52 -42.38 -15.79
CA ILE A 261 5.62 -41.51 -15.43
C ILE A 261 6.59 -41.38 -16.60
N GLU A 262 6.85 -40.15 -17.00
CA GLU A 262 7.73 -39.85 -18.11
C GLU A 262 8.89 -39.03 -17.58
N VAL A 263 10.05 -39.20 -18.19
CA VAL A 263 11.25 -38.49 -17.78
C VAL A 263 11.61 -37.48 -18.86
N GLU A 264 12.51 -36.57 -18.50
CA GLU A 264 13.07 -35.61 -19.44
C GLU A 264 12.01 -34.78 -20.13
N PRO A 265 11.25 -33.95 -19.41
CA PRO A 265 11.30 -33.67 -17.97
C PRO A 265 10.49 -34.65 -17.15
N LEU A 266 10.84 -34.81 -15.87
CA LEU A 266 10.05 -35.65 -14.98
C LEU A 266 8.62 -35.15 -14.93
N ARG A 267 7.67 -36.04 -15.20
CA ARG A 267 6.27 -35.63 -15.16
C ARG A 267 5.38 -36.86 -15.06
N ALA A 268 4.16 -36.64 -14.59
CA ALA A 268 3.13 -37.66 -14.52
C ALA A 268 2.16 -37.41 -15.68
N SER A 269 1.90 -38.45 -16.47
CA SER A 269 1.07 -38.31 -17.66
C SER A 269 -0.18 -39.19 -17.59
N ASN A 270 -1.24 -38.69 -18.23
CA ASN A 270 -2.54 -39.34 -18.29
C ASN A 270 -3.01 -39.83 -16.92
N CYS A 271 -2.62 -39.13 -15.87
CA CYS A 271 -3.08 -39.52 -14.55
C CYS A 271 -4.55 -39.13 -14.36
N ALA A 272 -5.27 -39.94 -13.59
CA ALA A 272 -6.71 -39.75 -13.40
C ALA A 272 -7.00 -39.56 -11.91
N TYR A 273 -7.21 -38.31 -11.51
CA TYR A 273 -7.46 -37.99 -10.11
C TYR A 273 -8.26 -36.70 -10.00
N GLY A 274 -9.30 -36.71 -9.18
CA GLY A 274 -10.17 -35.59 -8.88
C GLY A 274 -10.95 -35.03 -10.07
N HIS A 275 -11.34 -33.76 -9.91
CA HIS A 275 -12.10 -33.04 -10.92
C HIS A 275 -11.41 -31.74 -11.29
N ILE A 276 -11.58 -31.34 -12.54
CA ILE A 276 -11.00 -30.11 -13.08
C ILE A 276 -12.11 -29.09 -13.26
N PRO A 277 -12.12 -27.98 -12.52
CA PRO A 277 -13.07 -26.91 -12.79
C PRO A 277 -12.75 -26.31 -14.15
N ILE A 278 -13.77 -26.15 -14.98
CA ILE A 278 -13.59 -25.61 -16.33
C ILE A 278 -14.61 -24.51 -16.57
N SER A 279 -14.15 -23.44 -17.21
CA SER A 279 -14.99 -22.35 -17.67
C SER A 279 -14.61 -22.09 -19.11
N ILE A 280 -15.60 -21.82 -19.96
CA ILE A 280 -15.32 -21.63 -21.39
C ILE A 280 -16.23 -20.57 -21.98
N ASP A 281 -15.67 -19.41 -22.30
CA ASP A 281 -16.40 -18.34 -22.97
C ASP A 281 -16.50 -18.65 -24.46
N ILE A 282 -17.28 -19.67 -24.77
CA ILE A 282 -17.48 -20.12 -26.15
C ILE A 282 -17.92 -18.95 -27.01
N PRO A 283 -17.45 -18.87 -28.26
CA PRO A 283 -17.85 -17.78 -29.14
C PRO A 283 -19.34 -17.87 -29.42
N ASP A 284 -20.07 -16.81 -29.06
CA ASP A 284 -21.52 -16.88 -29.16
C ASP A 284 -22.00 -17.01 -30.59
N ALA A 285 -21.14 -16.76 -31.58
CA ALA A 285 -21.52 -17.06 -32.95
C ALA A 285 -21.84 -18.53 -33.14
N ALA A 286 -21.34 -19.38 -32.24
CA ALA A 286 -21.61 -20.82 -32.29
C ALA A 286 -23.04 -21.15 -31.92
N PHE A 287 -23.74 -20.28 -31.19
CA PHE A 287 -25.13 -20.58 -30.90
C PHE A 287 -25.99 -20.34 -32.13
N VAL A 288 -27.20 -20.89 -32.07
CA VAL A 288 -28.22 -20.64 -33.07
C VAL A 288 -29.46 -20.18 -32.33
N ARG A 289 -30.20 -19.25 -32.93
CA ARG A 289 -31.38 -18.73 -32.27
C ARG A 289 -32.37 -19.84 -31.95
N SER A 290 -33.00 -19.73 -30.78
CA SER A 290 -33.98 -20.74 -30.38
C SER A 290 -35.09 -20.85 -31.41
N SER A 291 -35.47 -19.73 -32.02
CA SER A 291 -36.51 -19.74 -33.05
C SER A 291 -36.01 -20.36 -34.35
N GLU A 292 -34.73 -20.23 -34.66
CA GLU A 292 -34.24 -20.84 -35.89
C GLU A 292 -33.84 -22.28 -35.68
N SER A 293 -33.40 -22.62 -34.48
CA SER A 293 -33.14 -24.00 -34.13
C SER A 293 -34.44 -24.78 -34.09
N PRO A 294 -34.40 -26.09 -34.35
CA PRO A 294 -35.55 -26.93 -34.07
C PRO A 294 -35.94 -26.84 -32.60
N THR A 295 -37.22 -27.07 -32.34
CA THR A 295 -37.69 -27.25 -30.97
C THR A 295 -38.80 -28.28 -31.01
N ILE A 296 -39.00 -28.97 -29.89
CA ILE A 296 -39.91 -30.09 -29.85
C ILE A 296 -41.11 -29.74 -28.97
N LEU A 297 -42.30 -29.85 -29.56
CA LEU A 297 -43.52 -29.59 -28.81
C LEU A 297 -43.68 -30.54 -27.64
N GLU A 298 -43.35 -31.82 -27.85
CA GLU A 298 -43.46 -32.83 -26.82
C GLU A 298 -42.45 -33.93 -27.06
N VAL A 299 -42.03 -34.56 -25.97
CA VAL A 299 -41.13 -35.70 -26.00
C VAL A 299 -41.44 -36.56 -24.78
N SER A 300 -41.22 -37.86 -24.90
CA SER A 300 -41.40 -38.78 -23.79
C SER A 300 -40.25 -39.77 -23.82
N CYS A 301 -39.86 -40.25 -22.65
CA CYS A 301 -38.76 -41.19 -22.55
C CYS A 301 -39.28 -42.59 -22.26
N THR A 302 -38.96 -43.52 -23.15
CA THR A 302 -39.23 -44.93 -22.96
C THR A 302 -37.86 -45.59 -23.04
N VAL A 303 -37.43 -46.20 -21.94
CA VAL A 303 -36.13 -46.82 -21.86
C VAL A 303 -36.27 -48.33 -21.97
N ALA A 304 -35.50 -48.92 -22.87
CA ALA A 304 -35.50 -50.35 -23.09
C ALA A 304 -34.70 -51.03 -21.97
N ASP A 305 -34.51 -52.33 -22.09
CA ASP A 305 -33.72 -53.07 -21.11
C ASP A 305 -32.32 -52.47 -21.03
N CYS A 306 -31.93 -52.04 -19.83
CA CYS A 306 -30.67 -51.34 -19.62
C CYS A 306 -29.81 -52.02 -18.57
N ILE A 307 -28.51 -52.02 -18.81
CA ILE A 307 -27.52 -52.59 -17.93
C ILE A 307 -26.68 -51.45 -17.37
N TYR A 308 -26.48 -51.42 -16.05
CA TYR A 308 -25.59 -50.42 -15.49
C TYR A 308 -24.18 -50.99 -15.52
N SER A 309 -23.28 -50.25 -16.17
CA SER A 309 -21.93 -50.74 -16.42
C SER A 309 -21.09 -49.58 -16.89
N ALA A 310 -19.80 -49.84 -17.04
CA ALA A 310 -18.87 -48.82 -17.50
C ALA A 310 -19.12 -48.45 -18.96
N ASP A 311 -19.46 -49.42 -19.80
CA ASP A 311 -19.77 -49.10 -21.18
C ASP A 311 -21.21 -48.62 -21.30
N PHE A 312 -21.61 -48.25 -22.51
CA PHE A 312 -22.97 -47.81 -22.78
C PHE A 312 -23.95 -49.00 -22.80
N GLY A 313 -24.07 -49.64 -21.65
CA GLY A 313 -24.94 -50.80 -21.54
C GLY A 313 -26.42 -50.51 -21.51
N GLY A 314 -26.81 -49.24 -21.45
CA GLY A 314 -28.21 -48.86 -21.48
C GLY A 314 -28.65 -48.34 -22.83
N SER A 315 -29.92 -48.57 -23.15
CA SER A 315 -30.51 -48.08 -24.38
C SER A 315 -31.90 -47.55 -24.10
N LEU A 316 -32.25 -46.43 -24.74
CA LEU A 316 -33.56 -45.83 -24.57
C LEU A 316 -34.05 -45.29 -25.90
N THR A 317 -35.37 -45.07 -25.98
CA THR A 317 -36.04 -44.57 -27.18
C THR A 317 -36.91 -43.39 -26.79
N LEU A 318 -36.78 -42.30 -27.54
CA LEU A 318 -37.53 -41.08 -27.30
C LEU A 318 -38.47 -40.76 -28.46
N GLN A 319 -39.77 -40.68 -28.17
CA GLN A 319 -40.73 -40.18 -29.14
C GLN A 319 -40.72 -38.66 -29.06
N TYR A 320 -40.89 -38.00 -30.19
CA TYR A 320 -40.87 -36.54 -30.19
C TYR A 320 -41.88 -35.95 -31.17
N LYS A 321 -42.33 -34.74 -30.83
CA LYS A 321 -43.13 -33.90 -31.71
C LYS A 321 -42.27 -32.65 -31.89
N ALA A 322 -41.93 -32.32 -33.13
CA ALA A 322 -41.04 -31.19 -33.36
C ALA A 322 -41.58 -30.22 -34.39
N ASP A 323 -41.29 -28.94 -34.16
CA ASP A 323 -41.76 -27.89 -35.05
C ASP A 323 -41.12 -27.98 -36.42
N ARG A 324 -39.83 -28.31 -36.46
CA ARG A 324 -39.10 -28.38 -37.72
C ARG A 324 -37.97 -29.38 -37.56
N GLU A 325 -37.65 -30.05 -38.66
CA GLU A 325 -36.55 -31.00 -38.66
C GLU A 325 -35.21 -30.28 -38.52
N GLY A 326 -34.25 -31.00 -37.95
CA GLY A 326 -32.92 -30.44 -37.76
C GLY A 326 -32.11 -31.31 -36.80
N HIS A 327 -31.11 -30.68 -36.17
CA HIS A 327 -30.22 -31.39 -35.25
C HIS A 327 -30.34 -30.83 -33.84
N CYS A 328 -31.22 -31.44 -33.04
CA CYS A 328 -31.36 -31.03 -31.66
C CYS A 328 -30.17 -31.54 -30.83
N PRO A 329 -29.75 -30.77 -29.84
CA PRO A 329 -28.78 -31.29 -28.88
C PRO A 329 -29.48 -32.20 -27.90
N VAL A 330 -28.75 -33.18 -27.40
CA VAL A 330 -29.28 -34.11 -26.41
C VAL A 330 -28.22 -34.34 -25.35
N HIS A 331 -28.65 -34.36 -24.10
CA HIS A 331 -27.70 -34.45 -23.01
C HIS A 331 -28.43 -34.95 -21.78
N SER A 332 -27.64 -35.39 -20.79
CA SER A 332 -28.18 -35.86 -19.53
C SER A 332 -27.98 -34.78 -18.47
N HIS A 333 -29.08 -34.35 -17.87
CA HIS A 333 -28.98 -33.38 -16.80
C HIS A 333 -28.65 -34.01 -15.46
N SER A 334 -28.56 -35.34 -15.38
CA SER A 334 -28.30 -36.02 -14.12
C SER A 334 -26.89 -36.60 -14.13
N THR A 335 -26.13 -36.29 -13.08
CA THR A 335 -24.76 -36.74 -12.96
C THR A 335 -24.63 -38.26 -12.96
N THR A 336 -25.68 -38.99 -12.60
CA THR A 336 -25.60 -40.45 -12.54
C THR A 336 -25.67 -41.13 -13.89
N ALA A 337 -26.01 -40.42 -14.97
CA ALA A 337 -26.13 -41.06 -16.27
C ALA A 337 -25.58 -40.16 -17.35
N VAL A 338 -24.97 -40.77 -18.36
CA VAL A 338 -24.39 -40.05 -19.48
C VAL A 338 -24.75 -40.80 -20.76
N LEU A 339 -25.09 -40.04 -21.80
CA LEU A 339 -25.47 -40.59 -23.09
C LEU A 339 -24.26 -40.72 -24.00
N LYS A 340 -24.32 -41.71 -24.89
CA LYS A 340 -23.24 -41.86 -25.87
C LYS A 340 -23.32 -40.76 -26.91
N GLU A 341 -24.46 -40.65 -27.56
CA GLU A 341 -24.69 -39.60 -28.54
C GLU A 341 -24.80 -38.26 -27.84
N ALA A 342 -24.60 -37.19 -28.61
CA ALA A 342 -24.76 -35.85 -28.10
C ALA A 342 -25.66 -34.99 -28.96
N THR A 343 -25.90 -35.36 -30.21
CA THR A 343 -26.79 -34.65 -31.10
C THR A 343 -27.48 -35.70 -31.95
N THR A 344 -28.69 -35.38 -32.42
CA THR A 344 -29.39 -36.30 -33.30
C THR A 344 -30.16 -35.54 -34.34
N HIS A 345 -30.06 -35.98 -35.59
CA HIS A 345 -30.92 -35.46 -36.63
C HIS A 345 -32.33 -35.86 -36.27
N VAL A 346 -33.24 -34.89 -36.24
CA VAL A 346 -34.60 -35.15 -35.80
C VAL A 346 -35.58 -34.66 -36.84
N THR A 347 -36.62 -35.45 -37.10
CA THR A 347 -37.61 -35.13 -38.10
C THR A 347 -38.73 -34.31 -37.47
N ALA A 348 -39.81 -34.11 -38.22
CA ALA A 348 -40.98 -33.43 -37.67
C ALA A 348 -41.61 -34.26 -36.56
N VAL A 349 -41.79 -35.55 -36.79
CA VAL A 349 -42.36 -36.49 -35.83
C VAL A 349 -41.71 -37.84 -36.06
N GLY A 350 -41.32 -38.49 -34.97
CA GLY A 350 -40.72 -39.81 -35.09
C GLY A 350 -40.18 -40.28 -33.75
N SER A 351 -39.32 -41.29 -33.81
CA SER A 351 -38.71 -41.86 -32.62
C SER A 351 -37.19 -41.82 -32.72
N ILE A 352 -36.57 -41.17 -31.78
CA ILE A 352 -35.13 -41.17 -31.65
C ILE A 352 -34.77 -42.31 -30.71
N THR A 353 -33.56 -42.85 -30.84
CA THR A 353 -33.04 -43.80 -29.87
C THR A 353 -31.62 -43.38 -29.50
N LEU A 354 -31.25 -43.65 -28.26
CA LEU A 354 -29.94 -43.25 -27.77
C LEU A 354 -29.33 -44.37 -26.93
N HIS A 355 -28.04 -44.61 -27.14
CA HIS A 355 -27.32 -45.52 -26.28
C HIS A 355 -26.83 -44.72 -25.07
N PHE A 356 -26.84 -45.35 -23.90
CA PHE A 356 -26.40 -44.62 -22.73
C PHE A 356 -25.73 -45.55 -21.73
N SER A 357 -25.00 -44.94 -20.81
CA SER A 357 -24.28 -45.64 -19.75
C SER A 357 -24.62 -45.00 -18.42
N THR A 358 -24.79 -45.84 -17.39
CA THR A 358 -25.09 -45.33 -16.07
C THR A 358 -24.58 -46.30 -15.02
N SER A 359 -24.31 -45.77 -13.82
CA SER A 359 -23.91 -46.61 -12.70
C SER A 359 -25.04 -46.90 -11.73
N SER A 360 -26.13 -46.16 -11.79
CA SER A 360 -27.22 -46.36 -10.86
C SER A 360 -28.14 -47.47 -11.34
N PRO A 361 -28.63 -48.32 -10.43
CA PRO A 361 -29.56 -49.37 -10.84
C PRO A 361 -30.91 -48.85 -11.24
N GLN A 362 -31.21 -47.59 -10.95
CA GLN A 362 -32.45 -46.95 -11.37
C GLN A 362 -32.12 -46.01 -12.52
N ALA A 363 -33.14 -45.71 -13.31
CA ALA A 363 -32.99 -44.88 -14.49
C ALA A 363 -33.64 -43.50 -14.34
N ASN A 364 -33.69 -42.96 -13.14
CA ASN A 364 -34.33 -41.67 -12.95
C ASN A 364 -33.34 -40.55 -13.25
N PHE A 365 -33.03 -40.44 -14.55
CA PHE A 365 -32.15 -39.39 -15.05
C PHE A 365 -32.95 -38.56 -16.05
N ILE A 366 -32.86 -37.25 -15.92
CA ILE A 366 -33.60 -36.33 -16.78
C ILE A 366 -32.89 -36.10 -18.10
N VAL A 367 -33.26 -36.86 -19.12
CA VAL A 367 -32.71 -36.65 -20.44
C VAL A 367 -33.33 -35.40 -21.03
N SER A 368 -32.55 -34.63 -21.79
CA SER A 368 -33.08 -33.45 -22.44
C SER A 368 -32.75 -33.43 -23.93
N LEU A 369 -33.73 -33.00 -24.72
CA LEU A 369 -33.61 -32.86 -26.16
C LEU A 369 -34.09 -31.47 -26.53
N CYS A 370 -33.26 -30.71 -27.25
CA CYS A 370 -33.59 -29.31 -27.57
C CYS A 370 -34.05 -28.53 -26.35
N GLY A 371 -33.53 -28.90 -25.18
CA GLY A 371 -33.87 -28.25 -23.93
C GLY A 371 -35.13 -28.74 -23.25
N LYS A 372 -35.99 -29.49 -23.95
CA LYS A 372 -37.13 -30.08 -23.26
C LYS A 372 -36.63 -31.17 -22.33
N LYS A 373 -37.34 -31.42 -21.25
CA LYS A 373 -36.86 -32.34 -20.25
C LYS A 373 -37.92 -33.39 -19.93
N THR A 374 -37.49 -34.65 -19.86
CA THR A 374 -38.37 -35.77 -19.55
C THR A 374 -37.67 -36.69 -18.56
N THR A 375 -38.39 -37.11 -17.54
CA THR A 375 -37.85 -38.02 -16.54
C THR A 375 -37.92 -39.46 -17.05
N CYS A 376 -36.77 -40.06 -17.35
CA CYS A 376 -36.77 -41.48 -17.66
C CYS A 376 -36.95 -42.25 -16.36
N ASN A 377 -37.60 -43.41 -16.43
CA ASN A 377 -37.75 -44.21 -15.22
C ASN A 377 -37.83 -45.70 -15.52
N ALA A 378 -36.87 -46.46 -14.99
CA ALA A 378 -36.87 -47.92 -15.13
C ALA A 378 -35.77 -48.55 -14.29
N GLU A 379 -35.92 -49.84 -14.05
CA GLU A 379 -34.90 -50.66 -13.43
C GLU A 379 -33.82 -51.04 -14.45
N CYS A 380 -32.56 -50.87 -14.08
CA CYS A 380 -31.46 -51.40 -14.86
C CYS A 380 -30.91 -52.62 -14.12
N LYS A 381 -30.61 -53.67 -14.86
CA LYS A 381 -30.12 -54.92 -14.28
C LYS A 381 -28.61 -54.91 -14.10
N PRO A 382 -28.10 -55.74 -13.18
CA PRO A 382 -26.65 -55.79 -12.98
C PRO A 382 -25.93 -56.36 -14.18
N PRO A 383 -24.67 -55.99 -14.38
CA PRO A 383 -23.93 -56.43 -15.55
C PRO A 383 -23.54 -57.90 -15.47
N ALA A 384 -23.66 -58.58 -16.61
CA ALA A 384 -23.31 -59.99 -16.70
C ALA A 384 -21.81 -60.23 -16.75
N ASP A 385 -21.03 -59.25 -17.21
CA ASP A 385 -19.58 -59.37 -17.33
C ASP A 385 -18.91 -58.59 -16.21
N HIS A 386 -18.07 -59.28 -15.43
CA HIS A 386 -17.42 -58.66 -14.29
C HIS A 386 -16.37 -57.61 -14.67
N ILE A 387 -15.77 -57.72 -15.85
CA ILE A 387 -14.63 -56.88 -16.20
C ILE A 387 -14.72 -56.40 -17.63
N ILE A 388 -14.34 -55.14 -17.85
CA ILE A 388 -14.29 -54.59 -19.19
C ILE A 388 -13.04 -53.73 -19.31
N GLY A 389 -12.55 -53.58 -20.53
CA GLY A 389 -11.34 -52.83 -20.81
C GLY A 389 -11.54 -51.35 -20.96
N GLU A 390 -12.46 -50.78 -20.18
CA GLU A 390 -12.69 -49.35 -20.26
C GLU A 390 -13.09 -48.82 -18.90
N PRO A 391 -12.63 -47.63 -18.52
CA PRO A 391 -12.99 -47.11 -17.20
C PRO A 391 -14.48 -46.80 -17.12
N HIS A 392 -15.01 -46.83 -15.90
CA HIS A 392 -16.40 -46.42 -15.72
C HIS A 392 -16.56 -44.99 -16.18
N LYS A 393 -17.52 -44.78 -17.07
CA LYS A 393 -17.77 -43.49 -17.66
C LYS A 393 -18.50 -42.54 -16.73
N VAL A 394 -18.83 -42.96 -15.52
CA VAL A 394 -19.54 -42.09 -14.59
C VAL A 394 -19.24 -42.51 -13.17
N ASP A 395 -19.34 -41.56 -12.25
CA ASP A 395 -19.21 -41.83 -10.83
C ASP A 395 -20.53 -42.40 -10.30
N GLN A 396 -20.55 -42.73 -9.01
CA GLN A 396 -21.78 -43.16 -8.36
C GLN A 396 -21.90 -42.48 -7.00
N GLU A 397 -23.13 -42.35 -6.53
CA GLU A 397 -23.43 -41.76 -5.24
C GLU A 397 -24.43 -42.63 -4.50
N PHE A 398 -24.29 -42.69 -3.17
CA PHE A 398 -25.15 -43.56 -2.37
C PHE A 398 -26.63 -43.24 -2.57
N GLN A 399 -26.96 -41.96 -2.74
CA GLN A 399 -28.35 -41.59 -2.99
C GLN A 399 -28.90 -42.26 -4.24
N ALA A 400 -28.03 -42.62 -5.18
CA ALA A 400 -28.42 -43.30 -6.40
C ALA A 400 -27.96 -44.74 -6.46
N ALA A 401 -27.06 -45.16 -5.57
CA ALA A 401 -26.63 -46.56 -5.58
C ALA A 401 -27.72 -47.48 -5.03
N VAL A 402 -28.47 -47.01 -4.04
CA VAL A 402 -29.60 -47.78 -3.55
C VAL A 402 -30.63 -47.92 -4.67
N SER A 403 -31.12 -49.14 -4.88
CA SER A 403 -32.09 -49.32 -5.93
C SER A 403 -33.45 -48.81 -5.49
N LYS A 404 -34.25 -48.41 -6.48
CA LYS A 404 -35.61 -47.95 -6.26
C LYS A 404 -36.39 -48.84 -5.30
N THR A 405 -36.47 -50.14 -5.60
CA THR A 405 -37.23 -51.03 -4.74
C THR A 405 -36.51 -51.30 -3.42
N SER A 406 -35.18 -51.41 -3.45
CA SER A 406 -34.45 -51.60 -2.20
C SER A 406 -34.59 -50.36 -1.32
N TRP A 407 -34.59 -49.19 -1.95
CA TRP A 407 -34.76 -47.94 -1.22
C TRP A 407 -36.16 -47.88 -0.61
N ASN A 408 -37.17 -48.27 -1.39
CA ASN A 408 -38.54 -48.35 -0.87
C ASN A 408 -38.61 -49.27 0.34
N TRP A 409 -38.00 -50.45 0.25
CA TRP A 409 -38.00 -51.37 1.39
C TRP A 409 -37.34 -50.79 2.63
N LEU A 410 -36.12 -50.26 2.46
CA LEU A 410 -35.41 -49.71 3.62
C LEU A 410 -36.18 -48.56 4.26
N LEU A 411 -36.70 -47.65 3.43
CA LEU A 411 -37.49 -46.55 3.97
C LEU A 411 -38.80 -47.04 4.57
N ALA A 412 -39.37 -48.12 4.05
CA ALA A 412 -40.59 -48.66 4.67
C ALA A 412 -40.28 -49.23 6.04
N LEU A 413 -39.11 -49.84 6.20
CA LEU A 413 -38.72 -50.36 7.51
C LEU A 413 -38.52 -49.24 8.52
N PHE A 414 -37.78 -48.20 8.13
CA PHE A 414 -37.61 -47.08 9.05
C PHE A 414 -38.92 -46.34 9.28
N GLY A 415 -39.77 -46.24 8.25
CA GLY A 415 -41.08 -45.64 8.42
C GLY A 415 -41.92 -46.41 9.41
N GLY A 416 -41.85 -47.74 9.35
CA GLY A 416 -42.56 -48.56 10.31
C GLY A 416 -42.10 -48.32 11.73
N ALA A 417 -40.78 -48.34 11.94
CA ALA A 417 -40.25 -48.11 13.30
C ALA A 417 -40.64 -46.72 13.81
N SER A 418 -40.48 -45.70 12.97
CA SER A 418 -40.83 -44.35 13.35
C SER A 418 -42.33 -44.21 13.63
N SER A 419 -43.17 -44.78 12.77
CA SER A 419 -44.61 -44.73 13.00
C SER A 419 -44.99 -45.47 14.27
N LEU A 420 -44.34 -46.59 14.56
CA LEU A 420 -44.62 -47.32 15.79
C LEU A 420 -44.30 -46.48 17.02
N ILE A 421 -43.12 -45.83 17.04
CA ILE A 421 -42.82 -45.00 18.20
C ILE A 421 -43.73 -43.77 18.23
N VAL A 422 -44.21 -43.34 17.06
CA VAL A 422 -45.19 -42.26 17.01
C VAL A 422 -46.50 -42.70 17.65
N VAL A 423 -46.94 -43.92 17.32
CA VAL A 423 -48.13 -44.49 17.94
C VAL A 423 -47.95 -44.54 19.44
N GLY A 424 -46.76 -44.94 19.89
CA GLY A 424 -46.50 -44.96 21.32
C GLY A 424 -46.69 -43.60 21.98
N LEU A 425 -46.08 -42.57 21.38
CA LEU A 425 -46.26 -41.21 21.87
C LEU A 425 -47.74 -40.82 21.89
N ILE A 426 -48.43 -41.05 20.77
CA ILE A 426 -49.84 -40.69 20.64
C ILE A 426 -50.67 -41.35 21.73
N VAL A 427 -50.49 -42.66 21.91
CA VAL A 427 -51.31 -43.35 22.91
C VAL A 427 -50.94 -42.91 24.31
N LEU A 428 -49.68 -42.58 24.58
CA LEU A 428 -49.33 -42.08 25.91
C LEU A 428 -50.06 -40.77 26.21
N VAL A 429 -49.97 -39.83 25.27
CA VAL A 429 -50.62 -38.53 25.44
C VAL A 429 -52.14 -38.71 25.57
N CYS A 430 -52.73 -39.47 24.65
CA CYS A 430 -54.18 -39.67 24.65
C CYS A 430 -54.64 -40.32 25.95
N SER A 431 -53.98 -41.39 26.39
CA SER A 431 -54.38 -42.04 27.62
C SER A 431 -54.24 -41.11 28.81
N SER A 432 -53.15 -40.36 28.88
CA SER A 432 -52.96 -39.40 29.97
C SER A 432 -54.11 -38.41 30.02
N MET A 433 -54.47 -37.84 28.87
CA MET A 433 -55.57 -36.88 28.85
C MET A 433 -56.91 -37.53 29.12
N LEU A 434 -57.13 -38.74 28.65
CA LEU A 434 -58.38 -39.45 28.91
C LEU A 434 -58.57 -39.71 30.40
N ILE A 435 -57.49 -40.01 31.11
CA ILE A 435 -57.60 -40.23 32.55
C ILE A 435 -57.78 -38.91 33.29
N ASN A 436 -56.88 -37.96 33.05
CA ASN A 436 -56.86 -36.71 33.80
C ASN A 436 -58.09 -35.84 33.57
N THR A 437 -58.70 -35.90 32.38
CA THR A 437 -59.92 -35.11 32.16
C THR A 437 -60.99 -35.42 33.20
N ARG A 438 -61.05 -36.65 33.68
CA ARG A 438 -62.04 -37.05 34.67
C ARG A 438 -61.39 -37.38 36.01
N ARG A 439 -60.11 -37.06 36.17
CA ARG A 439 -59.37 -37.35 37.39
C ARG A 439 -59.39 -36.10 38.29
N PRO B 1 53.01 -47.49 -22.84
CA PRO B 1 52.73 -48.93 -22.71
C PRO B 1 53.61 -49.55 -21.65
N TYR B 2 53.12 -49.58 -20.43
CA TYR B 2 53.90 -50.00 -19.27
C TYR B 2 53.65 -51.46 -18.92
N LEU B 3 53.88 -51.80 -17.65
CA LEU B 3 53.71 -53.14 -17.12
C LEU B 3 53.27 -53.01 -15.68
N GLY B 4 52.54 -54.01 -15.19
CA GLY B 4 52.00 -53.94 -13.84
C GLY B 4 52.03 -55.26 -13.11
N PHE B 5 51.95 -55.15 -11.79
CA PHE B 5 51.87 -56.27 -10.85
C PHE B 5 50.48 -56.88 -10.95
N CYS B 6 50.37 -57.99 -11.69
CA CYS B 6 49.08 -58.63 -11.96
C CYS B 6 48.69 -59.66 -10.91
N PRO B 7 47.57 -59.50 -10.24
CA PRO B 7 47.09 -60.48 -9.24
C PRO B 7 47.28 -61.95 -9.63
N TYR B 8 47.09 -62.30 -10.91
CA TYR B 8 47.32 -63.67 -11.36
C TYR B 8 48.10 -63.69 -12.67
N CYS B 9 48.94 -64.70 -12.81
CA CYS B 9 49.70 -64.90 -14.04
C CYS B 9 49.43 -66.33 -14.52
N ARG B 10 50.24 -66.83 -15.46
CA ARG B 10 50.08 -68.23 -15.84
C ARG B 10 50.16 -69.11 -14.60
N HIS B 11 50.89 -68.66 -13.58
CA HIS B 11 50.86 -69.25 -12.26
C HIS B 11 49.85 -68.43 -11.47
N SER B 12 48.90 -69.10 -10.81
CA SER B 12 47.89 -68.37 -10.06
C SER B 12 48.50 -67.32 -9.15
N ALA B 13 49.72 -67.55 -8.65
CA ALA B 13 50.37 -66.58 -7.80
C ALA B 13 50.55 -65.25 -8.54
N PRO B 14 50.46 -64.13 -7.82
CA PRO B 14 50.66 -62.83 -8.45
C PRO B 14 52.09 -62.64 -8.91
N CYS B 15 52.24 -61.94 -10.03
CA CYS B 15 53.56 -61.70 -10.62
C CYS B 15 53.43 -60.49 -11.51
N PHE B 16 54.57 -59.95 -11.91
CA PHE B 16 54.59 -58.85 -12.85
C PHE B 16 54.29 -59.37 -14.25
N SER B 17 53.49 -58.62 -14.99
CA SER B 17 53.12 -59.05 -16.33
C SER B 17 52.97 -57.86 -17.26
N PRO B 18 53.25 -58.04 -18.54
CA PRO B 18 53.10 -56.95 -19.50
C PRO B 18 51.67 -56.51 -19.73
N ILE B 19 50.69 -57.36 -19.50
CA ILE B 19 49.32 -57.01 -19.84
C ILE B 19 48.39 -56.95 -18.64
N LYS B 20 48.87 -56.37 -17.54
CA LYS B 20 48.04 -56.23 -16.36
C LYS B 20 46.73 -55.51 -16.65
N ILE B 21 45.63 -56.09 -16.19
CA ILE B 21 44.34 -55.43 -16.26
C ILE B 21 44.26 -54.38 -15.18
N GLU B 22 43.69 -53.23 -15.50
CA GLU B 22 43.55 -52.16 -14.52
C GLU B 22 42.11 -51.92 -14.09
N ASN B 23 41.17 -51.91 -15.02
CA ASN B 23 39.78 -51.68 -14.68
C ASN B 23 38.91 -52.49 -15.62
N VAL B 24 37.72 -52.80 -15.15
CA VAL B 24 36.75 -53.56 -15.92
C VAL B 24 35.40 -52.86 -15.82
N TRP B 25 34.75 -52.67 -16.94
CA TRP B 25 33.42 -52.10 -16.98
C TRP B 25 32.48 -53.06 -17.68
N ASP B 26 31.23 -53.08 -17.24
CA ASP B 26 30.27 -54.03 -17.79
C ASP B 26 28.85 -53.49 -17.79
N GLU B 27 28.69 -52.19 -17.83
CA GLU B 27 27.35 -51.61 -17.85
C GLU B 27 26.61 -51.84 -19.13
N SER B 28 27.11 -52.66 -20.05
CA SER B 28 26.42 -52.93 -21.29
C SER B 28 25.16 -53.76 -21.04
N ASP B 29 24.24 -53.69 -21.98
CA ASP B 29 23.01 -54.48 -21.92
C ASP B 29 23.12 -55.79 -22.68
N ASP B 30 24.21 -56.00 -23.41
CA ASP B 30 24.43 -57.22 -24.16
C ASP B 30 25.48 -58.11 -23.52
N GLY B 31 26.01 -57.70 -22.38
CA GLY B 31 27.07 -58.43 -21.71
C GLY B 31 28.44 -58.20 -22.27
N SER B 32 28.60 -57.27 -23.21
CA SER B 32 29.93 -56.90 -23.64
C SER B 32 30.63 -56.17 -22.51
N ILE B 33 31.95 -56.34 -22.44
CA ILE B 33 32.73 -55.71 -21.39
C ILE B 33 33.86 -54.91 -22.01
N ARG B 34 34.21 -53.82 -21.35
CA ARG B 34 35.31 -52.97 -21.77
C ARG B 34 36.41 -53.16 -20.75
N ILE B 35 37.57 -53.59 -21.21
CA ILE B 35 38.73 -53.84 -20.36
C ILE B 35 39.83 -52.86 -20.72
N GLN B 36 40.40 -52.22 -19.70
CA GLN B 36 41.58 -51.40 -19.86
C GLN B 36 42.77 -52.24 -19.44
N VAL B 37 43.81 -52.25 -20.25
CA VAL B 37 44.96 -53.11 -20.01
C VAL B 37 46.24 -52.29 -20.10
N SER B 38 47.27 -52.79 -19.42
CA SER B 38 48.54 -52.08 -19.39
C SER B 38 49.15 -51.98 -20.77
N ALA B 39 49.00 -53.02 -21.57
CA ALA B 39 49.51 -52.98 -22.93
C ALA B 39 48.72 -51.97 -23.75
N GLN B 40 49.28 -51.60 -24.90
CA GLN B 40 48.63 -50.70 -25.83
C GLN B 40 48.29 -51.52 -27.07
N PHE B 41 47.01 -51.59 -27.39
CA PHE B 41 46.51 -52.42 -28.47
C PHE B 41 46.14 -51.59 -29.69
N GLY B 42 46.46 -52.10 -30.87
CA GLY B 42 46.16 -51.43 -32.11
C GLY B 42 47.11 -50.34 -32.52
N TYR B 43 48.19 -50.14 -31.79
CA TYR B 43 49.22 -49.18 -32.15
C TYR B 43 50.51 -49.93 -32.43
N ASN B 44 51.29 -49.41 -33.38
CA ASN B 44 52.59 -50.00 -33.66
C ASN B 44 53.63 -49.51 -32.67
N GLN B 45 54.83 -50.10 -32.76
CA GLN B 45 55.93 -49.71 -31.89
C GLN B 45 56.19 -48.21 -31.94
N ALA B 46 55.85 -47.57 -33.06
CA ALA B 46 56.05 -46.14 -33.19
C ALA B 46 54.93 -45.33 -32.54
N GLY B 47 53.72 -45.86 -32.53
CA GLY B 47 52.61 -45.12 -31.96
C GLY B 47 51.58 -44.71 -33.00
N THR B 48 51.49 -45.47 -34.09
CA THR B 48 50.52 -45.23 -35.15
C THR B 48 49.59 -46.43 -35.21
N ALA B 49 48.38 -46.20 -35.71
CA ALA B 49 47.31 -47.17 -35.60
C ALA B 49 47.43 -48.41 -36.47
N ASP B 50 48.51 -49.18 -36.31
CA ASP B 50 48.57 -50.46 -36.98
C ASP B 50 47.64 -51.41 -36.25
N VAL B 51 46.36 -51.39 -36.64
CA VAL B 51 45.30 -52.11 -35.94
C VAL B 51 45.59 -53.60 -35.81
N THR B 52 46.41 -54.16 -36.70
CA THR B 52 46.63 -55.59 -36.60
C THR B 52 47.60 -56.00 -35.49
N LYS B 53 48.23 -55.07 -34.79
CA LYS B 53 49.21 -55.46 -33.79
C LYS B 53 49.17 -54.52 -32.59
N PHE B 54 49.82 -54.94 -31.51
CA PHE B 54 49.85 -54.18 -30.26
C PHE B 54 51.27 -54.07 -29.73
N ARG B 55 51.46 -53.13 -28.80
CA ARG B 55 52.76 -52.82 -28.21
C ARG B 55 52.66 -52.86 -26.69
N TYR B 56 53.72 -53.35 -26.06
CA TYR B 56 53.74 -53.57 -24.62
C TYR B 56 55.17 -53.48 -24.09
N MET B 57 55.28 -53.23 -22.78
CA MET B 57 56.59 -53.10 -22.16
C MET B 57 57.39 -54.39 -22.21
N SER B 58 58.70 -54.23 -22.15
CA SER B 58 59.64 -55.32 -22.23
C SER B 58 59.48 -56.33 -21.10
N TYR B 59 60.11 -57.48 -21.30
CA TYR B 59 60.23 -58.54 -20.31
C TYR B 59 61.69 -58.93 -20.11
N ASP B 60 62.63 -58.05 -20.40
CA ASP B 60 64.04 -58.44 -20.34
C ASP B 60 64.90 -57.27 -19.86
N HIS B 61 66.21 -57.42 -20.06
CA HIS B 61 67.27 -56.55 -19.53
C HIS B 61 67.14 -55.08 -19.88
N ASP B 62 66.20 -54.69 -20.74
CA ASP B 62 65.99 -53.28 -20.98
C ASP B 62 64.52 -53.07 -21.29
N HIS B 63 64.00 -51.92 -20.91
CA HIS B 63 62.59 -51.60 -21.16
C HIS B 63 62.41 -51.02 -22.55
N ASP B 64 62.48 -51.90 -23.54
CA ASP B 64 62.19 -51.57 -24.92
C ASP B 64 60.74 -51.97 -25.22
N ILE B 65 60.25 -51.57 -26.38
CA ILE B 65 58.88 -51.88 -26.78
C ILE B 65 58.90 -52.97 -27.83
N LYS B 66 58.17 -54.05 -27.57
CA LYS B 66 58.04 -55.19 -28.47
C LYS B 66 56.64 -55.22 -29.06
N GLU B 67 56.52 -55.86 -30.22
CA GLU B 67 55.26 -55.94 -30.93
C GLU B 67 54.82 -57.38 -31.12
N ASP B 68 53.51 -57.58 -31.18
CA ASP B 68 52.92 -58.88 -31.48
C ASP B 68 51.56 -58.69 -32.12
N SER B 69 51.14 -59.72 -32.86
CA SER B 69 49.87 -59.67 -33.56
C SER B 69 48.71 -59.95 -32.61
N MET B 70 47.54 -59.41 -32.97
CA MET B 70 46.33 -59.59 -32.17
C MET B 70 45.97 -61.05 -31.98
N GLU B 71 46.22 -61.88 -32.99
CA GLU B 71 45.77 -63.27 -32.93
C GLU B 71 46.40 -64.08 -31.81
N LYS B 72 47.41 -63.57 -31.13
CA LYS B 72 47.93 -64.30 -29.98
C LYS B 72 47.27 -63.86 -28.68
N ILE B 73 46.44 -62.82 -28.72
CA ILE B 73 45.69 -62.38 -27.56
C ILE B 73 44.41 -63.19 -27.44
N ALA B 74 43.81 -63.17 -26.25
CA ALA B 74 42.54 -63.86 -26.03
C ALA B 74 41.89 -63.41 -24.73
N ILE B 75 40.80 -62.66 -24.84
CA ILE B 75 40.03 -62.23 -23.69
C ILE B 75 39.08 -63.35 -23.30
N SER B 76 39.30 -63.98 -22.16
CA SER B 76 38.48 -65.10 -21.74
C SER B 76 38.09 -64.97 -20.28
N THR B 77 36.83 -65.28 -19.99
CA THR B 77 36.32 -65.34 -18.62
C THR B 77 36.20 -66.80 -18.27
N SER B 78 34.97 -67.27 -18.00
CA SER B 78 34.76 -68.70 -17.82
C SER B 78 35.31 -69.45 -19.02
N GLY B 79 34.77 -69.15 -20.20
CA GLY B 79 35.28 -69.69 -21.44
C GLY B 79 35.91 -68.58 -22.25
N PRO B 80 35.94 -68.71 -23.56
CA PRO B 80 36.51 -67.66 -24.40
C PRO B 80 35.48 -66.59 -24.72
N CYS B 81 35.87 -65.54 -25.47
CA CYS B 81 34.92 -64.48 -25.77
C CYS B 81 35.12 -63.96 -27.18
N ARG B 82 34.03 -63.44 -27.76
CA ARG B 82 34.09 -62.72 -29.03
C ARG B 82 34.77 -61.39 -28.75
N ARG B 83 36.05 -61.27 -29.11
CA ARG B 83 36.73 -59.98 -29.00
C ARG B 83 36.10 -59.02 -29.99
N LEU B 84 35.48 -57.95 -29.49
CA LEU B 84 34.74 -57.06 -30.36
C LEU B 84 35.52 -55.83 -30.81
N GLY B 85 36.63 -55.51 -30.17
CA GLY B 85 37.40 -54.37 -30.62
C GLY B 85 38.59 -54.15 -29.71
N HIS B 86 39.49 -53.29 -30.17
CA HIS B 86 40.66 -52.94 -29.39
C HIS B 86 41.21 -51.62 -29.87
N LYS B 87 41.83 -50.90 -28.94
CA LYS B 87 42.46 -49.62 -29.22
C LYS B 87 43.28 -49.19 -28.02
N GLY B 88 44.56 -48.91 -28.23
CA GLY B 88 45.44 -48.49 -27.15
C GLY B 88 45.30 -49.38 -25.93
N TYR B 89 45.18 -48.75 -24.77
CA TYR B 89 45.01 -49.43 -23.50
C TYR B 89 43.68 -50.10 -23.35
N PHE B 90 42.80 -50.22 -24.33
CA PHE B 90 41.48 -50.78 -24.10
C PHE B 90 41.15 -51.92 -25.04
N LEU B 91 40.54 -52.96 -24.48
CA LEU B 91 40.09 -54.13 -25.21
C LEU B 91 38.60 -54.26 -24.97
N LEU B 92 37.87 -54.74 -25.97
CA LEU B 92 36.43 -54.90 -25.84
C LEU B 92 36.03 -56.29 -26.30
N ALA B 93 35.21 -56.96 -25.49
CA ALA B 93 34.73 -58.28 -25.82
C ALA B 93 33.40 -58.54 -25.15
N GLN B 94 32.65 -59.46 -25.74
CA GLN B 94 31.40 -59.94 -25.18
C GLN B 94 31.69 -61.30 -24.57
N CYS B 95 31.37 -61.46 -23.29
CA CYS B 95 31.78 -62.68 -22.62
C CYS B 95 30.65 -63.39 -21.90
N PRO B 96 30.77 -64.71 -21.74
CA PRO B 96 29.80 -65.46 -20.97
C PRO B 96 29.93 -65.11 -19.51
N PRO B 97 29.00 -65.52 -18.67
CA PRO B 97 29.11 -65.17 -17.25
C PRO B 97 30.26 -65.93 -16.60
N GLY B 98 30.83 -65.31 -15.59
CA GLY B 98 31.95 -65.92 -14.89
C GLY B 98 32.29 -65.13 -13.65
N ASP B 99 33.07 -65.77 -12.78
CA ASP B 99 33.48 -65.11 -11.55
C ASP B 99 34.68 -64.20 -11.76
N SER B 100 35.37 -64.32 -12.89
CA SER B 100 36.57 -63.55 -13.14
C SER B 100 36.72 -63.35 -14.63
N VAL B 101 37.51 -62.34 -15.00
CA VAL B 101 37.80 -62.06 -16.40
C VAL B 101 39.31 -62.10 -16.57
N THR B 102 39.75 -62.75 -17.63
CA THR B 102 41.16 -62.98 -17.84
C THR B 102 41.58 -62.56 -19.24
N VAL B 103 42.71 -61.88 -19.34
CA VAL B 103 43.30 -61.52 -20.61
C VAL B 103 44.57 -62.35 -20.70
N SER B 104 44.79 -62.95 -21.86
CA SER B 104 45.95 -63.82 -21.99
C SER B 104 46.56 -63.71 -23.39
N ILE B 105 47.84 -64.03 -23.45
CA ILE B 105 48.62 -64.02 -24.66
C ILE B 105 49.26 -65.41 -24.75
N THR B 106 49.41 -65.91 -25.98
CA THR B 106 49.90 -67.27 -26.20
C THR B 106 51.03 -67.26 -27.24
N SER B 107 52.16 -66.70 -26.85
CA SER B 107 53.33 -66.61 -27.71
C SER B 107 54.29 -67.78 -27.56
N GLY B 108 53.93 -68.78 -26.75
CA GLY B 108 54.85 -69.87 -26.51
C GLY B 108 55.97 -69.42 -25.59
N ALA B 109 57.00 -68.82 -26.18
CA ALA B 109 58.10 -68.26 -25.40
C ALA B 109 57.64 -67.09 -24.55
N SER B 110 56.68 -66.32 -25.03
CA SER B 110 56.11 -65.18 -24.31
C SER B 110 54.66 -65.42 -23.97
N GLU B 111 54.34 -66.62 -23.47
CA GLU B 111 52.98 -66.97 -23.09
C GLU B 111 52.71 -66.46 -21.68
N ASN B 112 51.86 -65.45 -21.57
CA ASN B 112 51.49 -64.85 -20.29
C ASN B 112 49.98 -64.71 -20.20
N SER B 113 49.53 -64.13 -19.10
CA SER B 113 48.11 -63.90 -18.86
C SER B 113 47.97 -63.03 -17.63
N CYS B 114 46.77 -62.46 -17.46
CA CYS B 114 46.47 -61.65 -16.30
C CYS B 114 44.99 -61.81 -15.99
N THR B 115 44.68 -61.85 -14.69
CA THR B 115 43.30 -62.05 -14.25
C THR B 115 42.96 -61.11 -13.11
N VAL B 116 41.69 -60.73 -13.04
CA VAL B 116 41.17 -59.91 -11.95
C VAL B 116 39.86 -60.55 -11.52
N GLU B 117 39.79 -60.98 -10.27
CA GLU B 117 38.57 -61.57 -9.75
C GLU B 117 37.48 -60.49 -9.82
N LYS B 118 36.56 -60.66 -10.76
CA LYS B 118 35.50 -59.70 -11.04
C LYS B 118 34.23 -60.46 -11.42
N LYS B 119 33.17 -60.28 -10.64
CA LYS B 119 31.91 -60.97 -10.85
C LYS B 119 31.18 -60.36 -12.04
N ILE B 120 31.13 -61.08 -13.15
CA ILE B 120 30.38 -60.67 -14.33
C ILE B 120 29.17 -61.58 -14.46
N ARG B 121 27.99 -61.00 -14.68
CA ARG B 121 26.77 -61.77 -14.81
C ARG B 121 26.15 -61.58 -16.18
N ARG B 122 25.16 -62.42 -16.46
CA ARG B 122 24.40 -62.44 -17.70
C ARG B 122 23.22 -61.46 -17.65
N LYS B 123 23.51 -60.20 -17.34
CA LYS B 123 22.46 -59.21 -17.22
C LYS B 123 21.64 -59.10 -18.52
N PHE B 124 20.37 -58.76 -18.34
CA PHE B 124 19.41 -58.63 -19.43
C PHE B 124 18.62 -57.34 -19.24
N VAL B 125 18.35 -56.68 -20.34
CA VAL B 125 17.55 -55.47 -20.35
C VAL B 125 16.09 -55.84 -20.54
N GLY B 126 15.21 -54.99 -20.03
CA GLY B 126 13.79 -55.26 -20.17
C GLY B 126 13.15 -55.83 -18.93
N ARG B 127 12.07 -56.57 -19.11
CA ARG B 127 11.27 -57.07 -18.00
C ARG B 127 11.07 -58.58 -18.09
N GLU B 128 11.83 -59.26 -18.95
CA GLU B 128 11.72 -60.69 -19.12
C GLU B 128 13.11 -61.20 -19.42
N GLU B 129 13.65 -62.05 -18.54
CA GLU B 129 15.01 -62.54 -18.71
C GLU B 129 15.09 -63.50 -19.89
N TYR B 130 16.25 -63.53 -20.54
CA TYR B 130 16.44 -64.41 -21.68
C TYR B 130 17.89 -64.84 -21.79
N LEU B 131 18.08 -66.04 -22.33
CA LEU B 131 19.43 -66.51 -22.60
C LEU B 131 20.02 -65.83 -23.82
N PHE B 132 19.17 -65.50 -24.79
CA PHE B 132 19.56 -64.89 -26.04
C PHE B 132 18.44 -63.96 -26.45
N PRO B 133 18.76 -62.78 -26.95
CA PRO B 133 17.70 -61.87 -27.38
C PRO B 133 16.81 -62.55 -28.39
N PRO B 134 15.53 -62.21 -28.43
CA PRO B 134 14.61 -62.88 -29.34
C PRO B 134 14.65 -62.26 -30.72
N VAL B 135 14.16 -63.03 -31.69
CA VAL B 135 14.12 -62.55 -33.06
C VAL B 135 12.96 -61.57 -33.26
N GLN B 136 11.76 -61.98 -32.85
CA GLN B 136 10.55 -61.17 -33.00
C GLN B 136 10.14 -60.67 -31.62
N GLY B 137 10.04 -59.35 -31.46
CA GLY B 137 9.63 -58.81 -30.18
C GLY B 137 9.71 -57.31 -30.14
N LYS B 138 9.26 -56.75 -29.03
CA LYS B 138 9.31 -55.31 -28.82
C LYS B 138 10.76 -54.85 -28.73
N LEU B 139 11.03 -53.67 -29.27
CA LEU B 139 12.33 -53.04 -29.17
C LEU B 139 12.29 -51.96 -28.09
N VAL B 140 13.24 -52.01 -27.16
CA VAL B 140 13.31 -51.07 -26.06
C VAL B 140 14.67 -50.39 -26.05
N LYS B 141 14.69 -49.19 -25.45
CA LYS B 141 15.92 -48.41 -25.33
C LYS B 141 16.92 -49.13 -24.45
N CYS B 142 18.10 -49.40 -24.99
CA CYS B 142 19.15 -50.14 -24.30
C CYS B 142 20.47 -49.44 -24.56
N HIS B 143 21.49 -49.84 -23.80
CA HIS B 143 22.81 -49.27 -23.96
C HIS B 143 23.83 -50.38 -24.17
N VAL B 144 24.75 -50.15 -25.10
CA VAL B 144 25.77 -51.14 -25.44
C VAL B 144 27.05 -50.39 -25.81
N TYR B 145 28.18 -51.05 -25.58
CA TYR B 145 29.47 -50.50 -25.95
C TYR B 145 29.61 -50.52 -27.47
N ASP B 146 29.67 -49.32 -28.05
CA ASP B 146 29.74 -49.19 -29.50
C ASP B 146 31.03 -49.79 -30.04
N ARG B 147 30.88 -50.71 -30.99
CA ARG B 147 32.02 -51.39 -31.59
C ARG B 147 32.96 -50.45 -32.31
N LEU B 148 32.51 -49.24 -32.65
CA LEU B 148 33.37 -48.28 -33.34
C LEU B 148 34.42 -47.72 -32.39
N LYS B 149 35.67 -48.12 -32.61
CA LYS B 149 36.77 -47.69 -31.76
C LYS B 149 36.97 -46.18 -31.80
N GLU B 150 36.58 -45.52 -32.89
CA GLU B 150 36.74 -44.07 -32.95
C GLU B 150 35.84 -43.34 -31.98
N THR B 151 34.81 -43.99 -31.46
CA THR B 151 33.90 -43.33 -30.55
C THR B 151 34.64 -42.96 -29.26
N SER B 152 34.11 -41.96 -28.55
CA SER B 152 34.70 -41.51 -27.30
C SER B 152 33.76 -41.74 -26.14
N ALA B 153 34.20 -42.54 -25.17
CA ALA B 153 33.46 -42.81 -23.95
C ALA B 153 33.84 -41.87 -22.81
N GLY B 154 34.96 -41.17 -22.95
CA GLY B 154 35.53 -40.35 -21.91
C GLY B 154 37.02 -40.31 -22.07
N TYR B 155 37.73 -39.93 -21.02
CA TYR B 155 39.19 -39.85 -21.13
C TYR B 155 39.87 -40.32 -19.86
N ILE B 156 41.09 -40.82 -20.03
CA ILE B 156 41.96 -41.19 -18.92
C ILE B 156 43.16 -40.27 -18.94
N THR B 157 43.54 -39.77 -17.76
CA THR B 157 44.77 -39.01 -17.63
C THR B 157 45.97 -39.95 -17.71
N MET B 158 47.17 -39.37 -17.85
CA MET B 158 48.38 -40.18 -17.88
C MET B 158 49.58 -39.30 -17.54
N HIS B 159 50.70 -39.94 -17.28
CA HIS B 159 51.89 -39.24 -16.83
C HIS B 159 53.15 -39.85 -17.43
N ARG B 160 54.21 -39.07 -17.39
CA ARG B 160 55.53 -39.55 -17.76
C ARG B 160 55.97 -40.67 -16.81
N PRO B 161 56.70 -41.66 -17.32
CA PRO B 161 57.16 -42.76 -16.48
C PRO B 161 58.24 -42.33 -15.50
N GLY B 162 58.21 -42.95 -14.33
CA GLY B 162 59.25 -42.72 -13.36
C GLY B 162 60.43 -43.65 -13.54
N PRO B 163 61.27 -43.73 -12.52
CA PRO B 163 62.45 -44.60 -12.57
C PRO B 163 62.09 -46.08 -12.61
N HIS B 164 62.66 -46.79 -13.58
CA HIS B 164 62.49 -48.24 -13.67
C HIS B 164 63.85 -48.89 -13.44
N ALA B 165 64.27 -48.87 -12.17
CA ALA B 165 65.60 -49.31 -11.73
C ALA B 165 65.81 -50.82 -11.76
N TYR B 166 66.10 -51.35 -12.95
CA TYR B 166 66.46 -52.77 -13.04
C TYR B 166 67.52 -53.16 -12.02
N LYS B 167 67.45 -54.43 -11.60
CA LYS B 167 68.48 -55.01 -10.75
C LYS B 167 69.78 -55.20 -11.52
N SER B 168 69.68 -55.46 -12.82
CA SER B 168 70.82 -55.60 -13.71
C SER B 168 71.27 -54.25 -14.24
N TYR B 169 70.48 -53.21 -14.01
CA TYR B 169 70.81 -51.85 -14.41
C TYR B 169 72.01 -51.33 -13.65
N LEU B 170 72.43 -52.03 -12.60
CA LEU B 170 73.50 -51.63 -11.72
C LEU B 170 74.40 -52.84 -11.49
N LYS B 171 75.55 -52.60 -10.85
CA LYS B 171 76.51 -53.67 -10.64
C LYS B 171 77.17 -53.51 -9.27
N GLU B 172 77.82 -54.59 -8.84
CA GLU B 172 78.59 -54.64 -7.62
C GLU B 172 79.96 -55.18 -8.01
N ALA B 173 80.97 -54.89 -7.19
CA ALA B 173 82.35 -55.21 -7.54
C ALA B 173 83.04 -55.90 -6.36
N SER B 174 82.52 -57.07 -5.99
CA SER B 174 83.08 -57.89 -4.91
C SER B 174 83.54 -57.03 -3.74
N GLY B 175 82.63 -56.17 -3.28
CA GLY B 175 82.91 -55.20 -2.25
C GLY B 175 82.75 -53.76 -2.70
N GLU B 176 82.73 -53.52 -4.01
CA GLU B 176 82.55 -52.19 -4.57
C GLU B 176 81.22 -52.15 -5.33
N VAL B 177 80.93 -51.00 -5.95
CA VAL B 177 79.72 -50.83 -6.74
C VAL B 177 80.11 -50.32 -8.12
N TYR B 178 79.15 -50.38 -9.04
CA TYR B 178 79.34 -49.95 -10.42
C TYR B 178 77.98 -49.66 -11.04
N ILE B 179 78.01 -48.85 -12.09
CA ILE B 179 76.82 -48.52 -12.87
C ILE B 179 77.13 -48.95 -14.30
N LYS B 180 76.78 -50.20 -14.65
CA LYS B 180 77.09 -50.72 -15.98
C LYS B 180 75.85 -50.82 -16.85
N PRO B 181 75.54 -49.80 -17.66
CA PRO B 181 74.42 -49.89 -18.58
C PRO B 181 74.90 -50.26 -19.97
N PRO B 182 74.01 -50.43 -20.95
CA PRO B 182 74.49 -50.71 -22.31
C PRO B 182 75.24 -49.51 -22.88
N SER B 183 76.04 -49.79 -23.89
CA SER B 183 76.86 -48.77 -24.54
C SER B 183 76.01 -47.68 -25.18
N GLY B 184 76.34 -46.43 -24.86
CA GLY B 184 75.68 -45.26 -25.41
C GLY B 184 74.35 -44.89 -24.81
N LYS B 185 73.86 -45.66 -23.84
CA LYS B 185 72.58 -45.36 -23.22
C LYS B 185 72.79 -44.29 -22.17
N ASN B 186 72.23 -43.10 -22.37
CA ASN B 186 72.40 -42.07 -21.36
C ASN B 186 71.56 -42.48 -20.16
N VAL B 187 72.24 -42.92 -19.10
CA VAL B 187 71.61 -43.46 -17.91
C VAL B 187 71.88 -42.53 -16.73
N THR B 188 70.82 -42.14 -16.03
CA THR B 188 71.01 -41.39 -14.80
C THR B 188 71.19 -42.39 -13.66
N TYR B 189 72.18 -42.14 -12.82
CA TYR B 189 72.40 -42.93 -11.62
C TYR B 189 72.31 -42.02 -10.42
N GLU B 190 71.80 -42.56 -9.33
CA GLU B 190 71.72 -41.84 -8.07
C GLU B 190 72.01 -42.82 -6.96
N CYS B 191 72.78 -42.39 -5.96
CA CYS B 191 73.15 -43.27 -4.87
C CYS B 191 73.61 -42.48 -3.68
N LYS B 192 73.17 -42.89 -2.49
CA LYS B 192 73.59 -42.28 -1.24
C LYS B 192 74.54 -43.23 -0.54
N CYS B 193 75.77 -42.78 -0.31
CA CYS B 193 76.82 -43.58 0.34
C CYS B 193 77.58 -42.63 1.25
N GLY B 194 77.22 -42.62 2.51
CA GLY B 194 77.74 -41.57 3.40
C GLY B 194 76.92 -40.32 3.20
N ASP B 195 76.77 -39.87 1.96
CA ASP B 195 75.87 -38.76 1.68
C ASP B 195 75.31 -38.90 0.27
N TYR B 196 74.30 -38.09 -0.01
CA TYR B 196 73.61 -38.13 -1.30
C TYR B 196 74.56 -37.86 -2.46
N SER B 197 74.47 -38.69 -3.49
CA SER B 197 75.29 -38.53 -4.69
C SER B 197 74.46 -38.90 -5.91
N THR B 198 74.71 -38.22 -7.03
CA THR B 198 73.99 -38.45 -8.27
C THR B 198 74.86 -38.06 -9.45
N GLY B 199 74.56 -38.66 -10.60
CA GLY B 199 75.21 -38.28 -11.83
C GLY B 199 74.61 -38.96 -13.04
N ILE B 200 74.66 -38.33 -14.20
CA ILE B 200 74.24 -38.98 -15.43
C ILE B 200 75.47 -39.64 -16.04
N VAL B 201 75.30 -40.85 -16.57
CA VAL B 201 76.40 -41.61 -17.14
C VAL B 201 75.94 -42.34 -18.38
N SER B 202 76.91 -42.76 -19.18
CA SER B 202 76.64 -43.51 -20.39
C SER B 202 77.47 -44.78 -20.49
N THR B 203 78.42 -45.00 -19.57
CA THR B 203 79.27 -46.18 -19.57
C THR B 203 79.48 -46.60 -18.12
N GLN B 204 80.19 -47.72 -17.94
CA GLN B 204 80.48 -48.23 -16.61
C GLN B 204 81.19 -47.18 -15.78
N THR B 205 80.67 -46.94 -14.58
CA THR B 205 81.22 -45.93 -13.67
C THR B 205 81.48 -46.54 -12.32
N LYS B 206 82.75 -46.52 -11.91
CA LYS B 206 83.11 -46.99 -10.57
C LYS B 206 82.61 -46.00 -9.54
N MET B 207 81.78 -46.48 -8.62
CA MET B 207 81.23 -45.62 -7.59
C MET B 207 82.24 -45.41 -6.46
N ASN B 208 82.08 -44.30 -5.76
CA ASN B 208 82.92 -43.96 -4.62
C ASN B 208 82.16 -44.24 -3.32
N GLY B 209 82.85 -44.87 -2.36
CA GLY B 209 82.29 -45.18 -1.07
C GLY B 209 81.26 -46.28 -0.97
N CYS B 210 80.43 -46.43 -2.01
CA CYS B 210 79.40 -47.45 -2.00
C CYS B 210 80.00 -48.85 -1.97
N THR B 211 79.24 -49.80 -1.41
CA THR B 211 79.72 -51.17 -1.25
C THR B 211 78.69 -52.20 -1.73
N LYS B 212 77.44 -52.04 -1.33
CA LYS B 212 76.38 -52.97 -1.69
C LYS B 212 75.47 -52.33 -2.74
N ALA B 213 75.11 -53.13 -3.74
CA ALA B 213 74.28 -52.64 -4.83
C ALA B 213 72.97 -52.02 -4.33
N ARG B 214 72.43 -52.54 -3.23
CA ARG B 214 71.19 -51.99 -2.70
C ARG B 214 71.33 -50.54 -2.29
N GLN B 215 72.55 -50.05 -2.13
CA GLN B 215 72.74 -48.64 -1.83
C GLN B 215 72.37 -47.74 -3.00
N CYS B 216 72.34 -48.27 -4.21
CA CYS B 216 72.23 -47.44 -5.40
C CYS B 216 71.06 -47.81 -6.29
N ILE B 217 70.66 -46.85 -7.11
CA ILE B 217 69.60 -46.96 -8.10
C ILE B 217 70.13 -46.39 -9.41
N ALA B 218 69.41 -46.67 -10.50
CA ALA B 218 69.74 -46.06 -11.78
C ALA B 218 68.60 -46.28 -12.77
N TYR B 219 68.34 -45.27 -13.59
CA TYR B 219 67.25 -45.29 -14.55
C TYR B 219 67.54 -44.31 -15.67
N LYS B 220 67.33 -44.72 -16.92
CA LYS B 220 67.54 -43.80 -18.02
C LYS B 220 66.39 -42.78 -18.12
N LEU B 221 66.68 -41.68 -18.82
CA LEU B 221 65.71 -40.61 -19.02
C LEU B 221 64.87 -40.86 -20.27
N ASP B 222 64.15 -41.98 -20.26
CA ASP B 222 63.26 -42.37 -21.35
C ASP B 222 61.84 -41.93 -21.01
N GLN B 223 61.48 -40.73 -21.47
CA GLN B 223 60.15 -40.17 -21.27
C GLN B 223 59.33 -40.20 -22.54
N THR B 224 59.94 -40.55 -23.68
CA THR B 224 59.29 -40.58 -24.99
C THR B 224 57.92 -41.24 -24.96
N LYS B 225 57.74 -42.23 -24.11
CA LYS B 225 56.46 -42.93 -24.00
C LYS B 225 55.77 -42.54 -22.69
N TRP B 226 54.53 -42.09 -22.80
CA TRP B 226 53.75 -41.75 -21.62
C TRP B 226 53.20 -43.02 -20.96
N VAL B 227 52.76 -42.87 -19.72
CA VAL B 227 52.28 -43.99 -18.91
C VAL B 227 51.02 -43.59 -18.17
N PHE B 228 50.07 -44.52 -18.09
CA PHE B 228 48.83 -44.30 -17.38
C PHE B 228 49.09 -44.18 -15.88
N ASN B 229 48.11 -43.61 -15.17
CA ASN B 229 48.13 -43.40 -13.73
C ASN B 229 48.31 -44.67 -12.92
N SER B 230 48.24 -45.84 -13.57
CA SER B 230 48.24 -47.12 -12.88
C SER B 230 49.29 -47.20 -11.77
N PRO B 231 48.97 -47.88 -10.67
CA PRO B 231 49.82 -47.86 -9.47
C PRO B 231 51.21 -48.42 -9.64
N ASP B 232 51.36 -49.50 -10.40
CA ASP B 232 52.58 -50.30 -10.34
C ASP B 232 53.81 -49.65 -10.95
N LEU B 233 53.68 -48.55 -11.67
CA LEU B 233 54.86 -47.85 -12.17
C LEU B 233 54.93 -46.54 -11.40
N ILE B 234 55.96 -46.40 -10.56
CA ILE B 234 56.09 -45.25 -9.69
C ILE B 234 56.03 -43.95 -10.50
N ARG B 235 55.37 -42.95 -9.93
CA ARG B 235 55.24 -41.68 -10.63
C ARG B 235 56.60 -41.00 -10.75
N HIS B 236 56.70 -40.11 -11.74
CA HIS B 236 57.84 -39.23 -11.89
C HIS B 236 57.79 -38.15 -10.82
N THR B 237 58.94 -37.52 -10.57
CA THR B 237 58.98 -36.46 -9.57
C THR B 237 58.00 -35.34 -9.91
N ASP B 238 57.71 -35.16 -11.18
CA ASP B 238 56.67 -34.25 -11.64
C ASP B 238 55.54 -35.13 -12.17
N HIS B 239 54.37 -35.01 -11.55
CA HIS B 239 53.21 -35.85 -11.88
C HIS B 239 52.07 -35.02 -12.46
N SER B 240 52.39 -33.92 -13.13
CA SER B 240 51.37 -33.13 -13.81
C SER B 240 50.76 -33.93 -14.97
N VAL B 241 49.54 -33.54 -15.33
CA VAL B 241 48.78 -34.24 -16.37
C VAL B 241 49.46 -34.07 -17.72
N GLN B 242 49.78 -35.19 -18.36
CA GLN B 242 50.31 -35.21 -19.73
C GLN B 242 49.17 -35.52 -20.70
N GLY B 243 48.51 -34.47 -21.18
CA GLY B 243 47.43 -34.64 -22.14
C GLY B 243 46.32 -35.57 -21.67
N LYS B 244 45.85 -36.41 -22.58
CA LYS B 244 44.78 -37.37 -22.30
C LYS B 244 44.67 -38.39 -23.43
N LEU B 245 43.95 -39.47 -23.17
CA LEU B 245 43.55 -40.42 -24.21
C LEU B 245 42.04 -40.65 -24.13
N HIS B 246 41.39 -40.65 -25.28
CA HIS B 246 39.95 -40.87 -25.35
C HIS B 246 39.61 -42.33 -25.06
N ILE B 247 38.70 -42.52 -24.11
CA ILE B 247 38.23 -43.86 -23.77
C ILE B 247 37.39 -44.37 -24.94
N PRO B 248 37.81 -45.43 -25.59
CA PRO B 248 37.07 -45.97 -26.74
C PRO B 248 35.85 -46.74 -26.30
N PHE B 249 35.06 -47.11 -27.30
CA PHE B 249 33.84 -47.88 -27.13
C PHE B 249 32.84 -47.12 -26.25
N ARG B 250 32.40 -45.99 -26.80
CA ARG B 250 31.41 -45.17 -26.13
C ARG B 250 30.18 -45.98 -25.78
N LEU B 251 29.69 -45.81 -24.56
CA LEU B 251 28.42 -46.43 -24.20
C LEU B 251 27.34 -45.66 -24.95
N THR B 252 26.76 -46.27 -25.97
CA THR B 252 25.81 -45.57 -26.80
C THR B 252 24.39 -46.07 -26.61
N PRO B 253 23.45 -45.16 -26.40
CA PRO B 253 22.03 -45.55 -26.40
C PRO B 253 21.63 -46.13 -27.75
N THR B 254 20.87 -47.22 -27.71
CA THR B 254 20.40 -47.86 -28.93
C THR B 254 19.15 -48.66 -28.58
N VAL B 255 18.72 -49.51 -29.50
CA VAL B 255 17.54 -50.35 -29.31
C VAL B 255 17.93 -51.81 -29.33
N CYS B 256 17.28 -52.60 -28.47
CA CYS B 256 17.51 -54.02 -28.33
C CYS B 256 16.17 -54.75 -28.27
N PRO B 257 16.08 -55.93 -28.86
CA PRO B 257 14.84 -56.70 -28.80
C PRO B 257 14.69 -57.42 -27.48
N VAL B 258 13.46 -57.44 -26.97
CA VAL B 258 13.15 -58.18 -25.75
C VAL B 258 11.98 -59.11 -26.04
N PRO B 259 11.92 -60.27 -25.40
CA PRO B 259 10.84 -61.22 -25.71
C PRO B 259 9.52 -60.75 -25.14
N LEU B 260 8.45 -61.40 -25.62
CA LEU B 260 7.09 -61.12 -25.18
C LEU B 260 6.40 -62.45 -24.91
N ALA B 261 6.41 -62.88 -23.65
CA ALA B 261 5.77 -64.13 -23.27
C ALA B 261 4.32 -64.16 -23.72
N HIS B 262 3.82 -65.36 -24.03
CA HIS B 262 2.45 -65.52 -24.49
C HIS B 262 1.51 -64.75 -23.57
N THR B 263 0.70 -63.89 -24.18
CA THR B 263 -0.20 -63.00 -23.46
C THR B 263 -0.98 -63.77 -22.38
N PRO B 264 -1.04 -63.27 -21.16
CA PRO B 264 -1.69 -64.00 -20.08
C PRO B 264 -3.19 -64.12 -20.34
N THR B 265 -3.73 -65.32 -20.17
CA THR B 265 -5.16 -65.54 -20.34
C THR B 265 -5.86 -65.02 -19.09
N VAL B 266 -6.66 -63.99 -19.26
CA VAL B 266 -7.42 -63.41 -18.16
C VAL B 266 -8.65 -64.26 -17.85
N THR B 267 -9.10 -64.17 -16.61
CA THR B 267 -10.35 -64.76 -16.16
C THR B 267 -11.05 -63.72 -15.32
N LYS B 268 -12.34 -63.51 -15.58
CA LYS B 268 -13.08 -62.41 -14.97
C LYS B 268 -14.06 -62.94 -13.93
N TRP B 269 -14.03 -62.34 -12.75
CA TRP B 269 -14.93 -62.72 -11.67
C TRP B 269 -15.19 -61.50 -10.80
N PHE B 270 -16.12 -61.65 -9.86
CA PHE B 270 -16.58 -60.54 -9.02
C PHE B 270 -15.47 -59.74 -8.36
N LYS B 271 -15.30 -58.49 -8.80
CA LYS B 271 -14.28 -57.59 -8.29
C LYS B 271 -12.91 -58.25 -8.20
N GLY B 272 -12.64 -59.18 -9.10
CA GLY B 272 -11.35 -59.83 -9.09
C GLY B 272 -11.04 -60.50 -10.41
N ILE B 273 -9.79 -60.48 -10.81
CA ILE B 273 -9.36 -61.08 -12.06
C ILE B 273 -8.28 -62.10 -11.76
N THR B 274 -8.28 -63.17 -12.53
CA THR B 274 -7.25 -64.19 -12.45
C THR B 274 -6.37 -64.11 -13.68
N LEU B 275 -5.07 -64.05 -13.47
CA LEU B 275 -4.10 -64.08 -14.55
C LEU B 275 -3.45 -65.47 -14.60
N HIS B 276 -3.59 -66.13 -15.74
CA HIS B 276 -2.89 -67.38 -15.99
C HIS B 276 -1.64 -66.99 -16.78
N LEU B 277 -0.48 -67.30 -16.24
CA LEU B 277 0.76 -66.84 -16.83
C LEU B 277 1.62 -68.03 -17.22
N THR B 278 2.43 -67.81 -18.25
CA THR B 278 3.28 -68.87 -18.80
C THR B 278 4.52 -68.20 -19.35
N ALA B 279 5.66 -68.43 -18.71
CA ALA B 279 6.92 -67.90 -19.19
C ALA B 279 8.01 -68.86 -18.77
N THR B 280 8.73 -69.41 -19.74
CA THR B 280 9.76 -70.38 -19.41
C THR B 280 10.94 -69.73 -18.72
N ARG B 281 11.07 -68.41 -18.79
CA ARG B 281 12.14 -67.68 -18.14
C ARG B 281 11.56 -66.68 -17.15
N PRO B 282 12.30 -66.31 -16.12
CA PRO B 282 11.81 -65.35 -15.14
C PRO B 282 11.25 -64.11 -15.84
N THR B 283 10.02 -63.75 -15.47
CA THR B 283 9.34 -62.62 -16.09
C THR B 283 8.70 -61.76 -15.01
N LEU B 284 8.88 -60.44 -15.12
CA LEU B 284 8.33 -59.53 -14.13
C LEU B 284 6.86 -59.22 -14.40
N LEU B 285 6.03 -59.44 -13.38
CA LEU B 285 4.64 -59.02 -13.39
C LEU B 285 4.49 -57.90 -12.37
N THR B 286 3.83 -56.82 -12.77
CA THR B 286 3.54 -55.73 -11.85
C THR B 286 2.11 -55.28 -12.00
N THR B 287 1.45 -55.05 -10.87
CA THR B 287 0.04 -54.67 -10.87
C THR B 287 -0.14 -53.53 -9.88
N ARG B 288 -0.98 -52.58 -10.22
CA ARG B 288 -1.28 -51.49 -9.31
C ARG B 288 -2.71 -51.03 -9.53
N LYS B 289 -3.39 -50.66 -8.45
CA LYS B 289 -4.73 -50.12 -8.58
C LYS B 289 -4.65 -48.64 -8.92
N LEU B 290 -5.53 -48.19 -9.80
CA LEU B 290 -5.55 -46.78 -10.18
C LEU B 290 -6.32 -45.92 -9.19
N GLY B 291 -6.50 -46.37 -7.97
CA GLY B 291 -7.27 -45.65 -6.97
C GLY B 291 -6.46 -44.66 -6.15
N LEU B 292 -7.07 -44.25 -5.03
CA LEU B 292 -6.43 -43.30 -4.14
C LEU B 292 -5.10 -43.84 -3.62
N ARG B 293 -5.00 -45.15 -3.47
CA ARG B 293 -3.76 -45.80 -3.09
C ARG B 293 -3.38 -46.78 -4.18
N ALA B 294 -2.08 -46.92 -4.41
CA ALA B 294 -1.61 -47.79 -5.48
C ALA B 294 -1.69 -49.26 -5.13
N ASP B 295 -1.41 -49.62 -3.87
CA ASP B 295 -1.35 -51.02 -3.47
C ASP B 295 -0.50 -51.82 -4.47
N ALA B 296 0.54 -51.18 -4.97
CA ALA B 296 1.37 -51.79 -6.00
C ALA B 296 2.06 -53.04 -5.48
N THR B 297 2.26 -54.00 -6.37
CA THR B 297 2.95 -55.23 -6.05
C THR B 297 3.70 -55.70 -7.28
N ALA B 298 4.78 -56.43 -7.05
CA ALA B 298 5.66 -56.90 -8.11
C ALA B 298 6.08 -58.32 -7.81
N GLU B 299 6.12 -59.15 -8.84
CA GLU B 299 6.44 -60.55 -8.65
C GLU B 299 7.10 -61.11 -9.90
N TRP B 300 8.26 -61.75 -9.72
CA TRP B 300 8.92 -62.43 -10.82
C TRP B 300 8.30 -63.82 -10.97
N ILE B 301 7.49 -64.00 -11.98
CA ILE B 301 6.89 -65.30 -12.22
C ILE B 301 7.86 -66.17 -13.01
N THR B 302 7.75 -67.49 -12.82
CA THR B 302 8.50 -68.44 -13.60
C THR B 302 7.58 -69.58 -14.00
N GLY B 303 7.90 -70.22 -15.13
CA GLY B 303 7.11 -71.33 -15.59
C GLY B 303 5.67 -70.94 -15.89
N THR B 304 4.76 -71.83 -15.54
CA THR B 304 3.33 -71.63 -15.71
C THR B 304 2.65 -71.63 -14.36
N THR B 305 1.85 -70.61 -14.09
CA THR B 305 1.18 -70.48 -12.81
C THR B 305 0.03 -69.50 -12.96
N SER B 306 -0.77 -69.41 -11.91
CA SER B 306 -1.92 -68.51 -11.87
C SER B 306 -1.78 -67.53 -10.71
N ARG B 307 -2.33 -66.34 -10.90
CA ARG B 307 -2.32 -65.31 -9.87
C ARG B 307 -3.67 -64.62 -9.79
N ASN B 308 -4.11 -64.35 -8.56
CA ASN B 308 -5.36 -63.67 -8.29
C ASN B 308 -5.06 -62.24 -7.87
N PHE B 309 -5.75 -61.27 -8.48
CA PHE B 309 -5.62 -59.87 -8.12
C PHE B 309 -6.99 -59.23 -7.97
N SER B 310 -7.19 -58.53 -6.86
CA SER B 310 -8.41 -57.79 -6.67
C SER B 310 -8.43 -56.58 -7.59
N VAL B 311 -9.63 -56.17 -8.00
CA VAL B 311 -9.77 -55.00 -8.85
C VAL B 311 -10.96 -54.19 -8.37
N GLY B 312 -10.75 -52.89 -8.20
CA GLY B 312 -11.77 -51.97 -7.76
C GLY B 312 -12.44 -51.25 -8.91
N ARG B 313 -13.49 -50.49 -8.57
CA ARG B 313 -14.17 -49.69 -9.56
C ARG B 313 -13.22 -48.67 -10.17
N GLU B 314 -12.22 -48.25 -9.40
CA GLU B 314 -11.21 -47.35 -9.93
C GLU B 314 -10.40 -48.02 -11.03
N GLY B 315 -10.32 -49.34 -11.01
CA GLY B 315 -9.61 -50.09 -12.01
C GLY B 315 -8.25 -50.57 -11.55
N LEU B 316 -7.77 -51.59 -12.24
CA LEU B 316 -6.48 -52.22 -12.00
C LEU B 316 -5.69 -52.27 -13.29
N GLU B 317 -4.42 -51.93 -13.20
CA GLU B 317 -3.48 -52.04 -14.31
C GLU B 317 -2.50 -53.16 -14.01
N TYR B 318 -2.37 -54.10 -14.94
CA TYR B 318 -1.39 -55.17 -14.82
C TYR B 318 -0.41 -55.07 -15.97
N VAL B 319 0.87 -55.10 -15.63
CA VAL B 319 1.96 -55.05 -16.60
C VAL B 319 2.64 -56.40 -16.57
N TRP B 320 2.58 -57.12 -17.67
CA TRP B 320 3.16 -58.45 -17.79
C TRP B 320 4.30 -58.42 -18.80
N GLY B 321 5.47 -58.85 -18.37
CA GLY B 321 6.64 -58.85 -19.23
C GLY B 321 6.87 -57.50 -19.85
N ASN B 322 7.15 -57.49 -21.14
CA ASN B 322 7.39 -56.25 -21.85
C ASN B 322 6.15 -55.72 -22.54
N HIS B 323 5.00 -56.37 -22.40
CA HIS B 323 3.79 -55.87 -23.02
C HIS B 323 3.44 -54.51 -22.44
N GLU B 324 2.77 -53.70 -23.25
CA GLU B 324 2.32 -52.43 -22.75
C GLU B 324 1.27 -52.65 -21.67
N PRO B 325 1.15 -51.74 -20.71
CA PRO B 325 0.19 -51.93 -19.62
C PRO B 325 -1.22 -52.16 -20.12
N VAL B 326 -1.86 -53.19 -19.58
CA VAL B 326 -3.25 -53.51 -19.87
C VAL B 326 -4.07 -53.01 -18.71
N ARG B 327 -5.15 -52.28 -19.00
CA ARG B 327 -6.03 -51.74 -17.98
C ARG B 327 -7.38 -52.42 -17.99
N VAL B 328 -7.88 -52.71 -16.80
CA VAL B 328 -9.18 -53.35 -16.63
C VAL B 328 -9.88 -52.72 -15.44
N TRP B 329 -11.21 -52.71 -15.50
CA TRP B 329 -12.04 -52.16 -14.44
C TRP B 329 -13.09 -53.18 -14.03
N ALA B 330 -13.38 -53.21 -12.73
CA ALA B 330 -14.34 -54.12 -12.15
C ALA B 330 -15.75 -53.56 -12.28
N GLN B 331 -16.59 -54.22 -13.06
CA GLN B 331 -17.98 -53.83 -13.14
C GLN B 331 -18.66 -54.04 -11.80
N GLU B 332 -19.87 -53.52 -11.69
CA GLU B 332 -20.65 -53.67 -10.47
C GLU B 332 -21.39 -55.01 -10.44
N SER B 333 -21.00 -55.94 -11.30
CA SER B 333 -21.60 -57.26 -11.31
C SER B 333 -21.56 -57.87 -9.91
N ALA B 334 -22.64 -58.54 -9.55
CA ALA B 334 -22.72 -59.25 -8.28
C ALA B 334 -23.94 -60.16 -8.28
N PRO B 335 -23.86 -61.28 -7.59
CA PRO B 335 -25.01 -62.18 -7.48
C PRO B 335 -26.26 -61.47 -6.98
N GLY B 336 -27.42 -62.11 -7.17
CA GLY B 336 -28.67 -61.53 -6.75
C GLY B 336 -29.22 -60.56 -7.78
N ASP B 337 -30.07 -59.66 -7.29
CA ASP B 337 -30.69 -58.70 -8.17
C ASP B 337 -31.11 -57.45 -7.40
N PRO B 338 -30.56 -56.28 -7.75
CA PRO B 338 -30.99 -55.03 -7.11
C PRO B 338 -32.48 -54.78 -7.19
N HIS B 339 -33.23 -55.51 -8.01
CA HIS B 339 -34.67 -55.31 -8.08
C HIS B 339 -35.47 -56.57 -7.77
N GLY B 340 -34.80 -57.65 -7.38
CA GLY B 340 -35.49 -58.85 -6.98
C GLY B 340 -36.09 -58.66 -5.60
N TRP B 341 -36.55 -59.77 -5.04
CA TRP B 341 -37.07 -59.73 -3.68
C TRP B 341 -35.93 -59.56 -2.69
N PRO B 342 -36.22 -59.04 -1.49
CA PRO B 342 -35.15 -58.79 -0.51
C PRO B 342 -34.19 -59.95 -0.30
N HIS B 343 -34.68 -61.19 -0.42
CA HIS B 343 -33.81 -62.36 -0.35
C HIS B 343 -32.64 -62.25 -1.31
N GLU B 344 -32.84 -61.53 -2.41
CA GLU B 344 -31.83 -61.31 -3.44
C GLU B 344 -31.14 -59.96 -3.34
N ILE B 345 -31.68 -59.03 -2.56
CA ILE B 345 -31.08 -57.71 -2.41
C ILE B 345 -29.90 -57.76 -1.45
N ILE B 346 -30.10 -58.40 -0.30
CA ILE B 346 -29.09 -58.40 0.74
C ILE B 346 -27.77 -58.95 0.20
N ILE B 347 -27.81 -60.10 -0.48
CA ILE B 347 -26.58 -60.68 -0.99
C ILE B 347 -25.90 -59.75 -1.99
N HIS B 348 -26.69 -59.03 -2.78
CA HIS B 348 -26.11 -58.16 -3.80
C HIS B 348 -25.35 -56.99 -3.18
N TYR B 349 -25.98 -56.31 -2.22
CA TYR B 349 -25.26 -55.20 -1.62
C TYR B 349 -24.16 -55.70 -0.69
N TYR B 350 -24.40 -56.80 0.03
CA TYR B 350 -23.37 -57.38 0.87
C TYR B 350 -22.11 -57.63 0.05
N HIS B 351 -22.27 -58.17 -1.16
CA HIS B 351 -21.11 -58.36 -2.01
C HIS B 351 -20.51 -57.03 -2.43
N ARG B 352 -21.34 -56.08 -2.84
CA ARG B 352 -20.79 -54.79 -3.25
C ARG B 352 -20.18 -54.01 -2.10
N HIS B 353 -20.82 -54.05 -0.92
CA HIS B 353 -20.32 -53.29 0.24
C HIS B 353 -20.66 -54.03 1.52
N PRO B 354 -19.85 -55.02 1.90
CA PRO B 354 -20.16 -55.80 3.10
C PRO B 354 -20.34 -54.96 4.35
N VAL B 355 -19.42 -54.02 4.60
CA VAL B 355 -19.51 -53.20 5.80
C VAL B 355 -20.77 -52.33 5.79
N TYR B 356 -21.03 -51.65 4.68
CA TYR B 356 -22.25 -50.83 4.60
C TYR B 356 -23.50 -51.68 4.69
N THR B 357 -23.46 -52.89 4.14
CA THR B 357 -24.61 -53.78 4.22
C THR B 357 -24.87 -54.18 5.67
N VAL B 358 -23.83 -54.55 6.39
CA VAL B 358 -23.98 -54.85 7.80
C VAL B 358 -24.51 -53.65 8.55
N ILE B 359 -24.04 -52.45 8.19
CA ILE B 359 -24.55 -51.23 8.82
C ILE B 359 -26.05 -51.08 8.60
N VAL B 360 -26.51 -51.34 7.37
CA VAL B 360 -27.94 -51.26 7.08
C VAL B 360 -28.73 -52.31 7.85
N LEU B 361 -28.19 -53.54 7.93
CA LEU B 361 -28.87 -54.56 8.70
C LEU B 361 -28.95 -54.20 10.18
N CYS B 362 -27.89 -53.60 10.71
CA CYS B 362 -27.91 -53.12 12.09
C CYS B 362 -28.95 -52.02 12.24
N GLY B 363 -29.09 -51.19 11.22
CA GLY B 363 -30.11 -50.15 11.23
C GLY B 363 -31.50 -50.74 11.31
N VAL B 364 -31.77 -51.77 10.51
CA VAL B 364 -33.04 -52.47 10.55
C VAL B 364 -33.26 -53.11 11.92
N ALA B 365 -32.20 -53.67 12.49
CA ALA B 365 -32.33 -54.28 13.82
C ALA B 365 -32.65 -53.22 14.87
N LEU B 366 -32.00 -52.07 14.80
CA LEU B 366 -32.30 -50.97 15.70
C LEU B 366 -33.74 -50.52 15.52
N ALA B 367 -34.20 -50.41 14.28
CA ALA B 367 -35.57 -50.03 13.99
C ALA B 367 -36.56 -51.00 14.62
N ILE B 368 -36.31 -52.30 14.47
CA ILE B 368 -37.17 -53.31 15.08
C ILE B 368 -37.15 -53.18 16.60
N LEU B 369 -35.98 -52.95 17.18
CA LEU B 369 -35.91 -52.79 18.63
C LEU B 369 -36.68 -51.56 19.09
N VAL B 370 -36.63 -50.47 18.32
CA VAL B 370 -37.44 -49.31 18.68
C VAL B 370 -38.92 -49.62 18.54
N GLY B 371 -39.30 -50.45 17.56
CA GLY B 371 -40.67 -50.90 17.46
C GLY B 371 -41.11 -51.61 18.72
N THR B 372 -40.26 -52.52 19.21
CA THR B 372 -40.55 -53.21 20.46
C THR B 372 -40.58 -52.22 21.61
N ALA B 373 -39.73 -51.19 21.59
CA ALA B 373 -39.76 -50.20 22.65
C ALA B 373 -41.09 -49.47 22.66
N SER B 374 -41.61 -49.17 21.47
CA SER B 374 -42.93 -48.55 21.36
C SER B 374 -44.01 -49.42 21.98
N SER B 375 -44.06 -50.69 21.56
CA SER B 375 -45.07 -51.59 22.09
C SER B 375 -44.92 -51.77 23.60
N ALA B 376 -43.68 -51.93 24.07
CA ALA B 376 -43.42 -52.06 25.50
C ALA B 376 -43.85 -50.81 26.25
N ALA B 377 -43.66 -49.63 25.66
CA ALA B 377 -44.10 -48.41 26.30
C ALA B 377 -45.61 -48.38 26.43
N CYS B 378 -46.30 -48.85 25.40
CA CYS B 378 -47.76 -48.94 25.47
C CYS B 378 -48.21 -49.89 26.58
N ILE B 379 -47.61 -51.08 26.62
CA ILE B 379 -48.02 -52.12 27.57
C ILE B 379 -47.64 -51.76 29.01
N ALA B 380 -46.44 -51.22 29.22
CA ALA B 380 -45.96 -50.91 30.55
C ALA B 380 -46.38 -49.53 31.05
N LYS B 381 -46.99 -48.70 30.21
CA LYS B 381 -47.44 -47.39 30.68
C LYS B 381 -48.83 -47.07 30.14
N ALA B 382 -48.96 -46.97 28.82
CA ALA B 382 -50.24 -46.54 28.23
C ALA B 382 -51.41 -47.40 28.72
N ARG B 383 -51.21 -48.69 28.90
CA ARG B 383 -52.28 -49.50 29.47
C ARG B 383 -52.09 -49.76 30.95
N ARG B 384 -50.83 -49.80 31.40
CA ARG B 384 -50.52 -50.03 32.80
C ARG B 384 -51.21 -49.00 33.69
N ASP B 385 -51.23 -47.74 33.25
CA ASP B 385 -51.84 -46.67 34.02
C ASP B 385 -53.28 -46.42 33.60
N CYS B 386 -53.73 -46.98 32.48
CA CYS B 386 -55.10 -46.82 32.03
C CYS B 386 -55.99 -47.97 32.46
N LEU B 387 -55.41 -49.05 32.97
CA LEU B 387 -56.17 -50.19 33.46
C LEU B 387 -56.23 -50.23 34.97
N THR B 388 -55.13 -49.88 35.65
CA THR B 388 -55.16 -49.86 37.11
C THR B 388 -56.23 -48.93 37.69
N PRO B 389 -56.66 -47.80 37.08
CA PRO B 389 -57.73 -47.00 37.66
C PRO B 389 -58.99 -47.85 37.87
N TYR B 390 -59.11 -48.94 37.12
CA TYR B 390 -60.34 -49.78 37.20
C TYR B 390 -60.07 -51.03 38.02
N ALA B 391 -58.78 -51.33 38.25
CA ALA B 391 -58.43 -52.55 39.01
C ALA B 391 -59.10 -52.53 40.38
N LEU B 392 -59.21 -51.34 40.98
CA LEU B 392 -59.78 -51.21 42.31
C LEU B 392 -61.31 -51.30 42.31
N ALA B 393 -61.94 -51.24 41.15
CA ALA B 393 -63.39 -51.31 41.10
C ALA B 393 -63.89 -52.68 41.56
N PRO B 394 -65.12 -52.75 42.07
CA PRO B 394 -65.63 -54.04 42.56
C PRO B 394 -66.00 -55.03 41.46
N ASN B 395 -66.47 -54.54 40.31
CA ASN B 395 -66.95 -55.47 39.25
C ASN B 395 -66.76 -54.87 37.86
N ALA B 396 -65.54 -54.87 37.34
CA ALA B 396 -65.28 -54.40 35.95
C ALA B 396 -66.16 -53.20 35.59
N THR B 397 -65.97 -52.07 36.27
CA THR B 397 -66.72 -50.84 35.88
C THR B 397 -66.05 -50.24 34.64
N VAL B 398 -65.06 -50.95 34.07
CA VAL B 398 -64.32 -50.47 32.88
C VAL B 398 -65.32 -50.21 31.74
N PHE C 1 6.14 76.00 33.20
CA PHE C 1 5.04 75.27 33.84
C PHE C 1 5.08 73.81 33.43
N GLU C 2 5.23 72.93 34.41
CA GLU C 2 5.34 71.50 34.14
C GLU C 2 3.97 70.90 33.85
N HIS C 3 3.94 69.99 32.87
CA HIS C 3 2.74 69.25 32.52
C HIS C 3 3.15 67.82 32.20
N ALA C 4 2.20 66.89 32.32
CA ALA C 4 2.48 65.51 31.97
C ALA C 4 1.21 64.83 31.47
N THR C 5 1.40 63.90 30.53
CA THR C 5 0.30 63.12 29.99
C THR C 5 0.87 61.88 29.30
N THR C 6 0.07 60.82 29.27
CA THR C 6 0.42 59.67 28.47
C THR C 6 0.15 59.94 27.00
N VAL C 7 0.88 59.27 26.12
CA VAL C 7 0.64 59.39 24.70
C VAL C 7 0.63 58.02 24.04
N PRO C 8 -0.38 57.67 23.25
CA PRO C 8 -0.38 56.39 22.56
C PRO C 8 0.79 56.33 21.59
N ASN C 9 1.60 55.29 21.74
CA ASN C 9 2.78 55.11 20.90
C ASN C 9 2.35 54.59 19.55
N VAL C 10 1.86 55.49 18.70
CA VAL C 10 1.40 55.09 17.37
C VAL C 10 1.95 56.11 16.37
N PRO C 11 2.89 55.70 15.54
CA PRO C 11 3.52 56.63 14.58
C PRO C 11 2.53 57.44 13.78
N GLY C 12 2.84 58.74 13.64
CA GLY C 12 2.02 59.67 12.90
C GLY C 12 0.71 60.09 13.52
N ILE C 13 0.17 59.27 14.42
CA ILE C 13 -1.10 59.66 15.02
C ILE C 13 -0.89 60.90 15.87
N PRO C 14 -1.64 61.97 15.67
CA PRO C 14 -1.44 63.16 16.47
C PRO C 14 -2.29 63.12 17.72
N TYR C 15 -1.65 63.02 18.87
CA TYR C 15 -2.37 63.12 20.13
C TYR C 15 -2.68 64.56 20.42
N LYS C 16 -3.76 64.79 21.17
CA LYS C 16 -4.18 66.12 21.53
C LYS C 16 -4.30 66.22 23.04
N ALA C 17 -3.97 67.41 23.54
CA ALA C 17 -4.06 67.67 24.97
C ALA C 17 -4.19 69.17 25.13
N LEU C 18 -4.77 69.56 26.26
CA LEU C 18 -4.93 70.96 26.60
C LEU C 18 -4.39 71.19 28.00
N VAL C 19 -3.44 72.10 28.12
CA VAL C 19 -2.83 72.41 29.40
C VAL C 19 -3.46 73.71 29.88
N GLU C 20 -3.94 73.69 31.12
CA GLU C 20 -4.74 74.77 31.63
C GLU C 20 -4.16 75.41 32.89
N ARG C 21 -2.96 75.98 32.75
CA ARG C 21 -2.36 76.71 33.85
C ARG C 21 -3.35 77.74 34.37
N ALA C 22 -3.58 77.70 35.68
CA ALA C 22 -4.66 78.43 36.35
C ALA C 22 -4.91 79.86 35.87
N GLY C 23 -3.93 80.74 36.01
CA GLY C 23 -4.20 82.09 35.59
C GLY C 23 -4.02 82.41 34.13
N TYR C 24 -3.64 81.44 33.31
CA TYR C 24 -3.28 81.72 31.93
C TYR C 24 -4.20 81.00 30.97
N ALA C 25 -4.34 81.59 29.79
CA ALA C 25 -5.18 81.07 28.72
C ALA C 25 -4.82 79.63 28.38
N PRO C 26 -5.77 78.70 28.48
CA PRO C 26 -5.49 77.31 28.14
C PRO C 26 -4.75 77.18 26.82
N LEU C 27 -3.64 76.45 26.85
CA LEU C 27 -2.73 76.37 25.71
C LEU C 27 -2.83 74.99 25.07
N ASN C 28 -2.95 74.98 23.74
CA ASN C 28 -3.05 73.74 22.98
C ASN C 28 -1.74 72.98 23.02
N LEU C 29 -1.82 71.68 23.28
CA LEU C 29 -0.66 70.82 23.34
C LEU C 29 -0.96 69.55 22.56
N GLU C 30 -0.39 69.45 21.36
CA GLU C 30 -0.56 68.28 20.51
C GLU C 30 0.77 67.53 20.44
N ILE C 31 0.74 66.26 20.79
CA ILE C 31 1.91 65.39 20.77
C ILE C 31 1.80 64.46 19.59
N THR C 32 2.86 64.38 18.79
CA THR C 32 2.87 63.50 17.63
C THR C 32 4.19 62.76 17.56
N VAL C 33 4.14 61.44 17.42
CA VAL C 33 5.35 60.64 17.31
C VAL C 33 5.61 60.44 15.81
N VAL C 34 6.30 61.41 15.21
CA VAL C 34 6.56 61.34 13.77
C VAL C 34 7.37 60.10 13.42
N SER C 35 8.22 59.63 14.31
CA SER C 35 8.97 58.42 14.04
C SER C 35 9.42 57.81 15.35
N SER C 36 9.88 56.57 15.26
CA SER C 36 10.45 55.87 16.40
C SER C 36 11.60 55.02 15.91
N GLU C 37 12.56 54.76 16.80
CA GLU C 37 13.73 53.97 16.47
C GLU C 37 14.08 53.13 17.70
N LEU C 38 13.50 51.94 17.77
CA LEU C 38 13.83 50.97 18.81
C LEU C 38 15.14 50.29 18.42
N THR C 39 16.24 50.94 18.74
CA THR C 39 17.55 50.37 18.41
C THR C 39 18.19 49.69 19.61
N PRO C 40 18.36 48.38 19.59
CA PRO C 40 18.96 47.68 20.72
C PRO C 40 20.48 47.73 20.68
N SER C 41 21.07 47.44 21.84
CA SER C 41 22.53 47.41 21.97
C SER C 41 23.13 46.16 21.33
N THR C 42 23.47 46.27 20.05
CA THR C 42 24.05 45.18 19.28
C THR C 42 25.50 44.93 19.63
N ASN C 43 25.91 43.66 19.53
CA ASN C 43 27.31 43.27 19.62
C ASN C 43 27.55 42.19 18.57
N LYS C 44 28.60 42.36 17.76
CA LYS C 44 28.91 41.36 16.76
C LYS C 44 29.55 40.14 17.38
N GLU C 45 28.99 38.97 17.09
CA GLU C 45 29.63 37.72 17.46
C GLU C 45 30.61 37.28 16.38
N TYR C 46 30.12 37.13 15.16
CA TYR C 46 30.98 36.73 14.06
C TYR C 46 30.25 36.96 12.74
N VAL C 47 31.01 36.90 11.66
CA VAL C 47 30.47 36.93 10.31
C VAL C 47 30.53 35.52 9.75
N THR C 48 29.73 35.27 8.71
CA THR C 48 29.73 33.96 8.07
C THR C 48 29.18 34.08 6.67
N CYS C 49 29.41 33.04 5.88
CA CYS C 49 28.96 33.00 4.50
C CYS C 49 29.24 31.61 3.97
N ARG C 50 29.04 31.41 2.67
CA ARG C 50 29.41 30.16 2.05
C ARG C 50 30.91 29.98 2.15
N PHE C 51 31.35 28.93 2.81
CA PHE C 51 32.78 28.70 2.80
C PHE C 51 33.19 28.27 1.40
N HIS C 52 34.42 28.58 1.04
CA HIS C 52 34.99 28.08 -0.19
C HIS C 52 35.97 27.00 0.20
N THR C 53 35.76 25.80 -0.30
CA THR C 53 36.68 24.71 0.02
C THR C 53 37.86 24.78 -0.93
N VAL C 54 39.01 25.17 -0.38
CA VAL C 54 40.24 25.26 -1.15
C VAL C 54 41.12 24.10 -0.77
N ILE C 55 41.38 23.22 -1.73
CA ILE C 55 42.24 22.07 -1.50
C ILE C 55 43.61 22.45 -2.06
N PRO C 56 44.55 22.87 -1.23
CA PRO C 56 45.86 23.23 -1.74
C PRO C 56 46.49 22.08 -2.48
N SER C 57 47.33 22.42 -3.45
CA SER C 57 48.06 21.44 -4.25
C SER C 57 48.61 20.34 -3.37
N PRO C 58 48.21 19.09 -3.61
CA PRO C 58 48.67 18.00 -2.76
C PRO C 58 50.17 17.83 -2.79
N GLN C 59 50.72 17.39 -1.67
CA GLN C 59 52.14 17.15 -1.51
C GLN C 59 52.39 15.65 -1.46
N VAL C 60 53.34 15.18 -2.26
CA VAL C 60 53.74 13.78 -2.25
C VAL C 60 55.25 13.71 -2.14
N LYS C 61 55.72 13.01 -1.10
CA LYS C 61 57.15 12.79 -0.89
C LYS C 61 57.73 11.83 -1.92
N CYS C 62 56.87 11.11 -2.64
CA CYS C 62 57.29 9.95 -3.44
C CYS C 62 57.94 8.98 -2.46
N CYS C 63 59.09 8.40 -2.78
CA CYS C 63 59.68 7.35 -1.97
C CYS C 63 60.12 7.93 -0.63
N GLY C 64 59.29 7.73 0.39
CA GLY C 64 59.51 8.26 1.73
C GLY C 64 58.19 8.32 2.48
N SER C 65 58.09 9.32 3.36
CA SER C 65 56.88 9.51 4.16
C SER C 65 56.77 10.98 4.53
N LEU C 66 55.58 11.37 4.99
CA LEU C 66 55.33 12.77 5.31
C LEU C 66 54.70 12.95 6.68
N GLU C 67 55.16 13.98 7.38
CA GLU C 67 54.62 14.40 8.66
C GLU C 67 53.36 15.23 8.40
N CYS C 68 52.23 14.81 8.98
CA CYS C 68 50.99 15.56 8.84
C CYS C 68 51.01 16.76 9.77
N LYS C 69 51.63 17.84 9.30
CA LYS C 69 51.79 19.07 10.06
C LYS C 69 50.43 19.65 10.47
N ALA C 70 50.48 20.53 11.46
CA ALA C 70 49.31 21.25 11.92
C ALA C 70 49.22 22.59 11.22
N SER C 71 48.06 23.22 11.29
CA SER C 71 47.89 24.52 10.67
C SER C 71 46.80 25.32 11.36
N SER C 72 46.88 26.64 11.20
CA SER C 72 45.88 27.55 11.74
C SER C 72 44.63 27.65 10.88
N LYS C 73 44.72 27.24 9.62
CA LYS C 73 43.57 27.34 8.72
C LYS C 73 42.39 26.56 9.29
N ALA C 74 41.20 27.09 9.05
CA ALA C 74 39.98 26.47 9.57
C ALA C 74 39.78 25.07 9.01
N ASP C 75 39.47 24.14 9.91
CA ASP C 75 39.28 22.73 9.58
C ASP C 75 40.45 22.15 8.79
N TYR C 76 41.67 22.54 9.15
CA TYR C 76 42.83 21.91 8.56
C TYR C 76 42.69 20.41 8.74
N THR C 77 42.68 19.67 7.65
CA THR C 77 42.46 18.24 7.72
C THR C 77 43.48 17.54 6.84
N CYS C 78 44.74 17.90 7.09
CA CYS C 78 45.87 17.44 6.30
C CYS C 78 46.23 16.00 6.63
N ARG C 79 45.27 15.11 6.41
CA ARG C 79 45.56 13.69 6.58
C ARG C 79 46.56 13.26 5.54
N VAL C 80 47.24 12.14 5.81
CA VAL C 80 48.25 11.61 4.91
C VAL C 80 47.91 10.17 4.55
N PHE C 81 48.09 9.83 3.27
CA PHE C 81 47.79 8.51 2.76
C PHE C 81 49.02 8.02 2.01
N GLY C 82 49.31 6.72 2.13
CA GLY C 82 50.43 6.12 1.44
C GLY C 82 50.02 5.27 0.24
N GLY C 83 51.02 4.89 -0.53
CA GLY C 83 50.83 4.01 -1.67
C GLY C 83 49.93 4.60 -2.75
N VAL C 84 50.17 5.85 -3.11
CA VAL C 84 49.31 6.50 -4.08
C VAL C 84 49.81 6.36 -5.51
N TYR C 85 51.13 6.44 -5.76
CA TYR C 85 51.72 6.44 -7.10
C TYR C 85 50.86 7.23 -8.11
N PRO C 86 50.61 8.52 -7.86
CA PRO C 86 49.69 9.28 -8.71
C PRO C 86 50.20 9.46 -10.12
N PHE C 87 49.32 9.92 -11.02
CA PHE C 87 49.62 10.21 -12.42
C PHE C 87 49.20 11.64 -12.75
N MET C 88 50.03 12.34 -13.51
CA MET C 88 49.72 13.63 -14.14
C MET C 88 49.69 13.42 -15.65
N TRP C 89 49.49 14.51 -16.39
CA TRP C 89 49.46 14.38 -17.83
C TRP C 89 50.74 13.76 -18.36
N GLY C 90 51.87 14.08 -17.75
CA GLY C 90 53.12 13.49 -18.17
C GLY C 90 53.27 12.05 -17.71
N GLY C 91 52.21 11.41 -17.22
CA GLY C 91 52.23 10.04 -16.71
C GLY C 91 52.52 10.04 -15.23
N ALA C 92 53.21 9.02 -14.74
CA ALA C 92 53.55 8.88 -13.32
C ALA C 92 54.33 10.12 -12.86
N GLN C 93 54.21 10.48 -11.59
CA GLN C 93 54.91 11.68 -11.07
C GLN C 93 55.84 11.28 -9.92
N CYS C 94 56.17 9.99 -9.82
CA CYS C 94 57.14 9.55 -8.78
C CYS C 94 58.08 8.49 -9.37
N PHE C 95 58.98 7.97 -8.54
CA PHE C 95 59.96 6.98 -8.96
C PHE C 95 59.92 5.67 -8.16
N CYS C 96 58.77 5.31 -7.60
CA CYS C 96 58.64 4.03 -6.91
C CYS C 96 57.18 3.60 -6.92
N ASP C 97 56.98 2.29 -6.99
CA ASP C 97 55.64 1.71 -7.04
C ASP C 97 54.93 1.71 -5.70
N SER C 98 55.66 1.88 -4.60
CA SER C 98 55.09 1.87 -3.27
C SER C 98 56.02 2.68 -2.38
N GLU C 99 55.78 2.61 -1.06
CA GLU C 99 56.61 3.33 -0.10
C GLU C 99 56.60 4.83 -0.41
N ASN C 100 55.43 5.31 -0.80
CA ASN C 100 55.22 6.72 -1.11
C ASN C 100 53.90 7.14 -0.49
N THR C 101 53.76 8.44 -0.28
CA THR C 101 52.59 8.96 0.42
C THR C 101 52.11 10.26 -0.20
N GLN C 102 50.81 10.50 -0.08
CA GLN C 102 50.17 11.73 -0.51
C GLN C 102 49.60 12.48 0.68
N LEU C 103 50.04 13.71 0.86
CA LEU C 103 49.50 14.60 1.88
C LEU C 103 48.50 15.52 1.19
N SER C 104 47.26 15.50 1.66
CA SER C 104 46.19 16.25 1.02
C SER C 104 45.70 17.39 1.92
N GLU C 105 46.54 18.40 2.05
CA GLU C 105 46.20 19.58 2.85
C GLU C 105 44.89 20.18 2.33
N ALA C 106 44.00 20.54 3.25
CA ALA C 106 42.69 21.08 2.89
C ALA C 106 42.26 22.19 3.85
N TYR C 107 41.73 23.29 3.29
CA TYR C 107 41.25 24.41 4.07
C TYR C 107 39.84 24.79 3.62
N VAL C 108 39.16 25.53 4.49
CA VAL C 108 37.97 26.29 4.14
C VAL C 108 38.34 27.76 4.29
N GLU C 109 38.01 28.56 3.29
CA GLU C 109 38.32 29.97 3.32
C GLU C 109 37.08 30.72 2.88
N PHE C 110 37.03 32.02 3.19
CA PHE C 110 35.90 32.82 2.75
C PHE C 110 35.89 32.90 1.24
N ALA C 111 34.76 32.54 0.64
CA ALA C 111 34.62 32.69 -0.79
C ALA C 111 34.77 34.15 -1.17
N PRO C 112 35.31 34.44 -2.35
CA PRO C 112 35.50 35.85 -2.72
C PRO C 112 34.20 36.63 -2.72
N ASP C 113 33.09 35.98 -3.06
CA ASP C 113 31.80 36.65 -3.05
C ASP C 113 31.30 36.93 -1.63
N CYS C 114 31.85 36.28 -0.62
CA CYS C 114 31.47 36.57 0.76
C CYS C 114 31.61 38.05 1.09
N THR C 115 32.52 38.74 0.39
CA THR C 115 32.72 40.17 0.55
C THR C 115 31.41 40.94 0.63
N ILE C 116 30.36 40.43 -0.01
CA ILE C 116 29.06 41.05 0.03
C ILE C 116 27.99 40.11 0.58
N ASP C 117 28.03 38.83 0.21
CA ASP C 117 27.02 37.88 0.64
C ASP C 117 27.19 37.40 2.08
N HIS C 118 28.12 37.99 2.83
CA HIS C 118 28.31 37.59 4.21
C HIS C 118 27.07 37.87 5.06
N ALA C 119 26.99 37.18 6.19
CA ALA C 119 25.97 37.41 7.20
C ALA C 119 26.68 37.55 8.55
N VAL C 120 26.06 38.30 9.46
CA VAL C 120 26.65 38.55 10.77
C VAL C 120 25.63 38.24 11.86
N ALA C 121 26.10 37.64 12.94
CA ALA C 121 25.28 37.30 14.10
C ALA C 121 25.39 38.39 15.13
N LEU C 122 24.26 39.01 15.50
CA LEU C 122 24.26 40.05 16.50
C LEU C 122 23.47 39.66 17.74
N LYS C 123 24.05 39.88 18.91
CA LYS C 123 23.32 39.81 20.15
C LYS C 123 22.63 41.14 20.43
N VAL C 124 21.58 41.10 21.24
CA VAL C 124 20.86 42.31 21.62
C VAL C 124 20.52 42.27 23.10
N HIS C 125 21.33 42.95 23.92
CA HIS C 125 21.14 42.89 25.36
C HIS C 125 19.84 43.55 25.79
N THR C 126 19.49 44.69 25.19
CA THR C 126 18.27 45.37 25.60
C THR C 126 17.82 46.29 24.48
N ALA C 127 16.52 46.48 24.37
CA ALA C 127 15.94 47.32 23.33
C ALA C 127 15.49 48.67 23.90
N ALA C 128 16.44 49.61 23.99
CA ALA C 128 16.06 50.97 24.44
C ALA C 128 15.30 51.66 23.31
N LEU C 129 14.21 52.37 23.63
CA LEU C 129 13.37 52.98 22.56
C LEU C 129 13.66 54.47 22.42
N LYS C 130 13.89 54.94 21.19
CA LYS C 130 14.07 56.40 20.95
C LYS C 130 12.98 56.83 19.97
N VAL C 131 12.21 57.87 20.29
CA VAL C 131 11.06 58.25 19.42
C VAL C 131 11.28 59.66 18.89
N GLY C 132 11.18 59.85 17.57
CA GLY C 132 11.29 61.19 16.98
C GLY C 132 9.99 61.95 17.11
N LEU C 133 9.84 62.74 18.18
CA LEU C 133 8.62 63.48 18.41
C LEU C 133 8.58 64.79 17.64
N ARG C 134 7.41 65.09 17.09
CA ARG C 134 7.10 66.41 16.57
C ARG C 134 6.03 66.93 17.51
N ILE C 135 6.28 68.09 18.09
CA ILE C 135 5.39 68.65 19.11
C ILE C 135 5.07 70.09 18.77
N VAL C 136 3.80 70.44 18.95
CA VAL C 136 3.31 71.79 18.73
C VAL C 136 2.69 72.26 20.02
N TYR C 137 3.08 73.46 20.45
CA TYR C 137 2.63 74.04 21.69
C TYR C 137 2.24 75.49 21.40
N GLY C 138 0.98 75.81 21.63
CA GLY C 138 0.53 77.14 21.26
C GLY C 138 0.72 77.34 19.77
N ASN C 139 0.96 78.57 19.37
CA ASN C 139 1.23 78.86 17.97
C ASN C 139 2.70 78.65 17.63
N THR C 140 3.30 77.57 18.13
CA THR C 140 4.70 77.26 17.87
C THR C 140 4.87 75.75 17.92
N THR C 141 5.84 75.25 17.15
CA THR C 141 6.07 73.82 17.10
C THR C 141 7.54 73.54 16.85
N ALA C 142 7.98 72.37 17.30
CA ALA C 142 9.36 71.94 17.12
C ALA C 142 9.41 70.44 16.90
N HIS C 143 10.49 69.99 16.27
CA HIS C 143 10.76 68.58 16.07
C HIS C 143 11.91 68.20 16.98
N LEU C 144 11.75 67.12 17.74
CA LEU C 144 12.84 66.70 18.60
C LEU C 144 12.79 65.22 18.89
N ASP C 145 13.96 64.57 18.88
CA ASP C 145 14.01 63.11 19.20
C ASP C 145 14.38 62.97 20.68
N THR C 146 13.73 62.04 21.39
CA THR C 146 14.04 61.80 22.82
C THR C 146 14.12 60.30 23.10
N PHE C 147 14.96 59.89 24.04
CA PHE C 147 15.04 58.46 24.41
C PHE C 147 13.90 58.14 25.37
N VAL C 148 13.02 57.22 24.99
CA VAL C 148 11.86 56.84 25.86
C VAL C 148 12.38 55.91 26.96
N ASN C 149 13.70 55.87 27.15
CA ASN C 149 14.29 54.96 28.16
C ASN C 149 13.66 55.26 29.53
N GLY C 150 13.54 56.53 29.89
CA GLY C 150 12.94 56.91 31.19
C GLY C 150 13.41 58.28 31.62
N VAL C 151 14.14 58.36 32.73
CA VAL C 151 14.67 59.66 33.22
C VAL C 151 15.33 60.38 32.04
N THR C 152 16.05 59.64 31.19
CA THR C 152 16.69 60.24 30.00
C THR C 152 15.83 61.39 29.48
N PRO C 153 16.22 62.67 29.68
CA PRO C 153 15.41 63.80 29.24
C PRO C 153 15.36 63.82 27.71
N GLY C 154 16.50 63.62 27.06
CA GLY C 154 16.55 63.66 25.59
C GLY C 154 15.78 64.84 25.04
N SER C 155 15.61 65.89 25.85
CA SER C 155 14.90 67.07 25.40
C SER C 155 15.68 67.80 24.31
N SER C 156 15.06 68.82 23.75
CA SER C 156 15.76 69.65 22.78
C SER C 156 15.26 71.08 22.86
N ARG C 157 16.17 72.00 22.52
CA ARG C 157 15.98 73.45 22.52
C ARG C 157 15.30 73.89 23.83
N ASP C 158 14.23 74.68 23.77
CA ASP C 158 13.56 75.17 24.97
C ASP C 158 12.62 74.16 25.60
N LEU C 159 12.11 73.20 24.85
CA LEU C 159 11.14 72.26 25.40
C LEU C 159 11.90 71.16 26.13
N LYS C 160 11.95 71.25 27.45
CA LYS C 160 12.55 70.19 28.26
C LYS C 160 11.58 69.02 28.28
N VAL C 161 11.36 68.40 27.12
CA VAL C 161 10.41 67.25 27.03
C VAL C 161 11.11 66.02 27.61
N ILE C 162 10.41 65.24 28.45
CA ILE C 162 11.01 63.99 28.99
C ILE C 162 10.03 62.82 28.78
N ALA C 163 10.52 61.74 28.14
CA ALA C 163 9.67 60.55 27.93
C ALA C 163 9.75 59.64 29.17
N GLY C 164 8.91 58.62 29.24
CA GLY C 164 8.90 57.71 30.41
C GLY C 164 9.02 56.26 30.00
N PRO C 165 9.29 55.32 30.93
CA PRO C 165 9.50 53.92 30.58
C PRO C 165 8.33 53.38 29.76
N ILE C 166 8.61 52.69 28.65
CA ILE C 166 7.54 52.15 27.77
C ILE C 166 6.61 51.27 28.62
N SER C 167 5.30 51.55 28.58
CA SER C 167 4.32 50.74 29.35
C SER C 167 4.70 49.26 29.26
N ALA C 168 5.14 48.80 28.10
CA ALA C 168 5.53 47.41 27.92
C ALA C 168 6.94 47.38 27.35
N ALA C 169 7.81 46.56 27.94
CA ALA C 169 9.19 46.47 27.49
C ALA C 169 9.33 45.53 26.30
N PHE C 170 8.45 45.66 25.32
CA PHE C 170 8.48 44.80 24.15
C PHE C 170 9.74 44.97 23.33
N SER C 171 10.23 43.85 22.77
CA SER C 171 11.36 43.85 21.87
C SER C 171 11.02 42.92 20.72
N PRO C 172 11.20 43.34 19.48
CA PRO C 172 10.93 42.46 18.35
C PRO C 172 12.04 41.46 18.11
N PHE C 173 13.28 41.89 18.33
CA PHE C 173 14.43 41.03 18.13
C PHE C 173 14.52 39.97 19.20
N ASP C 174 14.72 38.72 18.79
CA ASP C 174 15.03 37.70 19.78
C ASP C 174 16.44 37.94 20.30
N HIS C 175 16.84 37.18 21.32
CA HIS C 175 18.16 37.38 21.90
C HIS C 175 19.29 37.18 20.91
N LYS C 176 19.11 36.30 19.94
CA LYS C 176 20.12 36.09 18.90
C LYS C 176 19.55 36.51 17.56
N VAL C 177 20.21 37.47 16.92
CA VAL C 177 19.78 37.99 15.63
C VAL C 177 20.90 37.87 14.62
N VAL C 178 20.55 37.49 13.39
CA VAL C 178 21.49 37.42 12.29
C VAL C 178 21.03 38.36 11.19
N ILE C 179 21.98 39.08 10.60
CA ILE C 179 21.71 40.04 9.53
C ILE C 179 22.33 39.53 8.24
N ARG C 180 21.57 39.64 7.14
CA ARG C 180 22.04 39.23 5.83
C ARG C 180 21.57 40.20 4.77
N LYS C 181 22.51 40.80 4.03
CA LYS C 181 22.21 41.69 2.91
C LYS C 181 21.22 42.78 3.30
N GLY C 182 21.15 43.11 4.58
CA GLY C 182 20.18 44.04 5.10
C GLY C 182 18.85 43.44 5.46
N LEU C 183 18.66 42.15 5.24
CA LEU C 183 17.52 41.43 5.78
C LEU C 183 17.87 40.99 7.19
N VAL C 184 16.88 40.87 8.05
CA VAL C 184 17.12 40.46 9.42
C VAL C 184 16.29 39.23 9.74
N TYR C 185 16.88 38.30 10.48
CA TYR C 185 16.21 37.08 10.89
C TYR C 185 16.57 36.78 12.33
N ASN C 186 15.58 36.53 13.17
CA ASN C 186 15.88 36.07 14.52
C ASN C 186 16.22 34.59 14.43
N TYR C 187 17.31 34.18 15.05
CA TYR C 187 17.77 32.81 14.94
C TYR C 187 18.83 32.54 15.99
N ASP C 188 18.68 31.45 16.75
CA ASP C 188 19.66 31.13 17.79
C ASP C 188 20.91 30.52 17.14
N PHE C 189 21.68 31.40 16.51
CA PHE C 189 22.93 31.00 15.90
C PHE C 189 23.85 30.38 16.96
N PRO C 190 24.64 29.38 16.59
CA PRO C 190 25.55 28.79 17.58
C PRO C 190 26.62 29.79 17.98
N GLU C 191 27.05 29.69 19.23
CA GLU C 191 28.02 30.63 19.78
C GLU C 191 29.34 30.60 19.01
N TYR C 192 30.11 31.67 19.21
CA TYR C 192 31.42 31.78 18.58
C TYR C 192 32.31 30.61 18.97
N GLY C 193 32.95 30.01 17.98
CA GLY C 193 33.79 28.87 18.23
C GLY C 193 33.06 27.57 18.48
N ALA C 194 31.72 27.60 18.54
CA ALA C 194 30.91 26.42 18.75
C ALA C 194 30.30 25.91 17.46
N MET C 195 30.97 26.12 16.33
CA MET C 195 30.42 25.74 15.04
C MET C 195 29.99 24.30 15.02
N LYS C 196 28.96 24.03 14.23
CA LYS C 196 28.42 22.70 14.02
C LYS C 196 28.27 22.50 12.52
N PRO C 197 28.65 21.33 12.01
CA PRO C 197 28.57 21.11 10.56
C PRO C 197 27.16 21.19 10.03
N GLY C 198 27.02 21.89 8.90
CA GLY C 198 25.77 22.08 8.21
C GLY C 198 24.79 23.03 8.86
N ALA C 199 25.05 23.48 10.08
CA ALA C 199 24.19 24.47 10.71
C ALA C 199 24.65 25.84 10.27
N PHE C 200 23.83 26.84 10.58
CA PHE C 200 24.24 28.21 10.31
C PHE C 200 25.54 28.49 11.03
N GLY C 201 26.40 29.29 10.40
CA GLY C 201 27.67 29.60 11.02
C GLY C 201 28.62 28.42 11.11
N ASP C 202 28.58 27.53 10.12
CA ASP C 202 29.54 26.43 10.09
C ASP C 202 30.95 26.96 9.98
N ILE C 203 31.12 28.13 9.38
CA ILE C 203 32.38 28.85 9.36
C ILE C 203 32.12 30.19 10.03
N GLN C 204 33.09 30.67 10.79
CA GLN C 204 32.90 31.95 11.47
C GLN C 204 34.23 32.67 11.56
N ALA C 205 34.15 34.00 11.64
CA ALA C 205 35.35 34.81 11.74
C ALA C 205 35.02 36.12 12.41
N SER C 206 36.08 36.76 12.94
CA SER C 206 35.93 38.08 13.54
C SER C 206 35.33 39.05 12.54
N SER C 207 35.86 39.05 11.32
CA SER C 207 35.37 39.88 10.24
C SER C 207 35.95 39.32 8.94
N LEU C 208 35.40 39.79 7.83
CA LEU C 208 35.72 39.19 6.53
C LEU C 208 37.21 39.18 6.24
N ASP C 209 37.94 40.21 6.66
CA ASP C 209 39.38 40.27 6.42
C ASP C 209 40.19 39.81 7.63
N ALA C 210 39.75 38.77 8.32
CA ALA C 210 40.46 38.24 9.47
C ALA C 210 41.09 36.90 9.10
N THR C 211 42.23 36.60 9.72
CA THR C 211 42.95 35.35 9.48
C THR C 211 42.74 34.35 10.60
N ASP C 212 41.84 34.64 11.54
CA ASP C 212 41.56 33.74 12.66
C ASP C 212 40.28 32.95 12.44
N ILE C 213 39.88 32.78 11.18
CA ILE C 213 38.64 32.08 10.88
C ILE C 213 38.74 30.63 11.32
N VAL C 214 37.64 30.13 11.86
CA VAL C 214 37.56 28.73 12.28
C VAL C 214 36.37 28.12 11.57
N ALA C 215 36.21 26.82 11.74
CA ALA C 215 35.10 26.12 11.09
C ALA C 215 35.03 24.71 11.64
N ARG C 216 33.93 24.04 11.31
CA ARG C 216 33.73 22.64 11.65
C ARG C 216 32.84 22.04 10.56
N THR C 217 33.31 22.19 9.32
CA THR C 217 32.64 21.67 8.13
C THR C 217 32.51 20.15 8.12
N ASP C 218 33.18 19.45 9.03
CA ASP C 218 33.25 18.00 9.04
C ASP C 218 33.98 17.45 7.81
N ILE C 219 34.84 18.28 7.21
CA ILE C 219 35.65 17.83 6.07
C ILE C 219 36.36 16.55 6.42
N ARG C 220 36.28 15.58 5.51
CA ARG C 220 37.02 14.34 5.65
C ARG C 220 37.55 13.99 4.26
N LEU C 221 38.70 13.33 4.23
CA LEU C 221 39.35 12.98 2.97
C LEU C 221 39.51 11.47 2.86
N LEU C 222 39.02 10.92 1.75
CA LEU C 222 39.23 9.50 1.49
C LEU C 222 40.60 9.27 0.87
N LYS C 223 40.94 8.00 0.69
CA LYS C 223 42.18 7.65 0.02
C LYS C 223 42.13 8.06 -1.45
N PRO C 224 43.24 8.56 -2.00
CA PRO C 224 43.26 8.89 -3.43
C PRO C 224 43.29 7.62 -4.26
N SER C 225 42.15 6.96 -4.40
CA SER C 225 42.01 5.63 -4.99
C SER C 225 42.19 5.62 -6.50
N VAL C 226 41.69 6.62 -7.21
CA VAL C 226 41.80 6.67 -8.66
C VAL C 226 43.24 6.92 -9.09
N LYS C 227 43.57 6.50 -10.31
CA LYS C 227 44.91 6.60 -10.89
C LYS C 227 45.43 8.04 -10.97
N ASN C 228 44.58 8.99 -11.35
CA ASN C 228 45.02 10.36 -11.47
C ASN C 228 45.09 11.03 -10.11
N ILE C 229 46.03 11.96 -9.97
CA ILE C 229 46.14 12.68 -8.71
C ILE C 229 44.86 13.45 -8.46
N HIS C 230 44.16 13.12 -7.38
CA HIS C 230 42.97 13.85 -7.00
C HIS C 230 42.74 13.67 -5.51
N VAL C 231 42.13 14.67 -4.91
CA VAL C 231 41.88 14.65 -3.48
C VAL C 231 40.37 14.55 -3.29
N PRO C 232 39.86 13.52 -2.65
CA PRO C 232 38.41 13.35 -2.48
C PRO C 232 37.84 14.13 -1.30
N TYR C 233 37.90 15.45 -1.39
CA TYR C 233 37.31 16.27 -0.34
C TYR C 233 35.80 16.13 -0.39
N THR C 234 35.19 15.82 0.75
CA THR C 234 33.75 15.71 0.86
C THR C 234 33.33 16.33 2.18
N GLN C 235 32.19 16.99 2.20
CA GLN C 235 31.78 17.73 3.38
C GLN C 235 30.30 18.03 3.31
N ALA C 236 29.76 18.44 4.45
CA ALA C 236 28.41 18.96 4.48
C ALA C 236 28.35 20.22 3.66
N VAL C 237 27.33 20.35 2.81
CA VAL C 237 27.19 21.60 2.08
C VAL C 237 27.08 22.71 3.11
N SER C 238 27.58 23.88 2.74
CA SER C 238 27.73 24.96 3.70
C SER C 238 26.44 25.24 4.46
N GLY C 239 26.58 25.32 5.78
CA GLY C 239 25.45 25.66 6.61
C GLY C 239 24.86 26.99 6.24
N TYR C 240 25.66 27.87 5.64
CA TYR C 240 25.12 29.14 5.17
C TYR C 240 24.05 28.89 4.11
N GLU C 241 24.29 27.95 3.20
CA GLU C 241 23.27 27.65 2.20
C GLU C 241 22.03 27.03 2.83
N MET C 242 22.19 26.09 3.75
CA MET C 242 21.02 25.51 4.39
C MET C 242 20.20 26.57 5.09
N TRP C 243 20.87 27.51 5.76
CA TRP C 243 20.13 28.58 6.42
C TRP C 243 19.50 29.52 5.42
N LYS C 244 20.21 29.84 4.35
CA LYS C 244 19.66 30.69 3.30
C LYS C 244 18.39 30.09 2.71
N ASN C 245 18.35 28.77 2.59
CA ASN C 245 17.18 28.08 2.06
C ASN C 245 16.05 27.98 3.08
N ASN C 246 16.37 27.61 4.32
CA ASN C 246 15.36 27.32 5.33
C ASN C 246 15.09 28.41 6.34
N SER C 247 15.80 29.55 6.30
CA SER C 247 15.55 30.57 7.32
C SER C 247 14.15 31.16 7.25
N GLY C 248 13.39 30.88 6.21
CA GLY C 248 12.05 31.42 6.16
C GLY C 248 12.03 32.92 5.94
N ARG C 249 10.86 33.51 6.18
CA ARG C 249 10.70 34.94 5.97
C ARG C 249 11.53 35.73 6.97
N PRO C 250 12.03 36.89 6.57
CA PRO C 250 12.81 37.73 7.49
C PRO C 250 11.92 38.40 8.52
N LEU C 251 12.59 38.94 9.54
CA LEU C 251 11.92 39.64 10.62
C LEU C 251 11.12 40.84 10.12
N GLN C 252 11.56 41.46 9.03
CA GLN C 252 10.86 42.59 8.43
C GLN C 252 9.44 42.26 8.03
N GLU C 253 9.06 40.99 8.07
CA GLU C 253 7.72 40.55 7.73
C GLU C 253 7.11 39.70 8.83
N THR C 254 7.72 39.69 10.02
CA THR C 254 7.27 38.84 11.12
C THR C 254 7.23 39.55 12.46
N ALA C 255 7.93 40.65 12.65
CA ALA C 255 7.88 41.33 13.94
C ALA C 255 6.47 41.87 14.18
N PRO C 256 5.97 41.74 15.38
CA PRO C 256 4.65 42.29 15.70
C PRO C 256 4.62 43.80 15.80
N PHE C 257 3.45 44.33 16.14
CA PHE C 257 3.24 45.77 16.30
C PHE C 257 3.64 46.57 15.08
N GLY C 258 3.74 45.92 13.93
CA GLY C 258 4.09 46.63 12.71
C GLY C 258 5.49 47.16 12.66
N CYS C 259 6.38 46.68 13.52
CA CYS C 259 7.76 47.14 13.51
C CYS C 259 8.34 47.05 12.10
N LYS C 260 9.05 48.10 11.70
CA LYS C 260 9.81 48.10 10.45
C LYS C 260 11.27 47.97 10.85
N ILE C 261 11.98 47.03 10.23
CA ILE C 261 13.35 46.73 10.61
C ILE C 261 14.31 47.15 9.52
N GLU C 262 15.38 47.82 9.93
CA GLU C 262 16.42 48.34 9.06
C GLU C 262 17.77 47.93 9.62
N VAL C 263 18.82 48.18 8.87
CA VAL C 263 20.16 47.78 9.27
C VAL C 263 21.09 48.98 9.25
N GLU C 264 22.26 48.81 9.88
CA GLU C 264 23.25 49.87 10.01
C GLU C 264 22.67 51.15 10.59
N PRO C 265 22.38 51.20 11.88
CA PRO C 265 22.49 50.12 12.87
C PRO C 265 21.26 49.25 12.83
N LEU C 266 21.28 48.06 13.43
CA LEU C 266 20.05 47.29 13.52
C LEU C 266 19.05 48.09 14.35
N ARG C 267 17.90 48.42 13.76
CA ARG C 267 16.92 49.18 14.52
C ARG C 267 15.50 48.84 14.09
N ALA C 268 14.61 48.75 15.06
CA ALA C 268 13.19 48.70 14.79
C ALA C 268 12.70 50.12 14.69
N SER C 269 11.67 50.34 13.88
CA SER C 269 11.21 51.71 13.70
C SER C 269 9.72 51.74 13.39
N ASN C 270 9.12 52.90 13.66
CA ASN C 270 7.70 53.15 13.45
C ASN C 270 6.85 51.99 13.95
N CYS C 271 7.18 51.54 15.16
CA CYS C 271 6.52 50.39 15.76
C CYS C 271 5.51 50.90 16.77
N ALA C 272 4.26 50.45 16.65
CA ALA C 272 3.16 50.98 17.46
C ALA C 272 2.80 50.01 18.57
N TYR C 273 3.40 50.21 19.75
CA TYR C 273 3.15 49.34 20.90
C TYR C 273 3.11 50.16 22.17
N GLY C 274 2.10 49.90 23.01
CA GLY C 274 1.87 50.48 24.32
C GLY C 274 1.66 51.99 24.36
N HIS C 275 1.94 52.58 25.53
CA HIS C 275 1.77 54.05 25.69
C HIS C 275 3.11 54.68 26.09
N ILE C 276 3.28 55.97 25.80
CA ILE C 276 4.55 56.67 26.15
C ILE C 276 4.26 57.69 27.25
N PRO C 277 4.68 57.46 28.50
CA PRO C 277 4.50 58.45 29.57
C PRO C 277 5.33 59.69 29.21
N ILE C 278 4.66 60.83 29.01
CA ILE C 278 5.36 62.04 28.61
C ILE C 278 5.07 63.16 29.61
N SER C 279 6.09 63.93 29.92
CA SER C 279 5.94 65.11 30.75
C SER C 279 6.73 66.22 30.08
N ILE C 280 6.20 67.43 30.10
CA ILE C 280 6.87 68.54 29.43
C ILE C 280 6.71 69.82 30.25
N ASP C 281 7.81 70.54 30.41
CA ASP C 281 7.84 71.83 31.10
C ASP C 281 7.87 72.95 30.06
N ILE C 282 6.73 73.13 29.40
CA ILE C 282 6.64 74.18 28.37
C ILE C 282 6.93 75.54 28.98
N PRO C 283 7.65 76.41 28.28
CA PRO C 283 8.01 77.72 28.84
C PRO C 283 6.83 78.66 28.98
N ASP C 284 6.86 79.45 30.04
CA ASP C 284 5.80 80.42 30.32
C ASP C 284 5.61 81.41 29.19
N ALA C 285 6.68 81.69 28.43
CA ALA C 285 6.56 82.60 27.30
C ALA C 285 5.58 82.10 26.27
N ALA C 286 5.24 80.82 26.29
CA ALA C 286 4.25 80.27 25.37
C ALA C 286 2.83 80.59 25.80
N PHE C 287 2.61 80.88 27.08
CA PHE C 287 1.27 81.18 27.57
C PHE C 287 0.99 82.68 27.51
N VAL C 288 -0.29 83.02 27.73
CA VAL C 288 -0.75 84.39 27.85
C VAL C 288 -1.79 84.38 28.96
N ARG C 289 -1.88 85.49 29.70
CA ARG C 289 -2.87 85.54 30.77
C ARG C 289 -4.27 85.46 30.18
N SER C 290 -5.14 84.70 30.86
CA SER C 290 -6.50 84.48 30.36
C SER C 290 -7.19 85.78 29.94
N SER C 291 -7.03 86.84 30.74
CA SER C 291 -7.67 88.11 30.42
C SER C 291 -7.29 88.66 29.05
N GLU C 292 -6.11 88.33 28.55
CA GLU C 292 -5.74 88.86 27.24
C GLU C 292 -6.13 87.95 26.08
N SER C 293 -6.51 86.71 26.34
CA SER C 293 -7.00 85.84 25.29
C SER C 293 -8.46 86.17 24.95
N PRO C 294 -8.88 85.90 23.72
CA PRO C 294 -10.31 85.96 23.40
C PRO C 294 -11.09 85.03 24.32
N THR C 295 -12.27 85.46 24.72
CA THR C 295 -13.13 84.67 25.60
C THR C 295 -14.55 84.65 25.06
N ILE C 296 -15.17 83.48 25.08
CA ILE C 296 -16.52 83.28 24.59
C ILE C 296 -17.49 83.24 25.76
N LEU C 297 -18.55 84.04 25.68
CA LEU C 297 -19.52 84.14 26.76
C LEU C 297 -20.76 83.27 26.54
N GLU C 298 -20.95 82.75 25.34
CA GLU C 298 -22.01 81.77 25.09
C GLU C 298 -21.47 80.78 24.07
N VAL C 299 -21.76 79.50 24.28
CA VAL C 299 -21.32 78.44 23.37
C VAL C 299 -22.27 77.26 23.50
N SER C 300 -22.45 76.55 22.39
CA SER C 300 -23.27 75.35 22.35
C SER C 300 -22.69 74.43 21.28
N CYS C 301 -22.96 73.14 21.45
CA CYS C 301 -22.47 72.12 20.54
C CYS C 301 -23.60 71.51 19.72
N THR C 302 -23.33 71.35 18.43
CA THR C 302 -24.23 70.69 17.50
C THR C 302 -23.38 69.78 16.63
N VAL C 303 -23.79 68.52 16.52
CA VAL C 303 -23.05 67.51 15.78
C VAL C 303 -23.85 67.09 14.56
N ALA C 304 -23.19 67.08 13.40
CA ALA C 304 -23.79 66.72 12.12
C ALA C 304 -23.57 65.24 11.83
N ASP C 305 -24.40 64.41 12.45
CA ASP C 305 -24.45 62.96 12.25
C ASP C 305 -23.04 62.35 12.16
N CYS C 306 -22.34 62.45 13.28
CA CYS C 306 -20.99 61.91 13.40
C CYS C 306 -20.93 60.45 12.99
N ILE C 307 -20.15 60.14 11.95
CA ILE C 307 -19.91 58.75 11.62
C ILE C 307 -18.72 58.33 12.46
N TYR C 308 -18.93 57.54 13.50
CA TYR C 308 -17.78 57.09 14.27
C TYR C 308 -16.94 56.19 13.38
N SER C 309 -15.64 56.34 13.46
CA SER C 309 -14.77 55.61 12.55
C SER C 309 -13.34 55.75 13.01
N ALA C 310 -12.44 55.08 12.28
CA ALA C 310 -11.02 55.16 12.60
C ALA C 310 -10.45 56.50 12.19
N ASP C 311 -10.95 57.10 11.11
CA ASP C 311 -10.51 58.41 10.69
C ASP C 311 -11.49 59.47 11.20
N PHE C 312 -11.30 60.71 10.76
CA PHE C 312 -12.20 61.80 11.13
C PHE C 312 -13.50 61.66 10.36
N GLY C 313 -14.34 60.75 10.84
CA GLY C 313 -15.60 60.48 10.21
C GLY C 313 -16.75 61.31 10.75
N GLY C 314 -16.55 61.89 11.93
CA GLY C 314 -17.56 62.73 12.54
C GLY C 314 -17.31 64.20 12.30
N SER C 315 -18.39 64.98 12.33
CA SER C 315 -18.30 66.42 12.16
C SER C 315 -19.28 67.08 13.12
N LEU C 316 -18.85 68.20 13.71
CA LEU C 316 -19.70 68.94 14.61
C LEU C 316 -19.41 70.42 14.45
N THR C 317 -20.35 71.24 14.92
CA THR C 317 -20.27 72.69 14.78
C THR C 317 -20.50 73.37 16.11
N LEU C 318 -19.68 74.37 16.40
CA LEU C 318 -19.80 75.18 17.60
C LEU C 318 -20.38 76.53 17.23
N GLN C 319 -21.40 76.94 17.97
CA GLN C 319 -22.02 78.25 17.82
C GLN C 319 -21.62 79.04 19.06
N TYR C 320 -21.21 80.29 18.88
CA TYR C 320 -20.68 80.98 20.04
C TYR C 320 -20.92 82.48 20.00
N LYS C 321 -20.83 83.08 21.19
CA LYS C 321 -20.75 84.52 21.39
C LYS C 321 -19.40 84.77 22.06
N ALA C 322 -18.59 85.65 21.48
CA ALA C 322 -17.27 85.93 22.04
C ALA C 322 -17.11 87.41 22.35
N ASP C 323 -16.26 87.70 23.33
CA ASP C 323 -16.04 89.09 23.72
C ASP C 323 -15.17 89.81 22.69
N ARG C 324 -14.17 89.14 22.15
CA ARG C 324 -13.27 89.73 21.16
C ARG C 324 -12.93 88.67 20.12
N GLU C 325 -12.66 89.14 18.90
CA GLU C 325 -12.22 88.25 17.85
C GLU C 325 -10.74 87.92 18.02
N GLY C 326 -10.38 86.72 17.61
CA GLY C 326 -9.00 86.29 17.72
C GLY C 326 -8.86 84.81 17.43
N HIS C 327 -7.64 84.33 17.63
CA HIS C 327 -7.27 82.95 17.36
C HIS C 327 -7.25 82.22 18.70
N CYS C 328 -8.04 81.15 18.83
CA CYS C 328 -8.20 80.63 20.19
C CYS C 328 -8.27 79.10 20.20
N PRO C 329 -7.59 78.46 21.16
CA PRO C 329 -7.56 77.00 21.24
C PRO C 329 -8.90 76.30 21.42
N VAL C 330 -8.92 75.03 21.00
CA VAL C 330 -10.04 74.10 21.18
C VAL C 330 -9.48 72.72 21.50
N HIS C 331 -10.23 71.95 22.28
CA HIS C 331 -9.78 70.61 22.65
C HIS C 331 -10.93 69.76 23.15
N SER C 332 -10.71 68.44 23.10
CA SER C 332 -11.62 67.44 23.64
C SER C 332 -11.23 67.07 25.06
N HIS C 333 -12.19 67.13 25.97
CA HIS C 333 -11.94 66.71 27.35
C HIS C 333 -12.28 65.25 27.59
N SER C 334 -12.31 64.44 26.54
CA SER C 334 -12.54 63.01 26.70
C SER C 334 -11.63 62.29 25.74
N THR C 335 -10.86 61.32 26.24
CA THR C 335 -9.94 60.62 25.38
C THR C 335 -10.64 59.72 24.39
N THR C 336 -11.96 59.54 24.50
CA THR C 336 -12.65 58.73 23.52
C THR C 336 -12.90 59.49 22.22
N ALA C 337 -12.74 60.80 22.23
CA ALA C 337 -12.93 61.64 21.06
C ALA C 337 -11.70 62.52 20.88
N VAL C 338 -11.28 62.68 19.63
CA VAL C 338 -10.13 63.52 19.31
C VAL C 338 -10.53 64.51 18.23
N LEU C 339 -10.13 65.76 18.42
CA LEU C 339 -10.46 66.83 17.49
C LEU C 339 -9.37 66.99 16.45
N LYS C 340 -9.77 66.95 15.16
CA LYS C 340 -8.81 67.11 14.09
C LYS C 340 -8.10 68.45 14.17
N GLU C 341 -8.80 69.46 14.63
CA GLU C 341 -8.23 70.80 14.77
C GLU C 341 -7.80 71.02 16.21
N ALA C 342 -7.00 72.06 16.41
CA ALA C 342 -6.53 72.42 17.74
C ALA C 342 -6.78 73.88 18.07
N THR C 343 -6.88 74.76 17.08
CA THR C 343 -7.09 76.18 17.31
C THR C 343 -7.91 76.72 16.15
N THR C 344 -8.69 77.77 16.42
CA THR C 344 -9.51 78.38 15.39
C THR C 344 -9.43 79.90 15.49
N HIS C 345 -9.63 80.55 14.34
CA HIS C 345 -9.76 82.00 14.30
C HIS C 345 -11.23 82.29 14.57
N VAL C 346 -11.50 83.02 15.63
CA VAL C 346 -12.86 83.26 16.10
C VAL C 346 -13.29 84.68 15.80
N THR C 347 -14.46 84.81 15.17
CA THR C 347 -15.08 86.09 14.90
C THR C 347 -15.75 86.61 16.18
N ALA C 348 -16.24 87.85 16.12
CA ALA C 348 -16.96 88.37 17.28
C ALA C 348 -18.16 87.49 17.61
N VAL C 349 -18.93 87.11 16.59
CA VAL C 349 -20.07 86.22 16.73
C VAL C 349 -20.08 85.31 15.51
N GLY C 350 -20.44 84.05 15.70
CA GLY C 350 -20.49 83.18 14.54
C GLY C 350 -20.46 81.72 14.94
N SER C 351 -19.94 80.90 14.01
CA SER C 351 -19.83 79.47 14.23
C SER C 351 -18.65 78.95 13.42
N ILE C 352 -18.15 77.79 13.82
CA ILE C 352 -17.07 77.15 13.09
C ILE C 352 -17.24 75.64 13.14
N THR C 353 -16.90 75.00 12.04
CA THR C 353 -16.93 73.55 11.93
C THR C 353 -15.70 72.94 12.56
N LEU C 354 -15.87 71.82 13.26
CA LEU C 354 -14.76 71.12 13.87
C LEU C 354 -14.86 69.63 13.56
N HIS C 355 -14.05 69.18 12.61
CA HIS C 355 -14.01 67.77 12.27
C HIS C 355 -13.49 66.98 13.46
N PHE C 356 -13.97 65.76 13.61
CA PHE C 356 -13.49 64.96 14.73
C PHE C 356 -13.69 63.48 14.44
N SER C 357 -13.00 62.66 15.22
CA SER C 357 -13.10 61.21 15.14
C SER C 357 -13.43 60.66 16.50
N THR C 358 -14.04 59.48 16.53
CA THR C 358 -14.40 58.86 17.80
C THR C 358 -14.61 57.37 17.64
N SER C 359 -14.20 56.63 18.67
CA SER C 359 -14.44 55.20 18.70
C SER C 359 -15.72 54.87 19.44
N SER C 360 -16.29 55.82 20.15
CA SER C 360 -17.52 55.58 20.86
C SER C 360 -18.70 55.60 19.89
N PRO C 361 -19.74 54.80 20.13
CA PRO C 361 -20.91 54.86 19.26
C PRO C 361 -21.71 56.10 19.46
N GLN C 362 -21.36 56.93 20.44
CA GLN C 362 -22.09 58.14 20.74
C GLN C 362 -21.16 59.34 20.59
N ALA C 363 -21.72 60.50 20.92
CA ALA C 363 -20.98 61.76 20.93
C ALA C 363 -21.05 62.42 22.29
N ASN C 364 -21.23 61.63 23.35
CA ASN C 364 -21.37 62.17 24.69
C ASN C 364 -20.00 62.55 25.25
N PHE C 365 -19.26 63.34 24.49
CA PHE C 365 -17.95 63.82 24.88
C PHE C 365 -17.99 65.34 24.95
N ILE C 366 -17.48 65.88 26.05
CA ILE C 366 -17.44 67.33 26.22
C ILE C 366 -16.41 67.91 25.28
N VAL C 367 -16.70 69.10 24.76
CA VAL C 367 -15.79 69.84 23.89
C VAL C 367 -15.50 71.15 24.58
N SER C 368 -14.24 71.53 24.59
CA SER C 368 -13.85 72.80 25.18
C SER C 368 -13.31 73.76 24.13
N LEU C 369 -13.75 75.00 24.25
CA LEU C 369 -13.19 76.09 23.47
C LEU C 369 -12.70 77.12 24.48
N CYS C 370 -11.40 77.34 24.48
CA CYS C 370 -10.75 78.33 25.34
C CYS C 370 -11.33 78.36 26.76
N GLY C 371 -11.44 77.18 27.35
CA GLY C 371 -11.89 77.01 28.70
C GLY C 371 -13.39 76.84 28.91
N LYS C 372 -14.22 77.21 27.96
CA LYS C 372 -15.63 76.87 28.14
C LYS C 372 -15.82 75.39 27.85
N LYS C 373 -16.94 74.86 28.35
CA LYS C 373 -17.24 73.45 28.14
C LYS C 373 -18.68 73.29 27.65
N THR C 374 -18.87 72.38 26.70
CA THR C 374 -20.20 72.05 26.20
C THR C 374 -20.29 70.54 26.09
N THR C 375 -21.38 69.97 26.60
CA THR C 375 -21.62 68.54 26.47
C THR C 375 -22.20 68.27 25.09
N CYS C 376 -21.38 67.77 24.17
CA CYS C 376 -21.95 67.30 22.91
C CYS C 376 -22.68 65.99 23.19
N ASN C 377 -23.75 65.74 22.45
CA ASN C 377 -24.42 64.46 22.60
C ASN C 377 -25.22 64.10 21.37
N ALA C 378 -24.98 62.90 20.85
CA ALA C 378 -25.73 62.37 19.72
C ALA C 378 -25.33 60.92 19.49
N GLU C 379 -26.20 60.20 18.79
CA GLU C 379 -25.88 58.86 18.37
C GLU C 379 -25.02 58.95 17.12
N CYS C 380 -23.87 58.28 17.12
CA CYS C 380 -23.01 58.25 15.96
C CYS C 380 -23.23 56.95 15.20
N LYS C 381 -23.49 57.06 13.91
CA LYS C 381 -23.71 55.88 13.09
C LYS C 381 -22.39 55.16 12.77
N PRO C 382 -22.42 53.84 12.64
CA PRO C 382 -21.22 53.11 12.28
C PRO C 382 -20.84 53.38 10.83
N PRO C 383 -19.55 53.25 10.49
CA PRO C 383 -19.09 53.61 9.15
C PRO C 383 -19.29 52.49 8.15
N ALA C 384 -19.75 52.87 6.95
CA ALA C 384 -19.96 51.86 5.92
C ALA C 384 -18.63 51.28 5.43
N ASP C 385 -17.59 52.10 5.37
CA ASP C 385 -16.27 51.65 4.91
C ASP C 385 -15.64 50.71 5.93
N HIS C 386 -15.80 49.40 5.74
CA HIS C 386 -15.25 48.45 6.69
C HIS C 386 -13.75 48.57 6.87
N ILE C 387 -13.03 49.05 5.85
CA ILE C 387 -11.57 49.12 5.90
C ILE C 387 -11.08 50.45 5.36
N ILE C 388 -10.13 51.05 6.07
CA ILE C 388 -9.53 52.30 5.64
C ILE C 388 -8.01 52.21 5.79
N GLY C 389 -7.32 53.02 5.01
CA GLY C 389 -5.88 53.08 5.00
C GLY C 389 -5.30 54.07 5.99
N GLU C 390 -5.86 54.10 7.20
CA GLU C 390 -5.39 55.02 8.22
C GLU C 390 -5.51 54.32 9.57
N PRO C 391 -4.52 54.47 10.45
CA PRO C 391 -4.60 53.80 11.74
C PRO C 391 -5.73 54.33 12.59
N HIS C 392 -6.40 53.42 13.29
CA HIS C 392 -7.47 53.78 14.21
C HIS C 392 -6.95 54.87 15.14
N LYS C 393 -7.54 56.05 15.05
CA LYS C 393 -7.00 57.21 15.75
C LYS C 393 -7.26 57.25 17.25
N VAL C 394 -8.17 56.43 17.79
CA VAL C 394 -8.48 56.48 19.22
C VAL C 394 -8.65 55.07 19.75
N ASP C 395 -8.42 54.90 21.05
CA ASP C 395 -8.61 53.61 21.69
C ASP C 395 -10.09 53.36 21.95
N GLN C 396 -10.47 52.08 21.94
CA GLN C 396 -11.85 51.64 22.17
C GLN C 396 -12.17 51.49 23.66
N GLU C 397 -12.30 52.63 24.35
CA GLU C 397 -12.64 52.57 25.77
C GLU C 397 -13.97 51.86 26.00
N PHE C 398 -13.92 50.75 26.73
CA PHE C 398 -15.13 50.01 27.05
C PHE C 398 -16.15 50.88 27.77
N GLN C 399 -15.66 51.77 28.65
CA GLN C 399 -16.53 52.68 29.38
C GLN C 399 -17.33 53.60 28.47
N ALA C 400 -16.97 53.68 27.18
CA ALA C 400 -17.73 54.44 26.21
C ALA C 400 -18.07 53.62 24.98
N ALA C 401 -17.86 52.31 25.04
CA ALA C 401 -18.19 51.43 23.92
C ALA C 401 -19.69 51.15 23.85
N VAL C 402 -20.37 51.20 24.99
CA VAL C 402 -21.81 51.00 25.05
C VAL C 402 -22.54 52.26 24.57
N SER C 403 -23.42 52.09 23.58
CA SER C 403 -24.19 53.22 23.11
C SER C 403 -25.20 53.63 24.17
N LYS C 404 -25.60 54.91 24.10
CA LYS C 404 -26.59 55.42 25.06
C LYS C 404 -27.85 54.57 25.08
N THR C 405 -28.40 54.25 23.91
CA THR C 405 -29.60 53.42 23.88
C THR C 405 -29.33 52.03 24.45
N SER C 406 -28.21 51.43 24.08
CA SER C 406 -27.87 50.10 24.58
C SER C 406 -27.57 50.16 26.07
N TRP C 407 -26.92 51.23 26.51
CA TRP C 407 -26.62 51.36 27.93
C TRP C 407 -27.92 51.52 28.71
N ASN C 408 -28.87 52.27 28.14
CA ASN C 408 -30.18 52.42 28.73
C ASN C 408 -30.87 51.08 28.90
N TRP C 409 -30.90 50.27 27.84
CA TRP C 409 -31.52 48.96 27.92
C TRP C 409 -30.84 48.07 28.96
N LEU C 410 -29.51 48.03 28.94
CA LEU C 410 -28.79 47.18 29.89
C LEU C 410 -29.06 47.62 31.32
N LEU C 411 -29.03 48.93 31.58
CA LEU C 411 -29.34 49.41 32.91
C LEU C 411 -30.80 49.23 33.25
N ALA C 412 -31.68 49.13 32.25
CA ALA C 412 -33.08 48.88 32.53
C ALA C 412 -33.28 47.44 32.99
N LEU C 413 -32.56 46.51 32.37
CA LEU C 413 -32.66 45.11 32.79
C LEU C 413 -32.09 44.94 34.20
N PHE C 414 -30.88 45.46 34.44
CA PHE C 414 -30.32 45.38 35.79
C PHE C 414 -31.17 46.15 36.79
N GLY C 415 -31.76 47.27 36.38
CA GLY C 415 -32.63 48.02 37.26
C GLY C 415 -33.86 47.21 37.64
N GLY C 416 -34.45 46.53 36.68
CA GLY C 416 -35.58 45.66 36.97
C GLY C 416 -35.21 44.59 37.98
N ALA C 417 -34.13 43.85 37.71
CA ALA C 417 -33.69 42.80 38.63
C ALA C 417 -33.41 43.36 40.03
N SER C 418 -32.62 44.43 40.11
CA SER C 418 -32.29 45.04 41.39
C SER C 418 -33.54 45.55 42.11
N SER C 419 -34.44 46.22 41.38
CA SER C 419 -35.66 46.69 42.00
C SER C 419 -36.50 45.53 42.51
N LEU C 420 -36.50 44.41 41.80
CA LEU C 420 -37.23 43.24 42.28
C LEU C 420 -36.65 42.70 43.57
N ILE C 421 -35.32 42.62 43.66
CA ILE C 421 -34.76 42.16 44.94
C ILE C 421 -34.97 43.21 46.03
N VAL C 422 -35.05 44.49 45.65
CA VAL C 422 -35.38 45.53 46.62
C VAL C 422 -36.80 45.35 47.14
N VAL C 423 -37.73 45.03 46.25
CA VAL C 423 -39.08 44.71 46.67
C VAL C 423 -39.07 43.49 47.57
N GLY C 424 -38.20 42.53 47.28
CA GLY C 424 -38.05 41.38 48.16
C GLY C 424 -37.70 41.80 49.58
N LEU C 425 -36.68 42.65 49.71
CA LEU C 425 -36.33 43.18 51.02
C LEU C 425 -37.50 43.91 51.65
N ILE C 426 -38.20 44.74 50.87
CA ILE C 426 -39.34 45.50 51.38
C ILE C 426 -40.42 44.57 51.91
N VAL C 427 -40.73 43.50 51.20
CA VAL C 427 -41.76 42.59 51.69
C VAL C 427 -41.28 41.82 52.91
N LEU C 428 -39.98 41.53 53.01
CA LEU C 428 -39.50 40.90 54.23
C LEU C 428 -39.64 41.84 55.42
N VAL C 429 -39.41 43.13 55.18
CA VAL C 429 -39.63 44.15 56.21
C VAL C 429 -41.11 44.18 56.60
N CYS C 430 -41.99 44.21 55.61
CA CYS C 430 -43.42 44.24 55.85
C CYS C 430 -43.88 43.04 56.67
N SER C 431 -43.40 41.85 56.32
CA SER C 431 -43.79 40.65 57.05
C SER C 431 -43.27 40.67 58.48
N SER C 432 -41.99 41.03 58.66
CA SER C 432 -41.42 41.09 60.01
C SER C 432 -42.15 42.11 60.86
N MET C 433 -42.55 43.24 60.27
CA MET C 433 -43.31 44.24 61.00
C MET C 433 -44.72 43.76 61.34
N LEU C 434 -45.41 43.15 60.37
CA LEU C 434 -46.77 42.67 60.61
C LEU C 434 -46.83 41.60 61.69
N ILE C 435 -45.85 40.67 61.70
CA ILE C 435 -45.84 39.61 62.71
C ILE C 435 -45.86 40.19 64.12
N ASN C 436 -45.05 41.23 64.37
CA ASN C 436 -45.03 41.86 65.68
C ASN C 436 -46.19 42.83 65.90
N THR C 437 -46.65 43.51 64.85
CA THR C 437 -47.75 44.45 64.96
C THR C 437 -49.07 43.77 65.31
N ARG C 438 -49.28 42.56 64.84
CA ARG C 438 -50.54 41.85 65.06
C ARG C 438 -50.39 40.69 66.03
N ARG C 439 -49.39 40.75 66.90
CA ARG C 439 -49.23 39.76 67.96
C ARG C 439 -50.33 39.98 69.00
N PRO D 1 49.92 29.73 -16.70
CA PRO D 1 48.83 28.77 -16.72
C PRO D 1 49.31 27.38 -16.40
N TYR D 2 48.43 26.40 -16.53
CA TYR D 2 48.77 25.02 -16.24
C TYR D 2 47.71 24.14 -16.89
N LEU D 3 47.76 22.85 -16.62
CA LEU D 3 46.75 21.93 -17.08
C LEU D 3 46.31 21.08 -15.89
N GLY D 4 45.03 20.75 -15.86
CA GLY D 4 44.49 20.01 -14.74
C GLY D 4 43.76 18.76 -15.13
N PHE D 5 42.84 18.32 -14.27
CA PHE D 5 42.13 17.05 -14.45
C PHE D 5 40.65 17.25 -14.12
N CYS D 6 39.90 17.79 -15.07
CA CYS D 6 38.48 18.03 -14.83
C CYS D 6 37.69 16.72 -14.85
N PRO D 7 36.57 16.60 -14.08
CA PRO D 7 35.85 15.33 -14.00
C PRO D 7 35.37 14.80 -15.36
N TYR D 8 34.74 15.66 -16.17
CA TYR D 8 34.17 15.18 -17.46
C TYR D 8 34.87 15.90 -18.61
N CYS D 9 35.27 15.16 -19.64
CA CYS D 9 36.04 15.76 -20.76
C CYS D 9 35.15 15.93 -21.98
N ARG D 10 35.75 16.27 -23.13
CA ARG D 10 34.96 16.34 -24.35
C ARG D 10 34.22 15.02 -24.54
N HIS D 11 34.95 13.92 -24.46
CA HIS D 11 34.34 12.60 -24.39
C HIS D 11 33.86 12.40 -22.97
N SER D 12 32.86 11.56 -22.81
CA SER D 12 32.23 11.40 -21.51
C SER D 12 33.08 10.64 -20.51
N ALA D 13 34.34 11.02 -20.34
CA ALA D 13 35.18 10.37 -19.35
C ALA D 13 36.20 11.38 -18.82
N PRO D 14 36.77 11.13 -17.66
CA PRO D 14 37.84 12.00 -17.13
C PRO D 14 39.02 12.11 -18.08
N CYS D 15 39.65 13.28 -18.07
CA CYS D 15 40.85 13.51 -18.88
C CYS D 15 41.59 14.69 -18.28
N PHE D 16 42.86 14.78 -18.62
CA PHE D 16 43.60 15.99 -18.28
C PHE D 16 43.19 17.08 -19.24
N SER D 17 43.10 18.31 -18.75
CA SER D 17 42.74 19.35 -19.68
C SER D 17 43.32 20.71 -19.37
N PRO D 18 43.67 21.48 -20.39
CA PRO D 18 44.15 22.84 -20.14
C PRO D 18 43.06 23.73 -19.62
N ILE D 19 41.81 23.47 -19.99
CA ILE D 19 40.71 24.33 -19.59
C ILE D 19 39.93 23.69 -18.45
N LYS D 20 40.63 23.07 -17.51
CA LYS D 20 39.98 22.50 -16.34
C LYS D 20 39.29 23.58 -15.52
N ILE D 21 37.97 23.46 -15.38
CA ILE D 21 37.23 24.39 -14.54
C ILE D 21 37.50 24.08 -13.07
N GLU D 22 37.95 25.08 -12.32
CA GLU D 22 38.24 24.92 -10.90
C GLU D 22 36.98 25.13 -10.05
N ASN D 23 36.47 26.35 -10.03
CA ASN D 23 35.30 26.65 -9.23
C ASN D 23 34.36 27.53 -10.05
N VAL D 24 33.14 27.66 -9.55
CA VAL D 24 32.12 28.45 -10.21
C VAL D 24 31.24 29.09 -9.15
N TRP D 25 31.06 30.40 -9.25
CA TRP D 25 30.23 31.14 -8.31
C TRP D 25 29.04 31.72 -9.07
N ASP D 26 27.88 31.70 -8.42
CA ASP D 26 26.65 32.19 -9.02
C ASP D 26 25.88 33.06 -8.05
N GLU D 27 26.59 33.70 -7.12
CA GLU D 27 25.90 34.47 -6.10
C GLU D 27 25.29 35.74 -6.66
N SER D 28 25.73 36.21 -7.82
CA SER D 28 25.14 37.41 -8.39
C SER D 28 23.68 37.19 -8.76
N ASP D 29 22.85 38.16 -8.41
CA ASP D 29 21.44 38.08 -8.71
C ASP D 29 21.18 38.17 -10.21
N ASP D 30 22.09 38.78 -10.96
CA ASP D 30 21.98 38.85 -12.41
C ASP D 30 21.94 37.49 -13.08
N GLY D 31 22.26 36.43 -12.35
CA GLY D 31 22.32 35.11 -12.94
C GLY D 31 23.58 34.82 -13.70
N SER D 32 24.49 35.79 -13.80
CA SER D 32 25.77 35.55 -14.44
C SER D 32 26.65 34.74 -13.49
N ILE D 33 27.69 34.12 -14.04
CA ILE D 33 28.53 33.25 -13.24
C ILE D 33 30.00 33.52 -13.52
N ARG D 34 30.79 33.54 -12.45
CA ARG D 34 32.23 33.64 -12.52
C ARG D 34 32.77 32.23 -12.68
N ILE D 35 33.67 32.03 -13.64
CA ILE D 35 34.27 30.72 -13.84
C ILE D 35 35.78 30.85 -13.75
N GLN D 36 36.38 30.07 -12.85
CA GLN D 36 37.83 30.02 -12.71
C GLN D 36 38.30 28.78 -13.45
N VAL D 37 39.06 29.00 -14.51
CA VAL D 37 39.53 27.91 -15.35
C VAL D 37 41.05 27.92 -15.36
N SER D 38 41.62 26.73 -15.59
CA SER D 38 43.08 26.62 -15.60
C SER D 38 43.72 27.45 -16.71
N ALA D 39 43.06 27.58 -17.85
CA ALA D 39 43.61 28.40 -18.90
C ALA D 39 43.48 29.87 -18.54
N GLN D 40 44.40 30.68 -19.07
CA GLN D 40 44.41 32.11 -18.82
C GLN D 40 43.96 32.85 -20.07
N PHE D 41 43.12 33.86 -19.87
CA PHE D 41 42.54 34.63 -20.97
C PHE D 41 43.02 36.06 -20.90
N GLY D 42 43.28 36.65 -22.06
CA GLY D 42 43.76 38.02 -22.11
C GLY D 42 45.24 38.20 -21.85
N TYR D 43 46.01 37.13 -21.78
CA TYR D 43 47.45 37.22 -21.63
C TYR D 43 48.13 36.60 -22.84
N ASN D 44 49.20 37.25 -23.30
CA ASN D 44 49.99 36.76 -24.41
C ASN D 44 50.75 35.49 -24.00
N GLN D 45 51.24 34.78 -25.01
CA GLN D 45 52.08 33.61 -24.77
C GLN D 45 53.17 33.95 -23.76
N ALA D 46 53.85 35.07 -23.97
CA ALA D 46 54.88 35.54 -23.06
C ALA D 46 54.30 36.18 -21.81
N GLY D 47 52.97 36.31 -21.76
CA GLY D 47 52.27 36.91 -20.65
C GLY D 47 51.98 38.39 -20.81
N THR D 48 52.03 38.91 -22.03
CA THR D 48 51.65 40.29 -22.27
C THR D 48 50.14 40.38 -22.20
N ALA D 49 49.62 41.48 -21.64
CA ALA D 49 48.19 41.63 -21.60
C ALA D 49 47.65 41.88 -23.00
N ASP D 50 46.80 40.96 -23.47
CA ASP D 50 46.18 41.09 -24.79
C ASP D 50 44.85 40.35 -24.76
N VAL D 51 43.77 41.12 -24.70
CA VAL D 51 42.41 40.59 -24.55
C VAL D 51 41.97 39.74 -25.73
N THR D 52 42.60 39.86 -26.90
CA THR D 52 42.11 39.10 -28.03
C THR D 52 42.43 37.60 -27.99
N LYS D 53 43.30 37.12 -27.11
CA LYS D 53 43.63 35.70 -27.12
C LYS D 53 43.84 35.19 -25.70
N PHE D 54 43.84 33.86 -25.58
CA PHE D 54 44.09 33.17 -24.33
C PHE D 54 45.24 32.19 -24.50
N ARG D 55 45.79 31.74 -23.37
CA ARG D 55 46.91 30.81 -23.38
C ARG D 55 46.64 29.62 -22.46
N TYR D 56 47.25 28.49 -22.80
CA TYR D 56 47.00 27.24 -22.07
C TYR D 56 48.14 26.27 -22.32
N MET D 57 48.21 25.25 -21.48
CA MET D 57 49.22 24.21 -21.65
C MET D 57 48.91 23.30 -22.82
N SER D 58 49.93 23.02 -23.63
CA SER D 58 49.79 22.06 -24.69
C SER D 58 49.68 20.65 -24.12
N TYR D 59 49.27 19.71 -24.95
CA TYR D 59 49.32 18.31 -24.56
C TYR D 59 50.61 17.62 -24.95
N ASP D 60 51.52 18.31 -25.65
CA ASP D 60 52.77 17.68 -26.03
C ASP D 60 53.68 17.54 -24.81
N HIS D 61 54.76 16.78 -24.99
CA HIS D 61 55.67 16.55 -23.88
C HIS D 61 56.58 17.73 -23.66
N ASP D 62 56.80 18.56 -24.68
CA ASP D 62 57.57 19.78 -24.49
C ASP D 62 56.82 20.70 -23.54
N HIS D 63 55.49 20.67 -23.60
CA HIS D 63 54.57 21.40 -22.74
C HIS D 63 54.92 22.88 -22.59
N ASP D 64 55.33 23.50 -23.68
CA ASP D 64 55.48 24.94 -23.68
C ASP D 64 54.08 25.58 -23.71
N ILE D 65 54.02 26.88 -23.47
CA ILE D 65 52.73 27.58 -23.51
C ILE D 65 52.33 27.82 -24.97
N LYS D 66 51.05 27.60 -25.27
CA LYS D 66 50.51 27.88 -26.60
C LYS D 66 49.36 28.88 -26.51
N GLU D 67 49.28 29.77 -27.49
CA GLU D 67 48.16 30.70 -27.59
C GLU D 67 47.05 30.17 -28.48
N ASP D 68 45.85 30.69 -28.23
CA ASP D 68 44.71 30.53 -29.12
C ASP D 68 43.84 31.78 -28.97
N SER D 69 43.19 32.16 -30.05
CA SER D 69 42.39 33.37 -30.03
C SER D 69 41.08 33.17 -29.25
N MET D 70 40.57 34.28 -28.72
CA MET D 70 39.33 34.26 -27.94
C MET D 70 38.17 33.66 -28.71
N GLU D 71 38.11 33.85 -30.03
CA GLU D 71 37.03 33.28 -30.81
C GLU D 71 36.93 31.78 -30.64
N LYS D 72 38.02 31.13 -30.24
CA LYS D 72 38.03 29.68 -30.04
C LYS D 72 37.63 29.30 -28.62
N ILE D 73 36.72 30.03 -27.99
CA ILE D 73 36.26 29.73 -26.64
C ILE D 73 34.74 29.79 -26.61
N ALA D 74 34.14 28.82 -25.93
CA ALA D 74 32.70 28.84 -25.71
C ALA D 74 32.39 28.34 -24.31
N ILE D 75 31.44 28.99 -23.66
CA ILE D 75 31.00 28.63 -22.33
C ILE D 75 29.53 28.27 -22.45
N SER D 76 29.11 27.22 -21.74
CA SER D 76 27.75 26.78 -21.91
C SER D 76 27.28 26.01 -20.70
N THR D 77 25.97 25.83 -20.63
CA THR D 77 25.28 25.07 -19.61
C THR D 77 24.25 24.22 -20.35
N SER D 78 22.97 24.46 -20.06
CA SER D 78 21.93 23.83 -20.85
C SER D 78 21.86 24.41 -22.25
N GLY D 79 22.51 25.55 -22.47
CA GLY D 79 22.54 26.21 -23.75
C GLY D 79 23.77 27.08 -23.86
N PRO D 80 23.93 27.85 -24.97
CA PRO D 80 25.09 28.73 -25.13
C PRO D 80 25.08 29.87 -24.10
N CYS D 81 26.26 30.29 -23.65
CA CYS D 81 26.35 31.42 -22.68
C CYS D 81 26.95 32.64 -23.36
N ARG D 82 26.63 33.84 -22.86
CA ARG D 82 27.23 35.08 -23.43
C ARG D 82 28.42 35.49 -22.56
N ARG D 83 29.65 35.31 -23.07
CA ARG D 83 30.85 35.61 -22.24
C ARG D 83 30.89 37.12 -21.99
N LEU D 84 30.49 37.54 -20.79
CA LEU D 84 30.44 38.99 -20.47
C LEU D 84 31.85 39.58 -20.54
N GLY D 85 32.83 38.92 -19.93
CA GLY D 85 34.22 39.43 -19.92
C GLY D 85 35.19 38.36 -19.47
N HIS D 86 36.49 38.61 -19.65
CA HIS D 86 37.50 37.57 -19.30
C HIS D 86 38.80 38.23 -18.81
N LYS D 87 39.47 37.61 -17.85
CA LYS D 87 40.72 38.12 -17.32
C LYS D 87 41.43 37.03 -16.53
N GLY D 88 42.69 36.76 -16.88
CA GLY D 88 43.46 35.77 -16.15
C GLY D 88 42.78 34.42 -16.08
N TYR D 89 42.80 33.84 -14.88
CA TYR D 89 42.18 32.55 -14.65
C TYR D 89 40.69 32.68 -14.48
N PHE D 90 40.06 33.69 -15.06
CA PHE D 90 38.64 33.84 -14.80
C PHE D 90 37.85 34.29 -16.01
N LEU D 91 36.69 33.66 -16.18
CA LEU D 91 35.73 33.99 -17.21
C LEU D 91 34.44 34.41 -16.54
N LEU D 92 33.78 35.42 -17.08
CA LEU D 92 32.49 35.84 -16.55
C LEU D 92 31.46 35.65 -17.66
N ALA D 93 30.40 34.90 -17.38
CA ALA D 93 29.44 34.63 -18.48
C ALA D 93 27.99 34.56 -17.96
N GLN D 94 27.06 35.20 -18.67
CA GLN D 94 25.62 35.08 -18.31
C GLN D 94 25.14 33.76 -18.91
N CYS D 95 24.40 32.95 -18.14
CA CYS D 95 24.05 31.61 -18.68
C CYS D 95 22.62 31.19 -18.38
N PRO D 96 21.95 30.46 -19.30
CA PRO D 96 20.63 29.88 -19.05
C PRO D 96 20.68 29.03 -17.80
N PRO D 97 19.54 28.72 -17.21
CA PRO D 97 19.55 27.83 -16.04
C PRO D 97 20.21 26.52 -16.43
N GLY D 98 20.99 25.97 -15.51
CA GLY D 98 21.75 24.80 -15.86
C GLY D 98 22.00 23.76 -14.79
N ASP D 99 21.99 22.50 -15.19
CA ASP D 99 22.33 21.42 -14.23
C ASP D 99 23.85 21.33 -14.14
N SER D 100 24.56 21.93 -15.09
CA SER D 100 26.04 21.88 -15.11
C SER D 100 26.59 23.05 -15.92
N VAL D 101 27.86 23.41 -15.71
CA VAL D 101 28.49 24.50 -16.51
C VAL D 101 29.64 23.91 -17.32
N THR D 102 29.77 24.29 -18.59
CA THR D 102 30.79 23.74 -19.45
C THR D 102 31.53 24.85 -20.16
N VAL D 103 32.84 24.68 -20.30
CA VAL D 103 33.68 25.56 -21.08
C VAL D 103 34.33 24.72 -22.16
N SER D 104 34.52 25.30 -23.33
CA SER D 104 35.08 24.54 -24.43
C SER D 104 35.86 25.45 -25.36
N ILE D 105 36.84 24.86 -26.03
CA ILE D 105 37.63 25.54 -27.04
C ILE D 105 37.16 25.06 -28.40
N THR D 106 36.59 25.97 -29.17
CA THR D 106 36.08 25.63 -30.51
C THR D 106 37.25 25.61 -31.49
N SER D 107 37.81 24.42 -31.71
CA SER D 107 38.92 24.25 -32.62
C SER D 107 38.75 23.11 -33.60
N GLY D 108 37.76 22.25 -33.41
CA GLY D 108 37.59 21.11 -34.30
C GLY D 108 38.63 20.03 -34.04
N ALA D 109 39.86 20.26 -34.52
CA ALA D 109 40.94 19.31 -34.30
C ALA D 109 41.49 19.43 -32.89
N SER D 110 41.71 20.65 -32.42
CA SER D 110 42.18 20.91 -31.07
C SER D 110 41.04 21.13 -30.09
N GLU D 111 39.83 20.71 -30.46
CA GLU D 111 38.66 20.91 -29.62
C GLU D 111 38.78 20.16 -28.31
N ASN D 112 38.40 20.82 -27.22
CA ASN D 112 38.35 20.19 -25.91
C ASN D 112 37.29 20.91 -25.08
N SER D 113 36.81 20.22 -24.04
CA SER D 113 35.83 20.85 -23.16
C SER D 113 35.88 20.17 -21.79
N CYS D 114 35.42 20.91 -20.78
CA CYS D 114 35.37 20.38 -19.39
C CYS D 114 34.11 20.91 -18.71
N THR D 115 33.45 20.08 -17.91
CA THR D 115 32.18 20.50 -17.27
C THR D 115 32.21 20.15 -15.77
N VAL D 116 31.52 20.95 -14.95
CA VAL D 116 31.44 20.66 -13.50
C VAL D 116 29.97 20.68 -13.05
N GLU D 117 29.60 19.82 -12.10
CA GLU D 117 28.24 19.73 -11.60
C GLU D 117 27.87 20.94 -10.77
N LYS D 118 27.50 22.02 -11.45
CA LYS D 118 27.08 23.26 -10.78
C LYS D 118 25.60 23.49 -11.04
N LYS D 119 24.82 23.58 -9.97
CA LYS D 119 23.38 23.83 -10.06
C LYS D 119 23.08 25.32 -10.28
N ILE D 120 23.54 25.83 -11.41
CA ILE D 120 23.29 27.22 -11.76
C ILE D 120 21.83 27.39 -12.18
N ARG D 121 20.95 27.49 -11.20
CA ARG D 121 19.53 27.68 -11.47
C ARG D 121 19.19 29.16 -11.61
N ARG D 122 18.36 29.47 -12.60
CA ARG D 122 17.90 30.84 -12.82
C ARG D 122 17.38 31.45 -11.54
N LYS D 123 18.03 32.52 -11.09
CA LYS D 123 17.60 33.23 -9.89
C LYS D 123 17.02 34.58 -10.26
N PHE D 124 16.45 35.23 -9.25
CA PHE D 124 15.79 36.52 -9.43
C PHE D 124 15.90 37.35 -8.16
N VAL D 125 16.13 38.64 -8.33
CA VAL D 125 16.12 39.58 -7.22
C VAL D 125 14.71 40.12 -7.06
N GLY D 126 14.38 40.59 -5.86
CA GLY D 126 13.03 41.02 -5.59
C GLY D 126 12.17 39.84 -5.17
N ARG D 127 10.86 40.03 -5.21
CA ARG D 127 9.95 38.98 -4.77
C ARG D 127 8.98 38.59 -5.87
N GLU D 128 9.41 38.71 -7.13
CA GLU D 128 8.62 38.29 -8.26
C GLU D 128 9.56 37.53 -9.18
N GLU D 129 9.15 36.34 -9.60
CA GLU D 129 9.98 35.65 -10.57
C GLU D 129 9.85 36.35 -11.92
N TYR D 130 10.89 36.22 -12.74
CA TYR D 130 10.79 36.77 -14.08
C TYR D 130 11.82 36.08 -14.94
N LEU D 131 11.53 35.98 -16.23
CA LEU D 131 12.55 35.47 -17.12
C LEU D 131 13.52 36.59 -17.47
N PHE D 132 12.99 37.80 -17.65
CA PHE D 132 13.75 38.94 -18.05
C PHE D 132 13.33 40.15 -17.23
N PRO D 133 14.27 40.98 -16.80
CA PRO D 133 13.90 42.23 -16.17
C PRO D 133 13.01 43.00 -17.12
N PRO D 134 11.80 43.32 -16.72
CA PRO D 134 10.88 43.96 -17.65
C PRO D 134 11.28 45.38 -17.98
N VAL D 135 10.51 45.98 -18.89
CA VAL D 135 10.80 47.34 -19.35
C VAL D 135 11.08 48.27 -18.18
N GLN D 136 10.23 48.21 -17.17
CA GLN D 136 10.45 49.02 -15.98
C GLN D 136 9.61 48.49 -14.84
N GLY D 137 9.95 48.95 -13.64
CA GLY D 137 9.23 48.63 -12.43
C GLY D 137 9.92 49.28 -11.26
N LYS D 138 9.88 48.68 -10.09
CA LYS D 138 10.58 49.25 -8.96
C LYS D 138 12.07 49.00 -9.10
N LEU D 139 12.87 50.05 -8.91
CA LEU D 139 14.31 49.91 -8.86
C LEU D 139 14.67 49.39 -7.48
N VAL D 140 15.39 48.28 -7.40
CA VAL D 140 15.77 47.73 -6.10
C VAL D 140 17.26 47.39 -6.08
N LYS D 141 17.82 47.43 -4.88
CA LYS D 141 19.20 47.07 -4.66
C LYS D 141 19.44 45.61 -5.04
N CYS D 142 20.47 45.37 -5.84
CA CYS D 142 20.81 44.02 -6.28
C CYS D 142 22.31 43.95 -6.43
N HIS D 143 22.82 42.75 -6.67
CA HIS D 143 24.24 42.58 -6.91
C HIS D 143 24.49 41.91 -8.26
N VAL D 144 25.47 42.43 -8.99
CA VAL D 144 25.83 41.92 -10.30
C VAL D 144 27.35 41.77 -10.36
N TYR D 145 27.80 40.73 -11.04
CA TYR D 145 29.23 40.62 -11.30
C TYR D 145 29.58 41.66 -12.35
N ASP D 146 30.41 42.64 -11.96
CA ASP D 146 30.73 43.73 -12.87
C ASP D 146 31.47 43.24 -14.10
N ARG D 147 31.23 43.91 -15.23
CA ARG D 147 31.84 43.53 -16.49
C ARG D 147 33.28 43.98 -16.64
N LEU D 148 33.81 44.77 -15.71
CA LEU D 148 35.13 45.36 -15.90
C LEU D 148 36.21 44.61 -15.13
N LYS D 149 37.19 44.10 -15.87
CA LYS D 149 38.27 43.28 -15.34
C LYS D 149 39.10 43.97 -14.27
N GLU D 150 39.15 45.30 -14.25
CA GLU D 150 39.95 45.97 -13.23
C GLU D 150 39.37 45.81 -11.82
N THR D 151 38.10 45.47 -11.70
CA THR D 151 37.53 45.26 -10.38
C THR D 151 38.04 43.95 -9.82
N SER D 152 38.13 43.87 -8.49
CA SER D 152 38.66 42.67 -7.85
C SER D 152 37.75 42.16 -6.75
N ALA D 153 37.63 40.84 -6.67
CA ALA D 153 36.85 40.14 -5.67
C ALA D 153 37.69 39.58 -4.54
N GLY D 154 38.97 39.91 -4.49
CA GLY D 154 39.90 39.36 -3.52
C GLY D 154 41.10 38.79 -4.23
N TYR D 155 41.84 37.92 -3.53
CA TYR D 155 43.05 37.38 -4.11
C TYR D 155 43.18 35.87 -3.97
N ILE D 156 43.75 35.26 -5.00
CA ILE D 156 44.09 33.85 -4.99
C ILE D 156 45.58 33.75 -4.69
N THR D 157 46.07 32.52 -4.54
CA THR D 157 47.45 32.28 -4.17
C THR D 157 48.22 31.62 -5.31
N MET D 158 49.25 32.30 -5.80
CA MET D 158 50.12 31.75 -6.83
C MET D 158 51.19 30.89 -6.19
N HIS D 159 51.44 29.72 -6.79
CA HIS D 159 52.47 28.83 -6.30
C HIS D 159 53.44 28.48 -7.41
N ARG D 160 54.68 28.22 -7.04
CA ARG D 160 55.65 27.78 -8.03
C ARG D 160 55.26 26.42 -8.58
N PRO D 161 55.44 26.13 -9.89
CA PRO D 161 55.00 24.86 -10.45
C PRO D 161 55.73 23.71 -9.75
N GLY D 162 55.02 22.64 -9.46
CA GLY D 162 55.66 21.46 -8.85
C GLY D 162 56.37 20.62 -9.89
N PRO D 163 56.87 19.42 -9.55
CA PRO D 163 57.63 18.61 -10.50
C PRO D 163 56.70 17.96 -11.53
N HIS D 164 56.37 18.70 -12.60
CA HIS D 164 55.55 18.11 -13.70
C HIS D 164 56.46 17.20 -14.54
N ALA D 165 56.42 15.90 -14.27
CA ALA D 165 57.32 14.96 -14.98
C ALA D 165 56.73 14.57 -16.34
N TYR D 166 57.49 13.81 -17.13
CA TYR D 166 57.00 13.35 -18.46
C TYR D 166 57.56 11.96 -18.74
N LYS D 167 56.70 11.03 -19.14
CA LYS D 167 57.16 9.66 -19.49
C LYS D 167 58.09 9.74 -20.71
N SER D 168 57.87 10.73 -21.58
CA SER D 168 58.76 10.92 -22.76
C SER D 168 60.18 11.18 -22.27
N TYR D 169 60.34 11.93 -21.18
CA TYR D 169 61.69 12.18 -20.61
C TYR D 169 62.28 10.85 -20.16
N LEU D 170 61.45 9.98 -19.59
CA LEU D 170 61.94 8.68 -19.06
C LEU D 170 62.20 7.69 -20.19
N LYS D 171 63.37 7.78 -20.85
CA LYS D 171 63.73 6.86 -21.91
C LYS D 171 64.22 5.54 -21.32
N GLU D 172 63.92 4.44 -22.02
CA GLU D 172 64.34 3.12 -21.58
C GLU D 172 64.89 2.33 -22.75
N ALA D 173 66.02 1.65 -22.53
CA ALA D 173 66.61 0.83 -23.58
C ALA D 173 67.51 -0.25 -22.96
N SER D 174 67.57 -1.41 -23.63
CA SER D 174 68.40 -2.54 -23.23
C SER D 174 68.11 -3.03 -21.82
N GLY D 175 66.92 -2.74 -21.29
CA GLY D 175 66.68 -3.07 -19.90
C GLY D 175 67.40 -2.12 -18.99
N GLU D 176 67.66 -0.91 -19.47
CA GLU D 176 68.30 0.16 -18.75
C GLU D 176 67.48 1.40 -19.04
N VAL D 177 67.61 2.42 -18.22
CA VAL D 177 66.84 3.64 -18.47
C VAL D 177 67.77 4.76 -18.87
N TYR D 178 67.21 5.70 -19.61
CA TYR D 178 67.90 6.87 -20.11
C TYR D 178 66.97 8.06 -19.92
N ILE D 179 67.52 9.25 -20.05
CA ILE D 179 66.72 10.46 -19.93
C ILE D 179 66.77 11.18 -21.26
N LYS D 180 65.63 11.72 -21.66
CA LYS D 180 65.56 12.46 -22.91
C LYS D 180 65.25 13.93 -22.66
N PRO D 181 66.23 14.74 -22.29
CA PRO D 181 65.98 16.15 -22.06
C PRO D 181 65.57 16.83 -23.36
N PRO D 182 64.48 17.60 -23.32
CA PRO D 182 64.02 18.27 -24.54
C PRO D 182 64.92 19.42 -24.94
N SER D 183 65.35 19.40 -26.20
CA SER D 183 66.16 20.46 -26.81
C SER D 183 67.34 20.91 -25.94
N GLY D 184 67.88 19.98 -25.15
CA GLY D 184 69.01 20.31 -24.30
C GLY D 184 68.69 21.09 -23.04
N LYS D 185 67.43 21.18 -22.65
CA LYS D 185 67.08 21.88 -21.42
C LYS D 185 67.56 21.07 -20.21
N ASN D 186 68.07 21.78 -19.21
CA ASN D 186 68.56 21.10 -18.00
C ASN D 186 67.37 20.47 -17.29
N VAL D 187 67.30 19.15 -17.32
CA VAL D 187 66.22 18.40 -16.69
C VAL D 187 66.74 17.80 -15.39
N THR D 188 65.98 17.99 -14.31
CA THR D 188 66.31 17.33 -13.05
C THR D 188 65.79 15.91 -13.09
N TYR D 189 66.43 15.03 -12.32
CA TYR D 189 65.98 13.65 -12.25
C TYR D 189 66.13 13.12 -10.85
N GLU D 190 65.32 12.13 -10.53
CA GLU D 190 65.33 11.45 -9.24
C GLU D 190 65.06 9.98 -9.49
N CYS D 191 65.97 9.12 -9.02
CA CYS D 191 65.83 7.69 -9.20
C CYS D 191 66.11 7.00 -7.87
N LYS D 192 65.52 5.81 -7.72
CA LYS D 192 65.82 4.94 -6.58
C LYS D 192 66.07 3.54 -7.12
N CYS D 193 67.05 3.48 -8.02
CA CYS D 193 67.51 2.23 -8.63
C CYS D 193 68.42 1.53 -7.62
N GLY D 194 67.78 1.00 -6.58
CA GLY D 194 68.52 0.48 -5.45
C GLY D 194 68.72 1.62 -4.48
N ASP D 195 69.82 2.34 -4.61
CA ASP D 195 70.04 3.52 -3.79
C ASP D 195 69.32 4.71 -4.38
N TYR D 196 68.91 5.63 -3.51
CA TYR D 196 68.29 6.86 -3.95
C TYR D 196 69.35 7.80 -4.51
N SER D 197 69.03 8.46 -5.62
CA SER D 197 69.95 9.42 -6.19
C SER D 197 69.17 10.48 -6.97
N THR D 198 69.77 11.65 -7.09
CA THR D 198 69.17 12.77 -7.81
C THR D 198 70.27 13.55 -8.52
N GLY D 199 69.85 14.33 -9.50
CA GLY D 199 70.77 15.18 -10.22
C GLY D 199 70.04 15.89 -11.33
N ILE D 200 70.82 16.58 -12.17
CA ILE D 200 70.29 17.26 -13.34
C ILE D 200 71.10 16.80 -14.54
N VAL D 201 70.42 16.66 -15.68
CA VAL D 201 71.06 16.24 -16.93
C VAL D 201 70.57 17.16 -18.04
N SER D 202 71.50 17.66 -18.84
CA SER D 202 71.16 18.58 -19.90
C SER D 202 70.94 17.88 -21.23
N THR D 203 71.46 16.66 -21.40
CA THR D 203 71.32 15.91 -22.63
C THR D 203 71.12 14.45 -22.29
N GLN D 204 70.76 13.67 -23.31
CA GLN D 204 70.48 12.25 -23.13
C GLN D 204 71.66 11.58 -22.44
N THR D 205 71.37 10.79 -21.41
CA THR D 205 72.45 10.15 -20.68
C THR D 205 72.03 8.79 -20.14
N LYS D 206 73.05 7.96 -19.94
CA LYS D 206 72.91 6.65 -19.33
C LYS D 206 72.75 6.78 -17.82
N MET D 207 71.72 6.14 -17.27
CA MET D 207 71.55 6.10 -15.83
C MET D 207 72.34 4.90 -15.29
N ASN D 208 72.06 4.44 -14.08
CA ASN D 208 72.76 3.28 -13.55
C ASN D 208 71.86 2.46 -12.64
N GLY D 209 71.89 1.15 -12.82
CA GLY D 209 71.15 0.20 -12.01
C GLY D 209 69.65 0.24 -12.18
N CYS D 210 69.14 1.01 -13.14
CA CYS D 210 67.70 1.18 -13.30
C CYS D 210 67.15 0.10 -14.23
N THR D 211 66.94 -1.08 -13.65
CA THR D 211 66.42 -2.22 -14.40
C THR D 211 65.05 -1.96 -15.00
N LYS D 212 64.25 -1.02 -14.52
CA LYS D 212 62.98 -0.64 -15.14
C LYS D 212 62.79 0.86 -15.08
N ALA D 213 62.12 1.41 -16.09
CA ALA D 213 61.79 2.82 -16.19
C ALA D 213 61.25 3.40 -14.88
N ARG D 214 60.21 2.77 -14.33
CA ARG D 214 59.50 3.25 -13.15
C ARG D 214 60.40 3.46 -11.93
N GLN D 215 61.64 2.95 -11.95
CA GLN D 215 62.57 3.20 -10.86
C GLN D 215 63.14 4.62 -10.89
N CYS D 216 62.83 5.42 -11.90
CA CYS D 216 63.31 6.79 -11.98
C CYS D 216 62.23 7.71 -12.54
N ILE D 217 62.45 9.02 -12.33
CA ILE D 217 61.57 10.06 -12.87
C ILE D 217 62.42 11.28 -13.20
N ALA D 218 61.91 12.12 -14.11
CA ALA D 218 62.65 13.35 -14.50
C ALA D 218 61.66 14.47 -14.79
N TYR D 219 62.00 15.70 -14.41
CA TYR D 219 61.11 16.86 -14.65
C TYR D 219 61.97 18.05 -15.06
N LYS D 220 61.39 19.00 -15.81
CA LYS D 220 62.19 20.15 -16.32
C LYS D 220 62.11 21.32 -15.34
N LEU D 221 63.24 22.01 -15.12
CA LEU D 221 63.24 23.18 -14.25
C LEU D 221 62.40 24.31 -14.85
N ASP D 222 61.35 24.74 -14.16
CA ASP D 222 60.46 25.76 -14.70
C ASP D 222 59.83 26.58 -13.58
N GLN D 223 59.38 27.80 -13.94
CA GLN D 223 58.68 28.69 -13.01
C GLN D 223 57.45 29.32 -13.67
N THR D 224 57.63 29.78 -14.91
CA THR D 224 56.59 30.34 -15.80
C THR D 224 55.50 31.19 -15.12
N LYS D 225 55.92 32.25 -14.42
CA LYS D 225 54.99 33.13 -13.70
C LYS D 225 54.04 32.39 -12.76
N TRP D 226 54.56 31.38 -12.07
CA TRP D 226 53.82 30.59 -11.09
C TRP D 226 52.64 29.86 -11.72
N VAL D 227 51.81 29.24 -10.87
CA VAL D 227 50.59 28.56 -11.27
C VAL D 227 49.56 28.76 -10.17
N PHE D 228 48.29 28.67 -10.55
CA PHE D 228 47.23 28.77 -9.55
C PHE D 228 47.25 27.55 -8.65
N ASN D 229 46.96 27.76 -7.37
CA ASN D 229 46.92 26.63 -6.45
C ASN D 229 45.71 25.79 -6.79
N SER D 230 45.89 24.86 -7.60
CA SER D 230 44.94 23.90 -8.13
C SER D 230 45.11 22.53 -7.47
N PRO D 231 44.03 21.77 -7.33
CA PRO D 231 44.16 20.41 -6.78
C PRO D 231 44.75 19.41 -7.76
N ASP D 232 45.02 19.80 -8.99
CA ASP D 232 45.56 18.89 -9.99
C ASP D 232 47.06 19.06 -10.18
N LEU D 233 47.71 19.77 -9.27
CA LEU D 233 49.17 20.05 -9.44
C LEU D 233 49.95 19.49 -8.26
N ILE D 234 50.90 18.57 -8.50
CA ILE D 234 51.77 18.10 -7.39
C ILE D 234 52.49 19.34 -6.85
N ARG D 235 52.43 19.59 -5.54
CA ARG D 235 53.01 20.85 -5.01
C ARG D 235 54.54 20.79 -5.01
N HIS D 236 55.19 21.97 -4.95
CA HIS D 236 56.68 22.03 -4.89
C HIS D 236 57.06 22.29 -3.43
N THR D 237 58.05 21.55 -2.91
CA THR D 237 58.46 21.68 -1.49
C THR D 237 58.30 23.14 -1.03
N ASP D 238 58.77 24.10 -1.82
CA ASP D 238 58.69 25.51 -1.43
C ASP D 238 57.28 26.00 -1.78
N HIS D 239 56.32 25.53 -1.01
CA HIS D 239 54.92 25.88 -1.23
C HIS D 239 54.58 27.22 -0.61
N SER D 240 55.40 28.23 -0.88
CA SER D 240 55.17 29.58 -0.38
C SER D 240 54.28 30.35 -1.36
N VAL D 241 53.40 31.19 -0.80
CA VAL D 241 52.52 32.00 -1.63
C VAL D 241 53.36 33.04 -2.36
N GLN D 242 53.61 32.80 -3.64
CA GLN D 242 54.44 33.71 -4.43
C GLN D 242 53.85 35.10 -4.54
N GLY D 243 52.54 35.20 -4.73
CA GLY D 243 51.93 36.52 -4.81
C GLY D 243 50.45 36.43 -5.10
N LYS D 244 49.77 37.53 -4.82
CA LYS D 244 48.34 37.65 -5.07
C LYS D 244 48.04 37.86 -6.55
N LEU D 245 46.82 37.51 -6.93
CA LEU D 245 46.31 37.75 -8.27
C LEU D 245 44.85 38.15 -8.11
N HIS D 246 44.49 39.34 -8.57
CA HIS D 246 43.13 39.84 -8.38
C HIS D 246 42.12 38.89 -8.98
N ILE D 247 41.11 38.54 -8.19
CA ILE D 247 40.02 37.69 -8.63
C ILE D 247 38.95 38.49 -9.36
N PRO D 248 38.88 38.46 -10.68
CA PRO D 248 37.80 39.16 -11.37
C PRO D 248 36.55 38.30 -11.37
N PHE D 249 35.39 38.95 -11.33
CA PHE D 249 35.21 40.38 -11.27
C PHE D 249 34.51 40.74 -9.96
N ARG D 250 34.83 41.88 -9.38
CA ARG D 250 34.25 42.28 -8.10
C ARG D 250 32.73 42.22 -8.10
N LEU D 251 32.19 41.51 -7.12
CA LEU D 251 30.75 41.51 -6.91
C LEU D 251 30.35 42.90 -6.43
N THR D 252 29.51 43.60 -7.19
CA THR D 252 29.25 44.99 -6.87
C THR D 252 27.77 45.28 -6.71
N PRO D 253 27.37 45.95 -5.64
CA PRO D 253 25.97 46.34 -5.47
C PRO D 253 25.59 47.35 -6.54
N THR D 254 24.39 47.18 -7.09
CA THR D 254 23.88 48.10 -8.09
C THR D 254 22.36 48.06 -8.04
N VAL D 255 21.72 48.67 -9.04
CA VAL D 255 20.27 48.74 -9.11
C VAL D 255 19.77 47.94 -10.31
N CYS D 256 18.93 46.94 -10.04
CA CYS D 256 18.30 46.09 -11.03
C CYS D 256 16.82 46.41 -11.09
N PRO D 257 16.24 46.48 -12.27
CA PRO D 257 14.80 46.65 -12.35
C PRO D 257 14.11 45.33 -12.04
N VAL D 258 13.02 45.40 -11.28
CA VAL D 258 12.21 44.21 -11.03
C VAL D 258 10.78 44.54 -11.39
N PRO D 259 10.00 43.56 -11.86
CA PRO D 259 8.61 43.83 -12.21
C PRO D 259 7.80 44.25 -11.01
N LEU D 260 6.71 44.94 -11.28
CA LEU D 260 5.71 45.26 -10.27
C LEU D 260 4.48 44.46 -10.64
N ALA D 261 4.14 43.48 -9.81
CA ALA D 261 2.93 42.71 -10.05
C ALA D 261 1.72 43.64 -10.05
N HIS D 262 0.68 43.20 -10.74
CA HIS D 262 -0.54 43.99 -10.83
C HIS D 262 -1.02 44.40 -9.46
N THR D 263 -1.31 45.69 -9.30
CA THR D 263 -1.83 46.16 -8.04
C THR D 263 -3.10 45.39 -7.74
N PRO D 264 -3.15 44.63 -6.66
CA PRO D 264 -4.28 43.73 -6.45
C PRO D 264 -5.54 44.49 -6.08
N THR D 265 -6.67 43.95 -6.52
CA THR D 265 -7.94 44.53 -6.17
C THR D 265 -8.28 44.09 -4.75
N VAL D 266 -8.62 45.06 -3.91
CA VAL D 266 -8.97 44.81 -2.52
C VAL D 266 -10.48 44.85 -2.36
N THR D 267 -11.02 43.80 -1.74
CA THR D 267 -12.45 43.68 -1.45
C THR D 267 -12.59 43.83 0.05
N LYS D 268 -13.41 44.78 0.48
CA LYS D 268 -13.49 45.13 1.89
C LYS D 268 -14.77 44.60 2.51
N TRP D 269 -14.63 44.03 3.70
CA TRP D 269 -15.78 43.53 4.46
C TRP D 269 -15.43 43.63 5.94
N PHE D 270 -16.45 43.50 6.78
CA PHE D 270 -16.29 43.66 8.22
C PHE D 270 -15.21 42.76 8.80
N LYS D 271 -14.20 43.40 9.39
CA LYS D 271 -13.06 42.74 10.00
C LYS D 271 -12.34 41.78 9.04
N GLY D 272 -12.42 42.04 7.74
CA GLY D 272 -11.65 41.22 6.83
C GLY D 272 -11.54 41.80 5.43
N ILE D 273 -10.40 41.57 4.79
CA ILE D 273 -10.19 42.00 3.42
C ILE D 273 -9.94 40.78 2.55
N THR D 274 -10.39 40.87 1.32
CA THR D 274 -10.12 39.87 0.30
C THR D 274 -9.24 40.51 -0.76
N LEU D 275 -8.11 39.89 -1.05
CA LEU D 275 -7.23 40.37 -2.10
C LEU D 275 -7.43 39.54 -3.37
N HIS D 276 -7.73 40.23 -4.46
CA HIS D 276 -7.80 39.61 -5.78
C HIS D 276 -6.43 39.71 -6.41
N LEU D 277 -5.65 38.65 -6.32
CA LEU D 277 -4.31 38.63 -6.89
C LEU D 277 -4.35 38.16 -8.33
N THR D 278 -3.45 38.70 -9.12
CA THR D 278 -3.34 38.36 -10.54
C THR D 278 -1.86 38.49 -10.90
N ALA D 279 -1.17 37.36 -11.00
CA ALA D 279 0.23 37.41 -11.39
C ALA D 279 0.57 36.12 -12.12
N THR D 280 1.05 36.26 -13.35
CA THR D 280 1.38 35.06 -14.14
C THR D 280 2.59 34.33 -13.56
N ARG D 281 3.63 35.06 -13.23
CA ARG D 281 4.80 34.47 -12.62
C ARG D 281 4.60 34.33 -11.11
N PRO D 282 5.21 33.32 -10.49
CA PRO D 282 5.17 33.20 -9.04
C PRO D 282 5.51 34.53 -8.38
N THR D 283 4.64 34.97 -7.48
CA THR D 283 4.82 36.25 -6.82
C THR D 283 4.58 36.09 -5.34
N LEU D 284 5.48 36.66 -4.54
CA LEU D 284 5.36 36.59 -3.09
C LEU D 284 4.23 37.46 -2.56
N LEU D 285 3.42 36.88 -1.70
CA LEU D 285 2.49 37.65 -0.88
C LEU D 285 2.94 37.47 0.56
N THR D 286 2.95 38.56 1.31
CA THR D 286 3.29 38.53 2.72
C THR D 286 2.42 39.50 3.47
N THR D 287 1.98 39.09 4.65
CA THR D 287 1.09 39.94 5.43
C THR D 287 1.23 39.59 6.90
N ARG D 288 0.93 40.57 7.74
CA ARG D 288 1.04 40.40 9.17
C ARG D 288 0.12 41.38 9.87
N LYS D 289 -0.32 41.01 11.07
CA LYS D 289 -1.09 41.94 11.87
C LYS D 289 -0.14 42.91 12.58
N LEU D 290 -0.70 44.01 13.06
CA LEU D 290 0.07 44.98 13.84
C LEU D 290 -0.26 44.91 15.32
N GLY D 291 -0.80 43.79 15.78
CA GLY D 291 -1.16 43.61 17.17
C GLY D 291 -0.07 42.97 18.01
N LEU D 292 -0.48 42.50 19.19
CA LEU D 292 0.44 41.84 20.10
C LEU D 292 1.14 40.67 19.40
N ARG D 293 0.38 39.88 18.67
CA ARG D 293 0.91 38.76 17.92
C ARG D 293 0.92 39.14 16.45
N ALA D 294 2.03 38.87 15.77
CA ALA D 294 2.11 39.20 14.36
C ALA D 294 1.22 38.30 13.52
N ASP D 295 1.11 37.01 13.88
CA ASP D 295 0.29 36.06 13.14
C ASP D 295 0.61 36.10 11.65
N ALA D 296 1.85 36.46 11.33
CA ALA D 296 2.24 36.70 9.96
C ALA D 296 2.23 35.42 9.14
N THR D 297 2.02 35.59 7.83
CA THR D 297 1.99 34.50 6.89
C THR D 297 2.57 34.99 5.57
N ALA D 298 3.10 34.06 4.80
CA ALA D 298 3.63 34.35 3.48
C ALA D 298 3.33 33.17 2.56
N GLU D 299 3.08 33.49 1.30
CA GLU D 299 2.67 32.48 0.35
C GLU D 299 3.15 32.88 -1.04
N TRP D 300 3.56 31.89 -1.82
CA TRP D 300 3.96 32.12 -3.20
C TRP D 300 2.72 31.96 -4.07
N ILE D 301 2.10 33.07 -4.39
CA ILE D 301 0.89 33.06 -5.20
C ILE D 301 1.27 32.93 -6.67
N THR D 302 0.40 32.29 -7.44
CA THR D 302 0.58 32.13 -8.88
C THR D 302 -0.76 32.28 -9.57
N GLY D 303 -0.72 32.84 -10.77
CA GLY D 303 -1.94 33.03 -11.51
C GLY D 303 -2.85 33.99 -10.79
N THR D 304 -4.15 33.81 -10.99
CA THR D 304 -5.16 34.59 -10.31
C THR D 304 -5.79 33.76 -9.21
N THR D 305 -5.81 34.30 -8.00
CA THR D 305 -6.46 33.62 -6.91
C THR D 305 -6.83 34.65 -5.85
N SER D 306 -7.88 34.33 -5.11
CA SER D 306 -8.32 35.17 -4.01
C SER D 306 -7.67 34.73 -2.72
N ARG D 307 -7.48 35.67 -1.80
CA ARG D 307 -7.03 35.37 -0.46
C ARG D 307 -7.84 36.19 0.54
N ASN D 308 -8.20 35.59 1.65
CA ASN D 308 -8.95 36.25 2.71
C ASN D 308 -8.02 36.45 3.90
N PHE D 309 -8.04 37.64 4.47
CA PHE D 309 -7.28 37.93 5.68
C PHE D 309 -8.16 38.58 6.71
N SER D 310 -8.17 38.03 7.92
CA SER D 310 -8.91 38.65 9.00
C SER D 310 -8.16 39.91 9.40
N VAL D 311 -8.85 41.04 9.44
CA VAL D 311 -8.24 42.31 9.78
C VAL D 311 -8.67 42.70 11.18
N GLY D 312 -7.70 42.84 12.07
CA GLY D 312 -7.97 43.26 13.42
C GLY D 312 -8.09 44.76 13.54
N ARG D 313 -8.75 45.19 14.60
CA ARG D 313 -8.90 46.62 14.84
C ARG D 313 -7.55 47.30 14.94
N GLU D 314 -6.53 46.56 15.37
CA GLU D 314 -5.16 47.08 15.45
C GLU D 314 -4.61 47.41 14.08
N GLY D 315 -5.16 46.82 13.03
CA GLY D 315 -4.70 47.03 11.68
C GLY D 315 -3.88 45.86 11.17
N LEU D 316 -3.85 45.74 9.85
CA LEU D 316 -3.13 44.68 9.16
C LEU D 316 -2.29 45.26 8.04
N GLU D 317 -1.08 44.73 7.89
CA GLU D 317 -0.18 45.10 6.82
C GLU D 317 -0.14 43.97 5.81
N TYR D 318 -0.36 44.29 4.55
CA TYR D 318 -0.24 43.34 3.46
C TYR D 318 0.77 43.90 2.49
N VAL D 319 1.63 43.03 1.97
CA VAL D 319 2.65 43.42 1.02
C VAL D 319 2.58 42.43 -0.13
N TRP D 320 2.53 42.95 -1.35
CA TRP D 320 2.31 42.15 -2.54
C TRP D 320 3.46 42.39 -3.51
N GLY D 321 4.11 41.32 -3.90
CA GLY D 321 5.27 41.37 -4.77
C GLY D 321 6.31 42.35 -4.31
N ASN D 322 6.65 43.30 -5.15
CA ASN D 322 7.63 44.31 -4.81
C ASN D 322 7.02 45.66 -4.46
N HIS D 323 5.70 45.77 -4.44
CA HIS D 323 5.06 47.03 -4.10
C HIS D 323 5.39 47.47 -2.68
N GLU D 324 5.21 48.76 -2.44
CA GLU D 324 5.37 49.27 -1.10
C GLU D 324 4.35 48.61 -0.17
N PRO D 325 4.77 48.18 1.01
CA PRO D 325 3.81 47.61 1.97
C PRO D 325 2.63 48.53 2.19
N VAL D 326 1.43 47.99 2.05
CA VAL D 326 0.20 48.73 2.29
C VAL D 326 -0.37 48.29 3.63
N ARG D 327 -0.72 49.25 4.47
CA ARG D 327 -1.32 48.96 5.76
C ARG D 327 -2.78 49.40 5.75
N VAL D 328 -3.63 48.54 6.31
CA VAL D 328 -5.07 48.77 6.40
C VAL D 328 -5.53 48.39 7.80
N TRP D 329 -6.53 49.10 8.30
CA TRP D 329 -7.05 48.87 9.63
C TRP D 329 -8.54 48.57 9.54
N ALA D 330 -8.99 47.63 10.37
CA ALA D 330 -10.40 47.28 10.44
C ALA D 330 -11.17 48.34 11.21
N GLN D 331 -12.30 48.75 10.67
CA GLN D 331 -13.17 49.66 11.38
C GLN D 331 -14.14 48.88 12.25
N GLU D 332 -14.58 49.51 13.35
CA GLU D 332 -15.54 48.88 14.25
C GLU D 332 -16.96 49.06 13.72
N SER D 333 -17.19 48.53 12.53
CA SER D 333 -18.46 48.67 11.84
C SER D 333 -18.95 47.29 11.44
N ALA D 334 -20.22 47.02 11.69
CA ALA D 334 -20.74 45.67 11.48
C ALA D 334 -22.25 45.76 11.29
N PRO D 335 -22.91 44.65 10.92
CA PRO D 335 -24.38 44.66 10.75
C PRO D 335 -25.14 45.20 11.96
N GLY D 336 -26.45 45.37 11.77
CA GLY D 336 -27.28 45.92 12.82
C GLY D 336 -27.00 47.39 13.05
N ASP D 337 -27.33 47.85 14.25
CA ASP D 337 -27.11 49.26 14.54
C ASP D 337 -27.05 49.53 16.03
N PRO D 338 -25.96 50.15 16.50
CA PRO D 338 -25.85 50.55 17.91
C PRO D 338 -27.00 51.41 18.42
N HIS D 339 -27.92 51.83 17.55
CA HIS D 339 -29.01 52.68 17.98
C HIS D 339 -30.39 52.19 17.57
N GLY D 340 -30.49 51.06 16.88
CA GLY D 340 -31.77 50.47 16.58
C GLY D 340 -32.33 49.81 17.83
N TRP D 341 -33.43 49.11 17.65
CA TRP D 341 -33.95 48.33 18.77
C TRP D 341 -33.00 47.15 19.03
N PRO D 342 -33.12 46.53 20.21
CA PRO D 342 -32.30 45.35 20.54
C PRO D 342 -32.17 44.34 19.41
N HIS D 343 -33.23 44.21 18.62
CA HIS D 343 -33.22 43.34 17.44
C HIS D 343 -32.00 43.59 16.57
N GLU D 344 -31.48 44.82 16.56
CA GLU D 344 -30.28 45.18 15.82
C GLU D 344 -29.09 45.44 16.73
N ILE D 345 -29.34 45.76 18.00
CA ILE D 345 -28.27 46.04 18.96
C ILE D 345 -27.49 44.77 19.24
N ILE D 346 -28.19 43.69 19.61
CA ILE D 346 -27.48 42.50 20.03
C ILE D 346 -26.64 41.97 18.88
N ILE D 347 -27.20 41.94 17.66
CA ILE D 347 -26.41 41.45 16.54
C ILE D 347 -25.22 42.36 16.26
N HIS D 348 -25.36 43.67 16.45
CA HIS D 348 -24.23 44.56 16.20
C HIS D 348 -23.09 44.31 17.16
N TYR D 349 -23.39 44.37 18.46
CA TYR D 349 -22.32 44.12 19.43
C TYR D 349 -21.77 42.70 19.29
N TYR D 350 -22.63 41.72 19.05
CA TYR D 350 -22.15 40.36 18.89
C TYR D 350 -21.13 40.28 17.78
N HIS D 351 -21.40 40.94 16.66
CA HIS D 351 -20.41 40.98 15.59
C HIS D 351 -19.12 41.64 16.06
N ARG D 352 -19.23 42.81 16.71
CA ARG D 352 -18.01 43.49 17.15
C ARG D 352 -17.24 42.70 18.20
N HIS D 353 -17.94 42.06 19.15
CA HIS D 353 -17.26 41.27 20.18
C HIS D 353 -18.13 40.12 20.62
N PRO D 354 -17.94 38.94 20.03
CA PRO D 354 -18.76 37.78 20.42
C PRO D 354 -18.68 37.46 21.90
N VAL D 355 -17.46 37.32 22.42
CA VAL D 355 -17.28 36.96 23.83
C VAL D 355 -17.92 37.98 24.76
N TYR D 356 -17.65 39.26 24.55
CA TYR D 356 -18.24 40.29 25.40
C TYR D 356 -19.76 40.31 25.29
N THR D 357 -20.29 40.13 24.09
CA THR D 357 -21.74 40.18 23.93
C THR D 357 -22.41 38.99 24.62
N VAL D 358 -21.85 37.79 24.44
CA VAL D 358 -22.41 36.62 25.12
C VAL D 358 -22.30 36.78 26.63
N ILE D 359 -21.18 37.35 27.11
CA ILE D 359 -21.02 37.59 28.54
C ILE D 359 -22.11 38.52 29.04
N VAL D 360 -22.34 39.63 28.34
CA VAL D 360 -23.37 40.57 28.77
C VAL D 360 -24.75 39.93 28.71
N LEU D 361 -25.02 39.15 27.67
CA LEU D 361 -26.30 38.47 27.58
C LEU D 361 -26.53 37.50 28.74
N CYS D 362 -25.50 36.71 29.07
CA CYS D 362 -25.64 35.83 30.23
C CYS D 362 -25.76 36.62 31.51
N GLY D 363 -25.11 37.78 31.59
CA GLY D 363 -25.27 38.63 32.75
C GLY D 363 -26.70 39.08 32.91
N VAL D 364 -27.31 39.49 31.80
CA VAL D 364 -28.73 39.87 31.80
C VAL D 364 -29.59 38.69 32.20
N ALA D 365 -29.32 37.52 31.64
CA ALA D 365 -30.11 36.34 31.97
C ALA D 365 -29.99 35.98 33.44
N LEU D 366 -28.77 36.03 33.99
CA LEU D 366 -28.55 35.75 35.41
C LEU D 366 -29.25 36.77 36.28
N ALA D 367 -29.13 38.05 35.93
CA ALA D 367 -29.82 39.10 36.67
C ALA D 367 -31.32 38.88 36.63
N ILE D 368 -31.87 38.53 35.46
CA ILE D 368 -33.29 38.26 35.35
C ILE D 368 -33.68 37.06 36.19
N LEU D 369 -32.83 36.03 36.22
CA LEU D 369 -33.10 34.86 37.07
C LEU D 369 -33.19 35.27 38.53
N VAL D 370 -32.25 36.08 38.99
CA VAL D 370 -32.30 36.54 40.37
C VAL D 370 -33.54 37.40 40.58
N GLY D 371 -33.78 38.35 39.68
CA GLY D 371 -34.94 39.22 39.79
C GLY D 371 -36.23 38.46 39.93
N THR D 372 -36.42 37.44 39.10
CA THR D 372 -37.61 36.63 39.16
C THR D 372 -37.63 35.68 40.35
N ALA D 373 -36.73 34.69 40.38
CA ALA D 373 -36.80 33.66 41.41
C ALA D 373 -36.52 34.18 42.82
N SER D 374 -35.61 35.14 43.00
CA SER D 374 -35.35 35.62 44.35
C SER D 374 -36.44 36.56 44.83
N SER D 375 -36.95 37.44 43.97
CA SER D 375 -38.07 38.28 44.40
C SER D 375 -39.30 37.42 44.65
N ALA D 376 -39.53 36.42 43.80
CA ALA D 376 -40.64 35.51 44.00
C ALA D 376 -40.48 34.75 45.31
N ALA D 377 -39.27 34.32 45.62
CA ALA D 377 -39.03 33.63 46.89
C ALA D 377 -39.32 34.54 48.07
N CYS D 378 -38.82 35.79 48.02
CA CYS D 378 -39.09 36.73 49.10
C CYS D 378 -40.59 37.00 49.26
N ILE D 379 -41.27 37.23 48.13
CA ILE D 379 -42.70 37.49 48.16
C ILE D 379 -43.45 36.27 48.66
N ALA D 380 -43.06 35.09 48.21
CA ALA D 380 -43.67 33.86 48.68
C ALA D 380 -43.47 33.71 50.18
N LYS D 381 -42.27 34.02 50.66
CA LYS D 381 -41.99 33.94 52.09
C LYS D 381 -42.93 34.85 52.87
N ALA D 382 -43.03 36.11 52.47
CA ALA D 382 -43.93 37.04 53.16
C ALA D 382 -45.39 36.62 53.03
N ARG D 383 -45.82 36.19 51.84
CA ARG D 383 -47.19 35.75 51.66
C ARG D 383 -47.49 34.54 52.54
N ARG D 384 -46.65 33.51 52.45
CA ARG D 384 -46.78 32.29 53.22
C ARG D 384 -46.85 32.58 54.71
N ASP D 385 -45.90 33.33 55.23
CA ASP D 385 -45.88 33.61 56.67
C ASP D 385 -46.93 34.62 57.10
N CYS D 386 -47.56 35.33 56.16
CA CYS D 386 -48.65 36.21 56.52
C CYS D 386 -50.00 35.50 56.42
N LEU D 387 -50.08 34.51 55.53
CA LEU D 387 -51.26 33.66 55.41
C LEU D 387 -51.37 32.73 56.61
N THR D 388 -50.29 32.02 56.92
CA THR D 388 -50.32 30.99 57.96
C THR D 388 -50.95 31.45 59.27
N PRO D 389 -50.79 32.68 59.76
CA PRO D 389 -51.51 33.04 60.99
C PRO D 389 -53.01 33.01 60.80
N TYR D 390 -53.47 33.13 59.56
CA TYR D 390 -54.89 33.02 59.23
C TYR D 390 -55.26 31.64 58.73
N ALA D 391 -54.42 31.02 57.91
CA ALA D 391 -54.73 29.70 57.38
C ALA D 391 -54.85 28.66 58.48
N LEU D 392 -54.17 28.89 59.60
CA LEU D 392 -54.29 28.00 60.75
C LEU D 392 -55.58 28.23 61.51
N ALA D 393 -56.16 29.42 61.40
CA ALA D 393 -57.38 29.74 62.11
C ALA D 393 -58.57 29.46 61.22
N PRO D 394 -59.48 28.56 61.61
CA PRO D 394 -60.62 28.24 60.75
C PRO D 394 -61.71 29.30 60.77
N ASN D 395 -61.72 30.18 61.76
CA ASN D 395 -62.79 31.17 61.89
C ASN D 395 -62.28 32.61 61.87
N ALA D 396 -61.02 32.82 61.52
CA ALA D 396 -60.50 34.18 61.47
C ALA D 396 -61.01 34.90 60.24
N THR D 397 -61.41 36.16 60.42
CA THR D 397 -61.85 37.02 59.33
C THR D 397 -60.63 37.74 58.79
N VAL D 398 -60.06 37.23 57.70
CA VAL D 398 -58.87 37.85 57.11
C VAL D 398 -59.23 39.24 56.59
N GLU E 1 -60.75 -50.73 61.06
CA GLU E 1 -59.89 -50.64 62.23
C GLU E 1 -58.70 -51.57 62.08
N SER E 2 -57.89 -51.68 63.14
CA SER E 2 -56.70 -52.54 63.11
C SER E 2 -57.05 -54.00 62.86
N ASP E 3 -58.33 -54.37 62.98
CA ASP E 3 -58.75 -55.73 62.65
C ASP E 3 -58.47 -56.04 61.18
N LYS E 4 -58.48 -55.01 60.33
CA LYS E 4 -58.32 -55.19 58.90
C LYS E 4 -57.36 -54.17 58.30
N THR E 5 -56.51 -53.56 59.14
CA THR E 5 -55.52 -52.59 58.71
C THR E 5 -54.27 -52.87 59.52
N PHE E 6 -53.10 -52.60 58.93
CA PHE E 6 -51.89 -53.04 59.59
C PHE E 6 -50.74 -52.04 59.55
N PRO E 7 -49.95 -51.99 60.62
CA PRO E 7 -48.82 -51.07 60.68
C PRO E 7 -47.60 -51.56 59.91
N ILE E 8 -46.79 -50.61 59.51
CA ILE E 8 -45.56 -50.83 58.75
C ILE E 8 -44.40 -50.37 59.63
N MET E 9 -43.31 -51.14 59.63
CA MET E 9 -42.14 -50.83 60.44
C MET E 9 -40.95 -50.46 59.60
N LEU E 10 -40.32 -49.33 59.94
CA LEU E 10 -39.02 -48.94 59.41
C LEU E 10 -37.98 -49.66 60.26
N ASN E 11 -37.65 -50.89 59.89
CA ASN E 11 -36.66 -51.72 60.56
C ASN E 11 -36.95 -51.91 62.05
N GLY E 12 -38.10 -51.44 62.53
CA GLY E 12 -38.45 -51.53 63.94
C GLY E 12 -39.27 -50.35 64.44
N GLN E 13 -39.27 -49.26 63.67
CA GLN E 13 -40.02 -48.06 64.01
C GLN E 13 -41.20 -47.92 63.06
N VAL E 14 -42.42 -47.80 63.61
CA VAL E 14 -43.59 -47.70 62.76
C VAL E 14 -43.48 -46.46 61.89
N ASN E 15 -43.85 -46.58 60.62
CA ASN E 15 -43.75 -45.45 59.72
C ASN E 15 -44.84 -45.43 58.65
N GLY E 16 -45.86 -46.28 58.74
CA GLY E 16 -46.92 -46.27 57.75
C GLY E 16 -47.89 -47.40 58.01
N TYR E 17 -48.90 -47.47 57.14
CA TYR E 17 -49.92 -48.51 57.22
C TYR E 17 -50.34 -48.91 55.82
N ALA E 18 -50.92 -50.10 55.73
CA ALA E 18 -51.49 -50.60 54.48
C ALA E 18 -52.90 -51.07 54.75
N CYS E 19 -53.73 -51.03 53.70
CA CYS E 19 -55.13 -51.37 53.84
C CYS E 19 -55.54 -52.40 52.80
N VAL E 20 -56.45 -53.28 53.20
CA VAL E 20 -56.99 -54.32 52.33
C VAL E 20 -58.48 -54.05 52.11
N VAL E 21 -58.87 -53.85 50.87
CA VAL E 21 -60.24 -53.53 50.50
C VAL E 21 -60.65 -54.44 49.35
N GLY E 22 -61.82 -55.07 49.49
CA GLY E 22 -62.28 -56.02 48.49
C GLY E 22 -61.23 -57.09 48.23
N GLY E 23 -60.43 -57.36 49.25
CA GLY E 23 -59.32 -58.28 49.16
C GLY E 23 -58.08 -57.70 48.55
N ARG E 24 -58.18 -56.56 47.87
CA ARG E 24 -57.01 -55.91 47.32
C ARG E 24 -56.25 -55.22 48.43
N LEU E 25 -54.99 -55.58 48.61
CA LEU E 25 -54.14 -54.87 49.56
C LEU E 25 -53.71 -53.57 48.92
N MET E 26 -53.61 -52.51 49.72
CA MET E 26 -53.23 -51.21 49.19
C MET E 26 -52.36 -50.49 50.21
N LYS E 27 -51.36 -49.77 49.70
CA LYS E 27 -50.45 -49.04 50.54
C LYS E 27 -49.91 -47.83 49.80
N PRO E 28 -49.75 -46.68 50.46
CA PRO E 28 -49.13 -45.53 49.79
C PRO E 28 -47.73 -45.86 49.34
N LEU E 29 -47.42 -45.51 48.09
CA LEU E 29 -46.14 -45.91 47.50
C LEU E 29 -44.95 -45.16 48.08
N HIS E 30 -45.12 -43.96 48.63
CA HIS E 30 -43.98 -43.27 49.20
C HIS E 30 -43.57 -43.82 50.56
N VAL E 31 -44.37 -44.69 51.17
CA VAL E 31 -44.06 -45.24 52.49
C VAL E 31 -43.23 -46.50 52.33
N GLU E 32 -41.97 -46.44 52.74
CA GLU E 32 -41.11 -47.61 52.78
C GLU E 32 -41.35 -48.40 54.06
N GLY E 33 -40.95 -49.67 54.02
CA GLY E 33 -41.09 -50.58 55.14
C GLY E 33 -41.87 -51.82 54.75
N LYS E 34 -42.02 -52.71 55.72
CA LYS E 34 -42.74 -53.96 55.52
C LYS E 34 -43.90 -54.06 56.50
N ILE E 35 -45.03 -54.57 56.00
CA ILE E 35 -46.19 -54.78 56.84
C ILE E 35 -45.83 -55.78 57.94
N ASP E 36 -46.49 -55.64 59.09
CA ASP E 36 -46.26 -56.54 60.21
C ASP E 36 -47.06 -57.83 60.05
N ASN E 37 -46.92 -58.48 58.90
CA ASN E 37 -47.53 -59.77 58.64
C ASN E 37 -46.68 -60.51 57.63
N GLU E 38 -46.60 -61.83 57.79
CA GLU E 38 -45.75 -62.64 56.92
C GLU E 38 -46.48 -63.11 55.67
N GLN E 39 -47.81 -63.13 55.70
CA GLN E 39 -48.60 -63.50 54.55
C GLN E 39 -48.84 -62.31 53.64
N LEU E 40 -49.18 -61.15 54.22
CA LEU E 40 -49.45 -59.97 53.43
C LEU E 40 -48.18 -59.44 52.77
N ALA E 41 -47.09 -59.36 53.52
CA ALA E 41 -45.86 -58.82 52.96
C ALA E 41 -45.34 -59.67 51.81
N ALA E 42 -45.64 -60.97 51.81
CA ALA E 42 -45.17 -61.84 50.75
C ALA E 42 -45.81 -61.56 49.39
N VAL E 43 -46.95 -60.86 49.35
CA VAL E 43 -47.62 -60.63 48.07
C VAL E 43 -46.83 -59.62 47.25
N LYS E 44 -46.76 -59.86 45.94
CA LYS E 44 -46.14 -58.90 45.04
C LYS E 44 -46.98 -57.64 44.96
N LEU E 45 -46.33 -56.52 44.70
CA LEU E 45 -47.01 -55.24 44.56
C LEU E 45 -46.87 -54.66 43.17
N LYS E 46 -47.95 -54.11 42.65
CA LYS E 46 -47.93 -53.30 41.43
C LYS E 46 -48.03 -51.85 41.88
N LYS E 47 -47.27 -50.97 41.24
CA LYS E 47 -47.21 -49.59 41.66
C LYS E 47 -47.47 -48.63 40.50
N ALA E 48 -48.11 -47.51 40.82
CA ALA E 48 -48.44 -46.47 39.86
C ALA E 48 -48.27 -45.11 40.54
N SER E 49 -47.25 -44.36 40.11
CA SER E 49 -46.95 -43.06 40.70
C SER E 49 -48.05 -42.04 40.51
N MET E 50 -48.94 -42.24 39.53
CA MET E 50 -50.07 -41.34 39.35
C MET E 50 -51.11 -41.55 40.44
N TYR E 51 -51.03 -42.65 41.17
CA TYR E 51 -51.89 -42.90 42.32
C TYR E 51 -51.10 -42.93 43.62
N ASP E 52 -49.78 -42.79 43.55
CA ASP E 52 -48.93 -42.76 44.74
C ASP E 52 -49.19 -43.95 45.65
N LEU E 53 -49.56 -45.08 45.04
CA LEU E 53 -49.98 -46.24 45.81
C LEU E 53 -49.58 -47.49 45.05
N GLU E 54 -49.42 -48.57 45.80
CA GLU E 54 -49.12 -49.88 45.23
C GLU E 54 -50.08 -50.89 45.84
N TYR E 55 -50.32 -51.99 45.12
CA TYR E 55 -51.35 -52.91 45.56
C TYR E 55 -51.05 -54.34 45.16
N GLY E 56 -51.74 -55.24 45.85
CA GLY E 56 -51.66 -56.68 45.68
C GLY E 56 -53.00 -57.32 46.02
N ASP E 57 -53.00 -58.63 46.24
CA ASP E 57 -54.24 -59.33 46.59
C ASP E 57 -53.92 -60.38 47.64
N VAL E 58 -54.74 -60.42 48.68
CA VAL E 58 -54.54 -61.31 49.82
C VAL E 58 -54.85 -62.77 49.48
N PRO E 59 -54.29 -63.72 50.22
CA PRO E 59 -54.65 -65.13 50.01
C PRO E 59 -56.09 -65.39 50.37
N GLN E 60 -56.63 -66.47 49.80
CA GLN E 60 -58.04 -66.81 49.93
C GLN E 60 -58.44 -67.21 51.34
N ASN E 61 -57.48 -67.41 52.25
CA ASN E 61 -57.83 -67.68 53.63
C ASN E 61 -58.39 -66.46 54.34
N MET E 62 -58.13 -65.26 53.80
CA MET E 62 -58.55 -64.02 54.41
C MET E 62 -59.39 -63.17 53.45
N LYS E 63 -59.91 -63.81 52.39
CA LYS E 63 -60.81 -63.15 51.46
C LYS E 63 -62.02 -62.56 52.17
N SER E 64 -62.45 -63.17 53.27
CA SER E 64 -63.58 -62.69 54.06
C SER E 64 -63.19 -61.55 55.01
N ASP E 65 -61.90 -61.31 55.22
CA ASP E 65 -61.43 -60.36 56.21
C ASP E 65 -60.78 -59.17 55.51
N THR E 66 -61.62 -58.32 54.93
CA THR E 66 -61.18 -57.12 54.23
C THR E 66 -62.24 -56.05 54.38
N LEU E 67 -61.81 -54.80 54.25
CA LEU E 67 -62.78 -53.70 54.25
C LEU E 67 -63.64 -53.76 53.00
N GLN E 68 -64.94 -53.61 53.18
CA GLN E 68 -65.86 -53.56 52.06
C GLN E 68 -65.80 -52.17 51.41
N TYR E 69 -65.65 -52.15 50.10
CA TYR E 69 -65.56 -50.90 49.38
C TYR E 69 -66.93 -50.28 49.16
N THR E 70 -66.96 -48.94 49.04
CA THR E 70 -68.16 -48.25 48.66
C THR E 70 -67.78 -46.90 48.04
N SER E 71 -68.66 -46.41 47.17
CA SER E 71 -68.51 -45.08 46.59
C SER E 71 -69.67 -44.17 46.94
N ASP E 72 -70.53 -44.59 47.87
CA ASP E 72 -71.60 -43.75 48.38
C ASP E 72 -70.95 -42.66 49.22
N LYS E 73 -70.79 -41.48 48.62
CA LYS E 73 -70.00 -40.41 49.23
C LYS E 73 -70.82 -39.13 49.43
N PRO E 74 -71.95 -39.21 50.15
CA PRO E 74 -72.71 -38.00 50.42
C PRO E 74 -71.90 -37.08 51.33
N PRO E 75 -72.04 -35.77 51.16
CA PRO E 75 -71.30 -34.85 52.03
C PRO E 75 -71.73 -35.01 53.48
N GLY E 76 -70.76 -35.09 54.36
CA GLY E 76 -71.03 -35.28 55.77
C GLY E 76 -69.81 -35.79 56.49
N PHE E 77 -69.92 -35.85 57.81
CA PHE E 77 -68.84 -36.36 58.64
C PHE E 77 -68.69 -37.87 58.50
N TYR E 78 -67.43 -38.32 58.46
CA TYR E 78 -67.10 -39.73 58.39
C TYR E 78 -66.18 -40.09 59.54
N ASN E 79 -66.24 -41.35 59.97
CA ASN E 79 -65.40 -41.82 61.05
C ASN E 79 -63.99 -42.11 60.55
N TRP E 80 -63.02 -41.92 61.44
CA TRP E 80 -61.62 -42.13 61.11
C TRP E 80 -60.89 -42.62 62.35
N HIS E 81 -59.74 -43.26 62.13
CA HIS E 81 -59.01 -43.89 63.22
C HIS E 81 -58.54 -42.91 64.28
N HIS E 82 -58.53 -41.63 63.98
CA HIS E 82 -58.13 -40.58 64.90
C HIS E 82 -59.26 -39.58 65.10
N GLY E 83 -60.47 -40.10 65.22
CA GLY E 83 -61.67 -39.30 65.32
C GLY E 83 -62.24 -38.98 63.95
N ALA E 84 -63.49 -38.53 63.96
CA ALA E 84 -64.20 -38.30 62.72
C ALA E 84 -63.53 -37.24 61.84
N VAL E 85 -63.88 -37.29 60.55
CA VAL E 85 -63.41 -36.34 59.56
C VAL E 85 -64.63 -35.82 58.81
N GLN E 86 -64.51 -34.62 58.26
CA GLN E 86 -65.60 -34.03 57.50
C GLN E 86 -65.29 -34.07 56.00
N TYR E 87 -66.25 -34.53 55.22
CA TYR E 87 -66.20 -34.47 53.76
C TYR E 87 -67.27 -33.54 53.25
N GLU E 88 -66.88 -32.58 52.40
CA GLU E 88 -67.86 -31.69 51.84
C GLU E 88 -67.37 -31.14 50.50
N ASN E 89 -68.33 -30.83 49.63
CA ASN E 89 -68.11 -30.19 48.34
C ASN E 89 -66.96 -30.81 47.55
N GLY E 90 -66.68 -32.09 47.74
CA GLY E 90 -65.55 -32.70 47.08
C GLY E 90 -64.23 -32.55 47.81
N ARG E 91 -64.27 -32.22 49.09
CA ARG E 91 -63.07 -32.04 49.90
C ARG E 91 -63.18 -32.83 51.18
N PHE E 92 -62.07 -33.40 51.61
CA PHE E 92 -61.99 -34.08 52.90
C PHE E 92 -61.22 -33.16 53.83
N THR E 93 -61.84 -32.83 54.95
CA THR E 93 -61.28 -31.86 55.88
C THR E 93 -61.33 -32.42 57.29
N VAL E 94 -60.29 -32.12 58.06
CA VAL E 94 -60.07 -32.74 59.36
C VAL E 94 -59.49 -31.68 60.30
N PRO E 95 -59.67 -31.84 61.61
CA PRO E 95 -59.01 -30.92 62.54
C PRO E 95 -57.51 -30.84 62.31
N ARG E 96 -56.96 -29.67 62.62
CA ARG E 96 -55.56 -29.36 62.36
C ARG E 96 -54.58 -30.28 63.07
N GLY E 97 -53.51 -30.64 62.35
CA GLY E 97 -52.37 -31.38 62.84
C GLY E 97 -52.55 -32.83 63.19
N VAL E 98 -53.78 -33.35 63.28
CA VAL E 98 -53.94 -34.76 63.60
C VAL E 98 -53.34 -35.61 62.49
N GLY E 99 -52.81 -36.78 62.87
CA GLY E 99 -52.15 -37.65 61.91
C GLY E 99 -50.69 -37.32 61.65
N GLY E 100 -50.44 -36.53 60.62
CA GLY E 100 -49.08 -36.15 60.28
C GLY E 100 -48.25 -37.32 59.75
N LYS E 101 -46.93 -37.11 59.77
CA LYS E 101 -46.00 -38.06 59.20
C LYS E 101 -46.14 -39.45 59.82
N GLY E 102 -46.11 -40.46 58.96
CA GLY E 102 -46.28 -41.85 59.33
C GLY E 102 -47.71 -42.31 59.50
N ASP E 103 -48.68 -41.41 59.37
CA ASP E 103 -50.08 -41.75 59.54
C ASP E 103 -50.78 -42.02 58.23
N SER E 104 -50.10 -41.86 57.10
CA SER E 104 -50.72 -42.11 55.80
C SER E 104 -51.13 -43.56 55.66
N GLY E 105 -52.01 -43.81 54.70
CA GLY E 105 -52.57 -45.12 54.47
C GLY E 105 -53.75 -45.44 55.36
N ARG E 106 -54.03 -44.62 56.36
CA ARG E 106 -55.18 -44.84 57.20
C ARG E 106 -56.45 -44.67 56.38
N PRO E 107 -57.36 -45.63 56.40
CA PRO E 107 -58.59 -45.51 55.63
C PRO E 107 -59.63 -44.68 56.37
N ILE E 108 -60.71 -44.37 55.65
CA ILE E 108 -61.85 -43.66 56.19
C ILE E 108 -63.04 -44.59 56.06
N LEU E 109 -63.85 -44.70 57.11
CA LEU E 109 -64.88 -45.72 57.16
C LEU E 109 -66.28 -45.14 57.24
N ASP E 110 -67.18 -45.74 56.46
CA ASP E 110 -68.61 -45.49 56.50
C ASP E 110 -69.20 -45.85 57.87
N ASN E 111 -70.40 -45.35 58.12
CA ASN E 111 -71.15 -45.74 59.31
C ASN E 111 -71.21 -47.25 59.43
N ARG E 112 -71.34 -47.94 58.30
CA ARG E 112 -71.33 -49.40 58.25
C ARG E 112 -69.93 -49.97 58.19
N GLY E 113 -68.92 -49.11 58.31
CA GLY E 113 -67.53 -49.50 58.23
C GLY E 113 -67.00 -49.66 56.83
N ARG E 114 -67.75 -49.27 55.82
CA ARG E 114 -67.27 -49.35 54.46
C ARG E 114 -66.22 -48.28 54.23
N VAL E 115 -65.15 -48.64 53.54
CA VAL E 115 -64.07 -47.68 53.31
C VAL E 115 -64.46 -46.73 52.20
N VAL E 116 -64.09 -45.47 52.36
CA VAL E 116 -64.42 -44.43 51.40
C VAL E 116 -63.20 -43.74 50.82
N ALA E 117 -62.06 -43.74 51.51
CA ALA E 117 -60.87 -43.06 51.02
C ALA E 117 -59.67 -43.58 51.79
N ILE E 118 -58.49 -43.27 51.26
CA ILE E 118 -57.23 -43.65 51.90
C ILE E 118 -56.34 -42.42 51.94
N VAL E 119 -55.73 -42.19 53.09
CA VAL E 119 -54.89 -41.02 53.29
C VAL E 119 -53.52 -41.20 52.66
N LEU E 120 -53.16 -40.29 51.77
CA LEU E 120 -51.80 -40.18 51.26
C LEU E 120 -51.02 -39.18 52.10
N GLY E 121 -51.70 -38.12 52.50
CA GLY E 121 -51.17 -37.07 53.35
C GLY E 121 -52.13 -35.90 53.37
N GLY E 122 -51.63 -34.68 53.22
CA GLY E 122 -52.50 -33.53 53.19
C GLY E 122 -51.73 -32.25 53.46
N ALA E 123 -52.49 -31.18 53.65
CA ALA E 123 -51.95 -29.87 53.97
C ALA E 123 -52.40 -29.48 55.37
N ASN E 124 -51.50 -28.87 56.13
CA ASN E 124 -51.79 -28.44 57.49
C ASN E 124 -51.97 -26.92 57.49
N GLU E 125 -53.15 -26.46 57.90
CA GLU E 125 -53.44 -25.04 57.86
C GLU E 125 -54.70 -24.74 58.67
N GLY E 126 -54.90 -23.44 58.91
CA GLY E 126 -56.12 -22.87 59.45
C GLY E 126 -56.88 -23.65 60.50
N THR E 127 -58.22 -23.57 60.41
CA THR E 127 -59.08 -24.30 61.32
C THR E 127 -59.08 -25.79 61.04
N ARG E 128 -58.77 -26.18 59.81
CA ARG E 128 -58.84 -27.58 59.42
C ARG E 128 -57.75 -27.91 58.42
N THR E 129 -57.24 -29.13 58.52
CA THR E 129 -56.34 -29.69 57.53
C THR E 129 -57.16 -30.42 56.47
N ALA E 130 -56.74 -30.32 55.22
CA ALA E 130 -57.39 -31.05 54.15
C ALA E 130 -56.50 -32.21 53.73
N LEU E 131 -57.09 -33.40 53.66
CA LEU E 131 -56.34 -34.59 53.28
C LEU E 131 -56.26 -34.73 51.77
N SER E 132 -55.14 -35.30 51.32
CA SER E 132 -54.96 -35.62 49.91
C SER E 132 -55.24 -37.10 49.73
N VAL E 133 -56.50 -37.45 49.95
CA VAL E 133 -56.93 -38.85 49.89
C VAL E 133 -57.26 -39.25 48.46
N VAL E 134 -57.04 -40.53 48.18
CA VAL E 134 -57.41 -41.14 46.91
C VAL E 134 -58.82 -41.67 47.05
N THR E 135 -59.72 -41.20 46.21
CA THR E 135 -61.12 -41.59 46.27
C THR E 135 -61.54 -42.11 44.90
N TRP E 136 -62.85 -42.09 44.63
CA TRP E 136 -63.36 -42.52 43.35
C TRP E 136 -64.49 -41.61 42.91
N ASN E 137 -64.70 -41.60 41.59
CA ASN E 137 -65.85 -40.93 41.01
C ASN E 137 -67.14 -41.66 41.41
N GLN E 138 -68.27 -40.98 41.19
CA GLN E 138 -69.55 -41.64 41.41
C GLN E 138 -69.67 -42.89 40.54
N LYS E 139 -69.00 -42.89 39.39
CA LYS E 139 -68.90 -44.05 38.52
C LYS E 139 -67.98 -45.13 39.07
N GLY E 140 -67.42 -44.92 40.26
CA GLY E 140 -66.55 -45.91 40.86
C GLY E 140 -65.16 -45.96 40.27
N VAL E 141 -64.71 -44.88 39.64
CA VAL E 141 -63.40 -44.81 39.01
C VAL E 141 -62.47 -44.08 39.97
N THR E 142 -61.31 -44.69 40.23
CA THR E 142 -60.37 -44.10 41.18
C THR E 142 -59.94 -42.71 40.75
N ILE E 143 -59.79 -41.83 41.73
CA ILE E 143 -59.30 -40.48 41.49
C ILE E 143 -58.32 -40.17 42.61
N LYS E 144 -57.27 -39.41 42.27
CA LYS E 144 -56.34 -38.93 43.28
C LYS E 144 -56.62 -37.46 43.53
N ASP E 145 -56.89 -37.10 44.77
CA ASP E 145 -57.14 -35.71 45.13
C ASP E 145 -55.88 -35.17 45.80
N THR E 146 -55.37 -34.06 45.27
CA THR E 146 -54.13 -33.47 45.77
C THR E 146 -54.33 -31.98 45.95
N PRO E 147 -54.95 -31.56 47.04
CA PRO E 147 -55.08 -30.12 47.30
C PRO E 147 -53.71 -29.47 47.32
N GLU E 148 -53.66 -28.24 46.82
CA GLU E 148 -52.39 -27.55 46.62
C GLU E 148 -51.58 -27.47 47.91
N GLY E 149 -50.28 -27.73 47.79
CA GLY E 149 -49.37 -27.72 48.92
C GLY E 149 -49.47 -28.90 49.85
N SER E 150 -50.26 -29.92 49.51
CA SER E 150 -50.36 -31.10 50.34
C SER E 150 -49.00 -31.78 50.46
N GLU E 151 -48.80 -32.48 51.57
CA GLU E 151 -47.55 -33.20 51.76
C GLU E 151 -47.83 -34.67 52.02
N PRO E 152 -46.95 -35.57 51.58
CA PRO E 152 -47.12 -36.98 51.91
C PRO E 152 -46.84 -37.21 53.37
N TRP E 153 -47.64 -38.07 53.99
CA TRP E 153 -47.47 -38.33 55.41
C TRP E 153 -46.68 -39.62 55.64
N GLU F 1 -61.28 13.33 76.98
CA GLU F 1 -60.41 14.48 76.78
C GLU F 1 -59.50 14.27 75.58
N SER F 2 -58.50 13.40 75.74
CA SER F 2 -57.55 13.11 74.68
C SER F 2 -58.16 12.27 73.57
N ASP F 3 -59.46 11.98 73.69
CA ASP F 3 -60.16 11.06 72.79
C ASP F 3 -59.85 11.32 71.31
N LYS F 4 -59.68 12.59 70.93
CA LYS F 4 -59.40 12.92 69.54
C LYS F 4 -57.97 13.35 69.28
N THR F 5 -57.08 13.20 70.26
CA THR F 5 -55.68 13.56 70.09
C THR F 5 -54.92 12.42 69.45
N PHE F 6 -53.74 12.74 68.88
CA PHE F 6 -52.94 11.71 68.25
C PHE F 6 -51.45 11.81 68.60
N PRO F 7 -50.83 10.68 68.94
CA PRO F 7 -49.41 10.67 69.30
C PRO F 7 -48.49 10.67 68.08
N ILE F 8 -47.33 11.28 68.27
CA ILE F 8 -46.27 11.29 67.27
C ILE F 8 -45.18 10.36 67.78
N MET F 9 -44.73 9.47 66.93
CA MET F 9 -43.76 8.44 67.32
C MET F 9 -42.41 8.69 66.69
N LEU F 10 -41.37 8.63 67.53
CA LEU F 10 -39.98 8.67 67.10
C LEU F 10 -39.38 7.30 67.40
N ASN F 11 -38.95 6.61 66.35
CA ASN F 11 -38.31 5.30 66.44
C ASN F 11 -38.97 4.36 67.45
N GLY F 12 -40.29 4.37 67.49
CA GLY F 12 -41.05 3.52 68.38
C GLY F 12 -41.31 4.04 69.77
N GLN F 13 -40.95 5.28 70.08
CA GLN F 13 -41.32 5.87 71.37
C GLN F 13 -41.97 7.23 71.15
N VAL F 14 -42.87 7.58 72.06
CA VAL F 14 -43.53 8.88 72.00
C VAL F 14 -42.52 9.99 72.29
N ASN F 15 -42.60 11.05 71.50
CA ASN F 15 -41.76 12.22 71.71
C ASN F 15 -42.54 13.50 71.44
N GLY F 16 -43.85 13.40 71.27
CA GLY F 16 -44.69 14.57 71.05
C GLY F 16 -46.07 14.12 70.65
N TYR F 17 -46.95 15.10 70.47
CA TYR F 17 -48.31 14.84 70.06
C TYR F 17 -48.74 15.79 68.95
N ALA F 18 -49.69 15.32 68.15
CA ALA F 18 -50.35 16.10 67.12
C ALA F 18 -51.83 16.14 67.45
N CYS F 19 -52.51 17.20 67.01
CA CYS F 19 -53.93 17.30 67.25
C CYS F 19 -54.61 17.96 66.06
N VAL F 20 -55.87 17.61 65.86
CA VAL F 20 -56.65 18.07 64.72
C VAL F 20 -57.68 19.09 65.17
N VAL F 21 -57.61 20.29 64.60
CA VAL F 21 -58.52 21.39 64.88
C VAL F 21 -58.91 22.02 63.55
N GLY F 22 -60.17 22.42 63.44
CA GLY F 22 -60.66 23.02 62.21
C GLY F 22 -60.43 22.17 60.97
N GLY F 23 -60.41 20.85 61.17
CA GLY F 23 -60.20 19.90 60.11
C GLY F 23 -58.79 19.83 59.57
N ARG F 24 -57.85 20.50 60.18
CA ARG F 24 -56.45 20.40 59.80
C ARG F 24 -55.65 19.93 61.00
N LEU F 25 -54.58 19.19 60.74
CA LEU F 25 -53.76 18.61 61.79
C LEU F 25 -52.55 19.50 62.05
N MET F 26 -52.29 19.77 63.31
CA MET F 26 -51.14 20.57 63.72
C MET F 26 -50.20 19.71 64.55
N LYS F 27 -48.91 19.86 64.29
CA LYS F 27 -47.88 19.21 65.08
C LYS F 27 -46.69 20.14 65.15
N PRO F 28 -45.95 20.13 66.25
CA PRO F 28 -44.73 20.93 66.32
C PRO F 28 -43.77 20.51 65.21
N LEU F 29 -43.10 21.51 64.62
CA LEU F 29 -42.16 21.22 63.55
C LEU F 29 -40.88 20.60 64.10
N HIS F 30 -40.44 21.02 65.29
CA HIS F 30 -39.24 20.45 65.88
C HIS F 30 -39.41 18.99 66.27
N VAL F 31 -40.65 18.50 66.40
CA VAL F 31 -40.86 17.11 66.78
C VAL F 31 -40.58 16.18 65.61
N GLU F 32 -39.35 15.71 65.53
CA GLU F 32 -38.96 14.71 64.55
C GLU F 32 -39.72 13.41 64.80
N GLY F 33 -39.94 12.66 63.73
CA GLY F 33 -40.67 11.40 63.78
C GLY F 33 -41.93 11.44 62.93
N LYS F 34 -42.59 10.28 62.89
CA LYS F 34 -43.76 10.05 62.06
C LYS F 34 -45.03 10.00 62.90
N ILE F 35 -46.07 10.67 62.40
CA ILE F 35 -47.39 10.54 63.00
C ILE F 35 -47.86 9.10 62.87
N ASP F 36 -48.50 8.59 63.92
CA ASP F 36 -48.94 7.19 63.95
C ASP F 36 -49.92 6.84 62.84
N ASN F 37 -51.09 7.49 62.83
CA ASN F 37 -52.14 7.14 61.88
C ASN F 37 -51.74 7.43 60.43
N GLU F 38 -51.89 6.41 59.58
CA GLU F 38 -51.50 6.51 58.18
C GLU F 38 -52.27 7.57 57.41
N GLN F 39 -53.53 7.83 57.79
CA GLN F 39 -54.29 8.87 57.10
C GLN F 39 -53.67 10.23 57.35
N LEU F 40 -53.17 10.45 58.56
CA LEU F 40 -52.51 11.70 58.87
C LEU F 40 -51.14 11.77 58.21
N ALA F 41 -50.42 10.64 58.18
CA ALA F 41 -49.11 10.60 57.54
C ALA F 41 -49.20 10.88 56.05
N ALA F 42 -50.35 10.60 55.43
CA ALA F 42 -50.50 10.88 54.01
C ALA F 42 -50.63 12.37 53.73
N VAL F 43 -50.92 13.17 54.76
CA VAL F 43 -51.08 14.61 54.59
C VAL F 43 -49.75 15.25 54.24
N LYS F 44 -49.77 16.16 53.26
CA LYS F 44 -48.61 16.96 52.89
C LYS F 44 -48.61 18.19 53.80
N LEU F 45 -47.61 18.27 54.66
CA LEU F 45 -47.53 19.35 55.63
C LEU F 45 -47.02 20.66 55.04
N LYS F 46 -47.50 21.77 55.59
CA LYS F 46 -47.02 23.12 55.33
C LYS F 46 -46.24 23.55 56.56
N LYS F 47 -45.04 24.07 56.37
CA LYS F 47 -44.16 24.42 57.48
C LYS F 47 -44.20 25.92 57.78
N ALA F 48 -44.70 26.27 58.97
CA ALA F 48 -44.76 27.64 59.45
C ALA F 48 -43.47 27.87 60.24
N SER F 49 -42.43 28.23 59.48
CA SER F 49 -41.06 28.32 60.02
C SER F 49 -40.98 29.08 61.33
N MET F 50 -41.70 30.19 61.46
CA MET F 50 -41.62 30.93 62.71
C MET F 50 -42.59 30.44 63.77
N TYR F 51 -43.58 29.62 63.43
CA TYR F 51 -44.46 29.05 64.43
C TYR F 51 -43.90 27.79 65.07
N ASP F 52 -42.81 27.22 64.55
CA ASP F 52 -42.31 25.93 64.99
C ASP F 52 -43.44 24.91 64.89
N LEU F 53 -44.17 24.97 63.78
CA LEU F 53 -45.33 24.13 63.55
C LEU F 53 -45.41 23.78 62.08
N GLU F 54 -45.97 22.60 61.81
CA GLU F 54 -46.31 22.20 60.45
C GLU F 54 -47.73 21.67 60.49
N TYR F 55 -48.44 21.83 59.37
CA TYR F 55 -49.85 21.47 59.36
C TYR F 55 -50.29 21.08 57.96
N GLY F 56 -51.45 20.44 57.92
CA GLY F 56 -52.07 20.06 56.66
C GLY F 56 -53.52 19.68 56.88
N ASP F 57 -54.33 19.89 55.85
CA ASP F 57 -55.74 19.57 55.94
C ASP F 57 -55.91 18.05 56.00
N VAL F 58 -56.62 17.57 57.01
CA VAL F 58 -56.78 16.14 57.22
C VAL F 58 -57.63 15.54 56.12
N PRO F 59 -57.48 14.24 55.84
CA PRO F 59 -58.37 13.58 54.88
C PRO F 59 -59.83 13.80 55.25
N GLN F 60 -60.66 14.03 54.23
CA GLN F 60 -62.06 14.38 54.41
C GLN F 60 -62.89 13.33 55.15
N ASN F 61 -62.30 12.20 55.54
CA ASN F 61 -63.07 11.26 56.36
C ASN F 61 -63.35 11.82 57.75
N MET F 62 -62.29 12.09 58.53
CA MET F 62 -62.46 12.63 59.90
C MET F 62 -62.86 14.11 59.91
N LYS F 63 -63.26 14.66 58.76
CA LYS F 63 -63.72 16.05 58.70
C LYS F 63 -64.73 16.36 59.80
N SER F 64 -65.59 15.40 60.14
CA SER F 64 -66.56 15.56 61.21
C SER F 64 -65.97 15.37 62.60
N ASP F 65 -64.74 14.89 62.71
CA ASP F 65 -64.16 14.51 63.99
C ASP F 65 -63.08 15.47 64.46
N THR F 66 -62.92 16.61 63.80
CA THR F 66 -61.94 17.60 64.25
C THR F 66 -62.37 18.25 65.56
N LEU F 67 -61.39 18.75 66.31
CA LEU F 67 -61.68 19.63 67.44
C LEU F 67 -62.18 20.98 66.94
N GLN F 68 -63.20 21.50 67.60
CA GLN F 68 -63.63 22.87 67.34
C GLN F 68 -62.82 23.83 68.21
N TYR F 69 -62.59 25.02 67.68
CA TYR F 69 -61.88 26.07 68.39
C TYR F 69 -62.85 27.07 69.04
N THR F 70 -62.33 27.79 70.03
CA THR F 70 -63.01 28.96 70.57
C THR F 70 -61.96 30.01 70.93
N SER F 71 -62.25 31.26 70.61
CA SER F 71 -61.34 32.34 70.97
C SER F 71 -61.32 32.57 72.48
N ASP F 72 -62.43 32.23 73.15
CA ASP F 72 -62.61 32.44 74.58
C ASP F 72 -61.40 32.00 75.39
N LYS F 73 -60.76 32.97 76.05
CA LYS F 73 -59.65 32.70 76.96
C LYS F 73 -59.82 33.48 78.27
N PRO F 74 -60.98 33.37 78.93
CA PRO F 74 -61.11 33.97 80.26
C PRO F 74 -60.02 33.47 81.19
N PRO F 75 -59.48 34.34 82.04
CA PRO F 75 -58.45 33.91 82.98
C PRO F 75 -59.05 32.91 83.97
N GLY F 76 -58.31 31.86 84.25
CA GLY F 76 -58.78 30.80 85.10
C GLY F 76 -58.20 29.46 84.69
N PHE F 77 -58.76 28.41 85.26
CA PHE F 77 -58.27 27.06 85.00
C PHE F 77 -58.83 26.47 83.71
N TYR F 78 -57.98 25.70 83.03
CA TYR F 78 -58.29 25.01 81.79
C TYR F 78 -57.82 23.57 81.92
N ASN F 79 -58.49 22.68 81.22
CA ASN F 79 -58.13 21.27 81.32
C ASN F 79 -56.97 20.93 80.40
N TRP F 80 -56.20 19.92 80.81
CA TRP F 80 -55.06 19.46 80.05
C TRP F 80 -54.88 17.96 80.26
N HIS F 81 -54.23 17.34 79.28
CA HIS F 81 -53.95 15.91 79.36
C HIS F 81 -53.23 15.53 80.64
N HIS F 82 -52.33 16.38 81.12
CA HIS F 82 -51.60 16.08 82.33
C HIS F 82 -52.05 16.92 83.53
N GLY F 83 -53.21 17.53 83.47
CA GLY F 83 -53.70 18.25 84.62
C GLY F 83 -54.64 19.37 84.24
N ALA F 84 -54.76 20.31 85.16
CA ALA F 84 -55.47 21.57 84.93
C ALA F 84 -54.46 22.71 84.84
N VAL F 85 -54.63 23.58 83.86
CA VAL F 85 -53.71 24.67 83.60
C VAL F 85 -54.41 25.99 83.85
N GLN F 86 -53.68 26.93 84.46
CA GLN F 86 -54.18 28.23 84.85
C GLN F 86 -53.62 29.29 83.91
N TYR F 87 -54.49 30.04 83.26
CA TYR F 87 -54.09 31.13 82.38
C TYR F 87 -54.30 32.47 83.10
N GLU F 88 -53.27 33.31 83.08
CA GLU F 88 -53.41 34.64 83.68
C GLU F 88 -52.60 35.66 82.89
N ASN F 89 -53.25 36.78 82.58
CA ASN F 89 -52.64 37.97 81.99
C ASN F 89 -51.63 37.64 80.90
N GLY F 90 -52.02 36.75 79.99
CA GLY F 90 -51.14 36.35 78.92
C GLY F 90 -50.19 35.22 79.23
N ARG F 91 -50.31 34.61 80.39
CA ARG F 91 -49.44 33.49 80.77
C ARG F 91 -50.27 32.27 81.13
N PHE F 92 -50.01 31.18 80.40
CA PHE F 92 -50.55 29.87 80.78
C PHE F 92 -49.61 29.29 81.82
N THR F 93 -50.17 28.78 82.92
CA THR F 93 -49.32 28.36 84.02
C THR F 93 -49.66 26.95 84.43
N VAL F 94 -48.59 26.19 84.69
CA VAL F 94 -48.62 24.80 85.09
C VAL F 94 -47.90 24.71 86.43
N PRO F 95 -48.28 23.81 87.34
CA PRO F 95 -47.53 23.71 88.61
C PRO F 95 -46.07 23.37 88.34
N ARG F 96 -45.19 24.15 88.95
CA ARG F 96 -43.77 24.10 88.68
C ARG F 96 -43.20 22.68 88.61
N GLY F 97 -42.49 22.40 87.52
CA GLY F 97 -41.79 21.17 87.27
C GLY F 97 -42.59 19.99 86.74
N VAL F 98 -43.91 20.04 86.80
CA VAL F 98 -44.69 18.92 86.27
C VAL F 98 -44.72 19.02 84.75
N GLY F 99 -44.83 17.87 84.10
CA GLY F 99 -44.74 17.85 82.65
C GLY F 99 -43.31 18.07 82.18
N GLY F 100 -43.04 17.87 80.89
CA GLY F 100 -41.68 18.04 80.42
C GLY F 100 -41.53 17.62 78.96
N LYS F 101 -40.28 17.31 78.61
CA LYS F 101 -39.93 16.90 77.26
C LYS F 101 -40.78 15.74 76.77
N GLY F 102 -41.09 15.77 75.47
CA GLY F 102 -41.95 14.80 74.84
C GLY F 102 -43.43 15.12 74.92
N ASP F 103 -43.81 16.14 75.69
CA ASP F 103 -45.19 16.55 75.83
C ASP F 103 -45.59 17.64 74.85
N SER F 104 -44.72 17.99 73.91
CA SER F 104 -45.08 19.01 72.94
C SER F 104 -46.26 18.55 72.07
N GLY F 105 -47.05 19.52 71.64
CA GLY F 105 -48.24 19.24 70.87
C GLY F 105 -49.45 18.90 71.71
N ARG F 106 -49.30 18.87 73.03
CA ARG F 106 -50.45 18.63 73.89
C ARG F 106 -51.47 19.75 73.73
N PRO F 107 -52.74 19.42 73.57
CA PRO F 107 -53.77 20.45 73.50
C PRO F 107 -54.21 20.88 74.89
N ILE F 108 -54.80 22.07 74.94
CA ILE F 108 -55.39 22.60 76.16
C ILE F 108 -56.86 22.82 75.85
N LEU F 109 -57.73 22.42 76.77
CA LEU F 109 -59.14 22.41 76.45
C LEU F 109 -59.95 23.31 77.36
N ASP F 110 -60.99 23.89 76.78
CA ASP F 110 -62.00 24.66 77.47
C ASP F 110 -62.98 23.72 78.15
N ASN F 111 -63.59 24.22 79.24
CA ASN F 111 -64.58 23.42 79.93
C ASN F 111 -65.75 23.05 79.02
N ARG F 112 -65.96 23.79 77.94
CA ARG F 112 -66.99 23.44 76.97
C ARG F 112 -66.47 22.46 75.93
N GLY F 113 -65.63 21.52 76.36
CA GLY F 113 -65.12 20.47 75.49
C GLY F 113 -64.49 20.93 74.20
N ARG F 114 -63.69 21.98 74.24
CA ARG F 114 -63.08 22.53 73.03
C ARG F 114 -61.67 23.00 73.36
N VAL F 115 -60.82 23.05 72.33
CA VAL F 115 -59.42 23.40 72.48
C VAL F 115 -59.23 24.92 72.42
N VAL F 116 -58.30 25.41 73.24
CA VAL F 116 -58.00 26.83 73.29
C VAL F 116 -56.53 27.08 73.01
N ALA F 117 -55.68 26.11 73.32
CA ALA F 117 -54.25 26.30 73.10
C ALA F 117 -53.55 24.95 72.92
N ILE F 118 -52.35 25.02 72.34
CA ILE F 118 -51.48 23.86 72.16
C ILE F 118 -50.15 24.20 72.82
N VAL F 119 -49.54 23.21 73.47
CA VAL F 119 -48.29 23.41 74.20
C VAL F 119 -47.10 22.99 73.35
N LEU F 120 -46.07 23.81 73.37
CA LEU F 120 -44.82 23.56 72.66
C LEU F 120 -43.63 23.42 73.60
N GLY F 121 -43.82 23.64 74.88
CA GLY F 121 -42.77 23.60 75.88
C GLY F 121 -43.09 24.58 76.98
N GLY F 122 -42.05 25.05 77.67
CA GLY F 122 -42.28 26.01 78.73
C GLY F 122 -41.06 26.20 79.59
N ALA F 123 -41.24 26.98 80.66
CA ALA F 123 -40.20 27.17 81.66
C ALA F 123 -40.85 27.68 82.94
N ASN F 124 -40.18 27.41 84.05
CA ASN F 124 -40.66 27.83 85.36
C ASN F 124 -40.40 29.31 85.63
N GLU F 125 -41.44 30.03 86.04
CA GLU F 125 -41.28 31.41 86.47
C GLU F 125 -40.75 31.46 87.89
N GLY F 126 -41.01 30.41 88.66
CA GLY F 126 -40.64 30.29 90.06
C GLY F 126 -41.87 29.82 90.80
N THR F 127 -42.98 30.53 90.60
CA THR F 127 -44.25 30.16 91.21
C THR F 127 -44.97 29.10 90.39
N ARG F 128 -44.79 29.14 89.07
CA ARG F 128 -45.41 28.21 88.14
C ARG F 128 -44.46 27.98 86.97
N THR F 129 -44.64 26.84 86.30
CA THR F 129 -43.98 26.60 85.03
C THR F 129 -44.81 27.24 83.93
N ALA F 130 -44.32 28.33 83.35
CA ALA F 130 -45.02 28.93 82.23
C ALA F 130 -44.75 28.08 81.00
N LEU F 131 -45.76 27.97 80.14
CA LEU F 131 -45.67 27.14 78.94
C LEU F 131 -45.54 27.97 77.68
N SER F 132 -44.61 27.57 76.81
CA SER F 132 -44.56 28.16 75.48
C SER F 132 -45.69 27.53 74.70
N VAL F 133 -46.62 28.35 74.22
CA VAL F 133 -47.86 27.85 73.63
C VAL F 133 -48.29 28.70 72.47
N VAL F 134 -49.17 28.13 71.65
CA VAL F 134 -49.86 28.84 70.59
C VAL F 134 -51.28 29.08 71.07
N THR F 135 -51.76 30.31 70.87
CA THR F 135 -53.03 30.78 71.41
C THR F 135 -53.54 31.80 70.41
N TRP F 136 -54.76 31.60 69.93
CA TRP F 136 -55.24 32.43 68.83
C TRP F 136 -55.96 33.65 69.36
N ASN F 137 -55.78 34.75 68.64
CA ASN F 137 -56.24 36.07 69.03
C ASN F 137 -57.76 36.17 69.13
N GLN F 138 -58.19 37.29 69.71
CA GLN F 138 -59.59 37.67 69.73
C GLN F 138 -60.15 37.65 68.32
N LYS F 139 -59.33 38.08 67.36
CA LYS F 139 -59.67 38.07 65.95
C LYS F 139 -59.22 36.77 65.29
N GLY F 140 -58.95 35.74 66.09
CA GLY F 140 -58.55 34.44 65.62
C GLY F 140 -57.11 34.29 65.20
N VAL F 141 -56.39 35.40 64.95
CA VAL F 141 -54.99 35.29 64.56
C VAL F 141 -54.27 34.39 65.54
N THR F 142 -53.55 33.40 65.04
CA THR F 142 -52.84 32.46 65.89
C THR F 142 -51.61 33.13 66.50
N ILE F 143 -51.74 33.64 67.71
CA ILE F 143 -50.61 34.27 68.37
C ILE F 143 -49.73 33.19 68.96
N LYS F 144 -48.44 33.48 69.09
CA LYS F 144 -47.54 32.61 69.85
C LYS F 144 -46.96 33.41 71.01
N ASP F 145 -47.18 32.93 72.23
CA ASP F 145 -46.58 33.52 73.42
C ASP F 145 -45.63 32.50 74.03
N THR F 146 -44.44 32.95 74.38
CA THR F 146 -43.43 32.06 74.95
C THR F 146 -42.46 32.87 75.79
N PRO F 147 -42.72 32.99 77.10
CA PRO F 147 -41.79 33.68 77.99
C PRO F 147 -40.35 33.25 77.74
N GLU F 148 -39.43 34.20 77.96
CA GLU F 148 -38.03 34.00 77.65
C GLU F 148 -37.47 32.76 78.35
N GLY F 149 -36.57 32.07 77.65
CA GLY F 149 -35.92 30.88 78.13
C GLY F 149 -36.79 29.63 78.15
N SER F 150 -38.02 29.70 77.65
CA SER F 150 -38.87 28.53 77.62
C SER F 150 -38.22 27.42 76.81
N GLU F 151 -38.04 26.26 77.44
CA GLU F 151 -37.45 25.14 76.72
C GLU F 151 -38.52 24.43 75.90
N PRO F 152 -38.17 23.96 74.69
CA PRO F 152 -39.14 23.19 73.91
C PRO F 152 -39.24 21.78 74.47
N TRP F 153 -40.45 21.35 74.79
CA TRP F 153 -40.63 20.00 75.30
C TRP F 153 -40.54 19.01 74.14
N PHE G 1 36.91 -37.91 21.61
CA PHE G 1 35.89 -37.35 22.48
C PHE G 1 34.98 -36.40 21.72
N GLU G 2 33.75 -36.82 21.45
CA GLU G 2 32.79 -35.97 20.74
C GLU G 2 32.19 -34.96 21.71
N HIS G 3 32.87 -33.84 21.88
CA HIS G 3 32.28 -32.73 22.62
C HIS G 3 31.06 -32.21 21.87
N ALA G 4 30.11 -31.67 22.61
CA ALA G 4 28.92 -31.10 21.99
C ALA G 4 28.60 -29.78 22.66
N THR G 5 28.30 -28.78 21.84
CA THR G 5 27.96 -27.46 22.37
C THR G 5 27.06 -26.72 21.38
N THR G 6 26.20 -25.87 21.92
CA THR G 6 25.46 -24.95 21.10
C THR G 6 26.35 -23.77 20.74
N VAL G 7 26.06 -23.13 19.61
CA VAL G 7 26.78 -21.92 19.21
C VAL G 7 25.79 -20.86 18.76
N PRO G 8 25.92 -19.62 19.24
CA PRO G 8 25.06 -18.55 18.73
C PRO G 8 25.29 -18.40 17.23
N ASN G 9 24.23 -18.60 16.45
CA ASN G 9 24.34 -18.49 15.00
C ASN G 9 24.55 -17.05 14.59
N VAL G 10 25.73 -16.49 14.89
CA VAL G 10 26.06 -15.11 14.58
C VAL G 10 27.41 -15.09 13.87
N PRO G 11 27.47 -14.65 12.62
CA PRO G 11 28.76 -14.58 11.93
C PRO G 11 29.69 -13.60 12.62
N GLY G 12 30.97 -13.93 12.62
CA GLY G 12 31.94 -13.04 13.24
C GLY G 12 32.09 -13.20 14.73
N ILE G 13 30.98 -13.18 15.47
CA ILE G 13 31.00 -13.35 16.92
C ILE G 13 31.76 -14.61 17.29
N PRO G 14 32.80 -14.50 18.09
CA PRO G 14 33.53 -15.71 18.48
C PRO G 14 32.98 -16.36 19.74
N TYR G 15 32.20 -17.42 19.58
CA TYR G 15 31.70 -18.14 20.74
C TYR G 15 32.83 -18.95 21.35
N LYS G 16 33.11 -18.71 22.62
CA LYS G 16 34.16 -19.42 23.33
C LYS G 16 33.54 -20.47 24.23
N ALA G 17 34.08 -21.69 24.17
CA ALA G 17 33.61 -22.78 25.00
C ALA G 17 34.82 -23.47 25.61
N LEU G 18 34.56 -24.26 26.64
CA LEU G 18 35.60 -25.04 27.29
C LEU G 18 35.18 -26.49 27.40
N VAL G 19 36.04 -27.39 26.94
CA VAL G 19 35.79 -28.82 27.07
C VAL G 19 36.50 -29.30 28.33
N GLU G 20 35.83 -30.18 29.06
CA GLU G 20 36.28 -30.62 30.38
C GLU G 20 36.28 -32.15 30.39
N ARG G 21 37.46 -32.75 30.28
CA ARG G 21 37.59 -34.20 30.18
C ARG G 21 38.41 -34.71 31.36
N ALA G 22 37.93 -35.81 31.94
CA ALA G 22 38.43 -36.32 33.21
C ALA G 22 39.96 -36.40 33.29
N GLY G 23 40.58 -37.14 32.38
CA GLY G 23 42.02 -37.27 32.52
C GLY G 23 42.84 -36.08 32.10
N TYR G 24 42.24 -35.07 31.51
CA TYR G 24 43.01 -34.01 30.87
C TYR G 24 42.63 -32.64 31.41
N ALA G 25 43.60 -31.74 31.36
CA ALA G 25 43.32 -30.35 31.69
C ALA G 25 42.30 -29.83 30.68
N PRO G 26 41.42 -28.92 31.10
CA PRO G 26 40.47 -28.36 30.14
C PRO G 26 41.19 -27.80 28.93
N LEU G 27 40.49 -27.77 27.82
CA LEU G 27 41.04 -27.27 26.56
C LEU G 27 40.18 -26.11 26.07
N ASN G 28 40.84 -25.01 25.74
CA ASN G 28 40.10 -23.88 25.20
C ASN G 28 39.55 -24.27 23.85
N LEU G 29 38.29 -23.92 23.62
CA LEU G 29 37.63 -24.23 22.35
C LEU G 29 36.86 -22.99 21.94
N GLU G 30 37.43 -22.24 21.00
CA GLU G 30 36.74 -21.08 20.44
C GLU G 30 36.23 -21.45 19.06
N ILE G 31 34.94 -21.25 18.86
CA ILE G 31 34.26 -21.58 17.62
C ILE G 31 33.61 -20.31 17.10
N THR G 32 33.87 -19.99 15.84
CA THR G 32 33.39 -18.74 15.27
C THR G 32 32.83 -18.99 13.89
N VAL G 33 31.65 -18.46 13.63
CA VAL G 33 31.08 -18.54 12.29
C VAL G 33 31.78 -17.48 11.43
N VAL G 34 32.83 -17.88 10.73
CA VAL G 34 33.52 -16.91 9.89
C VAL G 34 32.65 -16.53 8.70
N SER G 35 31.91 -17.50 8.17
CA SER G 35 31.01 -17.23 7.07
C SER G 35 29.84 -18.20 7.16
N SER G 36 28.73 -17.81 6.53
CA SER G 36 27.56 -18.66 6.43
C SER G 36 27.01 -18.50 5.03
N GLU G 37 26.30 -19.52 4.56
CA GLU G 37 25.84 -19.49 3.19
C GLU G 37 24.49 -20.22 3.16
N LEU G 38 23.46 -19.51 3.61
CA LEU G 38 22.10 -20.03 3.60
C LEU G 38 21.60 -20.01 2.17
N THR G 39 21.81 -21.11 1.44
CA THR G 39 21.41 -21.17 0.05
C THR G 39 20.25 -22.13 -0.15
N PRO G 40 19.11 -21.65 -0.60
CA PRO G 40 17.99 -22.54 -0.91
C PRO G 40 18.15 -23.11 -2.30
N SER G 41 17.65 -24.33 -2.48
CA SER G 41 17.57 -24.87 -3.83
C SER G 41 16.52 -24.08 -4.61
N THR G 42 16.80 -23.87 -5.89
CA THR G 42 15.92 -23.12 -6.76
C THR G 42 16.03 -23.65 -8.17
N ASN G 43 14.97 -23.43 -8.95
CA ASN G 43 14.94 -23.83 -10.34
C ASN G 43 14.48 -22.66 -11.18
N LYS G 44 15.10 -22.49 -12.34
CA LYS G 44 14.65 -21.46 -13.26
C LYS G 44 13.24 -21.77 -13.73
N GLU G 45 12.31 -20.87 -13.44
CA GLU G 45 10.96 -21.00 -13.97
C GLU G 45 10.89 -20.46 -15.38
N TYR G 46 11.27 -19.20 -15.55
CA TYR G 46 11.33 -18.58 -16.85
C TYR G 46 12.12 -17.28 -16.75
N VAL G 47 12.59 -16.83 -17.89
CA VAL G 47 13.27 -15.55 -18.01
C VAL G 47 12.27 -14.54 -18.53
N THR G 48 12.48 -13.28 -18.17
CA THR G 48 11.59 -12.23 -18.65
C THR G 48 12.35 -10.91 -18.74
N CYS G 49 11.86 -10.04 -19.61
CA CYS G 49 12.48 -8.74 -19.84
C CYS G 49 11.51 -7.88 -20.61
N ARG G 50 11.87 -6.62 -20.79
CA ARG G 50 11.08 -5.73 -21.63
C ARG G 50 10.99 -6.39 -23.00
N PHE G 51 9.80 -6.86 -23.37
CA PHE G 51 9.68 -7.53 -24.65
C PHE G 51 9.72 -6.53 -25.80
N HIS G 52 10.34 -6.93 -26.90
CA HIS G 52 10.39 -6.14 -28.11
C HIS G 52 9.31 -6.64 -29.06
N THR G 53 8.35 -5.80 -29.38
CA THR G 53 7.34 -6.18 -30.36
C THR G 53 7.95 -6.14 -31.75
N VAL G 54 7.61 -7.12 -32.56
CA VAL G 54 8.00 -7.14 -33.96
C VAL G 54 6.75 -7.11 -34.81
N ILE G 55 6.64 -6.09 -35.64
CA ILE G 55 5.54 -5.96 -36.59
C ILE G 55 6.14 -6.24 -37.96
N PRO G 56 6.28 -7.50 -38.32
CA PRO G 56 6.91 -7.87 -39.59
C PRO G 56 6.14 -7.35 -40.79
N SER G 57 6.87 -7.26 -41.90
CA SER G 57 6.38 -6.80 -43.19
C SER G 57 5.02 -7.41 -43.49
N PRO G 58 4.00 -6.59 -43.66
CA PRO G 58 2.66 -7.10 -43.89
C PRO G 58 2.56 -7.83 -45.23
N GLN G 59 1.54 -8.68 -45.32
CA GLN G 59 1.29 -9.50 -46.49
C GLN G 59 0.01 -9.00 -47.14
N VAL G 60 0.06 -8.72 -48.43
CA VAL G 60 -1.10 -8.21 -49.16
C VAL G 60 -1.33 -9.05 -50.41
N LYS G 61 -2.59 -9.34 -50.68
CA LYS G 61 -3.01 -10.07 -51.88
C LYS G 61 -3.82 -9.04 -52.67
N CYS G 62 -3.10 -8.27 -53.48
CA CYS G 62 -3.65 -7.13 -54.22
C CYS G 62 -4.93 -7.41 -55.01
N CYS G 63 -5.29 -8.68 -55.20
CA CYS G 63 -6.54 -8.96 -55.90
C CYS G 63 -7.25 -10.22 -55.38
N GLY G 64 -7.03 -10.57 -54.13
CA GLY G 64 -7.65 -11.75 -53.57
C GLY G 64 -7.71 -11.59 -52.08
N SER G 65 -7.74 -12.70 -51.37
CA SER G 65 -7.81 -12.65 -49.91
C SER G 65 -6.96 -13.74 -49.31
N LEU G 66 -6.65 -13.56 -48.03
CA LEU G 66 -5.78 -14.46 -47.28
C LEU G 66 -6.34 -14.63 -45.89
N GLU G 67 -5.86 -15.64 -45.18
CA GLU G 67 -6.28 -15.90 -43.82
C GLU G 67 -5.05 -16.03 -42.94
N CYS G 68 -5.26 -15.87 -41.64
CA CYS G 68 -4.18 -16.07 -40.70
C CYS G 68 -3.72 -17.52 -40.71
N LYS G 69 -2.60 -17.75 -40.04
CA LYS G 69 -2.06 -19.09 -39.87
C LYS G 69 -1.62 -19.25 -38.42
N ALA G 70 -1.52 -20.50 -37.99
CA ALA G 70 -0.98 -20.75 -36.66
C ALA G 70 0.51 -20.41 -36.64
N SER G 71 1.00 -20.08 -35.46
CA SER G 71 2.42 -19.81 -35.29
C SER G 71 2.84 -20.10 -33.86
N SER G 72 4.08 -20.52 -33.70
CA SER G 72 4.65 -20.79 -32.39
C SER G 72 5.13 -19.54 -31.70
N LYS G 73 5.28 -18.44 -32.44
CA LYS G 73 5.80 -17.21 -31.87
C LYS G 73 4.87 -16.71 -30.78
N ALA G 74 5.46 -16.04 -29.79
CA ALA G 74 4.72 -15.57 -28.63
C ALA G 74 3.72 -14.47 -28.98
N ASP G 75 2.51 -14.62 -28.44
CA ASP G 75 1.41 -13.67 -28.62
C ASP G 75 1.15 -13.36 -30.08
N TYR G 76 1.40 -14.34 -30.95
CA TYR G 76 1.21 -14.18 -32.37
C TYR G 76 -0.26 -13.97 -32.66
N THR G 77 -0.61 -12.87 -33.33
CA THR G 77 -2.02 -12.55 -33.50
C THR G 77 -2.31 -11.88 -34.85
N CYS G 78 -2.22 -12.66 -35.92
CA CYS G 78 -2.53 -12.14 -37.24
C CYS G 78 -4.00 -11.82 -37.38
N ARG G 79 -4.29 -10.94 -38.32
CA ARG G 79 -5.64 -10.48 -38.63
C ARG G 79 -5.66 -10.18 -40.11
N VAL G 80 -6.86 -10.08 -40.67
CA VAL G 80 -7.01 -9.76 -42.07
C VAL G 80 -7.93 -8.55 -42.19
N PHE G 81 -7.60 -7.67 -43.11
CA PHE G 81 -8.39 -6.47 -43.37
C PHE G 81 -8.49 -6.24 -44.86
N GLY G 82 -9.71 -6.02 -45.35
CA GLY G 82 -9.93 -5.80 -46.76
C GLY G 82 -10.00 -4.32 -47.12
N GLY G 83 -10.08 -4.07 -48.43
CA GLY G 83 -10.15 -2.71 -48.95
C GLY G 83 -9.04 -1.83 -48.45
N VAL G 84 -7.87 -2.42 -48.24
CA VAL G 84 -6.76 -1.69 -47.62
C VAL G 84 -6.05 -0.79 -48.62
N TYR G 85 -5.94 -1.17 -49.89
CA TYR G 85 -5.36 -0.36 -50.96
C TYR G 85 -4.11 0.46 -50.54
N PRO G 86 -3.14 -0.09 -49.79
CA PRO G 86 -2.10 0.77 -49.21
C PRO G 86 -1.11 1.28 -50.24
N PHE G 87 -0.54 2.46 -49.96
CA PHE G 87 0.45 3.13 -50.80
C PHE G 87 1.82 3.08 -50.12
N MET G 88 2.88 2.85 -50.88
CA MET G 88 4.25 3.01 -50.46
C MET G 88 4.81 4.26 -51.14
N TRP G 89 6.10 4.53 -50.93
CA TRP G 89 6.68 5.74 -51.52
C TRP G 89 6.42 5.84 -53.01
N GLY G 90 6.45 4.71 -53.72
CA GLY G 90 6.17 4.79 -55.14
C GLY G 90 4.72 5.04 -55.47
N GLY G 91 3.81 5.12 -54.53
CA GLY G 91 2.37 5.27 -54.76
C GLY G 91 1.65 3.97 -54.44
N ALA G 92 0.54 3.71 -55.13
CA ALA G 92 -0.25 2.51 -54.92
C ALA G 92 0.57 1.26 -55.16
N GLN G 93 0.34 0.24 -54.33
CA GLN G 93 1.05 -1.02 -54.44
C GLN G 93 0.11 -2.16 -54.77
N CYS G 94 -1.16 -1.86 -55.02
CA CYS G 94 -2.17 -2.83 -55.40
C CYS G 94 -3.12 -2.16 -56.38
N PHE G 95 -3.97 -2.98 -56.99
CA PHE G 95 -4.83 -2.51 -58.07
C PHE G 95 -6.27 -3.00 -58.03
N CYS G 96 -6.65 -3.91 -57.12
CA CYS G 96 -8.04 -4.33 -56.96
C CYS G 96 -8.53 -3.74 -55.65
N ASP G 97 -8.81 -2.43 -55.69
CA ASP G 97 -9.17 -1.65 -54.51
C ASP G 97 -10.18 -2.34 -53.60
N SER G 98 -11.25 -2.88 -54.17
CA SER G 98 -12.27 -3.55 -53.38
C SER G 98 -11.81 -4.93 -52.93
N GLU G 99 -11.26 -5.72 -53.85
CA GLU G 99 -10.90 -7.09 -53.53
C GLU G 99 -9.63 -7.20 -52.70
N ASN G 100 -8.69 -6.26 -52.86
CA ASN G 100 -7.43 -6.35 -52.13
C ASN G 100 -7.66 -6.41 -50.62
N THR G 101 -6.91 -7.30 -49.96
CA THR G 101 -6.96 -7.46 -48.52
C THR G 101 -5.54 -7.49 -47.97
N GLN G 102 -5.41 -7.05 -46.71
CA GLN G 102 -4.13 -7.02 -46.02
C GLN G 102 -4.09 -8.02 -44.88
N LEU G 103 -3.11 -8.92 -44.92
CA LEU G 103 -2.80 -9.78 -43.79
C LEU G 103 -1.79 -9.04 -42.93
N SER G 104 -2.21 -8.65 -41.74
CA SER G 104 -1.29 -8.06 -40.78
C SER G 104 -0.77 -9.13 -39.83
N GLU G 105 0.48 -8.98 -39.42
CA GLU G 105 1.12 -9.94 -38.54
C GLU G 105 1.89 -9.21 -37.46
N ALA G 106 1.81 -9.72 -36.24
CA ALA G 106 2.56 -9.11 -35.15
C ALA G 106 2.80 -10.14 -34.05
N TYR G 107 3.99 -10.10 -33.47
CA TYR G 107 4.34 -10.99 -32.36
C TYR G 107 5.45 -10.31 -31.57
N VAL G 108 5.78 -10.90 -30.43
CA VAL G 108 6.80 -10.33 -29.55
C VAL G 108 7.99 -11.25 -29.44
N GLU G 109 9.15 -10.64 -29.18
CA GLU G 109 10.41 -11.36 -29.05
C GLU G 109 11.26 -10.59 -28.06
N PHE G 110 12.24 -11.29 -27.46
CA PHE G 110 13.12 -10.64 -26.51
C PHE G 110 14.03 -9.62 -27.19
N ALA G 111 14.02 -8.40 -26.67
CA ALA G 111 14.90 -7.36 -27.17
C ALA G 111 16.36 -7.77 -27.01
N PRO G 112 17.24 -7.19 -27.82
CA PRO G 112 18.67 -7.54 -27.69
C PRO G 112 19.21 -7.31 -26.29
N ASP G 113 18.81 -6.20 -25.66
CA ASP G 113 19.29 -5.89 -24.32
C ASP G 113 18.81 -6.90 -23.28
N CYS G 114 17.79 -7.68 -23.60
CA CYS G 114 17.35 -8.72 -22.67
C CYS G 114 18.47 -9.68 -22.30
N THR G 115 19.45 -9.85 -23.19
CA THR G 115 20.58 -10.74 -22.92
C THR G 115 21.30 -10.41 -21.63
N ILE G 116 21.08 -9.24 -21.05
CA ILE G 116 21.69 -8.89 -19.78
C ILE G 116 20.66 -8.30 -18.83
N ASP G 117 19.92 -7.29 -19.29
CA ASP G 117 18.86 -6.72 -18.47
C ASP G 117 17.61 -7.57 -18.65
N HIS G 118 17.63 -8.71 -17.96
CA HIS G 118 16.49 -9.61 -17.91
C HIS G 118 16.30 -10.03 -16.46
N ALA G 119 15.12 -10.60 -16.19
CA ALA G 119 14.86 -11.15 -14.88
C ALA G 119 14.46 -12.61 -15.02
N VAL G 120 14.85 -13.39 -14.02
CA VAL G 120 14.51 -14.81 -13.95
C VAL G 120 13.66 -15.05 -12.73
N ALA G 121 12.47 -15.62 -12.93
CA ALA G 121 11.62 -15.97 -11.81
C ALA G 121 12.12 -17.26 -11.20
N LEU G 122 12.12 -17.33 -9.88
CA LEU G 122 12.56 -18.55 -9.22
C LEU G 122 11.63 -18.93 -8.09
N LYS G 123 11.20 -20.18 -8.09
CA LYS G 123 10.57 -20.76 -6.92
C LYS G 123 11.69 -21.18 -5.98
N VAL G 124 11.49 -20.99 -4.69
CA VAL G 124 12.49 -21.39 -3.72
C VAL G 124 12.06 -22.68 -3.07
N HIS G 125 12.99 -23.63 -2.99
CA HIS G 125 12.65 -24.97 -2.55
C HIS G 125 12.68 -25.08 -1.03
N THR G 126 13.84 -24.82 -0.44
CA THR G 126 14.05 -24.82 1.01
C THR G 126 15.48 -24.38 1.23
N ALA G 127 15.71 -23.51 2.21
CA ALA G 127 17.04 -23.01 2.46
C ALA G 127 17.92 -24.05 3.13
N ALA G 128 18.89 -24.56 2.39
CA ALA G 128 19.95 -25.34 2.99
C ALA G 128 20.93 -24.36 3.63
N LEU G 129 21.85 -24.85 4.45
CA LEU G 129 22.76 -23.90 5.09
C LEU G 129 24.16 -24.47 5.24
N LYS G 130 25.09 -23.89 4.47
CA LYS G 130 26.50 -24.19 4.62
C LYS G 130 27.07 -23.13 5.54
N VAL G 131 28.00 -23.51 6.40
CA VAL G 131 28.61 -22.58 7.34
C VAL G 131 30.13 -22.72 7.29
N GLY G 132 30.82 -21.61 7.10
CA GLY G 132 32.26 -21.59 7.15
C GLY G 132 32.68 -21.39 8.59
N LEU G 133 32.98 -22.49 9.26
CA LEU G 133 33.38 -22.48 10.66
C LEU G 133 34.88 -22.51 10.81
N ARG G 134 35.38 -21.71 11.74
CA ARG G 134 36.79 -21.74 12.12
C ARG G 134 36.83 -22.27 13.54
N ILE G 135 37.59 -23.32 13.75
CA ILE G 135 37.80 -23.93 15.06
C ILE G 135 39.23 -23.68 15.47
N VAL G 136 39.42 -23.18 16.68
CA VAL G 136 40.74 -23.04 17.26
C VAL G 136 40.71 -23.73 18.61
N TYR G 137 41.73 -24.54 18.88
CA TYR G 137 41.78 -25.35 20.08
C TYR G 137 43.24 -25.60 20.42
N GLY G 138 43.63 -25.18 21.62
CA GLY G 138 45.02 -25.27 22.02
C GLY G 138 45.89 -24.48 21.07
N ASN G 139 47.03 -25.07 20.71
CA ASN G 139 47.93 -24.43 19.76
C ASN G 139 47.58 -24.72 18.31
N THR G 140 46.41 -25.29 18.04
CA THR G 140 46.01 -25.65 16.70
C THR G 140 44.69 -24.97 16.34
N THR G 141 44.53 -24.63 15.06
CA THR G 141 43.30 -24.06 14.56
C THR G 141 43.03 -24.63 13.17
N ALA G 142 41.75 -24.78 12.85
CA ALA G 142 41.36 -25.31 11.55
C ALA G 142 40.16 -24.55 11.01
N HIS G 143 40.17 -24.31 9.71
CA HIS G 143 39.03 -23.71 9.02
C HIS G 143 38.34 -24.81 8.23
N LEU G 144 37.00 -24.85 8.31
CA LEU G 144 36.27 -25.87 7.60
C LEU G 144 34.89 -25.36 7.22
N ASP G 145 34.34 -25.93 6.15
CA ASP G 145 32.99 -25.67 5.73
C ASP G 145 32.13 -26.87 6.08
N THR G 146 31.02 -26.62 6.77
CA THR G 146 30.07 -27.67 7.10
C THR G 146 28.67 -27.26 6.68
N PHE G 147 27.86 -28.25 6.34
CA PHE G 147 26.45 -28.02 6.14
C PHE G 147 25.73 -28.19 7.47
N VAL G 148 24.46 -27.81 7.52
CA VAL G 148 23.74 -27.88 8.78
C VAL G 148 22.53 -28.79 8.72
N ASN G 149 22.76 -30.10 8.68
CA ASN G 149 21.69 -31.07 8.70
C ASN G 149 21.73 -31.94 9.94
N GLY G 150 22.88 -32.00 10.61
CA GLY G 150 23.07 -32.85 11.76
C GLY G 150 23.85 -34.10 11.46
N VAL G 151 24.34 -34.27 10.24
CA VAL G 151 25.04 -35.50 9.87
C VAL G 151 26.32 -35.23 9.10
N THR G 152 26.27 -34.34 8.11
CA THR G 152 27.41 -34.11 7.22
C THR G 152 28.69 -33.84 8.02
N PRO G 153 29.68 -34.71 7.92
CA PRO G 153 30.96 -34.48 8.61
C PRO G 153 31.81 -33.49 7.83
N GLY G 154 31.93 -32.28 8.35
CA GLY G 154 32.78 -31.30 7.70
C GLY G 154 34.24 -31.54 8.01
N SER G 155 34.65 -32.80 7.96
CA SER G 155 35.99 -33.24 8.33
C SER G 155 37.06 -32.38 7.68
N SER G 156 37.92 -31.78 8.51
CA SER G 156 39.02 -30.97 8.04
C SER G 156 40.24 -31.35 8.88
N ARG G 157 41.27 -31.86 8.23
CA ARG G 157 42.49 -32.34 8.91
C ARG G 157 42.06 -33.38 9.92
N ASP G 158 42.32 -33.20 11.22
CA ASP G 158 41.99 -34.18 12.24
C ASP G 158 40.70 -33.85 12.96
N LEU G 159 39.96 -32.85 12.50
CA LEU G 159 38.74 -32.38 13.16
C LEU G 159 37.51 -32.72 12.34
N LYS G 160 36.84 -33.82 12.69
CA LYS G 160 35.57 -34.15 12.08
C LYS G 160 34.50 -33.48 12.93
N VAL G 161 33.56 -32.80 12.29
CA VAL G 161 32.54 -32.02 12.99
C VAL G 161 31.20 -32.17 12.29
N ILE G 162 30.13 -32.16 13.10
CA ILE G 162 28.76 -32.20 12.61
C ILE G 162 28.04 -31.02 13.24
N ALA G 163 27.05 -30.50 12.52
CA ALA G 163 26.35 -29.31 12.97
C ALA G 163 24.88 -29.34 12.61
N GLY G 164 24.06 -28.77 13.49
CA GLY G 164 22.64 -28.65 13.27
C GLY G 164 21.81 -29.66 14.02
N PRO G 165 20.49 -29.62 13.78
CA PRO G 165 19.75 -28.71 12.90
C PRO G 165 19.65 -27.27 13.44
N ILE G 166 19.38 -26.29 12.57
CA ILE G 166 19.26 -24.91 13.02
C ILE G 166 18.07 -24.74 13.97
N SER G 167 18.23 -23.86 14.95
CA SER G 167 17.20 -23.60 15.93
C SER G 167 15.95 -22.96 15.34
N ALA G 168 15.93 -22.66 14.05
CA ALA G 168 14.73 -22.10 13.44
C ALA G 168 14.67 -22.50 11.97
N ALA G 169 13.46 -22.72 11.46
CA ALA G 169 13.24 -23.04 10.07
C ALA G 169 13.14 -21.79 9.20
N PHE G 170 13.73 -20.69 9.65
CA PHE G 170 13.66 -19.42 8.95
C PHE G 170 14.33 -19.49 7.58
N SER G 171 13.85 -18.64 6.66
CA SER G 171 14.48 -18.42 5.39
C SER G 171 14.09 -17.00 4.97
N PRO G 172 14.99 -16.24 4.39
CA PRO G 172 14.65 -14.87 3.99
C PRO G 172 13.84 -14.83 2.72
N PHE G 173 14.19 -15.72 1.80
CA PHE G 173 13.51 -15.80 0.52
C PHE G 173 12.08 -16.29 0.69
N ASP G 174 11.13 -15.53 0.17
CA ASP G 174 9.77 -16.04 0.16
C ASP G 174 9.67 -17.15 -0.89
N HIS G 175 8.54 -17.86 -0.89
CA HIS G 175 8.37 -18.98 -1.81
C HIS G 175 8.64 -18.60 -3.26
N LYS G 176 8.29 -17.39 -3.67
CA LYS G 176 8.53 -16.92 -5.02
C LYS G 176 9.49 -15.74 -5.00
N VAL G 177 10.59 -15.84 -5.76
CA VAL G 177 11.56 -14.76 -5.87
C VAL G 177 11.96 -14.59 -7.33
N VAL G 178 12.43 -13.40 -7.66
CA VAL G 178 12.90 -13.07 -9.00
C VAL G 178 14.21 -12.31 -8.89
N ILE G 179 15.19 -12.70 -9.70
CA ILE G 179 16.50 -12.05 -9.71
C ILE G 179 16.59 -11.13 -10.91
N ARG G 180 17.15 -9.95 -10.68
CA ARG G 180 17.40 -8.95 -11.73
C ARG G 180 18.74 -8.30 -11.49
N LYS G 181 19.65 -8.41 -12.47
CA LYS G 181 20.94 -7.73 -12.42
C LYS G 181 21.65 -7.94 -11.08
N GLY G 182 21.44 -9.09 -10.47
CA GLY G 182 21.98 -9.40 -9.17
C GLY G 182 21.12 -8.99 -8.00
N LEU G 183 20.19 -8.07 -8.21
CA LEU G 183 19.20 -7.79 -7.20
C LEU G 183 18.18 -8.91 -7.19
N VAL G 184 17.51 -9.09 -6.06
CA VAL G 184 16.48 -10.12 -5.97
C VAL G 184 15.31 -9.57 -5.18
N TYR G 185 14.11 -9.98 -5.57
CA TYR G 185 12.91 -9.49 -4.92
C TYR G 185 11.98 -10.66 -4.66
N ASN G 186 11.47 -10.77 -3.44
CA ASN G 186 10.43 -11.76 -3.20
C ASN G 186 9.15 -11.21 -3.81
N TYR G 187 8.50 -12.00 -4.66
CA TYR G 187 7.38 -11.48 -5.42
C TYR G 187 6.54 -12.61 -5.99
N ASP G 188 5.22 -12.52 -5.83
CA ASP G 188 4.31 -13.54 -6.33
C ASP G 188 4.16 -13.47 -7.84
N PHE G 189 5.21 -13.85 -8.56
CA PHE G 189 5.15 -13.89 -10.01
C PHE G 189 4.16 -14.95 -10.47
N PRO G 190 3.57 -14.78 -11.64
CA PRO G 190 2.71 -15.83 -12.18
C PRO G 190 3.55 -17.01 -12.64
N GLU G 191 3.01 -18.21 -12.43
CA GLU G 191 3.74 -19.42 -12.79
C GLU G 191 3.94 -19.51 -14.30
N TYR G 192 4.82 -20.42 -14.70
CA TYR G 192 5.06 -20.65 -16.12
C TYR G 192 3.77 -21.02 -16.82
N GLY G 193 3.60 -20.52 -18.03
CA GLY G 193 2.37 -20.70 -18.77
C GLY G 193 1.26 -19.77 -18.33
N ALA G 194 1.44 -19.05 -17.23
CA ALA G 194 0.52 -18.01 -16.80
C ALA G 194 1.11 -16.68 -17.24
N MET G 195 0.40 -15.98 -18.11
CA MET G 195 0.82 -14.67 -18.58
C MET G 195 -0.36 -13.73 -18.52
N LYS G 196 -0.11 -12.53 -18.01
CA LYS G 196 -1.15 -11.54 -17.81
C LYS G 196 -0.65 -10.22 -18.37
N PRO G 197 -1.47 -9.51 -19.14
CA PRO G 197 -1.02 -8.27 -19.78
C PRO G 197 -0.70 -7.20 -18.75
N GLY G 198 0.43 -6.53 -18.94
CA GLY G 198 0.89 -5.47 -18.07
C GLY G 198 1.41 -5.91 -16.73
N ALA G 199 1.29 -7.18 -16.38
CA ALA G 199 1.83 -7.69 -15.13
C ALA G 199 3.21 -8.28 -15.37
N PHE G 200 3.95 -8.46 -14.28
CA PHE G 200 5.25 -9.12 -14.38
C PHE G 200 5.12 -10.45 -15.09
N GLY G 201 6.12 -10.80 -15.87
CA GLY G 201 6.07 -12.04 -16.61
C GLY G 201 5.09 -12.01 -17.76
N ASP G 202 4.81 -10.83 -18.30
CA ASP G 202 3.98 -10.71 -19.49
C ASP G 202 4.53 -11.55 -20.62
N ILE G 203 5.84 -11.67 -20.71
CA ILE G 203 6.49 -12.56 -21.67
C ILE G 203 7.35 -13.53 -20.86
N GLN G 204 7.42 -14.78 -21.32
CA GLN G 204 8.16 -15.80 -20.60
C GLN G 204 8.79 -16.78 -21.58
N ALA G 205 9.90 -17.37 -21.17
CA ALA G 205 10.57 -18.39 -21.97
C ALA G 205 11.48 -19.20 -21.08
N SER G 206 11.82 -20.40 -21.56
CA SER G 206 12.73 -21.27 -20.83
C SER G 206 14.14 -20.68 -20.77
N SER G 207 14.54 -19.96 -21.81
CA SER G 207 15.86 -19.35 -21.85
C SER G 207 15.82 -18.21 -22.86
N LEU G 208 16.79 -17.32 -22.74
CA LEU G 208 16.79 -16.12 -23.56
C LEU G 208 17.05 -16.42 -25.03
N ASP G 209 17.71 -17.52 -25.33
CA ASP G 209 17.93 -17.93 -26.70
C ASP G 209 16.88 -18.88 -27.22
N ALA G 210 16.03 -19.41 -26.34
CA ALA G 210 15.02 -20.36 -26.74
C ALA G 210 13.95 -19.70 -27.61
N THR G 211 13.60 -20.38 -28.70
CA THR G 211 12.62 -19.86 -29.65
C THR G 211 11.18 -20.11 -29.21
N ASP G 212 10.96 -20.89 -28.16
CA ASP G 212 9.60 -21.19 -27.71
C ASP G 212 9.16 -20.20 -26.62
N ILE G 213 9.24 -18.93 -27.00
CA ILE G 213 8.80 -17.86 -26.11
C ILE G 213 7.28 -17.81 -26.09
N VAL G 214 6.72 -17.38 -24.97
CA VAL G 214 5.28 -17.23 -24.83
C VAL G 214 4.99 -15.90 -24.18
N ALA G 215 3.86 -15.31 -24.54
CA ALA G 215 3.46 -14.04 -23.98
C ALA G 215 1.98 -13.83 -24.17
N ARG G 216 1.41 -12.94 -23.37
CA ARG G 216 0.02 -12.54 -23.47
C ARG G 216 -0.02 -11.04 -23.14
N THR G 217 0.54 -10.25 -24.03
CA THR G 217 0.65 -8.82 -23.90
C THR G 217 -0.64 -8.08 -24.23
N ASP G 218 -1.71 -8.81 -24.55
CA ASP G 218 -2.97 -8.23 -25.00
C ASP G 218 -2.81 -7.45 -26.30
N ILE G 219 -1.75 -7.74 -27.06
CA ILE G 219 -1.55 -7.06 -28.33
C ILE G 219 -2.75 -7.29 -29.22
N ARG G 220 -3.19 -6.21 -29.87
CA ARG G 220 -4.30 -6.25 -30.78
C ARG G 220 -4.03 -5.22 -31.85
N LEU G 221 -4.65 -5.42 -33.01
CA LEU G 221 -4.39 -4.58 -34.16
C LEU G 221 -5.62 -3.80 -34.57
N LEU G 222 -5.43 -2.55 -34.94
CA LEU G 222 -6.50 -1.76 -35.51
C LEU G 222 -6.56 -2.01 -37.00
N LYS G 223 -7.73 -1.78 -37.58
CA LYS G 223 -7.84 -1.89 -39.02
C LYS G 223 -6.94 -0.87 -39.70
N PRO G 224 -6.06 -1.29 -40.59
CA PRO G 224 -5.20 -0.35 -41.31
C PRO G 224 -6.08 0.62 -42.08
N SER G 225 -5.95 1.90 -41.77
CA SER G 225 -6.89 2.87 -42.29
C SER G 225 -6.20 4.22 -42.49
N VAL G 226 -5.16 4.23 -43.31
CA VAL G 226 -4.46 5.46 -43.65
C VAL G 226 -3.93 5.30 -45.08
N LYS G 227 -3.75 6.41 -45.78
CA LYS G 227 -3.31 6.36 -47.18
C LYS G 227 -1.99 5.63 -47.35
N ASN G 228 -1.10 5.66 -46.36
CA ASN G 228 0.16 4.95 -46.47
C ASN G 228 0.06 3.55 -45.88
N ILE G 229 0.92 2.65 -46.36
CA ILE G 229 0.96 1.32 -45.78
C ILE G 229 1.27 1.43 -44.31
N HIS G 230 0.61 0.59 -43.51
CA HIS G 230 0.87 0.56 -42.08
C HIS G 230 0.30 -0.72 -41.51
N VAL G 231 0.68 -0.98 -40.27
CA VAL G 231 0.16 -2.10 -39.50
C VAL G 231 -0.06 -1.53 -38.10
N PRO G 232 -1.08 -0.70 -37.93
CA PRO G 232 -1.27 -0.02 -36.64
C PRO G 232 -1.71 -1.00 -35.58
N TYR G 233 -1.01 -0.95 -34.45
CA TYR G 233 -1.27 -1.87 -33.36
C TYR G 233 -1.08 -1.15 -32.04
N THR G 234 -1.72 -1.69 -31.01
CA THR G 234 -1.63 -1.17 -29.66
C THR G 234 -1.28 -2.34 -28.76
N GLN G 235 -0.69 -2.02 -27.62
CA GLN G 235 -0.26 -3.07 -26.72
C GLN G 235 -0.23 -2.55 -25.30
N ALA G 236 -0.32 -3.48 -24.36
CA ALA G 236 -0.06 -3.15 -22.98
C ALA G 236 1.41 -2.76 -22.85
N VAL G 237 1.70 -1.79 -21.98
CA VAL G 237 3.09 -1.51 -21.70
C VAL G 237 3.70 -2.78 -21.11
N SER G 238 5.00 -2.95 -21.33
CA SER G 238 5.66 -4.16 -20.87
C SER G 238 5.50 -4.33 -19.37
N GLY G 239 4.99 -5.49 -18.96
CA GLY G 239 4.86 -5.77 -17.55
C GLY G 239 6.20 -5.80 -16.85
N TYR G 240 7.27 -6.04 -17.60
CA TYR G 240 8.60 -5.97 -17.03
C TYR G 240 8.92 -4.55 -16.59
N GLU G 241 8.69 -3.58 -17.48
CA GLU G 241 8.89 -2.18 -17.11
C GLU G 241 7.99 -1.77 -15.95
N MET G 242 6.73 -2.21 -15.98
CA MET G 242 5.81 -1.88 -14.90
C MET G 242 6.32 -2.42 -13.57
N TRP G 243 6.79 -3.66 -13.55
CA TRP G 243 7.31 -4.20 -12.31
C TRP G 243 8.60 -3.52 -11.89
N LYS G 244 9.47 -3.19 -12.85
CA LYS G 244 10.69 -2.47 -12.53
C LYS G 244 10.35 -1.16 -11.82
N ASN G 245 9.39 -0.42 -12.35
CA ASN G 245 8.98 0.83 -11.71
C ASN G 245 8.42 0.56 -10.32
N ASN G 246 7.47 -0.37 -10.20
CA ASN G 246 6.85 -0.69 -8.92
C ASN G 246 7.60 -1.77 -8.15
N SER G 247 8.87 -2.00 -8.48
CA SER G 247 9.63 -3.09 -7.89
C SER G 247 9.73 -3.03 -6.37
N GLY G 248 9.64 -1.85 -5.79
CA GLY G 248 9.85 -1.73 -4.37
C GLY G 248 11.30 -2.03 -4.04
N ARG G 249 11.64 -1.95 -2.76
CA ARG G 249 13.01 -2.18 -2.37
C ARG G 249 13.41 -3.65 -2.55
N PRO G 250 14.65 -3.90 -2.97
CA PRO G 250 15.12 -5.28 -3.12
C PRO G 250 15.36 -5.94 -1.78
N LEU G 251 15.57 -7.26 -1.85
CA LEU G 251 15.79 -8.05 -0.66
C LEU G 251 17.06 -7.64 0.08
N GLN G 252 18.09 -7.21 -0.65
CA GLN G 252 19.33 -6.74 -0.02
C GLN G 252 19.09 -5.64 1.00
N GLU G 253 17.93 -5.00 0.95
CA GLU G 253 17.59 -3.91 1.85
C GLU G 253 16.31 -4.21 2.61
N THR G 254 15.92 -5.48 2.63
CA THR G 254 14.65 -5.89 3.25
C THR G 254 14.73 -7.22 3.99
N ALA G 255 15.65 -8.11 3.64
CA ALA G 255 15.71 -9.39 4.33
C ALA G 255 16.03 -9.17 5.81
N PRO G 256 15.31 -9.81 6.70
CA PRO G 256 15.62 -9.69 8.12
C PRO G 256 16.90 -10.40 8.52
N PHE G 257 17.21 -10.36 9.81
CA PHE G 257 18.38 -11.02 10.39
C PHE G 257 19.69 -10.61 9.73
N GLY G 258 19.69 -9.51 8.99
CA GLY G 258 20.93 -9.03 8.42
C GLY G 258 21.46 -9.83 7.25
N CYS G 259 20.67 -10.74 6.70
CA CYS G 259 21.12 -11.56 5.60
C CYS G 259 21.70 -10.71 4.48
N LYS G 260 22.84 -11.16 3.94
CA LYS G 260 23.45 -10.57 2.76
C LYS G 260 23.10 -11.48 1.60
N ILE G 261 22.48 -10.93 0.56
CA ILE G 261 21.97 -11.74 -0.54
C ILE G 261 22.83 -11.53 -1.77
N GLU G 262 23.19 -12.64 -2.41
CA GLU G 262 24.05 -12.65 -3.58
C GLU G 262 23.45 -13.60 -4.59
N VAL G 263 24.01 -13.61 -5.80
CA VAL G 263 23.48 -14.40 -6.90
C VAL G 263 24.58 -15.27 -7.49
N GLU G 264 24.16 -16.22 -8.30
CA GLU G 264 25.01 -17.17 -8.99
C GLU G 264 25.93 -17.92 -8.03
N PRO G 265 25.39 -18.80 -7.19
CA PRO G 265 23.98 -19.14 -7.01
C PRO G 265 23.27 -18.15 -6.10
N LEU G 266 21.94 -18.08 -6.13
CA LEU G 266 21.24 -17.26 -5.16
C LEU G 266 21.52 -17.81 -3.77
N ARG G 267 21.96 -16.94 -2.87
CA ARG G 267 22.29 -17.42 -1.52
C ARG G 267 22.31 -16.27 -0.53
N ALA G 268 21.75 -16.51 0.64
CA ALA G 268 21.92 -15.58 1.74
C ALA G 268 23.23 -15.91 2.45
N SER G 269 23.86 -14.90 3.02
CA SER G 269 25.16 -15.14 3.65
C SER G 269 25.34 -14.26 4.88
N ASN G 270 26.21 -14.72 5.77
CA ASN G 270 26.54 -14.05 7.03
C ASN G 270 25.28 -13.55 7.73
N CYS G 271 24.29 -14.43 7.79
CA CYS G 271 23.00 -14.10 8.38
C CYS G 271 22.92 -14.70 9.77
N ALA G 272 22.42 -13.93 10.73
CA ALA G 272 22.43 -14.34 12.13
C ALA G 272 21.02 -14.57 12.63
N TYR G 273 20.70 -15.82 12.96
CA TYR G 273 19.38 -16.18 13.47
C TYR G 273 19.48 -17.53 14.18
N GLY G 274 18.90 -17.59 15.38
CA GLY G 274 18.87 -18.79 16.20
C GLY G 274 20.23 -19.27 16.65
N HIS G 275 20.39 -20.59 16.73
CA HIS G 275 21.62 -21.21 17.20
C HIS G 275 21.95 -22.42 16.35
N ILE G 276 23.22 -22.77 16.29
CA ILE G 276 23.66 -23.98 15.60
C ILE G 276 24.18 -24.97 16.64
N PRO G 277 23.50 -26.10 16.85
CA PRO G 277 24.10 -27.15 17.70
C PRO G 277 25.25 -27.77 16.95
N ILE G 278 26.41 -27.84 17.61
CA ILE G 278 27.61 -28.35 16.97
C ILE G 278 28.29 -29.36 17.88
N SER G 279 28.69 -30.49 17.30
CA SER G 279 29.42 -31.54 17.99
C SER G 279 30.76 -31.72 17.30
N ILE G 280 31.82 -31.89 18.09
CA ILE G 280 33.17 -31.92 17.55
C ILE G 280 33.95 -33.06 18.19
N ASP G 281 34.37 -34.01 17.36
CA ASP G 281 35.15 -35.17 17.79
C ASP G 281 36.61 -34.78 17.93
N ILE G 282 36.88 -33.97 18.95
CA ILE G 282 38.23 -33.50 19.22
C ILE G 282 39.19 -34.68 19.35
N PRO G 283 40.28 -34.70 18.59
CA PRO G 283 41.20 -35.83 18.66
C PRO G 283 42.01 -35.83 19.95
N ASP G 284 42.38 -37.03 20.39
CA ASP G 284 43.16 -37.19 21.62
C ASP G 284 44.45 -36.38 21.60
N ALA G 285 45.02 -36.17 20.41
CA ALA G 285 46.26 -35.41 20.29
C ALA G 285 46.16 -34.01 20.88
N ALA G 286 44.96 -33.45 20.95
CA ALA G 286 44.82 -32.11 21.50
C ALA G 286 44.69 -32.05 23.01
N PHE G 287 44.23 -33.11 23.66
CA PHE G 287 44.20 -33.06 25.11
C PHE G 287 45.58 -33.32 25.70
N VAL G 288 45.74 -32.93 26.95
CA VAL G 288 46.98 -33.18 27.70
C VAL G 288 46.61 -33.62 29.11
N ARG G 289 47.26 -34.67 29.60
CA ARG G 289 46.94 -35.17 30.93
C ARG G 289 47.25 -34.10 31.96
N SER G 290 46.39 -34.00 32.97
CA SER G 290 46.53 -32.96 33.98
C SER G 290 47.94 -32.86 34.55
N SER G 291 48.62 -34.00 34.72
CA SER G 291 49.99 -33.97 35.22
C SER G 291 50.93 -33.15 34.35
N GLU G 292 50.75 -33.16 33.03
CA GLU G 292 51.64 -32.39 32.19
C GLU G 292 51.18 -30.95 31.99
N SER G 293 49.93 -30.65 32.28
CA SER G 293 49.49 -29.28 32.33
C SER G 293 49.81 -28.69 33.69
N PRO G 294 49.92 -27.37 33.79
CA PRO G 294 49.91 -26.75 35.13
C PRO G 294 48.55 -26.93 35.78
N THR G 295 48.56 -26.77 37.10
CA THR G 295 47.34 -26.85 37.88
C THR G 295 47.40 -25.80 38.97
N ILE G 296 46.22 -25.38 39.43
CA ILE G 296 46.12 -24.33 40.42
C ILE G 296 45.36 -24.84 41.63
N LEU G 297 45.86 -24.49 42.82
CA LEU G 297 45.34 -24.95 44.09
C LEU G 297 44.30 -24.00 44.69
N GLU G 298 44.58 -22.70 44.64
CA GLU G 298 43.66 -21.70 45.17
C GLU G 298 43.60 -20.52 44.22
N VAL G 299 42.38 -20.03 44.02
CA VAL G 299 42.13 -18.85 43.19
C VAL G 299 40.81 -18.26 43.63
N SER G 300 40.67 -16.94 43.50
CA SER G 300 39.42 -16.28 43.83
C SER G 300 39.27 -15.09 42.90
N CYS G 301 38.03 -14.67 42.73
CA CYS G 301 37.68 -13.63 41.77
C CYS G 301 37.42 -12.30 42.44
N THR G 302 38.19 -11.28 42.06
CA THR G 302 37.94 -9.90 42.45
C THR G 302 37.53 -9.17 41.19
N VAL G 303 36.29 -8.69 41.16
CA VAL G 303 35.75 -8.02 39.99
C VAL G 303 35.38 -6.58 40.34
N ALA G 304 35.78 -5.65 39.48
CA ALA G 304 35.57 -4.23 39.70
C ALA G 304 35.58 -3.55 38.34
N ASP G 305 35.26 -2.25 38.32
CA ASP G 305 35.36 -1.45 37.11
C ASP G 305 34.56 -2.05 35.95
N CYS G 306 33.51 -2.79 36.24
CA CYS G 306 32.81 -3.54 35.20
C CYS G 306 31.56 -2.82 34.73
N ILE G 307 31.38 -2.82 33.41
CA ILE G 307 30.21 -2.28 32.74
C ILE G 307 29.63 -3.40 31.90
N TYR G 308 28.31 -3.53 31.88
CA TYR G 308 27.68 -4.52 31.03
C TYR G 308 27.26 -3.84 29.74
N SER G 309 27.80 -4.34 28.63
CA SER G 309 27.64 -3.73 27.33
C SER G 309 28.03 -4.77 26.28
N ALA G 310 27.72 -4.46 25.02
CA ALA G 310 28.07 -5.39 23.95
C ALA G 310 29.56 -5.59 23.85
N ASP G 311 30.36 -4.58 24.20
CA ASP G 311 31.80 -4.74 24.20
C ASP G 311 32.28 -5.15 25.59
N PHE G 312 33.59 -5.35 25.73
CA PHE G 312 34.21 -5.71 27.00
C PHE G 312 34.21 -4.51 27.95
N GLY G 313 33.06 -4.28 28.57
CA GLY G 313 32.86 -3.15 29.46
C GLY G 313 33.51 -3.25 30.82
N GLY G 314 34.21 -4.34 31.14
CA GLY G 314 34.82 -4.43 32.45
C GLY G 314 36.06 -5.28 32.47
N SER G 315 36.68 -5.34 33.64
CA SER G 315 37.88 -6.12 33.87
C SER G 315 37.81 -6.74 35.26
N LEU G 316 38.56 -7.82 35.44
CA LEU G 316 38.62 -8.50 36.74
C LEU G 316 40.01 -9.06 36.92
N THR G 317 40.43 -9.21 38.17
CA THR G 317 41.74 -9.73 38.51
C THR G 317 41.58 -11.06 39.24
N LEU G 318 42.15 -12.11 38.65
CA LEU G 318 42.15 -13.45 39.24
C LEU G 318 43.44 -13.66 40.04
N GLN G 319 43.36 -13.56 41.36
CA GLN G 319 44.52 -13.87 42.17
C GLN G 319 44.60 -15.39 42.24
N TYR G 320 45.79 -15.94 42.04
CA TYR G 320 45.91 -17.38 41.93
C TYR G 320 47.11 -17.95 42.66
N LYS G 321 47.01 -19.24 42.95
CA LYS G 321 48.07 -20.06 43.51
C LYS G 321 48.17 -21.28 42.59
N ALA G 322 49.32 -21.49 41.98
CA ALA G 322 49.45 -22.58 41.02
C ALA G 322 50.68 -23.44 41.32
N ASP G 323 50.64 -24.65 40.78
CA ASP G 323 51.71 -25.61 41.01
C ASP G 323 52.97 -25.21 40.27
N ARG G 324 52.84 -24.77 39.02
CA ARG G 324 53.98 -24.42 38.19
C ARG G 324 53.53 -23.41 37.16
N GLU G 325 54.51 -22.66 36.64
CA GLU G 325 54.21 -21.69 35.60
C GLU G 325 53.85 -22.40 34.31
N GLY G 326 52.95 -21.77 33.55
CA GLY G 326 52.57 -22.30 32.26
C GLY G 326 51.25 -21.72 31.82
N HIS G 327 50.88 -22.07 30.60
CA HIS G 327 49.61 -21.63 30.02
C HIS G 327 48.46 -22.46 30.58
N CYS G 328 47.39 -21.78 30.95
CA CYS G 328 46.16 -22.43 31.38
C CYS G 328 45.00 -21.86 30.60
N PRO G 329 43.96 -22.65 30.40
CA PRO G 329 42.75 -22.13 29.77
C PRO G 329 41.94 -21.36 30.80
N VAL G 330 41.14 -20.42 30.30
CA VAL G 330 40.24 -19.66 31.14
C VAL G 330 38.93 -19.49 30.39
N HIS G 331 37.83 -19.67 31.09
CA HIS G 331 36.52 -19.63 30.45
C HIS G 331 35.47 -19.23 31.46
N SER G 332 34.50 -18.44 31.00
CA SER G 332 33.37 -18.03 31.84
C SER G 332 32.28 -19.05 31.63
N HIS G 333 32.02 -19.87 32.64
CA HIS G 333 31.06 -20.95 32.49
C HIS G 333 29.62 -20.47 32.44
N SER G 334 29.33 -19.31 33.03
CA SER G 334 27.98 -18.77 32.91
C SER G 334 27.72 -18.37 31.47
N THR G 335 26.51 -18.66 30.99
CA THR G 335 26.13 -18.26 29.64
C THR G 335 26.02 -16.75 29.49
N THR G 336 25.97 -15.99 30.59
CA THR G 336 25.79 -14.55 30.55
C THR G 336 27.11 -13.81 30.71
N ALA G 337 28.22 -14.47 30.41
CA ALA G 337 29.52 -13.82 30.46
C ALA G 337 30.43 -14.43 29.40
N VAL G 338 31.37 -13.63 28.93
CA VAL G 338 32.38 -14.13 28.00
C VAL G 338 33.68 -13.37 28.25
N LEU G 339 34.77 -14.11 28.27
CA LEU G 339 36.09 -13.54 28.50
C LEU G 339 36.76 -13.28 27.16
N LYS G 340 37.43 -12.14 27.05
CA LYS G 340 38.15 -11.88 25.81
C LYS G 340 39.33 -12.82 25.67
N GLU G 341 39.85 -13.29 26.79
CA GLU G 341 41.01 -14.17 26.83
C GLU G 341 40.56 -15.61 27.00
N ALA G 342 41.08 -16.50 26.15
CA ALA G 342 40.75 -17.90 26.29
C ALA G 342 41.84 -18.68 27.01
N THR G 343 43.06 -18.16 27.03
CA THR G 343 44.19 -18.79 27.70
C THR G 343 45.11 -17.67 28.17
N THR G 344 45.79 -17.91 29.29
CA THR G 344 46.70 -16.93 29.85
C THR G 344 47.92 -17.61 30.41
N HIS G 345 49.08 -17.00 30.20
CA HIS G 345 50.31 -17.52 30.78
C HIS G 345 50.27 -17.21 32.26
N VAL G 346 50.49 -18.21 33.10
CA VAL G 346 50.36 -18.06 34.54
C VAL G 346 51.67 -18.41 35.24
N THR G 347 51.97 -17.66 36.30
CA THR G 347 53.14 -17.91 37.12
C THR G 347 52.75 -18.80 38.28
N ALA G 348 53.71 -19.04 39.19
CA ALA G 348 53.39 -19.82 40.39
C ALA G 348 52.42 -19.09 41.29
N VAL G 349 52.68 -17.81 41.57
CA VAL G 349 51.83 -17.00 42.43
C VAL G 349 51.73 -15.60 41.84
N GLY G 350 50.53 -15.06 41.83
CA GLY G 350 50.30 -13.72 41.31
C GLY G 350 48.83 -13.54 41.00
N SER G 351 48.56 -12.57 40.13
CA SER G 351 47.19 -12.34 39.70
C SER G 351 47.13 -12.11 38.20
N ILE G 352 46.22 -12.80 37.54
CA ILE G 352 45.95 -12.60 36.13
C ILE G 352 44.92 -11.48 36.02
N THR G 353 45.05 -10.63 35.02
CA THR G 353 44.04 -9.61 34.75
C THR G 353 43.28 -10.02 33.50
N LEU G 354 41.97 -10.17 33.63
CA LEU G 354 41.11 -10.54 32.53
C LEU G 354 40.23 -9.37 32.12
N HIS G 355 40.10 -9.16 30.82
CA HIS G 355 39.19 -8.17 30.27
C HIS G 355 37.97 -8.94 29.78
N PHE G 356 36.77 -8.48 30.14
CA PHE G 356 35.59 -9.28 29.84
C PHE G 356 34.38 -8.41 29.56
N SER G 357 33.34 -9.06 29.03
CA SER G 357 32.07 -8.43 28.72
C SER G 357 30.93 -9.24 29.32
N THR G 358 29.83 -8.56 29.61
CA THR G 358 28.65 -9.21 30.16
C THR G 358 27.40 -8.43 29.79
N SER G 359 26.26 -9.10 29.89
CA SER G 359 24.97 -8.48 29.60
C SER G 359 24.04 -8.48 30.82
N SER G 360 24.52 -8.90 31.97
CA SER G 360 23.69 -8.83 33.17
C SER G 360 24.10 -7.64 34.01
N PRO G 361 23.14 -6.94 34.62
CA PRO G 361 23.48 -5.76 35.43
C PRO G 361 24.50 -6.04 36.52
N GLN G 362 24.66 -7.29 36.93
CA GLN G 362 25.73 -7.68 37.83
C GLN G 362 26.57 -8.75 37.15
N ALA G 363 27.88 -8.68 37.35
CA ALA G 363 28.80 -9.69 36.80
C ALA G 363 28.83 -10.94 37.69
N ASN G 364 27.66 -11.56 37.85
CA ASN G 364 27.59 -12.79 38.62
C ASN G 364 27.84 -13.93 37.64
N PHE G 365 29.06 -14.46 37.65
CA PHE G 365 29.35 -15.57 36.76
C PHE G 365 30.48 -16.43 37.32
N ILE G 366 30.39 -17.72 37.02
CA ILE G 366 31.46 -18.66 37.34
C ILE G 366 32.57 -18.50 36.32
N VAL G 367 33.81 -18.42 36.78
CA VAL G 367 34.96 -18.38 35.90
C VAL G 367 35.92 -19.47 36.34
N SER G 368 36.56 -20.12 35.36
CA SER G 368 37.48 -21.19 35.66
C SER G 368 38.82 -21.00 34.98
N LEU G 369 39.87 -21.42 35.68
CA LEU G 369 41.23 -21.40 35.17
C LEU G 369 41.83 -22.77 35.43
N CYS G 370 42.41 -23.37 34.40
CA CYS G 370 42.92 -24.74 34.50
C CYS G 370 41.93 -25.67 35.19
N GLY G 371 40.64 -25.43 34.97
CA GLY G 371 39.57 -26.22 35.54
C GLY G 371 39.14 -25.87 36.95
N LYS G 372 39.95 -25.13 37.70
CA LYS G 372 39.50 -24.69 39.01
C LYS G 372 38.43 -23.64 38.83
N LYS G 373 37.33 -23.74 39.58
CA LYS G 373 36.20 -22.85 39.42
C LYS G 373 36.05 -21.90 40.60
N THR G 374 35.64 -20.67 40.30
CA THR G 374 35.43 -19.61 41.28
C THR G 374 34.17 -18.87 40.89
N THR G 375 33.59 -18.16 41.85
CA THR G 375 32.37 -17.40 41.63
C THR G 375 32.65 -15.90 41.70
N CYS G 376 32.37 -15.21 40.59
CA CYS G 376 32.47 -13.76 40.51
C CYS G 376 31.08 -13.15 40.74
N ASN G 377 31.05 -11.99 41.39
CA ASN G 377 29.78 -11.27 41.50
C ASN G 377 30.03 -9.82 41.89
N ALA G 378 29.67 -8.89 41.00
CA ALA G 378 29.73 -7.47 41.27
C ALA G 378 28.67 -6.80 40.42
N GLU G 379 28.01 -5.80 40.96
CA GLU G 379 27.03 -5.05 40.19
C GLU G 379 27.75 -4.14 39.22
N CYS G 380 27.43 -4.27 37.94
CA CYS G 380 28.08 -3.48 36.89
C CYS G 380 27.19 -2.32 36.49
N LYS G 381 27.79 -1.14 36.34
CA LYS G 381 27.04 0.05 35.98
C LYS G 381 26.50 -0.07 34.55
N PRO G 382 25.36 0.56 34.27
CA PRO G 382 24.85 0.57 32.91
C PRO G 382 25.80 1.29 31.98
N PRO G 383 25.82 0.91 30.71
CA PRO G 383 26.81 1.47 29.77
C PRO G 383 26.57 2.93 29.45
N ALA G 384 27.67 3.64 29.22
CA ALA G 384 27.63 5.05 28.84
C ALA G 384 27.35 5.22 27.36
N ASP G 385 28.05 4.45 26.52
CA ASP G 385 27.84 4.50 25.07
C ASP G 385 26.55 3.78 24.74
N HIS G 386 25.52 4.57 24.43
CA HIS G 386 24.22 4.00 24.10
C HIS G 386 24.29 3.06 22.90
N ILE G 387 25.21 3.31 21.96
CA ILE G 387 25.33 2.51 20.75
C ILE G 387 26.79 2.35 20.38
N ILE G 388 27.16 1.14 19.93
CA ILE G 388 28.50 0.84 19.47
C ILE G 388 28.40 0.03 18.18
N GLY G 389 29.49 0.06 17.41
CA GLY G 389 29.58 -0.63 16.15
C GLY G 389 29.97 -2.08 16.21
N GLU G 390 29.63 -2.77 17.30
CA GLU G 390 29.97 -4.17 17.43
C GLU G 390 28.79 -4.90 18.06
N PRO G 391 28.47 -6.09 17.59
CA PRO G 391 27.28 -6.80 18.09
C PRO G 391 27.45 -7.25 19.53
N HIS G 392 26.31 -7.49 20.17
CA HIS G 392 26.31 -8.04 21.51
C HIS G 392 27.03 -9.36 21.53
N LYS G 393 28.15 -9.39 22.25
CA LYS G 393 28.97 -10.59 22.33
C LYS G 393 28.38 -11.66 23.24
N VAL G 394 27.22 -11.40 23.84
CA VAL G 394 26.57 -12.34 24.75
C VAL G 394 25.06 -12.17 24.59
N ASP G 395 24.34 -13.27 24.78
CA ASP G 395 22.89 -13.19 24.79
C ASP G 395 22.42 -12.55 26.11
N GLN G 396 21.11 -12.45 26.27
CA GLN G 396 20.50 -11.94 27.49
C GLN G 396 19.47 -12.93 27.98
N GLU G 397 19.40 -13.11 29.29
CA GLU G 397 18.46 -14.04 29.90
C GLU G 397 17.66 -13.37 31.01
N PHE G 398 16.37 -13.69 31.06
CA PHE G 398 15.47 -13.09 32.04
C PHE G 398 15.95 -13.32 33.47
N GLN G 399 16.43 -14.53 33.77
CA GLN G 399 16.91 -14.82 35.11
C GLN G 399 18.05 -13.91 35.54
N ALA G 400 18.73 -13.27 34.58
CA ALA G 400 19.80 -12.34 34.90
C ALA G 400 19.47 -10.91 34.48
N ALA G 401 18.26 -10.65 33.98
CA ALA G 401 17.92 -9.29 33.59
C ALA G 401 17.62 -8.42 34.80
N VAL G 402 16.85 -8.95 35.75
CA VAL G 402 16.59 -8.23 36.99
C VAL G 402 17.88 -8.20 37.82
N SER G 403 18.22 -7.02 38.31
CA SER G 403 19.41 -6.90 39.14
C SER G 403 19.18 -7.56 40.49
N LYS G 404 20.26 -8.03 41.10
CA LYS G 404 20.19 -8.65 42.43
C LYS G 404 19.48 -7.74 43.42
N THR G 405 19.82 -6.45 43.41
CA THR G 405 19.15 -5.50 44.27
C THR G 405 17.65 -5.47 44.00
N SER G 406 17.28 -5.26 42.74
CA SER G 406 15.87 -5.20 42.37
C SER G 406 15.17 -6.53 42.59
N TRP G 407 15.86 -7.63 42.30
CA TRP G 407 15.29 -8.95 42.53
C TRP G 407 15.01 -9.18 44.00
N ASN G 408 15.98 -8.88 44.86
CA ASN G 408 15.79 -8.97 46.30
C ASN G 408 14.64 -8.08 46.78
N TRP G 409 14.57 -6.85 46.28
CA TRP G 409 13.51 -5.94 46.72
C TRP G 409 12.14 -6.46 46.29
N LEU G 410 12.03 -6.96 45.06
CA LEU G 410 10.79 -7.56 44.59
C LEU G 410 10.40 -8.77 45.44
N LEU G 411 11.37 -9.63 45.75
CA LEU G 411 11.10 -10.79 46.58
C LEU G 411 10.67 -10.38 47.97
N ALA G 412 11.23 -9.30 48.50
CA ALA G 412 10.83 -8.81 49.82
C ALA G 412 9.41 -8.27 49.80
N LEU G 413 9.03 -7.58 48.73
CA LEU G 413 7.68 -7.05 48.63
C LEU G 413 6.65 -8.17 48.50
N PHE G 414 6.89 -9.11 47.58
CA PHE G 414 5.97 -10.25 47.46
C PHE G 414 5.99 -11.12 48.71
N GLY G 415 7.13 -11.22 49.39
CA GLY G 415 7.19 -11.98 50.63
C GLY G 415 6.33 -11.35 51.70
N GLY G 416 6.42 -10.04 51.85
CA GLY G 416 5.57 -9.34 52.80
C GLY G 416 4.09 -9.52 52.47
N ALA G 417 3.72 -9.23 51.22
CA ALA G 417 2.34 -9.35 50.79
C ALA G 417 1.78 -10.75 51.04
N SER G 418 2.52 -11.78 50.63
CA SER G 418 2.05 -13.16 50.81
C SER G 418 2.06 -13.55 52.29
N SER G 419 3.12 -13.21 53.02
CA SER G 419 3.21 -13.56 54.43
C SER G 419 2.08 -12.92 55.24
N LEU G 420 1.61 -11.73 54.85
CA LEU G 420 0.50 -11.13 55.59
C LEU G 420 -0.78 -11.97 55.49
N ILE G 421 -1.12 -12.47 54.30
CA ILE G 421 -2.29 -13.34 54.20
C ILE G 421 -2.00 -14.70 54.83
N VAL G 422 -0.75 -15.16 54.76
CA VAL G 422 -0.40 -16.42 55.44
C VAL G 422 -0.64 -16.29 56.94
N VAL G 423 -0.19 -15.18 57.52
CA VAL G 423 -0.44 -14.89 58.93
C VAL G 423 -1.93 -14.82 59.20
N GLY G 424 -2.68 -14.14 58.33
CA GLY G 424 -4.12 -14.08 58.51
C GLY G 424 -4.77 -15.45 58.55
N LEU G 425 -4.38 -16.34 57.64
CA LEU G 425 -4.93 -17.69 57.62
C LEU G 425 -4.50 -18.47 58.85
N ILE G 426 -3.25 -18.28 59.29
CA ILE G 426 -2.80 -18.92 60.52
C ILE G 426 -3.62 -18.44 61.69
N VAL G 427 -3.95 -17.15 61.72
CA VAL G 427 -4.77 -16.60 62.79
C VAL G 427 -6.17 -17.19 62.75
N LEU G 428 -6.73 -17.37 61.55
CA LEU G 428 -8.03 -18.03 61.44
C LEU G 428 -7.99 -19.44 62.02
N VAL G 429 -6.94 -20.19 61.69
CA VAL G 429 -6.77 -21.55 62.21
C VAL G 429 -6.64 -21.53 63.73
N CYS G 430 -5.75 -20.67 64.24
CA CYS G 430 -5.52 -20.56 65.68
C CYS G 430 -6.80 -20.17 66.41
N SER G 431 -7.56 -19.23 65.87
CA SER G 431 -8.80 -18.81 66.51
C SER G 431 -9.82 -19.95 66.55
N SER G 432 -9.98 -20.66 65.43
CA SER G 432 -10.90 -21.80 65.43
C SER G 432 -10.46 -22.84 66.45
N MET G 433 -9.16 -23.14 66.50
CA MET G 433 -8.64 -24.10 67.47
C MET G 433 -8.84 -23.63 68.90
N LEU G 434 -8.70 -22.32 69.16
CA LEU G 434 -8.94 -21.81 70.51
C LEU G 434 -10.42 -21.87 70.86
N ILE G 435 -11.30 -21.61 69.88
CA ILE G 435 -12.73 -21.72 70.11
C ILE G 435 -13.12 -23.15 70.43
N ASN G 436 -12.34 -24.12 69.96
CA ASN G 436 -12.64 -25.50 70.30
C ASN G 436 -11.94 -26.00 71.56
N THR G 437 -10.67 -25.65 71.76
CA THR G 437 -9.86 -26.18 72.86
C THR G 437 -10.05 -25.44 74.18
N ARG G 438 -10.28 -24.14 74.15
CA ARG G 438 -10.41 -23.35 75.38
C ARG G 438 -11.65 -22.47 75.33
N ARG G 439 -12.76 -23.04 74.87
CA ARG G 439 -14.04 -22.35 74.84
C ARG G 439 -14.52 -22.05 76.27
N PRO H 1 19.49 -1.37 -47.75
CA PRO H 1 19.29 -0.01 -47.25
C PRO H 1 17.99 0.61 -47.72
N TYR H 2 16.90 0.01 -47.27
CA TYR H 2 15.56 0.40 -47.67
C TYR H 2 15.16 1.75 -47.10
N LEU H 3 14.12 2.31 -47.68
CA LEU H 3 13.48 3.53 -47.18
C LEU H 3 12.24 3.14 -46.41
N GLY H 4 12.04 3.78 -45.25
CA GLY H 4 10.90 3.50 -44.40
C GLY H 4 9.91 4.64 -44.33
N PHE H 5 8.95 4.48 -43.42
CA PHE H 5 7.93 5.49 -43.17
C PHE H 5 8.16 6.12 -41.80
N CYS H 6 8.42 7.41 -41.80
CA CYS H 6 8.69 8.15 -40.58
C CYS H 6 7.41 8.68 -39.96
N PRO H 7 7.28 8.57 -38.65
CA PRO H 7 6.14 9.19 -37.98
C PRO H 7 6.14 10.69 -38.12
N TYR H 8 7.33 11.31 -38.07
CA TYR H 8 7.43 12.76 -38.11
C TYR H 8 8.81 13.14 -38.63
N CYS H 9 8.87 13.77 -39.81
CA CYS H 9 10.16 14.20 -40.38
C CYS H 9 10.38 15.68 -40.13
N ARG H 10 11.10 16.35 -41.04
CA ARG H 10 11.24 17.79 -40.96
C ARG H 10 9.85 18.42 -41.04
N HIS H 11 9.07 17.98 -42.01
CA HIS H 11 7.67 18.36 -42.05
C HIS H 11 6.97 17.57 -40.95
N SER H 12 6.20 18.27 -40.12
CA SER H 12 5.54 17.60 -39.00
C SER H 12 4.64 16.45 -39.42
N ALA H 13 4.09 16.49 -40.63
CA ALA H 13 3.22 15.41 -41.07
C ALA H 13 4.01 14.11 -41.24
N PRO H 14 3.31 12.97 -41.19
CA PRO H 14 3.98 11.70 -41.47
C PRO H 14 4.58 11.73 -42.86
N CYS H 15 5.60 10.91 -43.06
CA CYS H 15 6.36 11.04 -44.29
C CYS H 15 7.27 9.85 -44.52
N PHE H 16 7.47 9.52 -45.79
CA PHE H 16 8.45 8.51 -46.16
C PHE H 16 9.82 9.15 -46.09
N SER H 17 10.82 8.39 -45.68
CA SER H 17 12.15 8.96 -45.60
C SER H 17 13.21 7.90 -45.84
N PRO H 18 14.32 8.26 -46.46
CA PRO H 18 15.43 7.31 -46.60
C PRO H 18 15.98 6.89 -45.26
N ILE H 19 15.72 7.67 -44.22
CA ILE H 19 16.16 7.35 -42.88
C ILE H 19 14.94 7.34 -41.99
N LYS H 20 14.80 6.29 -41.19
CA LYS H 20 13.76 6.32 -40.17
C LYS H 20 14.20 5.53 -38.97
N ILE H 21 13.90 6.06 -37.80
CA ILE H 21 14.05 5.27 -36.59
C ILE H 21 12.94 4.23 -36.59
N GLU H 22 13.24 3.02 -36.18
CA GLU H 22 12.20 2.03 -36.06
C GLU H 22 12.16 1.34 -34.71
N ASN H 23 13.27 1.31 -33.98
CA ASN H 23 13.29 0.85 -32.60
C ASN H 23 14.41 1.57 -31.89
N VAL H 24 14.28 1.70 -30.56
CA VAL H 24 15.26 2.38 -29.75
C VAL H 24 15.45 1.60 -28.46
N TRP H 25 16.68 1.55 -27.98
CA TRP H 25 17.01 0.94 -26.71
C TRP H 25 17.90 1.88 -25.92
N ASP H 26 17.78 1.81 -24.59
CA ASP H 26 18.50 2.76 -23.75
C ASP H 26 18.96 2.15 -22.42
N GLU H 27 19.10 0.84 -22.34
CA GLU H 27 19.49 0.23 -21.07
C GLU H 27 20.95 0.48 -20.69
N SER H 28 21.73 1.21 -21.47
CA SER H 28 23.11 1.47 -21.07
C SER H 28 23.15 2.40 -19.86
N ASP H 29 23.95 2.04 -18.87
CA ASP H 29 24.04 2.83 -17.66
C ASP H 29 24.73 4.17 -17.88
N ASP H 30 25.38 4.37 -19.03
CA ASP H 30 25.93 5.67 -19.35
C ASP H 30 24.88 6.59 -19.96
N GLY H 31 23.67 6.08 -20.12
CA GLY H 31 22.59 6.82 -20.73
C GLY H 31 22.70 6.94 -22.24
N SER H 32 23.64 6.25 -22.87
CA SER H 32 23.69 6.26 -24.31
C SER H 32 22.54 5.41 -24.86
N ILE H 33 22.35 5.47 -26.18
CA ILE H 33 21.31 4.69 -26.83
C ILE H 33 21.80 4.16 -28.16
N ARG H 34 21.14 3.12 -28.63
CA ARG H 34 21.35 2.58 -29.95
C ARG H 34 20.05 2.74 -30.72
N ILE H 35 20.15 2.94 -32.03
CA ILE H 35 18.99 3.21 -32.86
C ILE H 35 19.05 2.39 -34.14
N GLN H 36 17.94 1.78 -34.53
CA GLN H 36 17.85 1.18 -35.85
C GLN H 36 17.51 2.33 -36.79
N VAL H 37 18.49 2.72 -37.59
CA VAL H 37 18.37 3.91 -38.43
C VAL H 37 17.78 3.66 -39.80
N SER H 38 17.60 2.41 -40.21
CA SER H 38 17.09 2.03 -41.52
C SER H 38 18.15 2.16 -42.61
N ALA H 39 18.73 3.35 -42.76
CA ALA H 39 19.78 3.51 -43.76
C ALA H 39 20.99 2.66 -43.40
N GLN H 40 21.64 2.09 -44.41
CA GLN H 40 22.78 1.20 -44.15
C GLN H 40 24.04 2.02 -43.99
N PHE H 41 24.45 2.22 -42.74
CA PHE H 41 25.66 2.97 -42.42
C PHE H 41 26.91 2.11 -42.51
N GLY H 42 28.03 2.79 -42.77
CA GLY H 42 29.33 2.16 -42.82
C GLY H 42 29.60 1.25 -44.00
N TYR H 43 28.68 1.10 -44.93
CA TYR H 43 28.93 0.30 -46.12
C TYR H 43 28.83 1.21 -47.35
N ASN H 44 29.67 0.96 -48.35
CA ASN H 44 29.61 1.75 -49.56
C ASN H 44 28.37 1.40 -50.38
N GLN H 45 28.18 2.16 -51.47
CA GLN H 45 27.03 1.98 -52.36
C GLN H 45 26.80 0.52 -52.69
N ALA H 46 27.86 -0.20 -53.06
CA ALA H 46 27.79 -1.60 -53.43
C ALA H 46 27.65 -2.53 -52.23
N GLY H 47 27.62 -1.99 -51.02
CA GLY H 47 27.51 -2.79 -49.82
C GLY H 47 28.84 -3.26 -49.28
N THR H 48 29.95 -2.73 -49.77
CA THR H 48 31.26 -3.02 -49.23
C THR H 48 31.48 -2.14 -48.01
N ALA H 49 32.19 -2.66 -47.02
CA ALA H 49 32.44 -1.87 -45.81
C ALA H 49 33.23 -0.61 -46.12
N ASP H 50 32.74 0.51 -45.58
CA ASP H 50 33.39 1.82 -45.73
C ASP H 50 32.86 2.66 -44.56
N VAL H 51 33.57 2.58 -43.43
CA VAL H 51 33.10 3.16 -42.18
C VAL H 51 32.91 4.67 -42.25
N THR H 52 33.51 5.35 -43.22
CA THR H 52 33.34 6.80 -43.27
C THR H 52 32.08 7.26 -43.96
N LYS H 53 31.27 6.37 -44.53
CA LYS H 53 30.10 6.79 -45.27
C LYS H 53 28.94 5.85 -45.02
N PHE H 54 27.74 6.28 -45.41
CA PHE H 54 26.52 5.51 -45.26
C PHE H 54 25.74 5.53 -46.56
N ARG H 55 24.82 4.58 -46.69
CA ARG H 55 24.03 4.40 -47.90
C ARG H 55 22.55 4.29 -47.55
N TYR H 56 21.70 4.92 -48.37
CA TYR H 56 20.27 4.97 -48.14
C TYR H 56 19.50 4.87 -49.45
N MET H 57 18.28 4.34 -49.37
CA MET H 57 17.42 4.24 -50.55
C MET H 57 17.00 5.63 -51.01
N SER H 58 17.24 5.93 -52.29
CA SER H 58 16.94 7.24 -52.83
C SER H 58 15.44 7.43 -53.02
N TYR H 59 15.06 8.71 -53.17
CA TYR H 59 13.69 9.04 -53.57
C TYR H 59 13.46 8.85 -55.06
N ASP H 60 14.52 8.84 -55.85
CA ASP H 60 14.37 8.66 -57.30
C ASP H 60 13.68 7.34 -57.58
N HIS H 61 12.76 7.35 -58.55
CA HIS H 61 11.97 6.16 -58.80
C HIS H 61 12.79 5.02 -59.37
N ASP H 62 14.04 5.27 -59.77
CA ASP H 62 14.93 4.17 -60.09
C ASP H 62 15.30 3.42 -58.81
N HIS H 63 15.05 4.06 -57.67
CA HIS H 63 15.31 3.53 -56.33
C HIS H 63 16.68 2.87 -56.22
N ASP H 64 17.69 3.62 -56.68
CA ASP H 64 19.08 3.23 -56.55
C ASP H 64 19.57 3.59 -55.16
N ILE H 65 20.80 3.21 -54.86
CA ILE H 65 21.41 3.49 -53.56
C ILE H 65 22.41 4.63 -53.71
N LYS H 66 22.33 5.61 -52.82
CA LYS H 66 23.19 6.79 -52.87
C LYS H 66 24.03 6.87 -51.60
N GLU H 67 25.23 7.44 -51.74
CA GLU H 67 26.20 7.53 -50.66
C GLU H 67 26.31 8.92 -50.08
N ASP H 68 26.62 8.98 -48.78
CA ASP H 68 26.92 10.21 -48.08
C ASP H 68 27.79 9.86 -46.87
N SER H 69 28.55 10.84 -46.39
CA SER H 69 29.44 10.58 -45.27
C SER H 69 28.73 10.72 -43.92
N MET H 70 29.35 10.12 -42.91
CA MET H 70 28.82 10.15 -41.55
C MET H 70 28.61 11.57 -41.04
N GLU H 71 29.51 12.49 -41.41
CA GLU H 71 29.40 13.87 -40.92
C GLU H 71 28.09 14.51 -41.34
N LYS H 72 27.47 14.01 -42.40
CA LYS H 72 26.21 14.56 -42.86
C LYS H 72 25.04 14.09 -42.01
N ILE H 73 25.26 13.11 -41.15
CA ILE H 73 24.22 12.55 -40.28
C ILE H 73 24.38 13.11 -38.88
N ALA H 74 23.28 13.60 -38.31
CA ALA H 74 23.27 14.12 -36.95
C ALA H 74 22.22 13.37 -36.13
N ILE H 75 22.46 13.32 -34.82
CA ILE H 75 21.53 12.69 -33.89
C ILE H 75 21.25 13.67 -32.77
N SER H 76 19.98 13.80 -32.39
CA SER H 76 19.62 14.74 -31.36
C SER H 76 18.38 14.26 -30.62
N THR H 77 18.15 14.86 -29.46
CA THR H 77 17.02 14.55 -28.61
C THR H 77 16.44 15.85 -28.07
N SER H 78 17.34 16.70 -27.60
CA SER H 78 17.01 18.04 -27.14
C SER H 78 18.16 18.90 -27.65
N GLY H 79 19.34 18.68 -27.09
CA GLY H 79 20.56 19.20 -27.65
C GLY H 79 21.02 18.16 -28.63
N PRO H 80 22.13 18.40 -29.32
CA PRO H 80 22.66 17.38 -30.23
C PRO H 80 23.32 16.27 -29.44
N CYS H 81 23.43 15.12 -30.08
CA CYS H 81 24.03 13.95 -29.45
C CYS H 81 25.46 13.76 -29.92
N ARG H 82 26.18 12.90 -29.21
CA ARG H 82 27.53 12.51 -29.57
C ARG H 82 27.47 11.08 -30.10
N ARG H 83 27.74 10.92 -31.39
CA ARG H 83 27.73 9.60 -32.00
C ARG H 83 28.89 8.78 -31.48
N LEU H 84 28.60 7.79 -30.64
CA LEU H 84 29.69 6.95 -30.14
C LEU H 84 30.18 5.99 -31.21
N GLY H 85 29.28 5.42 -31.99
CA GLY H 85 29.69 4.49 -33.01
C GLY H 85 28.61 4.26 -34.05
N HIS H 86 29.05 3.73 -35.18
CA HIS H 86 28.19 3.43 -36.31
C HIS H 86 28.68 2.13 -36.93
N LYS H 87 27.75 1.20 -37.14
CA LYS H 87 28.09 -0.11 -37.69
C LYS H 87 26.85 -0.64 -38.37
N GLY H 88 26.98 -0.94 -39.66
CA GLY H 88 25.87 -1.41 -40.43
C GLY H 88 24.76 -0.37 -40.36
N TYR H 89 23.55 -0.83 -40.62
CA TYR H 89 22.39 0.04 -40.58
C TYR H 89 21.89 0.25 -39.15
N PHE H 90 22.82 0.61 -38.26
CA PHE H 90 22.53 0.92 -36.86
C PHE H 90 23.38 2.12 -36.43
N LEU H 91 22.94 2.78 -35.36
CA LEU H 91 23.69 3.90 -34.79
C LEU H 91 23.69 3.80 -33.27
N LEU H 92 24.74 4.34 -32.66
CA LEU H 92 24.88 4.41 -31.21
C LEU H 92 25.27 5.83 -30.84
N ALA H 93 24.57 6.42 -29.88
CA ALA H 93 24.89 7.79 -29.55
C ALA H 93 24.46 8.15 -28.13
N GLN H 94 25.35 8.85 -27.44
CA GLN H 94 25.04 9.39 -26.12
C GLN H 94 24.19 10.64 -26.30
N CYS H 95 23.07 10.70 -25.60
CA CYS H 95 22.20 11.85 -25.75
C CYS H 95 21.75 12.41 -24.41
N PRO H 96 21.51 13.71 -24.33
CA PRO H 96 20.97 14.32 -23.14
C PRO H 96 19.53 13.87 -22.96
N PRO H 97 18.98 13.99 -21.75
CA PRO H 97 17.60 13.54 -21.53
C PRO H 97 16.62 14.29 -22.42
N GLY H 98 15.51 13.63 -22.73
CA GLY H 98 14.50 14.25 -23.56
C GLY H 98 13.33 13.31 -23.77
N ASP H 99 12.39 13.77 -24.58
CA ASP H 99 11.20 13.00 -24.90
C ASP H 99 11.23 12.35 -26.27
N SER H 100 12.18 12.69 -27.11
CA SER H 100 12.21 12.14 -28.46
C SER H 100 13.65 12.04 -28.93
N VAL H 101 13.88 11.16 -29.90
CA VAL H 101 15.18 11.03 -30.53
C VAL H 101 15.02 11.43 -31.98
N THR H 102 16.06 12.06 -32.53
CA THR H 102 16.01 12.54 -33.90
C THR H 102 17.30 12.23 -34.62
N VAL H 103 17.18 11.80 -35.87
CA VAL H 103 18.32 11.59 -36.76
C VAL H 103 18.03 12.39 -38.01
N SER H 104 19.06 13.01 -38.58
CA SER H 104 18.81 13.83 -39.74
C SER H 104 20.02 13.94 -40.65
N ILE H 105 19.73 14.18 -41.92
CA ILE H 105 20.73 14.49 -42.93
C ILE H 105 20.67 16.00 -43.13
N THR H 106 21.83 16.63 -43.27
CA THR H 106 21.91 18.08 -43.34
C THR H 106 22.53 18.61 -44.62
N SER H 107 22.44 17.85 -45.71
CA SER H 107 23.13 18.23 -46.94
C SER H 107 22.44 19.36 -47.71
N GLY H 108 21.48 20.06 -47.12
CA GLY H 108 20.80 21.12 -47.85
C GLY H 108 19.77 20.57 -48.81
N ALA H 109 20.22 19.74 -49.76
CA ALA H 109 19.32 19.07 -50.69
C ALA H 109 18.77 17.81 -50.04
N SER H 110 19.65 16.86 -49.72
CA SER H 110 19.27 15.69 -48.96
C SER H 110 19.30 16.15 -47.50
N GLU H 111 18.16 16.70 -47.04
CA GLU H 111 18.08 17.36 -45.75
C GLU H 111 16.90 16.85 -44.91
N ASN H 112 16.38 15.67 -45.22
CA ASN H 112 15.26 15.13 -44.49
C ASN H 112 15.69 14.69 -43.08
N SER H 113 14.73 14.23 -42.29
CA SER H 113 15.01 13.82 -40.93
C SER H 113 13.94 12.84 -40.47
N CYS H 114 14.17 12.27 -39.29
CA CYS H 114 13.19 11.42 -38.65
C CYS H 114 13.28 11.58 -37.14
N THR H 115 12.15 11.36 -36.48
CA THR H 115 12.07 11.38 -35.02
C THR H 115 11.10 10.32 -34.58
N VAL H 116 11.27 9.84 -33.35
CA VAL H 116 10.37 8.86 -32.77
C VAL H 116 10.15 9.22 -31.31
N GLU H 117 8.91 9.05 -30.85
CA GLU H 117 8.61 9.28 -29.44
C GLU H 117 9.30 8.20 -28.64
N LYS H 118 10.12 8.60 -27.66
CA LYS H 118 10.86 7.63 -26.86
C LYS H 118 11.35 8.36 -25.62
N LYS H 119 10.76 8.03 -24.47
CA LYS H 119 11.18 8.62 -23.23
C LYS H 119 12.62 8.22 -22.95
N ILE H 120 13.50 9.19 -22.82
CA ILE H 120 14.91 8.91 -22.58
C ILE H 120 15.42 9.79 -21.46
N ARG H 121 14.91 9.56 -20.24
CA ARG H 121 15.38 10.32 -19.11
C ARG H 121 16.77 9.86 -18.71
N ARG H 122 17.52 10.77 -18.09
CA ARG H 122 18.80 10.41 -17.52
C ARG H 122 18.64 9.25 -16.55
N LYS H 123 19.66 8.40 -16.50
CA LYS H 123 19.67 7.30 -15.57
C LYS H 123 21.04 7.21 -14.92
N PHE H 124 21.08 6.58 -13.76
CA PHE H 124 22.32 6.53 -12.98
C PHE H 124 22.41 5.22 -12.24
N VAL H 125 23.41 4.41 -12.59
CA VAL H 125 23.68 3.19 -11.86
C VAL H 125 24.16 3.55 -10.47
N GLY H 126 23.82 2.71 -9.49
CA GLY H 126 24.21 2.99 -8.13
C GLY H 126 23.04 3.48 -7.31
N ARG H 127 23.35 4.02 -6.12
CA ARG H 127 22.28 4.48 -5.20
C ARG H 127 22.37 5.99 -4.99
N GLU H 128 23.14 6.69 -5.83
CA GLU H 128 23.24 8.14 -5.71
C GLU H 128 23.00 8.76 -7.08
N GLU H 129 22.10 9.73 -7.16
CA GLU H 129 21.94 10.43 -8.46
C GLU H 129 23.24 11.17 -8.78
N TYR H 130 23.82 10.95 -9.95
CA TYR H 130 25.05 11.70 -10.35
C TYR H 130 24.88 12.21 -11.78
N LEU H 131 25.08 13.52 -11.97
CA LEU H 131 25.00 14.10 -13.34
C LEU H 131 26.15 13.54 -14.18
N PHE H 132 27.36 13.57 -13.62
CA PHE H 132 28.55 13.09 -14.37
C PHE H 132 29.30 12.06 -13.52
N PRO H 133 29.89 11.00 -14.13
CA PRO H 133 30.67 10.04 -13.37
C PRO H 133 31.67 10.80 -12.49
N PRO H 134 31.69 10.58 -11.16
CA PRO H 134 32.57 11.33 -10.27
C PRO H 134 34.04 10.96 -10.49
N VAL H 135 34.92 11.97 -10.52
CA VAL H 135 36.37 11.72 -10.71
C VAL H 135 36.79 10.59 -9.78
N GLN H 136 36.28 10.60 -8.54
CA GLN H 136 36.72 9.60 -7.58
C GLN H 136 35.49 8.93 -6.99
N GLY H 137 35.68 7.77 -6.42
CA GLY H 137 34.58 7.08 -5.77
C GLY H 137 34.71 5.58 -5.91
N LYS H 138 33.61 4.90 -5.57
CA LYS H 138 33.54 3.45 -5.66
C LYS H 138 33.26 3.01 -7.09
N LEU H 139 33.85 1.89 -7.46
CA LEU H 139 33.58 1.26 -8.75
C LEU H 139 32.54 0.16 -8.53
N VAL H 140 31.47 0.18 -9.29
CA VAL H 140 30.41 -0.81 -9.17
C VAL H 140 30.14 -1.43 -10.53
N LYS H 141 29.64 -2.66 -10.49
CA LYS H 141 29.33 -3.37 -11.72
C LYS H 141 28.14 -2.71 -12.42
N CYS H 142 28.35 -2.32 -13.67
CA CYS H 142 27.35 -1.64 -14.45
C CYS H 142 27.42 -2.17 -15.88
N HIS H 143 26.46 -1.76 -16.70
CA HIS H 143 26.42 -2.20 -18.08
C HIS H 143 26.33 -1.01 -19.02
N VAL H 144 27.09 -1.08 -20.11
CA VAL H 144 27.13 -0.04 -21.12
C VAL H 144 27.17 -0.69 -22.49
N TYR H 145 26.73 0.05 -23.49
CA TYR H 145 26.82 -0.42 -24.86
C TYR H 145 28.28 -0.32 -25.32
N ASP H 146 28.88 -1.45 -25.62
CA ASP H 146 30.26 -1.47 -26.09
C ASP H 146 30.37 -0.73 -27.42
N ARG H 147 31.18 0.30 -27.44
CA ARG H 147 31.34 1.14 -28.63
C ARG H 147 32.06 0.43 -29.77
N LEU H 148 32.62 -0.75 -29.54
CA LEU H 148 33.29 -1.46 -30.62
C LEU H 148 32.28 -2.02 -31.60
N LYS H 149 32.33 -1.48 -32.82
CA LYS H 149 31.42 -1.85 -33.90
C LYS H 149 31.36 -3.36 -34.15
N GLU H 150 32.42 -4.09 -33.86
CA GLU H 150 32.39 -5.53 -34.16
C GLU H 150 31.58 -6.33 -33.15
N THR H 151 31.37 -5.84 -31.95
CA THR H 151 30.64 -6.63 -30.95
C THR H 151 29.22 -6.86 -31.42
N SER H 152 28.67 -8.02 -31.06
CA SER H 152 27.35 -8.43 -31.50
C SER H 152 26.40 -8.55 -30.31
N ALA H 153 25.27 -7.84 -30.39
CA ALA H 153 24.25 -7.83 -29.34
C ALA H 153 23.15 -8.85 -29.59
N GLY H 154 22.93 -9.22 -30.84
CA GLY H 154 21.87 -10.15 -31.20
C GLY H 154 21.69 -10.14 -32.69
N TYR H 155 20.65 -10.82 -33.16
CA TYR H 155 20.39 -10.89 -34.59
C TYR H 155 19.03 -10.35 -34.95
N ILE H 156 19.00 -9.64 -36.08
CA ILE H 156 17.79 -9.14 -36.71
C ILE H 156 17.52 -9.99 -37.95
N THR H 157 16.25 -10.28 -38.20
CA THR H 157 15.90 -11.07 -39.37
C THR H 157 15.80 -10.19 -40.61
N MET H 158 16.52 -10.56 -41.66
CA MET H 158 16.42 -9.91 -42.95
C MET H 158 15.48 -10.70 -43.86
N HIS H 159 14.88 -10.00 -44.81
CA HIS H 159 13.98 -10.60 -45.77
C HIS H 159 14.22 -9.98 -47.13
N ARG H 160 13.94 -10.74 -48.19
CA ARG H 160 14.08 -10.18 -49.51
C ARG H 160 13.04 -9.08 -49.68
N PRO H 161 13.37 -8.01 -50.42
CA PRO H 161 12.41 -6.91 -50.57
C PRO H 161 11.21 -7.34 -51.40
N GLY H 162 10.03 -7.00 -50.91
CA GLY H 162 8.83 -7.25 -51.66
C GLY H 162 8.66 -6.24 -52.77
N PRO H 163 7.62 -6.45 -53.58
CA PRO H 163 7.32 -5.51 -54.65
C PRO H 163 7.31 -4.08 -54.13
N HIS H 164 7.92 -3.17 -54.89
CA HIS H 164 8.05 -1.78 -54.50
C HIS H 164 7.79 -0.96 -55.76
N ALA H 165 6.51 -0.92 -56.15
CA ALA H 165 6.08 -0.28 -57.38
C ALA H 165 6.11 1.24 -57.30
N TYR H 166 6.06 1.86 -58.47
CA TYR H 166 6.05 3.30 -58.64
C TYR H 166 4.97 3.68 -59.64
N LYS H 167 4.18 4.72 -59.36
CA LYS H 167 3.18 5.21 -60.31
C LYS H 167 3.85 5.76 -61.56
N SER H 168 5.09 6.21 -61.46
CA SER H 168 5.84 6.66 -62.65
C SER H 168 6.08 5.42 -63.52
N TYR H 169 6.08 4.23 -62.90
CA TYR H 169 6.25 2.97 -63.68
C TYR H 169 4.95 2.71 -64.42
N LEU H 170 3.98 3.62 -64.37
CA LEU H 170 2.73 3.51 -65.18
C LEU H 170 2.61 4.76 -66.04
N LYS H 171 1.88 4.67 -67.14
CA LYS H 171 1.69 5.80 -68.08
C LYS H 171 0.28 5.64 -68.65
N GLU H 172 -0.29 6.66 -69.26
CA GLU H 172 -1.63 6.55 -69.91
C GLU H 172 -1.68 7.60 -71.01
N ALA H 173 -2.37 7.35 -72.13
CA ALA H 173 -2.39 8.27 -73.30
C ALA H 173 -3.76 8.29 -73.98
N SER H 174 -4.54 9.38 -73.83
CA SER H 174 -5.88 9.54 -74.44
C SER H 174 -6.85 8.51 -73.85
N GLY H 175 -6.53 7.99 -72.66
CA GLY H 175 -7.33 6.97 -72.03
C GLY H 175 -6.86 5.56 -72.29
N GLU H 176 -5.62 5.38 -72.74
CA GLU H 176 -5.04 4.08 -72.99
C GLU H 176 -3.84 3.94 -72.08
N VAL H 177 -3.51 2.70 -71.70
CA VAL H 177 -2.52 2.45 -70.67
C VAL H 177 -1.26 1.85 -71.26
N TYR H 178 -0.11 2.25 -70.71
CA TYR H 178 1.19 1.71 -71.05
C TYR H 178 2.04 1.68 -69.80
N ILE H 179 2.84 0.63 -69.67
CA ILE H 179 3.84 0.56 -68.60
C ILE H 179 5.07 1.33 -69.07
N LYS H 180 5.81 1.95 -68.15
CA LYS H 180 6.98 2.74 -68.51
C LYS H 180 8.17 2.37 -67.63
N PRO H 181 8.89 1.31 -67.99
CA PRO H 181 10.05 0.89 -67.20
C PRO H 181 11.11 1.97 -67.16
N PRO H 182 12.01 1.91 -66.18
CA PRO H 182 13.10 2.89 -66.10
C PRO H 182 14.31 2.51 -66.95
N SER H 183 14.72 3.42 -67.84
CA SER H 183 15.90 3.22 -68.69
C SER H 183 15.87 1.89 -69.44
N GLY H 184 14.67 1.38 -69.71
CA GLY H 184 14.54 0.11 -70.38
C GLY H 184 14.91 -1.11 -69.59
N LYS H 185 15.10 -0.98 -68.28
CA LYS H 185 15.48 -2.13 -67.47
C LYS H 185 14.29 -3.06 -67.29
N ASN H 186 14.58 -4.36 -67.18
CA ASN H 186 13.52 -5.35 -67.03
C ASN H 186 12.65 -4.99 -65.82
N VAL H 187 11.34 -4.98 -66.05
CA VAL H 187 10.38 -4.64 -65.01
C VAL H 187 9.27 -5.70 -64.98
N THR H 188 8.84 -6.07 -63.78
CA THR H 188 7.71 -6.97 -63.63
C THR H 188 6.44 -6.14 -63.53
N TYR H 189 5.39 -6.58 -64.23
CA TYR H 189 4.09 -5.95 -64.13
C TYR H 189 3.04 -6.93 -63.65
N GLU H 190 2.01 -6.40 -63.01
CA GLU H 190 0.89 -7.17 -62.51
C GLU H 190 -0.36 -6.33 -62.70
N CYS H 191 -1.44 -6.96 -63.17
CA CYS H 191 -2.63 -6.19 -63.48
C CYS H 191 -3.85 -7.11 -63.57
N LYS H 192 -5.03 -6.48 -63.51
CA LYS H 192 -6.30 -7.16 -63.75
C LYS H 192 -7.26 -6.21 -64.46
N CYS H 193 -6.97 -5.90 -65.72
CA CYS H 193 -7.87 -5.12 -66.56
C CYS H 193 -8.97 -6.08 -67.02
N GLY H 194 -9.94 -6.28 -66.14
CA GLY H 194 -10.97 -7.28 -66.37
C GLY H 194 -10.47 -8.66 -66.02
N ASP H 195 -9.35 -9.07 -66.60
CA ASP H 195 -8.76 -10.36 -66.31
C ASP H 195 -7.33 -10.18 -65.80
N TYR H 196 -6.95 -11.06 -64.88
CA TYR H 196 -5.67 -10.95 -64.21
C TYR H 196 -4.52 -11.28 -65.17
N SER H 197 -3.43 -10.55 -65.05
CA SER H 197 -2.27 -10.82 -65.88
C SER H 197 -1.01 -10.37 -65.16
N THR H 198 0.11 -10.99 -65.56
CA THR H 198 1.44 -10.64 -65.08
C THR H 198 2.43 -10.90 -66.20
N GLY H 199 3.52 -10.18 -66.19
CA GLY H 199 4.56 -10.38 -67.18
C GLY H 199 5.74 -9.51 -66.89
N ILE H 200 6.81 -9.76 -67.64
CA ILE H 200 8.05 -9.00 -67.54
C ILE H 200 8.19 -8.22 -68.84
N VAL H 201 8.50 -6.93 -68.73
CA VAL H 201 8.61 -6.07 -69.89
C VAL H 201 9.88 -5.24 -69.79
N SER H 202 10.40 -4.86 -70.95
CA SER H 202 11.61 -4.07 -71.04
C SER H 202 11.34 -2.61 -71.37
N THR H 203 10.30 -2.32 -72.14
CA THR H 203 10.01 -0.97 -72.57
C THR H 203 8.50 -0.77 -72.56
N GLN H 204 8.07 0.43 -72.98
CA GLN H 204 6.67 0.80 -72.99
C GLN H 204 5.83 -0.30 -73.63
N THR H 205 5.02 -0.97 -72.83
CA THR H 205 4.29 -2.14 -73.28
C THR H 205 2.78 -1.93 -73.12
N LYS H 206 2.06 -2.12 -74.22
CA LYS H 206 0.61 -2.06 -74.21
C LYS H 206 0.04 -3.16 -73.34
N MET H 207 -1.08 -2.88 -72.68
CA MET H 207 -1.77 -3.87 -71.89
C MET H 207 -3.17 -4.11 -72.44
N ASN H 208 -3.64 -5.34 -72.28
CA ASN H 208 -4.94 -5.74 -72.81
C ASN H 208 -6.11 -5.17 -72.01
N GLY H 209 -7.11 -4.61 -72.71
CA GLY H 209 -8.33 -4.07 -72.08
C GLY H 209 -8.06 -3.06 -70.98
N CYS H 210 -6.89 -2.41 -70.96
CA CYS H 210 -6.52 -1.44 -69.89
C CYS H 210 -6.84 -0.02 -70.35
N THR H 211 -7.71 0.69 -69.62
CA THR H 211 -8.14 2.07 -69.97
C THR H 211 -7.75 3.07 -68.88
N LYS H 212 -7.44 2.60 -67.66
CA LYS H 212 -7.09 3.48 -66.51
C LYS H 212 -5.70 3.12 -65.99
N ALA H 213 -4.84 4.10 -65.73
CA ALA H 213 -3.47 3.89 -65.23
C ALA H 213 -3.53 3.09 -63.91
N ARG H 214 -4.50 3.38 -63.04
CA ARG H 214 -4.58 2.68 -61.72
C ARG H 214 -4.83 1.19 -61.91
N GLN H 215 -5.56 0.81 -62.96
CA GLN H 215 -5.94 -0.62 -63.19
C GLN H 215 -4.72 -1.53 -63.06
N CYS H 216 -3.52 -1.06 -63.44
CA CYS H 216 -2.32 -1.88 -63.39
C CYS H 216 -1.29 -1.27 -62.47
N ILE H 217 -0.24 -2.04 -62.22
CA ILE H 217 0.91 -1.56 -61.45
C ILE H 217 2.16 -2.22 -62.01
N ALA H 218 3.30 -1.57 -61.83
CA ALA H 218 4.58 -2.10 -62.32
C ALA H 218 5.67 -1.90 -61.28
N TYR H 219 6.54 -2.89 -61.15
CA TYR H 219 7.64 -2.82 -60.17
C TYR H 219 8.78 -3.68 -60.68
N LYS H 220 9.96 -3.07 -60.85
CA LYS H 220 11.12 -3.84 -61.28
C LYS H 220 11.65 -4.73 -60.17
N LEU H 221 12.14 -5.90 -60.55
CA LEU H 221 12.80 -6.78 -59.61
C LEU H 221 14.06 -6.12 -59.09
N ASP H 222 14.28 -6.20 -57.78
CA ASP H 222 15.43 -5.54 -57.16
C ASP H 222 15.89 -6.30 -55.93
N GLN H 223 15.86 -7.63 -55.98
CA GLN H 223 16.27 -8.43 -54.84
C GLN H 223 17.78 -8.60 -54.80
N THR H 224 18.49 -7.47 -54.86
CA THR H 224 19.95 -7.49 -54.88
C THR H 224 20.52 -7.90 -53.53
N LYS H 225 20.03 -7.31 -52.45
CA LYS H 225 20.48 -7.61 -51.10
C LYS H 225 19.28 -7.73 -50.19
N TRP H 226 19.44 -8.48 -49.11
CA TRP H 226 18.33 -8.65 -48.17
C TRP H 226 17.98 -7.31 -47.52
N VAL H 227 16.74 -7.24 -47.05
CA VAL H 227 16.19 -6.04 -46.44
C VAL H 227 15.55 -6.40 -45.10
N PHE H 228 15.82 -5.57 -44.09
CA PHE H 228 15.28 -5.79 -42.76
C PHE H 228 13.77 -5.92 -42.79
N ASN H 229 13.25 -6.68 -41.83
CA ASN H 229 11.83 -6.88 -41.65
C ASN H 229 11.19 -5.61 -41.09
N SER H 230 11.13 -4.58 -41.91
CA SER H 230 10.56 -3.33 -41.42
C SER H 230 9.06 -3.29 -41.69
N PRO H 231 8.29 -2.74 -40.78
CA PRO H 231 6.84 -2.69 -40.96
C PRO H 231 6.38 -1.75 -42.04
N ASP H 232 7.28 -1.23 -42.86
CA ASP H 232 6.87 -0.32 -43.92
C ASP H 232 7.09 -0.89 -45.31
N LEU H 233 7.63 -2.09 -45.42
CA LEU H 233 7.83 -2.74 -46.69
C LEU H 233 6.84 -3.88 -46.84
N ILE H 234 6.12 -3.91 -47.96
CA ILE H 234 5.26 -5.04 -48.23
C ILE H 234 6.16 -6.25 -48.44
N ARG H 235 5.86 -7.36 -47.77
CA ARG H 235 6.74 -8.51 -47.90
C ARG H 235 6.63 -9.17 -49.26
N HIS H 236 7.72 -9.82 -49.64
CA HIS H 236 7.73 -10.74 -50.76
C HIS H 236 7.07 -12.04 -50.29
N THR H 237 6.47 -12.78 -51.21
CA THR H 237 5.85 -14.01 -50.77
C THR H 237 6.88 -14.98 -50.21
N ASP H 238 8.15 -14.82 -50.58
CA ASP H 238 9.25 -15.61 -50.02
C ASP H 238 9.76 -14.93 -48.76
N HIS H 239 8.86 -14.76 -47.79
CA HIS H 239 9.24 -14.07 -46.56
C HIS H 239 9.81 -15.10 -45.61
N SER H 240 11.11 -15.30 -45.71
CA SER H 240 11.85 -16.23 -44.86
C SER H 240 13.10 -15.54 -44.36
N VAL H 241 13.79 -16.19 -43.43
CA VAL H 241 15.01 -15.60 -42.89
C VAL H 241 16.14 -15.81 -43.88
N GLN H 242 16.19 -14.96 -44.90
CA GLN H 242 17.21 -15.07 -45.93
C GLN H 242 18.55 -14.50 -45.49
N GLY H 243 18.59 -13.73 -44.41
CA GLY H 243 19.84 -13.23 -43.89
C GLY H 243 19.74 -12.93 -42.42
N LYS H 244 20.89 -12.87 -41.76
CA LYS H 244 20.96 -12.54 -40.35
C LYS H 244 22.14 -11.59 -40.16
N LEU H 245 21.92 -10.51 -39.42
CA LEU H 245 22.94 -9.49 -39.22
C LEU H 245 23.09 -9.22 -37.73
N HIS H 246 24.34 -9.06 -37.30
CA HIS H 246 24.67 -8.81 -35.90
C HIS H 246 24.27 -7.40 -35.48
N ILE H 247 23.46 -7.30 -34.43
CA ILE H 247 23.11 -6.02 -33.85
C ILE H 247 24.37 -5.49 -33.20
N PRO H 248 24.91 -4.38 -33.66
CA PRO H 248 26.17 -3.88 -33.12
C PRO H 248 25.97 -3.22 -31.76
N PHE H 249 27.08 -2.76 -31.19
CA PHE H 249 27.07 -2.10 -29.89
C PHE H 249 26.46 -3.00 -28.83
N ARG H 250 27.13 -4.12 -28.61
CA ARG H 250 26.68 -5.11 -27.64
C ARG H 250 26.71 -4.56 -26.23
N LEU H 251 25.64 -4.83 -25.48
CA LEU H 251 25.60 -4.46 -24.07
C LEU H 251 26.52 -5.40 -23.31
N THR H 252 27.40 -4.84 -22.47
CA THR H 252 28.34 -5.67 -21.75
C THR H 252 28.58 -5.13 -20.34
N PRO H 253 28.82 -6.02 -19.39
CA PRO H 253 29.20 -5.58 -18.04
C PRO H 253 30.51 -4.81 -18.06
N THR H 254 30.59 -3.81 -17.19
CA THR H 254 31.79 -3.00 -17.05
C THR H 254 31.72 -2.31 -15.68
N VAL H 255 32.71 -1.48 -15.40
CA VAL H 255 32.79 -0.74 -14.15
C VAL H 255 32.45 0.74 -14.39
N CYS H 256 31.50 1.24 -13.61
CA CYS H 256 31.13 2.65 -13.67
C CYS H 256 31.49 3.29 -12.34
N PRO H 257 32.27 4.35 -12.33
CA PRO H 257 32.52 5.05 -11.07
C PRO H 257 31.24 5.67 -10.56
N VAL H 258 31.01 5.55 -9.25
CA VAL H 258 29.84 6.18 -8.63
C VAL H 258 30.31 6.92 -7.39
N PRO H 259 29.68 8.03 -7.04
CA PRO H 259 30.15 8.82 -5.91
C PRO H 259 29.85 8.14 -4.59
N LEU H 260 30.52 8.61 -3.56
CA LEU H 260 30.20 8.26 -2.18
C LEU H 260 29.71 9.51 -1.50
N ALA H 261 28.44 9.50 -1.10
CA ALA H 261 27.91 10.63 -0.34
C ALA H 261 28.75 10.82 0.90
N HIS H 262 28.84 12.07 1.34
CA HIS H 262 29.62 12.39 2.53
C HIS H 262 29.26 11.45 3.66
N THR H 263 30.28 10.99 4.38
CA THR H 263 30.07 10.03 5.44
C THR H 263 29.13 10.64 6.48
N PRO H 264 28.00 10.00 6.76
CA PRO H 264 27.02 10.61 7.66
C PRO H 264 27.47 10.59 9.10
N THR H 265 27.24 11.72 9.79
CA THR H 265 27.52 11.80 11.21
C THR H 265 26.37 11.13 11.94
N VAL H 266 26.69 10.45 13.04
CA VAL H 266 25.67 9.75 13.81
C VAL H 266 25.66 10.24 15.25
N THR H 267 24.45 10.35 15.81
CA THR H 267 24.20 10.73 17.18
C THR H 267 23.53 9.55 17.87
N LYS H 268 23.85 9.32 19.14
CA LYS H 268 23.40 8.12 19.84
C LYS H 268 22.57 8.49 21.05
N TRP H 269 21.53 7.70 21.31
CA TRP H 269 20.64 7.94 22.43
C TRP H 269 19.97 6.62 22.81
N PHE H 270 19.26 6.64 23.94
CA PHE H 270 18.60 5.45 24.46
C PHE H 270 17.80 4.68 23.42
N LYS H 271 18.27 3.47 23.09
CA LYS H 271 17.64 2.59 22.10
C LYS H 271 17.36 3.26 20.76
N GLY H 272 18.20 4.21 20.35
CA GLY H 272 17.97 4.82 19.06
C GLY H 272 19.12 5.73 18.65
N ILE H 273 19.18 5.99 17.35
CA ILE H 273 20.23 6.84 16.79
C ILE H 273 19.58 7.83 15.83
N THR H 274 20.29 8.93 15.62
CA THR H 274 19.92 9.95 14.65
C THR H 274 21.06 10.08 13.65
N LEU H 275 20.80 9.73 12.39
CA LEU H 275 21.80 9.94 11.37
C LEU H 275 21.71 11.38 10.86
N HIS H 276 22.87 11.99 10.64
CA HIS H 276 22.95 13.29 10.02
C HIS H 276 23.40 13.08 8.59
N LEU H 277 22.59 13.53 7.65
CA LEU H 277 22.82 13.25 6.24
C LEU H 277 23.06 14.55 5.50
N THR H 278 23.95 14.48 4.51
CA THR H 278 24.37 15.65 3.75
C THR H 278 24.71 15.15 2.36
N ALA H 279 23.79 15.36 1.41
CA ALA H 279 24.03 14.94 0.05
C ALA H 279 23.62 16.06 -0.89
N THR H 280 24.49 16.37 -1.83
CA THR H 280 24.19 17.42 -2.80
C THR H 280 23.11 17.00 -3.77
N ARG H 281 22.99 15.71 -4.04
CA ARG H 281 22.02 15.20 -5.01
C ARG H 281 21.23 14.06 -4.40
N PRO H 282 20.05 13.76 -4.95
CA PRO H 282 19.24 12.65 -4.45
C PRO H 282 20.07 11.41 -4.17
N THR H 283 20.04 10.94 -2.92
CA THR H 283 20.84 9.81 -2.51
C THR H 283 19.95 8.82 -1.77
N LEU H 284 20.02 7.57 -2.19
CA LEU H 284 19.23 6.52 -1.56
C LEU H 284 19.80 6.16 -0.19
N LEU H 285 18.95 6.25 0.82
CA LEU H 285 19.26 5.74 2.14
C LEU H 285 18.40 4.52 2.38
N THR H 286 18.95 3.54 3.07
CA THR H 286 18.18 2.39 3.50
C THR H 286 18.69 1.93 4.85
N THR H 287 17.80 1.30 5.60
CA THR H 287 18.19 0.72 6.87
C THR H 287 17.28 -0.45 7.18
N ARG H 288 17.81 -1.38 7.96
CA ARG H 288 17.05 -2.55 8.38
C ARG H 288 17.56 -3.02 9.72
N LYS H 289 16.66 -3.58 10.51
CA LYS H 289 17.04 -4.19 11.77
C LYS H 289 17.44 -5.63 11.51
N LEU H 290 18.32 -6.17 12.35
CA LEU H 290 18.73 -7.55 12.21
C LEU H 290 17.89 -8.49 13.09
N GLY H 291 16.78 -8.01 13.62
CA GLY H 291 15.89 -8.82 14.42
C GLY H 291 15.01 -9.71 13.57
N LEU H 292 13.99 -10.28 14.23
CA LEU H 292 13.05 -11.14 13.53
C LEU H 292 12.27 -10.34 12.50
N ARG H 293 11.81 -9.16 12.88
CA ARG H 293 11.18 -8.26 11.94
C ARG H 293 12.24 -7.46 11.21
N ALA H 294 11.98 -7.17 9.94
CA ALA H 294 12.94 -6.36 9.20
C ALA H 294 12.78 -4.88 9.50
N ASP H 295 11.54 -4.41 9.65
CA ASP H 295 11.26 -2.98 9.79
C ASP H 295 12.00 -2.16 8.74
N ALA H 296 12.28 -2.78 7.60
CA ALA H 296 13.13 -2.15 6.61
C ALA H 296 12.46 -0.93 6.01
N THR H 297 13.27 0.08 5.71
CA THR H 297 12.79 1.33 5.15
C THR H 297 13.82 1.87 4.18
N ALA H 298 13.37 2.74 3.30
CA ALA H 298 14.25 3.42 2.37
C ALA H 298 13.68 4.79 2.07
N GLU H 299 14.56 5.73 1.75
CA GLU H 299 14.12 7.10 1.51
C GLU H 299 15.13 7.77 0.59
N TRP H 300 14.62 8.44 -0.44
CA TRP H 300 15.48 9.22 -1.34
C TRP H 300 15.75 10.56 -0.69
N ILE H 301 16.75 10.57 0.19
CA ILE H 301 17.11 11.79 0.87
C ILE H 301 17.69 12.79 -0.11
N THR H 302 17.44 14.06 0.15
CA THR H 302 17.95 15.16 -0.66
C THR H 302 18.50 16.23 0.25
N GLY H 303 19.53 16.91 -0.23
CA GLY H 303 20.13 17.96 0.57
C GLY H 303 20.65 17.42 1.88
N THR H 304 20.52 18.22 2.93
CA THR H 304 20.90 17.83 4.28
C THR H 304 19.67 17.70 5.15
N THR H 305 19.67 16.66 5.98
CA THR H 305 18.56 16.41 6.88
C THR H 305 19.00 15.37 7.91
N SER H 306 18.15 15.14 8.89
CA SER H 306 18.38 14.15 9.92
C SER H 306 17.26 13.12 9.89
N ARG H 307 17.60 11.89 10.27
CA ARG H 307 16.63 10.80 10.33
C ARG H 307 16.82 10.02 11.62
N ASN H 308 15.71 9.71 12.27
CA ASN H 308 15.70 8.97 13.52
C ASN H 308 15.30 7.52 13.26
N PHE H 309 16.12 6.58 13.70
CA PHE H 309 15.83 5.16 13.56
C PHE H 309 15.91 4.47 14.91
N SER H 310 14.88 3.68 15.21
CA SER H 310 14.89 2.85 16.40
C SER H 310 15.95 1.77 16.26
N VAL H 311 16.68 1.51 17.34
CA VAL H 311 17.70 0.47 17.36
C VAL H 311 17.58 -0.28 18.67
N GLY H 312 17.31 -1.58 18.59
CA GLY H 312 17.18 -2.41 19.76
C GLY H 312 18.42 -3.27 19.99
N ARG H 313 18.28 -4.20 20.93
CA ARG H 313 19.39 -5.09 21.28
C ARG H 313 19.80 -5.95 20.10
N GLU H 314 18.88 -6.23 19.18
CA GLU H 314 19.20 -6.99 17.99
C GLU H 314 20.18 -6.25 17.09
N GLY H 315 20.16 -4.92 17.14
CA GLY H 315 21.02 -4.10 16.32
C GLY H 315 20.38 -3.72 15.00
N LEU H 316 20.94 -2.70 14.38
CA LEU H 316 20.44 -2.15 13.13
C LEU H 316 21.57 -1.94 12.14
N GLU H 317 21.27 -2.22 10.89
CA GLU H 317 22.17 -1.98 9.77
C GLU H 317 21.61 -0.80 8.99
N TYR H 318 22.48 0.13 8.61
CA TYR H 318 22.10 1.21 7.74
C TYR H 318 23.06 1.27 6.57
N VAL H 319 22.56 1.72 5.44
CA VAL H 319 23.35 1.89 4.23
C VAL H 319 23.00 3.24 3.65
N TRP H 320 24.02 3.97 3.24
CA TRP H 320 23.86 5.32 2.74
C TRP H 320 24.75 5.47 1.52
N GLY H 321 24.16 5.97 0.44
CA GLY H 321 24.89 6.08 -0.82
C GLY H 321 25.44 4.74 -1.24
N ASN H 322 26.63 4.77 -1.83
CA ASN H 322 27.29 3.54 -2.26
C ASN H 322 28.25 3.01 -1.21
N HIS H 323 28.18 3.50 0.03
CA HIS H 323 29.03 3.00 1.08
C HIS H 323 28.68 1.56 1.44
N GLU H 324 29.67 0.87 1.99
CA GLU H 324 29.39 -0.46 2.52
C GLU H 324 28.40 -0.34 3.67
N PRO H 325 27.49 -1.29 3.82
CA PRO H 325 26.57 -1.24 4.96
C PRO H 325 27.31 -1.13 6.27
N VAL H 326 26.74 -0.36 7.19
CA VAL H 326 27.31 -0.16 8.52
C VAL H 326 26.29 -0.68 9.52
N ARG H 327 26.77 -1.30 10.59
CA ARG H 327 25.89 -1.85 11.60
C ARG H 327 26.15 -1.21 12.94
N VAL H 328 25.08 -1.11 13.74
CA VAL H 328 25.14 -0.56 15.09
C VAL H 328 24.19 -1.35 15.97
N TRP H 329 24.53 -1.45 17.24
CA TRP H 329 23.71 -2.16 18.21
C TRP H 329 23.53 -1.30 19.45
N ALA H 330 22.29 -1.13 19.87
CA ALA H 330 21.99 -0.36 21.06
C ALA H 330 22.22 -1.20 22.32
N GLN H 331 22.85 -0.59 23.32
CA GLN H 331 23.06 -1.25 24.59
C GLN H 331 21.81 -1.08 25.47
N GLU H 332 21.94 -1.47 26.73
CA GLU H 332 20.88 -1.31 27.72
C GLU H 332 20.87 0.05 28.38
N SER H 333 21.77 0.95 27.99
CA SER H 333 21.84 2.30 28.53
C SER H 333 20.45 2.90 28.62
N ALA H 334 20.07 3.32 29.83
CA ALA H 334 18.74 3.87 30.05
C ALA H 334 18.79 4.75 31.29
N PRO H 335 17.80 5.64 31.47
CA PRO H 335 17.73 6.45 32.69
C PRO H 335 17.63 5.58 33.93
N GLY H 336 17.67 6.26 35.08
CA GLY H 336 17.60 5.56 36.35
C GLY H 336 18.87 4.78 36.64
N ASP H 337 18.74 3.82 37.55
CA ASP H 337 19.90 3.02 37.94
C ASP H 337 19.48 1.65 38.43
N PRO H 338 19.99 0.58 37.83
CA PRO H 338 19.59 -0.77 38.24
C PRO H 338 20.10 -1.17 39.61
N HIS H 339 20.90 -0.36 40.28
CA HIS H 339 21.38 -0.68 41.61
C HIS H 339 21.04 0.39 42.63
N GLY H 340 20.37 1.46 42.21
CA GLY H 340 19.95 2.50 43.11
C GLY H 340 18.74 2.08 43.91
N TRP H 341 18.12 3.06 44.56
CA TRP H 341 16.90 2.81 45.28
C TRP H 341 15.77 2.53 44.29
N PRO H 342 14.68 1.89 44.73
CA PRO H 342 13.59 1.55 43.81
C PRO H 342 13.06 2.73 43.02
N HIS H 343 13.15 3.95 43.55
CA HIS H 343 12.75 5.13 42.81
C HIS H 343 13.46 5.19 41.46
N GLU H 344 14.75 4.82 41.45
CA GLU H 344 15.55 4.78 40.23
C GLU H 344 15.37 3.46 39.48
N ILE H 345 15.10 2.38 40.21
CA ILE H 345 14.92 1.05 39.60
C ILE H 345 13.71 1.04 38.69
N ILE H 346 12.57 1.50 39.20
CA ILE H 346 11.33 1.39 38.43
C ILE H 346 11.45 2.17 37.13
N ILE H 347 11.97 3.40 37.18
CA ILE H 347 12.11 4.16 35.94
C ILE H 347 13.15 3.53 35.02
N HIS H 348 14.20 2.92 35.58
CA HIS H 348 15.21 2.27 34.73
C HIS H 348 14.60 1.13 33.94
N TYR H 349 13.91 0.23 34.62
CA TYR H 349 13.27 -0.87 33.89
C TYR H 349 12.15 -0.37 33.00
N TYR H 350 11.45 0.69 33.41
CA TYR H 350 10.37 1.23 32.58
C TYR H 350 10.92 1.67 31.24
N HIS H 351 12.05 2.37 31.25
CA HIS H 351 12.66 2.76 29.99
C HIS H 351 13.24 1.56 29.25
N ARG H 352 13.70 0.54 29.97
CA ARG H 352 14.25 -0.63 29.27
C ARG H 352 13.16 -1.56 28.75
N HIS H 353 12.10 -1.80 29.53
CA HIS H 353 11.00 -2.67 29.09
C HIS H 353 9.70 -2.16 29.67
N PRO H 354 8.99 -1.31 28.93
CA PRO H 354 7.71 -0.79 29.43
C PRO H 354 6.71 -1.87 29.80
N VAL H 355 6.46 -2.83 28.92
CA VAL H 355 5.45 -3.87 29.19
C VAL H 355 5.83 -4.71 30.40
N TYR H 356 7.08 -5.17 30.48
CA TYR H 356 7.48 -5.97 31.63
C TYR H 356 7.51 -5.16 32.92
N THR H 357 7.73 -3.85 32.81
CA THR H 357 7.72 -3.02 34.02
C THR H 357 6.29 -2.78 34.48
N VAL H 358 5.39 -2.45 33.56
CA VAL H 358 4.01 -2.22 33.93
C VAL H 358 3.40 -3.51 34.48
N ILE H 359 3.68 -4.65 33.84
CA ILE H 359 3.15 -5.93 34.33
C ILE H 359 3.69 -6.24 35.72
N VAL H 360 4.97 -5.92 35.99
CA VAL H 360 5.50 -6.16 37.32
C VAL H 360 4.87 -5.23 38.34
N LEU H 361 4.69 -3.95 37.99
CA LEU H 361 4.05 -3.02 38.90
C LEU H 361 2.61 -3.42 39.19
N CYS H 362 1.87 -3.85 38.16
CA CYS H 362 0.51 -4.34 38.37
C CYS H 362 0.51 -5.57 39.27
N GLY H 363 1.43 -6.49 39.03
CA GLY H 363 1.52 -7.68 39.88
C GLY H 363 1.78 -7.33 41.33
N VAL H 364 2.72 -6.42 41.57
CA VAL H 364 3.03 -5.99 42.93
C VAL H 364 1.82 -5.30 43.57
N ALA H 365 1.23 -4.34 42.86
CA ALA H 365 0.07 -3.63 43.40
C ALA H 365 -1.07 -4.59 43.72
N LEU H 366 -1.36 -5.51 42.80
CA LEU H 366 -2.40 -6.51 43.02
C LEU H 366 -2.10 -7.42 44.20
N ALA H 367 -0.88 -7.94 44.26
CA ALA H 367 -0.51 -8.82 45.36
C ALA H 367 -0.59 -8.09 46.70
N ILE H 368 -0.12 -6.85 46.75
CA ILE H 368 -0.18 -6.07 47.99
C ILE H 368 -1.63 -5.81 48.38
N LEU H 369 -2.45 -5.34 47.44
CA LEU H 369 -3.85 -5.04 47.74
C LEU H 369 -4.61 -6.29 48.18
N VAL H 370 -4.55 -7.36 47.39
CA VAL H 370 -5.25 -8.59 47.73
C VAL H 370 -4.74 -9.18 49.03
N GLY H 371 -3.41 -9.20 49.22
CA GLY H 371 -2.86 -9.75 50.44
C GLY H 371 -3.30 -8.99 51.68
N THR H 372 -3.12 -7.67 51.68
CA THR H 372 -3.52 -6.86 52.83
C THR H 372 -5.02 -6.88 53.04
N ALA H 373 -5.82 -6.84 51.97
CA ALA H 373 -7.27 -6.86 52.11
C ALA H 373 -7.76 -8.20 52.67
N SER H 374 -7.28 -9.31 52.08
CA SER H 374 -7.68 -10.62 52.58
C SER H 374 -7.19 -10.84 54.00
N SER H 375 -5.99 -10.35 54.33
CA SER H 375 -5.50 -10.48 55.69
C SER H 375 -6.36 -9.66 56.65
N ALA H 376 -6.74 -8.45 56.24
CA ALA H 376 -7.63 -7.63 57.07
C ALA H 376 -8.97 -8.33 57.28
N ALA H 377 -9.49 -8.96 56.22
CA ALA H 377 -10.73 -9.71 56.34
C ALA H 377 -10.58 -10.87 57.32
N CYS H 378 -9.49 -11.61 57.21
CA CYS H 378 -9.24 -12.72 58.14
C CYS H 378 -9.13 -12.22 59.58
N ILE H 379 -8.38 -11.14 59.79
CA ILE H 379 -8.21 -10.56 61.12
C ILE H 379 -9.54 -10.09 61.67
N ALA H 380 -10.34 -9.38 60.86
CA ALA H 380 -11.64 -8.92 61.31
C ALA H 380 -12.56 -10.09 61.63
N LYS H 381 -12.56 -11.12 60.78
CA LYS H 381 -13.36 -12.30 61.03
C LYS H 381 -12.99 -12.95 62.36
N ALA H 382 -11.68 -13.12 62.59
CA ALA H 382 -11.24 -13.72 63.85
C ALA H 382 -11.60 -12.84 65.04
N ARG H 383 -11.44 -11.52 64.91
CA ARG H 383 -11.82 -10.62 65.99
C ARG H 383 -13.31 -10.74 66.29
N ARG H 384 -14.13 -10.66 65.24
CA ARG H 384 -15.57 -10.73 65.36
C ARG H 384 -16.02 -12.03 66.01
N ASP H 385 -15.60 -13.16 65.46
CA ASP H 385 -16.05 -14.44 66.03
C ASP H 385 -15.47 -14.70 67.41
N CYS H 386 -14.21 -14.31 67.65
CA CYS H 386 -13.63 -14.54 68.96
C CYS H 386 -14.35 -13.72 70.03
N LEU H 387 -14.68 -12.47 69.73
CA LEU H 387 -15.43 -11.67 70.69
C LEU H 387 -16.91 -12.01 70.72
N THR H 388 -17.43 -12.68 69.70
CA THR H 388 -18.85 -13.02 69.64
C THR H 388 -19.40 -13.54 70.95
N PRO H 389 -18.82 -14.56 71.58
CA PRO H 389 -19.38 -14.99 72.87
C PRO H 389 -19.36 -13.88 73.90
N TYR H 390 -18.23 -13.18 74.01
CA TYR H 390 -18.12 -12.09 74.96
C TYR H 390 -19.09 -10.96 74.61
N ALA H 391 -19.29 -10.73 73.32
CA ALA H 391 -20.25 -9.71 72.89
C ALA H 391 -21.67 -10.14 73.26
N LEU H 392 -21.91 -11.44 73.33
CA LEU H 392 -23.20 -11.96 73.73
C LEU H 392 -23.33 -12.07 75.24
N ALA H 393 -22.23 -12.32 75.93
CA ALA H 393 -22.23 -12.48 77.38
C ALA H 393 -21.75 -11.24 78.10
N PRO H 394 -22.64 -10.35 78.52
CA PRO H 394 -22.22 -9.19 79.29
C PRO H 394 -21.72 -9.63 80.67
N ASN H 395 -21.04 -8.70 81.35
CA ASN H 395 -20.49 -8.92 82.68
C ASN H 395 -19.25 -9.81 82.67
N ALA H 396 -19.31 -10.91 81.90
CA ALA H 396 -18.17 -11.81 81.77
C ALA H 396 -16.89 -11.06 81.44
N THR H 397 -15.86 -11.31 82.26
CA THR H 397 -14.58 -10.63 82.09
C THR H 397 -13.84 -11.14 80.86
N VAL H 398 -12.90 -10.33 80.39
CA VAL H 398 -12.10 -10.65 79.23
C VAL H 398 -10.62 -10.48 79.55
N GLU I 1 -43.46 -12.98 83.59
CA GLU I 1 -42.39 -13.77 82.97
C GLU I 1 -42.26 -13.47 81.48
N SER I 2 -43.23 -13.94 80.70
CA SER I 2 -43.18 -13.77 79.25
C SER I 2 -43.48 -12.35 78.79
N ASP I 3 -44.00 -11.50 79.67
CA ASP I 3 -44.35 -10.13 79.30
C ASP I 3 -43.20 -9.44 78.57
N LYS I 4 -41.99 -9.64 79.04
CA LYS I 4 -40.79 -9.04 78.44
C LYS I 4 -40.19 -9.93 77.35
N THR I 5 -41.05 -10.44 76.46
CA THR I 5 -40.64 -11.28 75.36
C THR I 5 -41.49 -10.89 74.16
N PHE I 6 -40.91 -11.04 72.96
CA PHE I 6 -41.54 -10.43 71.82
C PHE I 6 -41.57 -11.31 70.57
N PRO I 7 -42.67 -11.27 69.83
CA PRO I 7 -42.78 -12.07 68.61
C PRO I 7 -42.02 -11.45 67.44
N ILE I 8 -41.85 -12.27 66.41
CA ILE I 8 -41.31 -11.85 65.12
C ILE I 8 -42.44 -11.94 64.11
N MET I 9 -42.67 -10.86 63.37
CA MET I 9 -43.69 -10.87 62.34
C MET I 9 -43.08 -11.25 61.00
N LEU I 10 -43.45 -12.42 60.50
CA LEU I 10 -43.13 -12.86 59.15
C LEU I 10 -44.46 -13.12 58.46
N ASN I 11 -44.72 -12.41 57.37
CA ASN I 11 -46.01 -12.48 56.69
C ASN I 11 -47.15 -12.25 57.68
N GLY I 12 -46.90 -11.34 58.63
CA GLY I 12 -47.88 -11.04 59.66
C GLY I 12 -48.20 -12.17 60.60
N GLN I 13 -47.35 -13.18 60.69
CA GLN I 13 -47.56 -14.30 61.60
C GLN I 13 -46.36 -14.46 62.53
N VAL I 14 -46.61 -15.07 63.69
CA VAL I 14 -45.57 -15.30 64.68
C VAL I 14 -44.71 -16.48 64.26
N ASN I 15 -43.72 -16.23 63.41
CA ASN I 15 -42.83 -17.30 62.96
C ASN I 15 -41.65 -17.50 63.88
N GLY I 16 -41.42 -16.57 64.80
CA GLY I 16 -40.31 -16.67 65.72
C GLY I 16 -40.49 -15.65 66.83
N TYR I 17 -39.50 -15.62 67.71
CA TYR I 17 -39.50 -14.66 68.80
C TYR I 17 -38.09 -14.13 69.00
N ALA I 18 -38.02 -12.98 69.65
CA ALA I 18 -36.75 -12.34 69.95
C ALA I 18 -36.70 -12.02 71.44
N CYS I 19 -35.49 -12.03 71.99
CA CYS I 19 -35.29 -11.73 73.40
C CYS I 19 -34.25 -10.64 73.54
N VAL I 20 -34.36 -9.88 74.61
CA VAL I 20 -33.43 -8.79 74.92
C VAL I 20 -32.80 -9.09 76.28
N VAL I 21 -31.51 -9.37 76.26
CA VAL I 21 -30.78 -9.81 77.44
C VAL I 21 -29.67 -8.81 77.73
N GLY I 22 -29.59 -8.37 78.97
CA GLY I 22 -28.60 -7.41 79.42
C GLY I 22 -28.52 -6.16 78.56
N GLY I 23 -29.65 -5.79 77.97
CA GLY I 23 -29.72 -4.62 77.14
C GLY I 23 -29.45 -4.83 75.67
N ARG I 24 -29.29 -6.07 75.21
CA ARG I 24 -29.11 -6.33 73.80
C ARG I 24 -30.11 -7.37 73.32
N LEU I 25 -30.74 -7.08 72.20
CA LEU I 25 -31.69 -7.98 71.56
C LEU I 25 -30.97 -9.16 70.91
N MET I 26 -31.56 -10.34 71.01
CA MET I 26 -31.06 -11.48 70.25
C MET I 26 -32.24 -12.26 69.68
N LYS I 27 -32.07 -12.72 68.45
CA LYS I 27 -33.02 -13.62 67.81
C LYS I 27 -32.24 -14.46 66.81
N PRO I 28 -32.69 -15.68 66.53
CA PRO I 28 -31.95 -16.54 65.60
C PRO I 28 -31.81 -15.92 64.21
N LEU I 29 -30.65 -16.16 63.60
CA LEU I 29 -30.39 -15.66 62.26
C LEU I 29 -31.19 -16.43 61.22
N HIS I 30 -31.36 -17.73 61.43
CA HIS I 30 -32.11 -18.56 60.48
C HIS I 30 -33.58 -18.17 60.42
N VAL I 31 -34.15 -17.65 61.51
CA VAL I 31 -35.58 -17.32 61.50
C VAL I 31 -35.77 -15.96 60.83
N GLU I 32 -36.40 -16.01 59.66
CA GLU I 32 -36.69 -14.82 58.86
C GLU I 32 -37.93 -14.10 59.39
N GLY I 33 -37.93 -12.77 59.21
CA GLY I 33 -39.07 -11.97 59.61
C GLY I 33 -38.79 -10.62 60.22
N LYS I 34 -39.85 -9.91 60.60
CA LYS I 34 -39.77 -8.58 61.18
C LYS I 34 -40.01 -8.62 62.69
N ILE I 35 -39.13 -7.95 63.43
CA ILE I 35 -39.30 -7.86 64.88
C ILE I 35 -40.57 -7.07 65.15
N ASP I 36 -41.38 -7.58 66.08
CA ASP I 36 -42.68 -6.96 66.35
C ASP I 36 -42.54 -5.57 66.96
N ASN I 37 -41.74 -5.44 68.01
CA ASN I 37 -41.57 -4.13 68.64
C ASN I 37 -40.82 -3.16 67.73
N GLU I 38 -41.36 -1.96 67.60
CA GLU I 38 -40.78 -0.95 66.71
C GLU I 38 -39.40 -0.51 67.17
N GLN I 39 -39.21 -0.36 68.48
CA GLN I 39 -37.88 0.01 68.97
C GLN I 39 -36.89 -1.11 68.69
N LEU I 40 -37.32 -2.35 68.90
CA LEU I 40 -36.46 -3.49 68.60
C LEU I 40 -36.19 -3.58 67.11
N ALA I 41 -37.18 -3.26 66.29
CA ALA I 41 -36.97 -3.24 64.85
C ALA I 41 -35.91 -2.24 64.44
N ALA I 42 -35.72 -1.18 65.23
CA ALA I 42 -34.72 -0.17 64.92
C ALA I 42 -33.30 -0.60 65.29
N VAL I 43 -33.15 -1.68 66.05
CA VAL I 43 -31.83 -2.13 66.45
C VAL I 43 -31.01 -2.57 65.25
N LYS I 44 -29.74 -2.21 65.24
CA LYS I 44 -28.80 -2.60 64.19
C LYS I 44 -28.28 -4.00 64.48
N LEU I 45 -28.84 -4.99 63.81
CA LEU I 45 -28.46 -6.38 64.03
C LEU I 45 -27.05 -6.67 63.56
N LYS I 46 -26.25 -7.31 64.43
CA LYS I 46 -24.90 -7.75 64.11
C LYS I 46 -24.91 -9.26 64.07
N LYS I 47 -24.42 -9.83 62.98
CA LYS I 47 -24.50 -11.27 62.75
C LYS I 47 -23.42 -12.06 63.49
N ALA I 48 -23.75 -13.30 63.80
CA ALA I 48 -22.97 -14.35 64.46
C ALA I 48 -23.41 -15.68 63.83
N SER I 49 -23.10 -15.84 62.55
CA SER I 49 -23.58 -16.98 61.79
C SER I 49 -23.19 -18.33 62.41
N MET I 50 -22.04 -18.41 63.07
CA MET I 50 -21.73 -19.68 63.71
C MET I 50 -22.65 -19.95 64.90
N TYR I 51 -23.19 -18.90 65.49
CA TYR I 51 -24.19 -19.03 66.54
C TYR I 51 -25.61 -18.99 66.00
N ASP I 52 -25.77 -18.68 64.71
CA ASP I 52 -27.08 -18.51 64.09
C ASP I 52 -27.89 -17.45 64.84
N LEU I 53 -27.23 -16.34 65.18
CA LEU I 53 -27.87 -15.24 65.88
C LEU I 53 -27.45 -13.92 65.27
N GLU I 54 -28.24 -12.88 65.54
CA GLU I 54 -27.88 -11.50 65.26
C GLU I 54 -28.37 -10.66 66.43
N TYR I 55 -27.63 -9.60 66.75
CA TYR I 55 -27.90 -8.87 67.97
C TYR I 55 -27.49 -7.42 67.86
N GLY I 56 -27.94 -6.64 68.84
CA GLY I 56 -27.60 -5.23 68.92
C GLY I 56 -28.18 -4.62 70.18
N ASP I 57 -27.57 -3.51 70.58
CA ASP I 57 -27.98 -2.77 71.77
C ASP I 57 -29.37 -2.16 71.62
N VAL I 58 -29.99 -1.86 72.76
CA VAL I 58 -31.33 -1.27 72.81
C VAL I 58 -31.27 0.07 73.55
N PRO I 59 -32.18 1.00 73.26
CA PRO I 59 -32.11 2.32 73.89
C PRO I 59 -32.41 2.30 75.38
N GLN I 60 -31.88 3.32 76.07
CA GLN I 60 -31.97 3.40 77.52
C GLN I 60 -33.41 3.47 78.02
N ASN I 61 -34.34 3.96 77.21
CA ASN I 61 -35.73 4.00 77.66
C ASN I 61 -36.26 2.60 77.95
N MET I 62 -35.71 1.59 77.28
CA MET I 62 -36.07 0.19 77.48
C MET I 62 -34.93 -0.59 78.12
N LYS I 63 -34.18 0.07 79.00
CA LYS I 63 -33.08 -0.57 79.72
C LYS I 63 -33.57 -1.60 80.72
N SER I 64 -34.58 -1.25 81.53
CA SER I 64 -34.97 -2.10 82.66
C SER I 64 -35.71 -3.35 82.25
N ASP I 65 -36.41 -3.34 81.12
CA ASP I 65 -37.14 -4.52 80.68
C ASP I 65 -36.26 -5.61 80.07
N THR I 66 -34.96 -5.37 79.90
CA THR I 66 -34.12 -6.42 79.36
C THR I 66 -34.07 -7.61 80.30
N LEU I 67 -33.96 -8.80 79.72
CA LEU I 67 -33.86 -10.02 80.50
C LEU I 67 -32.51 -10.13 81.21
N GLN I 68 -32.57 -10.40 82.51
CA GLN I 68 -31.35 -10.71 83.24
C GLN I 68 -30.92 -12.14 82.90
N TYR I 69 -29.62 -12.40 82.99
CA TYR I 69 -29.12 -13.73 82.65
C TYR I 69 -28.06 -14.18 83.63
N THR I 70 -27.82 -15.48 83.63
CA THR I 70 -26.81 -16.11 84.46
C THR I 70 -26.40 -17.43 83.83
N SER I 71 -25.25 -17.94 84.26
CA SER I 71 -24.83 -19.27 83.83
C SER I 71 -25.26 -20.40 84.77
N ASP I 72 -25.52 -20.11 86.05
CA ASP I 72 -25.85 -21.19 86.99
C ASP I 72 -27.09 -21.93 86.51
N LYS I 73 -26.98 -23.25 86.41
CA LYS I 73 -28.02 -24.07 85.80
C LYS I 73 -28.00 -25.50 86.33
N PRO I 74 -28.36 -25.70 87.60
CA PRO I 74 -28.51 -27.05 88.12
C PRO I 74 -29.61 -27.78 87.38
N PRO I 75 -29.59 -29.10 87.33
CA PRO I 75 -30.67 -29.82 86.66
C PRO I 75 -31.96 -29.76 87.47
N GLY I 76 -33.07 -29.86 86.76
CA GLY I 76 -34.38 -29.82 87.39
C GLY I 76 -35.40 -29.15 86.49
N PHE I 77 -36.50 -28.75 87.11
CA PHE I 77 -37.54 -28.03 86.38
C PHE I 77 -37.12 -26.59 86.06
N TYR I 78 -37.39 -26.18 84.83
CA TYR I 78 -37.18 -24.81 84.39
C TYR I 78 -38.45 -24.34 83.71
N ASN I 79 -38.86 -23.10 84.00
CA ASN I 79 -40.06 -22.58 83.38
C ASN I 79 -39.81 -22.26 81.92
N TRP I 80 -40.84 -22.42 81.10
CA TRP I 80 -40.74 -22.19 79.68
C TRP I 80 -42.09 -21.72 79.19
N HIS I 81 -42.12 -21.26 77.93
CA HIS I 81 -43.38 -20.78 77.37
C HIS I 81 -44.43 -21.88 77.36
N HIS I 82 -44.03 -23.10 77.02
CA HIS I 82 -44.91 -24.27 77.11
C HIS I 82 -44.87 -24.87 78.50
N GLY I 83 -45.04 -24.00 79.49
CA GLY I 83 -45.05 -24.36 80.90
C GLY I 83 -43.68 -24.62 81.50
N ALA I 84 -43.04 -25.73 81.13
CA ALA I 84 -41.75 -26.02 81.72
C ALA I 84 -40.97 -26.99 80.84
N VAL I 85 -39.66 -27.03 81.07
CA VAL I 85 -38.76 -27.95 80.39
C VAL I 85 -37.90 -28.62 81.46
N GLN I 86 -37.38 -29.79 81.10
CA GLN I 86 -36.50 -30.52 82.00
C GLN I 86 -35.06 -30.35 81.51
N TYR I 87 -34.23 -29.73 82.33
CA TYR I 87 -32.82 -29.56 82.01
C TYR I 87 -32.06 -30.65 82.74
N GLU I 88 -31.38 -31.51 81.99
CA GLU I 88 -30.69 -32.64 82.59
C GLU I 88 -29.61 -33.10 81.63
N ASN I 89 -28.58 -33.71 82.19
CA ASN I 89 -27.42 -34.18 81.40
C ASN I 89 -26.91 -33.10 80.45
N GLY I 90 -27.03 -31.85 80.86
CA GLY I 90 -26.59 -30.74 80.05
C GLY I 90 -27.51 -30.34 78.92
N ARG I 91 -28.73 -30.88 78.86
CA ARG I 91 -29.65 -30.50 77.80
C ARG I 91 -31.04 -30.27 78.35
N PHE I 92 -31.84 -29.56 77.56
CA PHE I 92 -33.23 -29.26 77.84
C PHE I 92 -34.12 -30.29 77.14
N THR I 93 -35.11 -30.80 77.85
CA THR I 93 -35.95 -31.86 77.30
C THR I 93 -37.40 -31.55 77.57
N VAL I 94 -38.26 -32.13 76.74
CA VAL I 94 -39.69 -31.86 76.75
C VAL I 94 -40.43 -33.10 76.26
N PRO I 95 -41.74 -33.19 76.45
CA PRO I 95 -42.48 -34.32 75.86
C PRO I 95 -42.37 -34.26 74.35
N ARG I 96 -41.94 -35.37 73.76
CA ARG I 96 -41.70 -35.43 72.32
C ARG I 96 -42.98 -35.14 71.54
N GLY I 97 -42.93 -34.10 70.70
CA GLY I 97 -44.05 -33.64 69.92
C GLY I 97 -44.56 -32.26 70.31
N VAL I 98 -44.18 -31.77 71.49
CA VAL I 98 -44.58 -30.44 71.96
C VAL I 98 -43.74 -29.37 71.28
N GLY I 99 -44.16 -28.12 71.41
CA GLY I 99 -43.41 -27.02 70.82
C GLY I 99 -43.43 -27.02 69.30
N GLY I 100 -42.29 -27.33 68.70
CA GLY I 100 -42.18 -27.36 67.27
C GLY I 100 -41.96 -26.00 66.62
N LYS I 101 -42.13 -26.00 65.30
CA LYS I 101 -41.90 -24.82 64.48
C LYS I 101 -42.65 -23.59 64.97
N GLY I 102 -41.93 -22.47 65.06
CA GLY I 102 -42.44 -21.20 65.52
C GLY I 102 -41.90 -20.76 66.86
N ASP I 103 -41.46 -21.70 67.70
CA ASP I 103 -40.95 -21.39 69.02
C ASP I 103 -39.45 -21.11 69.04
N SER I 104 -38.80 -21.05 67.89
CA SER I 104 -37.38 -20.68 67.85
C SER I 104 -37.18 -19.28 68.38
N GLY I 105 -36.20 -19.14 69.27
CA GLY I 105 -35.92 -17.89 69.92
C GLY I 105 -36.64 -17.70 71.24
N ARG I 106 -37.51 -18.62 71.61
CA ARG I 106 -38.17 -18.51 72.90
C ARG I 106 -37.15 -18.75 74.01
N PRO I 107 -37.07 -17.89 75.01
CA PRO I 107 -36.13 -18.10 76.10
C PRO I 107 -36.66 -19.06 77.15
N ILE I 108 -35.73 -19.57 77.95
CA ILE I 108 -36.03 -20.44 79.07
C ILE I 108 -35.57 -19.69 80.32
N LEU I 109 -36.31 -19.82 81.41
CA LEU I 109 -36.08 -18.94 82.54
C LEU I 109 -35.96 -19.63 83.89
N ASP I 110 -35.02 -19.12 84.69
CA ASP I 110 -34.89 -19.46 86.08
C ASP I 110 -35.98 -18.76 86.87
N ASN I 111 -36.57 -19.46 87.85
CA ASN I 111 -37.67 -18.83 88.57
C ASN I 111 -37.27 -17.56 89.29
N ARG I 112 -35.97 -17.22 89.35
CA ARG I 112 -35.58 -15.88 89.80
C ARG I 112 -35.87 -14.85 88.73
N GLY I 113 -36.30 -15.29 87.55
CA GLY I 113 -36.49 -14.43 86.41
C GLY I 113 -35.21 -14.23 85.62
N ARG I 114 -34.35 -15.24 85.60
CA ARG I 114 -33.07 -15.19 84.90
C ARG I 114 -33.10 -16.15 83.72
N VAL I 115 -32.81 -15.64 82.53
CA VAL I 115 -32.82 -16.51 81.36
C VAL I 115 -31.60 -17.42 81.42
N VAL I 116 -31.79 -18.66 81.00
CA VAL I 116 -30.72 -19.63 81.00
C VAL I 116 -30.32 -20.07 79.59
N ALA I 117 -31.23 -20.02 78.62
CA ALA I 117 -30.92 -20.43 77.27
C ALA I 117 -31.97 -19.89 76.33
N ILE I 118 -31.68 -19.97 75.04
CA ILE I 118 -32.61 -19.60 73.99
C ILE I 118 -32.77 -20.80 73.08
N VAL I 119 -34.02 -21.09 72.72
CA VAL I 119 -34.33 -22.24 71.87
C VAL I 119 -34.01 -21.93 70.41
N LEU I 120 -33.36 -22.88 69.74
CA LEU I 120 -33.01 -22.76 68.34
C LEU I 120 -33.78 -23.73 67.46
N GLY I 121 -34.39 -24.76 68.04
CA GLY I 121 -35.12 -25.77 67.29
C GLY I 121 -34.98 -27.15 67.89
N GLY I 122 -35.81 -28.09 67.43
CA GLY I 122 -35.84 -29.42 67.99
C GLY I 122 -34.96 -30.46 67.33
N ALA I 123 -34.72 -31.52 68.09
CA ALA I 123 -34.02 -32.73 67.67
C ALA I 123 -34.82 -33.91 68.21
N ASN I 124 -35.07 -34.93 67.38
CA ASN I 124 -35.99 -35.97 67.83
C ASN I 124 -35.56 -37.41 67.55
N GLU I 125 -34.48 -37.66 66.82
CA GLU I 125 -34.14 -39.02 66.43
C GLU I 125 -33.63 -39.84 67.60
N GLY I 126 -33.87 -41.15 67.52
CA GLY I 126 -33.50 -42.08 68.57
C GLY I 126 -34.38 -42.15 69.80
N THR I 127 -33.86 -41.72 70.95
CA THR I 127 -34.61 -41.83 72.20
C THR I 127 -35.71 -40.79 72.35
N ARG I 128 -35.36 -39.52 72.56
CA ARG I 128 -36.37 -38.51 72.88
C ARG I 128 -35.95 -37.13 72.37
N THR I 129 -36.94 -36.25 72.32
CA THR I 129 -36.76 -34.87 71.85
C THR I 129 -35.88 -34.05 72.78
N ALA I 130 -34.75 -33.59 72.26
CA ALA I 130 -33.87 -32.67 72.96
C ALA I 130 -33.90 -31.37 72.18
N LEU I 131 -33.71 -30.26 72.88
CA LEU I 131 -33.78 -28.96 72.24
C LEU I 131 -32.41 -28.35 72.00
N SER I 132 -32.15 -27.97 70.76
CA SER I 132 -30.95 -27.21 70.45
C SER I 132 -31.09 -25.83 71.06
N VAL I 133 -30.03 -25.33 71.69
CA VAL I 133 -30.09 -24.07 72.40
C VAL I 133 -28.71 -23.42 72.44
N VAL I 134 -28.72 -22.13 72.69
CA VAL I 134 -27.52 -21.35 72.98
C VAL I 134 -27.50 -21.18 74.49
N THR I 135 -26.31 -21.22 75.08
CA THR I 135 -26.19 -21.26 76.53
C THR I 135 -24.97 -20.48 76.96
N TRP I 136 -24.84 -20.32 78.27
CA TRP I 136 -23.76 -19.55 78.87
C TRP I 136 -22.88 -20.45 79.73
N ASN I 137 -21.59 -20.48 79.43
CA ASN I 137 -20.66 -21.24 80.24
C ASN I 137 -20.44 -20.54 81.57
N GLN I 138 -19.87 -21.27 82.53
CA GLN I 138 -19.63 -20.66 83.83
C GLN I 138 -18.66 -19.51 83.74
N LYS I 139 -17.82 -19.49 82.72
CA LYS I 139 -16.97 -18.34 82.43
C LYS I 139 -17.73 -17.22 81.75
N GLY I 140 -19.00 -17.47 81.41
CA GLY I 140 -19.84 -16.54 80.68
C GLY I 140 -19.89 -16.82 79.19
N VAL I 141 -18.80 -17.34 78.62
CA VAL I 141 -18.72 -17.61 77.19
C VAL I 141 -19.93 -18.39 76.73
N THR I 142 -20.50 -17.97 75.60
CA THR I 142 -21.67 -18.64 75.06
C THR I 142 -21.31 -19.96 74.42
N ILE I 143 -22.24 -20.91 74.53
CA ILE I 143 -22.12 -22.21 73.89
C ILE I 143 -23.42 -22.49 73.17
N LYS I 144 -23.31 -22.99 71.93
CA LYS I 144 -24.47 -23.36 71.14
C LYS I 144 -24.52 -24.88 71.08
N ASP I 145 -25.60 -25.46 71.60
CA ASP I 145 -25.77 -26.91 71.60
C ASP I 145 -26.74 -27.32 70.50
N THR I 146 -26.35 -28.31 69.71
CA THR I 146 -27.19 -28.85 68.64
C THR I 146 -26.97 -30.34 68.53
N PRO I 147 -27.67 -31.13 69.32
CA PRO I 147 -27.57 -32.60 69.19
C PRO I 147 -27.80 -33.01 67.75
N GLU I 148 -27.10 -34.07 67.32
CA GLU I 148 -27.20 -34.51 65.94
C GLU I 148 -28.66 -34.74 65.57
N GLY I 149 -29.05 -34.18 64.42
CA GLY I 149 -30.43 -34.18 63.98
C GLY I 149 -31.18 -32.94 64.42
N SER I 150 -30.51 -31.98 65.03
CA SER I 150 -31.14 -30.73 65.44
C SER I 150 -31.66 -29.98 64.22
N GLU I 151 -32.93 -29.59 64.28
CA GLU I 151 -33.52 -28.84 63.19
C GLU I 151 -34.13 -27.56 63.74
N PRO I 152 -34.07 -26.46 62.99
CA PRO I 152 -34.65 -25.21 63.49
C PRO I 152 -36.16 -25.24 63.47
N TRP I 153 -36.75 -24.64 64.50
CA TRP I 153 -38.20 -24.44 64.55
C TRP I 153 -38.56 -23.10 63.95
N PHE J 1 -58.66 5.74 -37.35
CA PHE J 1 -58.97 5.26 -36.01
C PHE J 1 -57.88 5.70 -35.04
N GLU J 2 -58.22 6.63 -34.15
CA GLU J 2 -57.26 7.08 -33.16
C GLU J 2 -57.05 6.06 -32.06
N HIS J 3 -55.79 5.82 -31.71
CA HIS J 3 -55.39 5.03 -30.56
C HIS J 3 -54.30 5.81 -29.84
N ALA J 4 -54.30 5.77 -28.52
CA ALA J 4 -53.30 6.51 -27.76
C ALA J 4 -52.64 5.61 -26.73
N THR J 5 -51.32 5.77 -26.59
CA THR J 5 -50.54 5.00 -25.64
C THR J 5 -49.30 5.81 -25.24
N THR J 6 -48.78 5.49 -24.06
CA THR J 6 -47.57 6.12 -23.54
C THR J 6 -46.37 5.27 -23.94
N VAL J 7 -45.54 5.80 -24.83
CA VAL J 7 -44.39 5.07 -25.36
C VAL J 7 -43.14 5.51 -24.59
N PRO J 8 -42.37 4.58 -24.02
CA PRO J 8 -41.11 4.95 -23.38
C PRO J 8 -40.25 5.72 -24.37
N ASN J 9 -39.49 6.69 -23.86
CA ASN J 9 -38.70 7.54 -24.74
C ASN J 9 -37.29 7.01 -24.98
N VAL J 10 -37.04 5.73 -24.70
CA VAL J 10 -35.70 5.19 -24.89
C VAL J 10 -35.40 5.12 -26.38
N PRO J 11 -34.45 5.90 -26.88
CA PRO J 11 -34.18 5.92 -28.32
C PRO J 11 -33.54 4.62 -28.78
N GLY J 12 -34.05 4.08 -29.88
CA GLY J 12 -33.53 2.86 -30.45
C GLY J 12 -34.18 1.59 -29.97
N ILE J 13 -35.07 1.65 -29.00
CA ILE J 13 -35.74 0.47 -28.46
C ILE J 13 -37.19 0.49 -28.91
N PRO J 14 -37.70 -0.58 -29.51
CA PRO J 14 -39.10 -0.59 -29.95
C PRO J 14 -40.08 -0.79 -28.81
N TYR J 15 -41.20 -0.08 -28.91
CA TYR J 15 -42.35 -0.30 -28.04
C TYR J 15 -43.43 -0.93 -28.89
N LYS J 16 -43.96 -2.05 -28.44
CA LYS J 16 -44.94 -2.80 -29.20
C LYS J 16 -46.30 -2.75 -28.51
N ALA J 17 -47.35 -2.66 -29.33
CA ALA J 17 -48.71 -2.63 -28.85
C ALA J 17 -49.59 -3.36 -29.85
N LEU J 18 -50.76 -3.76 -29.39
CA LEU J 18 -51.74 -4.43 -30.25
C LEU J 18 -53.07 -3.70 -30.20
N VAL J 19 -53.35 -2.89 -31.23
CA VAL J 19 -54.64 -2.24 -31.30
C VAL J 19 -55.71 -3.30 -31.41
N GLU J 20 -56.68 -3.26 -30.49
CA GLU J 20 -57.72 -4.29 -30.42
C GLU J 20 -59.08 -3.76 -30.86
N ARG J 21 -59.11 -2.96 -31.93
CA ARG J 21 -60.37 -2.50 -32.48
C ARG J 21 -61.19 -3.73 -32.87
N ALA J 22 -62.22 -4.02 -32.09
CA ALA J 22 -63.02 -5.22 -32.28
C ALA J 22 -63.63 -5.31 -33.68
N GLY J 23 -64.01 -4.17 -34.26
CA GLY J 23 -64.60 -4.19 -35.59
C GLY J 23 -63.72 -4.84 -36.64
N TYR J 24 -62.41 -4.66 -36.53
CA TYR J 24 -61.50 -5.24 -37.51
C TYR J 24 -60.55 -6.24 -36.85
N ALA J 25 -59.66 -6.77 -37.66
CA ALA J 25 -58.69 -7.75 -37.18
C ALA J 25 -57.64 -7.08 -36.31
N PRO J 26 -57.33 -7.64 -35.15
CA PRO J 26 -56.27 -7.06 -34.30
C PRO J 26 -55.01 -6.87 -35.11
N LEU J 27 -54.33 -5.75 -34.90
CA LEU J 27 -53.19 -5.37 -35.72
C LEU J 27 -52.00 -5.00 -34.85
N ASN J 28 -50.83 -5.50 -35.25
CA ASN J 28 -49.60 -5.22 -34.53
C ASN J 28 -49.22 -3.75 -34.68
N LEU J 29 -48.92 -3.11 -33.56
CA LEU J 29 -48.44 -1.75 -33.55
C LEU J 29 -47.10 -1.72 -32.85
N GLU J 30 -46.11 -1.13 -33.49
CA GLU J 30 -44.80 -0.94 -32.89
C GLU J 30 -44.33 0.48 -33.12
N ILE J 31 -43.91 1.12 -32.05
CA ILE J 31 -43.42 2.49 -32.06
C ILE J 31 -41.94 2.46 -31.76
N THR J 32 -41.16 3.24 -32.49
CA THR J 32 -39.74 3.36 -32.20
C THR J 32 -39.33 4.82 -32.30
N VAL J 33 -38.60 5.28 -31.29
CA VAL J 33 -38.00 6.61 -31.32
C VAL J 33 -36.61 6.44 -31.92
N VAL J 34 -36.48 6.68 -33.22
CA VAL J 34 -35.18 6.48 -33.85
C VAL J 34 -34.22 7.56 -33.39
N SER J 35 -34.67 8.80 -33.34
CA SER J 35 -33.83 9.86 -32.83
C SER J 35 -34.69 10.90 -32.14
N SER J 36 -34.12 11.56 -31.16
CA SER J 36 -34.75 12.63 -30.42
C SER J 36 -33.84 13.85 -30.54
N GLU J 37 -34.43 15.03 -30.62
CA GLU J 37 -33.61 16.23 -30.75
C GLU J 37 -34.23 17.30 -29.86
N LEU J 38 -33.93 17.21 -28.56
CA LEU J 38 -34.38 18.21 -27.62
C LEU J 38 -33.60 19.49 -27.88
N THR J 39 -34.26 20.50 -28.44
CA THR J 39 -33.57 21.73 -28.78
C THR J 39 -34.15 22.93 -28.04
N PRO J 40 -33.34 23.61 -27.25
CA PRO J 40 -33.81 24.80 -26.54
C PRO J 40 -33.87 26.01 -27.45
N SER J 41 -34.84 26.88 -27.18
CA SER J 41 -34.85 28.18 -27.83
C SER J 41 -33.76 29.01 -27.17
N THR J 42 -32.90 29.63 -27.97
CA THR J 42 -31.75 30.36 -27.44
C THR J 42 -31.47 31.60 -28.24
N ASN J 43 -30.95 32.61 -27.54
CA ASN J 43 -30.49 33.85 -28.13
C ASN J 43 -29.06 34.08 -27.67
N LYS J 44 -28.25 34.65 -28.56
CA LYS J 44 -26.86 34.95 -28.21
C LYS J 44 -26.78 36.13 -27.25
N GLU J 45 -26.16 35.90 -26.10
CA GLU J 45 -25.91 37.00 -25.19
C GLU J 45 -24.68 37.76 -25.64
N TYR J 46 -23.53 37.09 -25.71
CA TYR J 46 -22.34 37.73 -26.22
C TYR J 46 -21.28 36.69 -26.55
N VAL J 47 -20.40 37.06 -27.46
CA VAL J 47 -19.21 36.29 -27.78
C VAL J 47 -18.07 36.76 -26.89
N THR J 48 -17.10 35.90 -26.67
CA THR J 48 -15.95 36.29 -25.87
C THR J 48 -14.78 35.36 -26.16
N CYS J 49 -13.58 35.83 -25.79
CA CYS J 49 -12.34 35.11 -26.04
C CYS J 49 -11.16 35.81 -25.42
N ARG J 50 -9.95 35.36 -25.73
CA ARG J 50 -8.75 36.06 -25.29
C ARG J 50 -8.76 37.47 -25.84
N PHE J 51 -8.81 38.46 -24.96
CA PHE J 51 -8.71 39.82 -25.47
C PHE J 51 -7.26 40.12 -25.80
N HIS J 52 -7.06 40.77 -26.94
CA HIS J 52 -5.77 41.34 -27.29
C HIS J 52 -5.69 42.72 -26.66
N THR J 53 -4.48 43.15 -26.33
CA THR J 53 -4.30 44.46 -25.72
C THR J 53 -3.51 45.30 -26.69
N VAL J 54 -4.11 46.41 -27.11
CA VAL J 54 -3.52 47.18 -28.19
C VAL J 54 -2.46 48.16 -27.74
N ILE J 55 -2.51 48.64 -26.50
CA ILE J 55 -1.56 49.61 -25.94
C ILE J 55 -1.12 50.55 -27.05
N PRO J 56 -2.05 51.29 -27.66
CA PRO J 56 -1.74 52.00 -28.89
C PRO J 56 -0.63 53.00 -28.73
N SER J 57 0.06 53.25 -29.85
CA SER J 57 1.18 54.16 -29.97
C SER J 57 0.94 55.40 -29.12
N PRO J 58 1.72 55.59 -28.06
CA PRO J 58 1.45 56.67 -27.13
C PRO J 58 1.56 58.04 -27.78
N GLN J 59 0.89 59.00 -27.17
CA GLN J 59 0.84 60.37 -27.64
C GLN J 59 1.69 61.24 -26.72
N VAL J 60 2.45 62.16 -27.31
CA VAL J 60 3.28 63.08 -26.55
C VAL J 60 3.05 64.49 -27.07
N LYS J 61 2.97 65.44 -26.12
CA LYS J 61 2.79 66.86 -26.40
C LYS J 61 3.90 67.50 -25.60
N CYS J 62 5.07 67.61 -26.24
CA CYS J 62 6.30 67.99 -25.54
C CYS J 62 6.19 69.27 -24.73
N CYS J 63 5.36 70.24 -25.14
CA CYS J 63 5.31 71.47 -24.35
C CYS J 63 3.90 72.02 -24.24
N GLY J 64 2.94 71.14 -24.07
CA GLY J 64 1.58 71.57 -23.85
C GLY J 64 1.01 70.66 -22.78
N SER J 65 -0.22 70.22 -22.98
CA SER J 65 -0.80 69.23 -22.08
C SER J 65 -1.85 68.49 -22.88
N LEU J 66 -2.08 67.23 -22.50
CA LEU J 66 -3.11 66.42 -23.12
C LEU J 66 -4.13 66.04 -22.07
N GLU J 67 -5.37 66.38 -22.32
CA GLU J 67 -6.48 65.99 -21.46
C GLU J 67 -7.13 64.82 -22.16
N CYS J 68 -7.22 63.69 -21.47
CA CYS J 68 -7.78 62.52 -22.11
C CYS J 68 -9.27 62.68 -22.37
N LYS J 69 -9.72 62.07 -23.46
CA LYS J 69 -11.11 62.10 -23.89
C LYS J 69 -11.61 60.68 -23.95
N ALA J 70 -12.74 60.41 -23.29
CA ALA J 70 -13.29 59.08 -23.28
C ALA J 70 -13.54 58.58 -24.70
N SER J 71 -13.55 57.27 -24.86
CA SER J 71 -13.75 56.67 -26.18
C SER J 71 -14.57 55.40 -26.05
N SER J 72 -15.10 54.96 -27.18
CA SER J 72 -15.96 53.78 -27.26
C SER J 72 -15.18 52.47 -27.23
N LYS J 73 -13.86 52.50 -27.40
CA LYS J 73 -13.09 51.25 -27.38
C LYS J 73 -13.34 50.50 -26.08
N ALA J 74 -13.30 49.17 -26.18
CA ALA J 74 -13.57 48.33 -25.04
C ALA J 74 -12.55 48.54 -23.92
N ASP J 75 -13.06 48.76 -22.72
CA ASP J 75 -12.26 49.01 -21.52
C ASP J 75 -11.20 50.08 -21.76
N TYR J 76 -11.51 51.03 -22.64
CA TYR J 76 -10.60 52.13 -22.96
C TYR J 76 -10.15 52.85 -21.69
N THR J 77 -8.85 52.89 -21.46
CA THR J 77 -8.34 53.53 -20.26
C THR J 77 -7.10 54.33 -20.63
N CYS J 78 -6.98 55.51 -20.05
CA CYS J 78 -5.86 56.39 -20.35
C CYS J 78 -5.67 57.36 -19.19
N ARG J 79 -4.44 57.82 -19.04
CA ARG J 79 -4.09 58.77 -18.00
C ARG J 79 -2.97 59.66 -18.51
N VAL J 80 -3.07 60.94 -18.20
CA VAL J 80 -1.99 61.86 -18.52
C VAL J 80 -0.86 61.68 -17.52
N PHE J 81 0.37 61.77 -18.00
CA PHE J 81 1.54 61.69 -17.13
C PHE J 81 2.47 62.84 -17.48
N GLY J 82 2.96 63.53 -16.46
CA GLY J 82 3.84 64.67 -16.68
C GLY J 82 5.30 64.40 -16.33
N GLY J 83 6.19 65.24 -16.85
CA GLY J 83 7.61 65.04 -16.61
C GLY J 83 8.11 63.72 -17.16
N VAL J 84 7.69 63.37 -18.36
CA VAL J 84 8.01 62.08 -18.94
C VAL J 84 9.34 62.06 -19.68
N TYR J 85 9.70 63.16 -20.35
CA TYR J 85 10.94 63.30 -21.12
C TYR J 85 11.33 61.99 -21.81
N PRO J 86 10.47 61.47 -22.69
CA PRO J 86 10.71 60.16 -23.28
C PRO J 86 11.78 60.14 -24.35
N PHE J 87 12.40 58.98 -24.50
CA PHE J 87 13.43 58.76 -25.50
C PHE J 87 13.06 57.68 -26.48
N MET J 88 13.53 57.83 -27.71
CA MET J 88 13.51 56.79 -28.72
C MET J 88 14.96 56.48 -29.05
N TRP J 89 15.19 55.52 -29.95
CA TRP J 89 16.58 55.21 -30.30
C TRP J 89 17.30 56.47 -30.77
N GLY J 90 16.60 57.35 -31.47
CA GLY J 90 17.22 58.57 -31.92
C GLY J 90 17.64 59.48 -30.79
N GLY J 91 17.06 59.31 -29.60
CA GLY J 91 17.43 60.14 -28.48
C GLY J 91 16.23 60.79 -27.80
N ALA J 92 16.44 61.95 -27.21
CA ALA J 92 15.34 62.66 -26.56
C ALA J 92 14.28 63.03 -27.57
N GLN J 93 13.03 62.66 -27.28
CA GLN J 93 11.93 62.93 -28.18
C GLN J 93 11.18 64.20 -27.82
N CYS J 94 11.69 64.96 -26.86
CA CYS J 94 11.10 66.23 -26.48
C CYS J 94 12.20 67.18 -26.05
N PHE J 95 11.87 68.45 -26.01
CA PHE J 95 12.83 69.49 -25.65
C PHE J 95 12.42 70.18 -24.37
N CYS J 96 11.75 69.44 -23.50
CA CYS J 96 11.07 70.00 -22.34
C CYS J 96 11.52 69.30 -21.05
N ASP J 97 12.43 69.93 -20.33
CA ASP J 97 12.87 69.35 -19.05
C ASP J 97 11.68 69.17 -18.13
N SER J 98 10.75 70.11 -18.16
CA SER J 98 9.50 70.03 -17.41
C SER J 98 8.40 70.47 -18.37
N GLU J 99 7.19 70.68 -17.84
CA GLU J 99 6.06 71.10 -18.66
C GLU J 99 5.88 70.20 -19.88
N ASN J 100 6.18 68.91 -19.70
CA ASN J 100 6.16 67.91 -20.75
C ASN J 100 5.32 66.76 -20.24
N THR J 101 4.38 66.27 -21.07
CA THR J 101 3.49 65.21 -20.63
C THR J 101 3.29 64.16 -21.70
N GLN J 102 3.06 62.93 -21.23
CA GLN J 102 2.77 61.78 -22.06
C GLN J 102 1.32 61.38 -21.86
N LEU J 103 0.60 61.16 -22.95
CA LEU J 103 -0.76 60.64 -22.88
C LEU J 103 -0.70 59.16 -23.21
N SER J 104 -0.62 58.34 -22.17
CA SER J 104 -0.68 56.90 -22.36
C SER J 104 -2.12 56.50 -22.63
N GLU J 105 -2.27 55.45 -23.42
CA GLU J 105 -3.59 55.01 -23.81
C GLU J 105 -3.59 53.50 -23.90
N ALA J 106 -4.74 52.89 -23.62
CA ALA J 106 -4.86 51.45 -23.80
C ALA J 106 -6.31 51.07 -24.02
N TYR J 107 -6.51 50.03 -24.82
CA TYR J 107 -7.83 49.46 -25.04
C TYR J 107 -7.63 48.04 -25.51
N VAL J 108 -8.70 47.26 -25.43
CA VAL J 108 -8.65 45.86 -25.80
C VAL J 108 -9.43 45.61 -27.08
N GLU J 109 -9.04 44.54 -27.76
CA GLU J 109 -9.59 44.13 -29.05
C GLU J 109 -9.58 42.62 -29.06
N PHE J 110 -10.53 42.03 -29.80
CA PHE J 110 -10.53 40.58 -29.91
C PHE J 110 -9.29 40.10 -30.64
N ALA J 111 -8.61 39.12 -30.06
CA ALA J 111 -7.46 38.54 -30.73
C ALA J 111 -7.88 38.02 -32.09
N PRO J 112 -7.03 38.12 -33.10
CA PRO J 112 -7.42 37.66 -34.44
C PRO J 112 -7.93 36.23 -34.45
N ASP J 113 -7.38 35.38 -33.60
CA ASP J 113 -7.81 33.99 -33.54
C ASP J 113 -9.21 33.83 -32.95
N CYS J 114 -9.76 34.87 -32.31
CA CYS J 114 -11.14 34.79 -31.85
C CYS J 114 -12.09 34.49 -33.00
N THR J 115 -11.65 34.72 -34.24
CA THR J 115 -12.45 34.37 -35.40
C THR J 115 -12.86 32.91 -35.36
N ILE J 116 -12.10 32.06 -34.68
CA ILE J 116 -12.40 30.64 -34.65
C ILE J 116 -12.38 30.09 -33.24
N ASP J 117 -11.38 30.45 -32.45
CA ASP J 117 -11.34 29.99 -31.06
C ASP J 117 -12.00 31.04 -30.19
N HIS J 118 -13.31 30.91 -30.02
CA HIS J 118 -14.08 31.83 -29.20
C HIS J 118 -15.22 31.07 -28.55
N ALA J 119 -15.75 31.65 -27.49
CA ALA J 119 -16.92 31.11 -26.81
C ALA J 119 -18.09 32.07 -27.00
N VAL J 120 -19.30 31.53 -26.91
CA VAL J 120 -20.52 32.31 -27.01
C VAL J 120 -21.45 31.91 -25.89
N ALA J 121 -21.97 32.89 -25.17
CA ALA J 121 -22.86 32.66 -24.04
C ALA J 121 -24.30 32.71 -24.51
N LEU J 122 -25.05 31.65 -24.23
CA LEU J 122 -26.44 31.58 -24.65
C LEU J 122 -27.36 31.35 -23.46
N LYS J 123 -28.46 32.09 -23.41
CA LYS J 123 -29.54 31.79 -22.50
C LYS J 123 -30.47 30.78 -23.16
N VAL J 124 -31.04 29.89 -22.37
CA VAL J 124 -32.04 28.96 -22.86
C VAL J 124 -33.39 29.34 -22.26
N HIS J 125 -34.35 29.65 -23.14
CA HIS J 125 -35.67 30.05 -22.65
C HIS J 125 -36.47 28.84 -22.22
N THR J 126 -36.54 27.84 -23.08
CA THR J 126 -37.27 26.60 -22.86
C THR J 126 -36.77 25.65 -23.95
N ALA J 127 -36.92 24.35 -23.72
CA ALA J 127 -36.50 23.38 -24.72
C ALA J 127 -37.64 22.47 -25.15
N ALA J 128 -38.05 22.62 -26.40
CA ALA J 128 -39.02 21.72 -27.00
C ALA J 128 -38.28 20.49 -27.49
N LEU J 129 -38.98 19.37 -27.60
CA LEU J 129 -38.35 18.14 -28.07
C LEU J 129 -38.97 17.71 -29.39
N LYS J 130 -38.13 17.59 -30.40
CA LYS J 130 -38.51 17.08 -31.72
C LYS J 130 -38.03 15.64 -31.78
N VAL J 131 -38.88 14.74 -32.28
CA VAL J 131 -38.54 13.32 -32.29
C VAL J 131 -38.80 12.74 -33.67
N GLY J 132 -37.81 12.02 -34.19
CA GLY J 132 -37.93 11.30 -35.45
C GLY J 132 -38.47 9.93 -35.17
N LEU J 133 -39.75 9.72 -35.40
CA LEU J 133 -40.37 8.42 -35.19
C LEU J 133 -40.32 7.52 -36.41
N ARG J 134 -40.09 6.24 -36.14
CA ARG J 134 -40.27 5.17 -37.11
C ARG J 134 -41.42 4.34 -36.54
N ILE J 135 -42.43 4.12 -37.37
CA ILE J 135 -43.64 3.46 -36.91
C ILE J 135 -44.06 2.41 -37.91
N VAL J 136 -44.54 1.29 -37.40
CA VAL J 136 -44.99 0.18 -38.23
C VAL J 136 -46.33 -0.30 -37.69
N TYR J 137 -47.24 -0.60 -38.61
CA TYR J 137 -48.61 -0.99 -38.27
C TYR J 137 -49.03 -1.99 -39.33
N GLY J 138 -49.17 -3.26 -38.94
CA GLY J 138 -49.39 -4.28 -39.95
C GLY J 138 -48.12 -4.44 -40.75
N ASN J 139 -48.26 -4.55 -42.07
CA ASN J 139 -47.06 -4.56 -42.89
C ASN J 139 -46.58 -3.15 -43.21
N THR J 140 -47.50 -2.20 -43.33
CA THR J 140 -47.13 -0.85 -43.69
C THR J 140 -46.35 -0.20 -42.56
N THR J 141 -45.35 0.59 -42.92
CA THR J 141 -44.52 1.28 -41.94
C THR J 141 -44.12 2.63 -42.51
N ALA J 142 -43.79 3.56 -41.62
CA ALA J 142 -43.44 4.90 -42.04
C ALA J 142 -42.50 5.55 -41.04
N HIS J 143 -41.88 6.63 -41.47
CA HIS J 143 -41.02 7.46 -40.66
C HIS J 143 -41.56 8.88 -40.66
N LEU J 144 -41.44 9.57 -39.52
CA LEU J 144 -41.93 10.94 -39.46
C LEU J 144 -41.23 11.68 -38.32
N ASP J 145 -40.95 12.96 -38.57
CA ASP J 145 -40.32 13.84 -37.59
C ASP J 145 -41.43 14.58 -36.87
N THR J 146 -41.80 14.08 -35.70
CA THR J 146 -42.88 14.64 -34.90
C THR J 146 -42.40 15.69 -33.92
N PHE J 147 -43.34 16.16 -33.11
CA PHE J 147 -43.12 17.14 -32.05
C PHE J 147 -43.89 16.64 -30.85
N VAL J 148 -43.31 16.75 -29.67
CA VAL J 148 -43.98 16.23 -28.48
C VAL J 148 -44.61 17.35 -27.67
N ASN J 149 -45.68 17.92 -28.22
CA ASN J 149 -46.36 19.02 -27.55
C ASN J 149 -47.83 18.69 -27.38
N GLY J 150 -48.38 17.96 -28.34
CA GLY J 150 -49.76 17.55 -28.31
C GLY J 150 -50.67 18.42 -29.14
N VAL J 151 -50.13 19.40 -29.86
CA VAL J 151 -50.96 20.28 -30.67
C VAL J 151 -50.49 20.26 -32.12
N THR J 152 -49.21 19.98 -32.32
CA THR J 152 -48.68 19.95 -33.67
C THR J 152 -48.48 18.51 -34.12
N PRO J 153 -49.34 17.99 -34.99
CA PRO J 153 -49.19 16.62 -35.47
C PRO J 153 -48.27 16.49 -36.67
N GLY J 154 -47.46 15.44 -36.66
CA GLY J 154 -46.66 15.12 -37.83
C GLY J 154 -47.46 14.25 -38.78
N SER J 155 -46.89 13.99 -39.95
CA SER J 155 -47.61 13.14 -40.89
C SER J 155 -46.67 12.52 -41.91
N SER J 156 -47.06 11.35 -42.39
CA SER J 156 -46.33 10.64 -43.43
C SER J 156 -47.27 9.62 -44.05
N ARG J 157 -47.34 9.60 -45.38
CA ARG J 157 -48.26 8.76 -46.15
C ARG J 157 -49.68 8.99 -45.60
N ASP J 158 -50.47 7.95 -45.39
CA ASP J 158 -51.80 8.10 -44.82
C ASP J 158 -51.77 8.43 -43.34
N LEU J 159 -50.66 8.17 -42.66
CA LEU J 159 -50.64 8.39 -41.22
C LEU J 159 -50.67 9.86 -40.84
N LYS J 160 -51.43 10.14 -39.79
CA LYS J 160 -51.39 11.40 -39.07
C LYS J 160 -51.12 11.02 -37.62
N VAL J 161 -50.10 11.63 -37.02
CA VAL J 161 -49.69 11.28 -35.66
C VAL J 161 -49.36 12.53 -34.87
N ILE J 162 -49.72 12.51 -33.59
CA ILE J 162 -49.48 13.62 -32.68
C ILE J 162 -49.17 13.01 -31.33
N ALA J 163 -48.35 13.71 -30.54
CA ALA J 163 -47.93 13.13 -29.27
C ALA J 163 -47.51 14.22 -28.28
N GLY J 164 -47.44 13.81 -27.02
CA GLY J 164 -46.97 14.66 -25.95
C GLY J 164 -48.03 15.39 -25.15
N PRO J 165 -47.59 16.21 -24.17
CA PRO J 165 -46.20 16.51 -23.80
C PRO J 165 -45.52 15.42 -22.98
N ILE J 166 -44.21 15.50 -22.80
CA ILE J 166 -43.46 14.48 -22.09
C ILE J 166 -43.88 14.43 -20.62
N SER J 167 -43.72 13.23 -20.03
CA SER J 167 -44.06 13.02 -18.64
C SER J 167 -43.30 13.95 -17.69
N ALA J 168 -42.17 14.50 -18.13
CA ALA J 168 -41.44 15.48 -17.36
C ALA J 168 -40.72 16.42 -18.30
N ALA J 169 -40.71 17.70 -17.96
CA ALA J 169 -40.05 18.71 -18.79
C ALA J 169 -38.56 18.79 -18.51
N PHE J 170 -37.89 17.64 -18.44
CA PHE J 170 -36.45 17.62 -18.23
C PHE J 170 -35.71 18.31 -19.37
N SER J 171 -34.57 18.90 -19.04
CA SER J 171 -33.65 19.42 -20.03
C SER J 171 -32.25 19.40 -19.45
N PRO J 172 -31.24 19.16 -20.26
CA PRO J 172 -29.87 19.10 -19.75
C PRO J 172 -29.25 20.47 -19.53
N PHE J 173 -29.60 21.42 -20.38
CA PHE J 173 -29.03 22.75 -20.28
C PHE J 173 -29.56 23.52 -19.08
N ASP J 174 -28.66 24.11 -18.31
CA ASP J 174 -29.10 25.04 -17.29
C ASP J 174 -29.56 26.32 -17.97
N HIS J 175 -30.15 27.22 -17.19
CA HIS J 175 -30.63 28.47 -17.74
C HIS J 175 -29.53 29.21 -18.51
N LYS J 176 -28.29 29.10 -18.08
CA LYS J 176 -27.15 29.73 -18.75
C LYS J 176 -26.18 28.67 -19.24
N VAL J 177 -25.79 28.74 -20.51
CA VAL J 177 -24.82 27.82 -21.09
C VAL J 177 -23.89 28.57 -22.03
N VAL J 178 -22.72 28.00 -22.26
CA VAL J 178 -21.71 28.57 -23.15
C VAL J 178 -21.26 27.53 -24.15
N ILE J 179 -21.25 27.91 -25.42
CA ILE J 179 -20.78 27.06 -26.51
C ILE J 179 -19.35 27.43 -26.82
N ARG J 180 -18.53 26.42 -27.11
CA ARG J 180 -17.14 26.67 -27.49
C ARG J 180 -16.65 25.59 -28.43
N LYS J 181 -16.44 25.96 -29.70
CA LYS J 181 -15.83 25.06 -30.68
C LYS J 181 -16.51 23.69 -30.69
N GLY J 182 -17.83 23.69 -30.66
CA GLY J 182 -18.61 22.48 -30.63
C GLY J 182 -18.76 21.86 -29.26
N LEU J 183 -17.96 22.25 -28.29
CA LEU J 183 -18.17 21.80 -26.93
C LEU J 183 -19.20 22.72 -26.27
N VAL J 184 -19.84 22.21 -25.23
CA VAL J 184 -20.86 22.98 -24.53
C VAL J 184 -20.64 22.84 -23.04
N TYR J 185 -20.76 23.95 -22.32
CA TYR J 185 -20.60 23.96 -20.88
C TYR J 185 -21.75 24.75 -20.26
N ASN J 186 -22.47 24.15 -19.33
CA ASN J 186 -23.44 24.91 -18.57
C ASN J 186 -22.64 25.71 -17.55
N TYR J 187 -22.85 27.01 -17.52
CA TYR J 187 -22.01 27.86 -16.68
C TYR J 187 -22.70 29.19 -16.45
N ASP J 188 -22.66 29.66 -15.21
CA ASP J 188 -23.28 30.93 -14.84
C ASP J 188 -22.39 32.09 -15.30
N PHE J 189 -22.32 32.27 -16.61
CA PHE J 189 -21.56 33.37 -17.15
C PHE J 189 -22.21 34.69 -16.75
N PRO J 190 -21.42 35.75 -16.56
CA PRO J 190 -22.00 37.03 -16.19
C PRO J 190 -22.73 37.68 -17.35
N GLU J 191 -23.84 38.32 -17.04
CA GLU J 191 -24.67 38.95 -18.07
C GLU J 191 -23.90 40.00 -18.86
N TYR J 192 -24.47 40.35 -20.00
CA TYR J 192 -23.93 41.38 -20.88
C TYR J 192 -23.67 42.67 -20.11
N GLY J 193 -22.46 43.20 -20.23
CA GLY J 193 -22.09 44.43 -19.57
C GLY J 193 -21.69 44.33 -18.12
N ALA J 194 -21.88 43.17 -17.49
CA ALA J 194 -21.51 42.98 -16.08
C ALA J 194 -20.16 42.32 -15.93
N MET J 195 -19.24 42.58 -16.86
CA MET J 195 -17.95 41.88 -16.88
C MET J 195 -17.20 42.03 -15.57
N LYS J 196 -16.65 40.90 -15.11
CA LYS J 196 -15.75 40.84 -13.98
C LYS J 196 -14.34 40.65 -14.50
N PRO J 197 -13.38 41.49 -14.16
CA PRO J 197 -12.02 41.27 -14.66
C PRO J 197 -11.46 39.97 -14.12
N GLY J 198 -10.78 39.23 -15.00
CA GLY J 198 -10.18 37.97 -14.63
C GLY J 198 -11.15 36.84 -14.49
N ALA J 199 -12.31 36.92 -15.12
CA ALA J 199 -13.31 35.86 -15.09
C ALA J 199 -13.87 35.70 -16.49
N PHE J 200 -14.58 34.60 -16.71
CA PHE J 200 -15.12 34.32 -18.02
C PHE J 200 -15.92 35.52 -18.51
N GLY J 201 -15.81 35.80 -19.80
CA GLY J 201 -16.57 36.89 -20.36
C GLY J 201 -16.09 38.25 -19.93
N ASP J 202 -14.81 38.39 -19.63
CA ASP J 202 -14.31 39.69 -19.21
C ASP J 202 -14.21 40.67 -20.36
N ILE J 203 -14.32 40.17 -21.59
CA ILE J 203 -14.50 40.99 -22.78
C ILE J 203 -15.75 40.47 -23.45
N GLN J 204 -16.56 41.36 -24.03
CA GLN J 204 -17.81 40.90 -24.61
C GLN J 204 -18.21 41.76 -25.79
N ALA J 205 -18.97 41.15 -26.69
CA ALA J 205 -19.54 41.86 -27.84
C ALA J 205 -20.68 41.03 -28.40
N SER J 206 -21.51 41.69 -29.22
CA SER J 206 -22.59 40.98 -29.88
C SER J 206 -22.06 40.06 -30.97
N SER J 207 -20.98 40.43 -31.64
CA SER J 207 -20.41 39.61 -32.69
C SER J 207 -18.93 39.91 -32.82
N LEU J 208 -18.17 38.92 -33.31
CA LEU J 208 -16.77 39.17 -33.56
C LEU J 208 -16.59 40.27 -34.59
N ASP J 209 -17.49 40.36 -35.55
CA ASP J 209 -17.43 41.42 -36.54
C ASP J 209 -17.91 42.76 -35.99
N ALA J 210 -18.52 42.75 -34.81
CA ALA J 210 -19.04 43.98 -34.23
C ALA J 210 -17.89 44.90 -33.79
N THR J 211 -18.22 46.18 -33.67
CA THR J 211 -17.29 47.21 -33.27
C THR J 211 -17.69 47.89 -31.97
N ASP J 212 -18.83 47.50 -31.40
CA ASP J 212 -19.29 48.02 -30.12
C ASP J 212 -18.82 47.16 -28.96
N ILE J 213 -17.72 46.42 -29.16
CA ILE J 213 -17.22 45.50 -28.15
C ILE J 213 -16.93 46.26 -26.86
N VAL J 214 -17.10 45.56 -25.74
CA VAL J 214 -16.90 46.15 -24.42
C VAL J 214 -16.12 45.15 -23.58
N ALA J 215 -15.48 45.66 -22.54
CA ALA J 215 -14.72 44.81 -21.64
C ALA J 215 -14.41 45.54 -20.36
N ARG J 216 -14.00 44.77 -19.36
CA ARG J 216 -13.52 45.33 -18.10
C ARG J 216 -12.42 44.38 -17.61
N THR J 217 -11.18 44.75 -17.90
CA THR J 217 -10.01 43.95 -17.60
C THR J 217 -9.19 44.49 -16.44
N ASP J 218 -9.64 45.56 -15.79
CA ASP J 218 -8.89 46.24 -14.74
C ASP J 218 -7.58 46.77 -15.26
N ILE J 219 -7.49 46.94 -16.58
CA ILE J 219 -6.28 47.48 -17.20
C ILE J 219 -5.98 48.83 -16.59
N ARG J 220 -4.73 49.04 -16.20
CA ARG J 220 -4.32 50.28 -15.57
C ARG J 220 -2.90 50.62 -16.01
N LEU J 221 -2.59 51.91 -16.02
CA LEU J 221 -1.32 52.39 -16.52
C LEU J 221 -0.49 53.03 -15.42
N LEU J 222 0.73 52.52 -15.22
CA LEU J 222 1.62 53.13 -14.25
C LEU J 222 2.38 54.27 -14.91
N LYS J 223 2.97 55.13 -14.08
CA LYS J 223 3.78 56.21 -14.62
C LYS J 223 4.93 55.66 -15.46
N PRO J 224 5.18 56.22 -16.64
CA PRO J 224 6.37 55.83 -17.40
C PRO J 224 7.60 56.26 -16.62
N SER J 225 8.44 55.29 -16.25
CA SER J 225 9.54 55.59 -15.35
C SER J 225 10.87 55.06 -15.86
N VAL J 226 11.07 55.08 -17.17
CA VAL J 226 12.35 54.70 -17.75
C VAL J 226 12.60 55.65 -18.92
N LYS J 227 13.86 55.81 -19.29
CA LYS J 227 14.21 56.74 -20.36
C LYS J 227 13.49 56.39 -21.64
N ASN J 228 13.48 55.10 -21.99
CA ASN J 228 12.82 54.66 -23.20
C ASN J 228 11.33 54.95 -23.14
N ILE J 229 10.78 55.52 -24.21
CA ILE J 229 9.34 55.75 -24.24
C ILE J 229 8.64 54.43 -24.01
N HIS J 230 7.65 54.45 -23.13
CA HIS J 230 6.94 53.22 -22.81
C HIS J 230 5.64 53.56 -22.13
N VAL J 231 4.78 52.55 -22.03
CA VAL J 231 3.51 52.65 -21.33
C VAL J 231 3.40 51.37 -20.51
N PRO J 232 3.75 51.41 -19.25
CA PRO J 232 3.74 50.19 -18.42
C PRO J 232 2.33 49.78 -18.00
N TYR J 233 1.61 49.19 -18.93
CA TYR J 233 0.29 48.67 -18.64
C TYR J 233 0.40 47.35 -17.90
N THR J 234 -0.68 46.99 -17.23
CA THR J 234 -0.80 45.67 -16.63
C THR J 234 -2.28 45.36 -16.47
N GLN J 235 -2.62 44.08 -16.57
CA GLN J 235 -4.03 43.72 -16.50
C GLN J 235 -4.13 42.27 -16.07
N ALA J 236 -5.33 41.91 -15.60
CA ALA J 236 -5.60 40.53 -15.23
C ALA J 236 -5.47 39.64 -16.45
N VAL J 237 -5.00 38.41 -16.23
CA VAL J 237 -4.94 37.46 -17.33
C VAL J 237 -6.34 37.27 -17.86
N SER J 238 -6.46 37.17 -19.18
CA SER J 238 -7.77 37.15 -19.82
C SER J 238 -8.66 36.09 -19.20
N GLY J 239 -9.85 36.52 -18.78
CA GLY J 239 -10.77 35.61 -18.13
C GLY J 239 -11.11 34.41 -18.99
N TYR J 240 -11.19 34.62 -20.29
CA TYR J 240 -11.42 33.48 -21.18
C TYR J 240 -10.36 32.42 -20.97
N GLU J 241 -9.11 32.84 -20.79
CA GLU J 241 -8.05 31.88 -20.53
C GLU J 241 -8.26 31.18 -19.21
N MET J 242 -8.59 31.94 -18.16
CA MET J 242 -8.82 31.34 -16.85
C MET J 242 -9.93 30.32 -16.89
N TRP J 243 -10.94 30.56 -17.72
CA TRP J 243 -12.03 29.59 -17.82
C TRP J 243 -11.62 28.38 -18.65
N LYS J 244 -11.00 28.62 -19.81
CA LYS J 244 -10.55 27.52 -20.67
C LYS J 244 -9.73 26.51 -19.88
N ASN J 245 -8.78 27.01 -19.09
CA ASN J 245 -7.94 26.13 -18.30
C ASN J 245 -8.67 25.49 -17.13
N ASN J 246 -9.83 26.02 -16.73
CA ASN J 246 -10.51 25.50 -15.55
C ASN J 246 -12.01 25.42 -15.78
N SER J 247 -12.42 25.04 -16.99
CA SER J 247 -13.84 25.01 -17.36
C SER J 247 -14.57 23.80 -16.80
N GLY J 248 -13.86 22.79 -16.33
CA GLY J 248 -14.51 21.54 -16.00
C GLY J 248 -14.89 20.81 -17.28
N ARG J 249 -15.37 19.58 -17.17
CA ARG J 249 -15.72 18.84 -18.36
C ARG J 249 -16.92 19.47 -19.06
N PRO J 250 -16.97 19.37 -20.38
CA PRO J 250 -18.11 19.92 -21.11
C PRO J 250 -19.37 19.13 -20.86
N LEU J 251 -20.50 19.82 -20.96
CA LEU J 251 -21.80 19.17 -20.77
C LEU J 251 -21.93 17.94 -21.66
N GLN J 252 -21.31 17.97 -22.83
CA GLN J 252 -21.29 16.86 -23.76
C GLN J 252 -20.79 15.56 -23.13
N GLU J 253 -20.20 15.64 -21.93
CA GLU J 253 -19.74 14.47 -21.21
C GLU J 253 -20.37 14.35 -19.84
N THR J 254 -21.23 15.28 -19.45
CA THR J 254 -21.85 15.23 -18.14
C THR J 254 -23.35 15.46 -18.18
N ALA J 255 -23.93 15.72 -19.34
CA ALA J 255 -25.37 15.84 -19.39
C ALA J 255 -25.98 14.52 -18.92
N PRO J 256 -26.99 14.56 -18.08
CA PRO J 256 -27.61 13.32 -17.65
C PRO J 256 -28.47 12.69 -18.73
N PHE J 257 -29.11 11.59 -18.39
CA PHE J 257 -29.96 10.83 -19.29
C PHE J 257 -29.21 10.35 -20.53
N GLY J 258 -27.88 10.30 -20.46
CA GLY J 258 -27.07 9.80 -21.55
C GLY J 258 -27.16 10.58 -22.85
N CYS J 259 -27.87 11.70 -22.83
CA CYS J 259 -28.11 12.41 -24.07
C CYS J 259 -26.83 13.02 -24.62
N LYS J 260 -26.70 12.98 -25.94
CA LYS J 260 -25.60 13.60 -26.65
C LYS J 260 -25.88 15.08 -26.81
N ILE J 261 -24.83 15.87 -27.03
CA ILE J 261 -24.93 17.30 -27.21
C ILE J 261 -24.25 17.71 -28.51
N GLU J 262 -24.92 18.57 -29.27
CA GLU J 262 -24.43 19.03 -30.56
C GLU J 262 -24.81 20.50 -30.72
N VAL J 263 -24.26 21.14 -31.74
CA VAL J 263 -24.48 22.56 -31.98
C VAL J 263 -24.84 22.79 -33.44
N GLU J 264 -25.25 24.02 -33.73
CA GLU J 264 -25.75 24.41 -35.05
C GLU J 264 -26.96 23.58 -35.45
N PRO J 265 -28.10 23.72 -34.76
CA PRO J 265 -28.34 24.58 -33.60
C PRO J 265 -28.03 23.82 -32.33
N LEU J 266 -28.01 24.48 -31.17
CA LEU J 266 -27.81 23.77 -29.92
C LEU J 266 -28.89 22.73 -29.78
N ARG J 267 -28.50 21.47 -29.60
CA ARG J 267 -29.50 20.43 -29.43
C ARG J 267 -28.95 19.26 -28.63
N ALA J 268 -29.83 18.65 -27.85
CA ALA J 268 -29.55 17.41 -27.16
C ALA J 268 -30.21 16.31 -27.97
N SER J 269 -29.46 15.27 -28.31
CA SER J 269 -30.01 14.21 -29.14
C SER J 269 -29.90 12.84 -28.48
N ASN J 270 -30.86 11.99 -28.81
CA ASN J 270 -31.00 10.65 -28.24
C ASN J 270 -31.15 10.68 -26.72
N CYS J 271 -31.87 11.66 -26.20
CA CYS J 271 -32.14 11.66 -24.77
C CYS J 271 -33.07 10.51 -24.43
N ALA J 272 -32.87 9.91 -23.25
CA ALA J 272 -33.68 8.77 -22.84
C ALA J 272 -34.45 9.10 -21.57
N TYR J 273 -35.11 10.25 -21.55
CA TYR J 273 -35.82 10.71 -20.36
C TYR J 273 -37.32 10.55 -20.51
N GLY J 274 -37.96 10.00 -19.49
CA GLY J 274 -39.39 9.84 -19.30
C GLY J 274 -40.13 9.02 -20.34
N HIS J 275 -41.44 9.29 -20.39
CA HIS J 275 -42.36 8.64 -21.30
C HIS J 275 -43.07 9.71 -22.11
N ILE J 276 -43.41 9.37 -23.35
CA ILE J 276 -44.14 10.27 -24.23
C ILE J 276 -45.50 9.69 -24.55
N PRO J 277 -46.59 10.35 -24.18
CA PRO J 277 -47.91 9.91 -24.64
C PRO J 277 -48.00 10.14 -26.14
N ILE J 278 -48.46 9.14 -26.87
CA ILE J 278 -48.62 9.24 -28.31
C ILE J 278 -50.02 8.80 -28.69
N SER J 279 -50.65 9.56 -29.57
CA SER J 279 -51.92 9.19 -30.17
C SER J 279 -51.68 8.92 -31.64
N ILE J 280 -52.03 7.72 -32.09
CA ILE J 280 -51.81 7.29 -33.46
C ILE J 280 -53.16 7.07 -34.14
N ASP J 281 -53.39 7.79 -35.24
CA ASP J 281 -54.63 7.69 -36.00
C ASP J 281 -54.46 6.76 -37.19
N ILE J 282 -54.39 5.46 -36.89
CA ILE J 282 -54.15 4.48 -37.95
C ILE J 282 -55.31 4.47 -38.94
N PRO J 283 -55.06 4.33 -40.25
CA PRO J 283 -56.15 4.28 -41.21
C PRO J 283 -56.72 2.88 -41.32
N ASP J 284 -58.04 2.79 -41.53
CA ASP J 284 -58.68 1.48 -41.61
C ASP J 284 -58.12 0.66 -42.75
N ALA J 285 -57.60 1.31 -43.80
CA ALA J 285 -57.03 0.57 -44.93
C ALA J 285 -55.90 -0.33 -44.50
N ALA J 286 -55.34 -0.11 -43.31
CA ALA J 286 -54.29 -0.97 -42.80
C ALA J 286 -54.83 -2.26 -42.21
N PHE J 287 -56.02 -2.22 -41.63
CA PHE J 287 -56.62 -3.42 -41.08
C PHE J 287 -57.38 -4.18 -42.15
N VAL J 288 -57.90 -5.34 -41.76
CA VAL J 288 -58.83 -6.11 -42.57
C VAL J 288 -60.01 -6.41 -41.65
N ARG J 289 -61.20 -6.56 -42.25
CA ARG J 289 -62.35 -6.91 -41.44
C ARG J 289 -62.09 -8.21 -40.70
N SER J 290 -62.57 -8.28 -39.45
CA SER J 290 -62.19 -9.36 -38.54
C SER J 290 -62.38 -10.75 -39.15
N SER J 291 -63.49 -10.98 -39.84
CA SER J 291 -63.71 -12.28 -40.46
C SER J 291 -62.72 -12.59 -41.57
N GLU J 292 -62.14 -11.57 -42.22
CA GLU J 292 -61.23 -11.83 -43.32
C GLU J 292 -59.87 -12.30 -42.85
N SER J 293 -59.46 -11.92 -41.66
CA SER J 293 -58.20 -12.35 -41.12
C SER J 293 -58.26 -13.79 -40.61
N PRO J 294 -57.12 -14.47 -40.60
CA PRO J 294 -57.03 -15.74 -39.88
C PRO J 294 -57.48 -15.60 -38.44
N THR J 295 -58.02 -16.68 -37.90
CA THR J 295 -58.45 -16.74 -36.51
C THR J 295 -58.18 -18.15 -36.03
N ILE J 296 -57.82 -18.27 -34.75
CA ILE J 296 -57.41 -19.52 -34.17
C ILE J 296 -58.49 -20.06 -33.25
N LEU J 297 -58.85 -21.33 -33.45
CA LEU J 297 -59.86 -21.98 -32.63
C LEU J 297 -59.32 -22.26 -31.23
N GLU J 298 -58.06 -22.64 -31.13
CA GLU J 298 -57.42 -22.90 -29.86
C GLU J 298 -55.95 -22.57 -29.99
N VAL J 299 -55.33 -22.18 -28.88
CA VAL J 299 -53.92 -21.86 -28.83
C VAL J 299 -53.40 -22.22 -27.46
N SER J 300 -52.11 -22.51 -27.38
CA SER J 300 -51.47 -22.87 -26.12
C SER J 300 -50.09 -22.24 -26.09
N CYS J 301 -49.60 -22.06 -24.87
CA CYS J 301 -48.27 -21.51 -24.64
C CYS J 301 -47.41 -22.46 -23.83
N THR J 302 -46.12 -22.45 -24.13
CA THR J 302 -45.14 -23.15 -23.32
C THR J 302 -43.85 -22.37 -23.40
N VAL J 303 -43.44 -21.80 -22.28
CA VAL J 303 -42.23 -21.01 -22.18
C VAL J 303 -41.15 -21.83 -21.49
N ALA J 304 -39.95 -21.80 -22.04
CA ALA J 304 -38.86 -22.62 -21.55
C ALA J 304 -37.60 -21.81 -21.28
N ASP J 305 -36.96 -22.12 -20.15
CA ASP J 305 -35.64 -21.59 -19.75
C ASP J 305 -35.52 -20.08 -19.87
N CYS J 306 -36.63 -19.35 -19.77
CA CYS J 306 -36.57 -17.91 -19.94
C CYS J 306 -35.59 -17.28 -18.97
N ILE J 307 -34.83 -16.30 -19.46
CA ILE J 307 -33.93 -15.52 -18.64
C ILE J 307 -34.41 -14.08 -18.64
N TYR J 308 -34.64 -13.50 -17.47
CA TYR J 308 -34.97 -12.09 -17.48
C TYR J 308 -33.68 -11.33 -17.75
N SER J 309 -33.72 -10.43 -18.72
CA SER J 309 -32.51 -9.76 -19.17
C SER J 309 -32.90 -8.57 -20.02
N ALA J 310 -31.93 -7.70 -20.25
CA ALA J 310 -32.14 -6.61 -21.19
C ALA J 310 -32.34 -7.12 -22.60
N ASP J 311 -31.67 -8.21 -22.97
CA ASP J 311 -31.79 -8.78 -24.29
C ASP J 311 -32.95 -9.77 -24.33
N PHE J 312 -33.24 -10.30 -25.52
CA PHE J 312 -34.29 -11.30 -25.65
C PHE J 312 -33.83 -12.63 -25.10
N GLY J 313 -33.65 -12.71 -23.79
CA GLY J 313 -33.16 -13.92 -23.18
C GLY J 313 -34.20 -14.99 -22.93
N GLY J 314 -35.46 -14.69 -23.22
CA GLY J 314 -36.54 -15.66 -23.05
C GLY J 314 -36.97 -16.26 -24.38
N SER J 315 -37.30 -17.55 -24.34
CA SER J 315 -37.80 -18.28 -25.50
C SER J 315 -39.04 -19.04 -25.08
N LEU J 316 -40.09 -18.96 -25.91
CA LEU J 316 -41.31 -19.69 -25.62
C LEU J 316 -41.88 -20.23 -26.91
N THR J 317 -42.58 -21.36 -26.78
CA THR J 317 -43.24 -22.03 -27.87
C THR J 317 -44.74 -21.87 -27.75
N LEU J 318 -45.39 -21.48 -28.84
CA LEU J 318 -46.83 -21.41 -28.91
C LEU J 318 -47.33 -22.51 -29.84
N GLN J 319 -48.45 -23.12 -29.47
CA GLN J 319 -49.12 -24.11 -30.30
C GLN J 319 -50.53 -23.62 -30.54
N TYR J 320 -51.03 -23.84 -31.75
CA TYR J 320 -52.32 -23.27 -32.11
C TYR J 320 -53.05 -24.11 -33.15
N LYS J 321 -54.36 -23.89 -33.20
CA LYS J 321 -55.24 -24.48 -34.20
C LYS J 321 -55.95 -23.31 -34.86
N ALA J 322 -55.83 -23.19 -36.18
CA ALA J 322 -56.37 -22.02 -36.87
C ALA J 322 -57.31 -22.42 -38.00
N ASP J 323 -58.28 -21.54 -38.25
CA ASP J 323 -59.22 -21.77 -39.35
C ASP J 323 -58.54 -21.65 -40.70
N ARG J 324 -57.47 -20.86 -40.78
CA ARG J 324 -56.81 -20.64 -42.06
C ARG J 324 -55.38 -20.17 -41.82
N GLU J 325 -54.57 -20.30 -42.85
CA GLU J 325 -53.21 -19.78 -42.88
C GLU J 325 -53.21 -18.28 -43.13
N GLY J 326 -52.13 -17.64 -42.71
CA GLY J 326 -51.98 -16.21 -42.92
C GLY J 326 -51.12 -15.58 -41.85
N HIS J 327 -50.82 -14.30 -42.06
CA HIS J 327 -49.96 -13.53 -41.16
C HIS J 327 -50.76 -13.03 -39.96
N CYS J 328 -50.64 -13.69 -38.83
CA CYS J 328 -51.27 -13.18 -37.64
C CYS J 328 -50.30 -12.31 -36.85
N PRO J 329 -50.79 -11.30 -36.17
CA PRO J 329 -49.93 -10.51 -35.28
C PRO J 329 -49.75 -11.22 -33.96
N VAL J 330 -48.65 -10.92 -33.30
CA VAL J 330 -48.36 -11.46 -31.98
C VAL J 330 -47.88 -10.33 -31.10
N HIS J 331 -48.32 -10.35 -29.84
CA HIS J 331 -48.01 -9.27 -28.92
C HIS J 331 -48.02 -9.80 -27.50
N SER J 332 -47.33 -9.09 -26.63
CA SER J 332 -47.34 -9.37 -25.21
C SER J 332 -48.16 -8.29 -24.53
N HIS J 333 -49.34 -8.66 -24.03
CA HIS J 333 -50.16 -7.68 -23.35
C HIS J 333 -49.62 -7.30 -21.98
N SER J 334 -48.70 -8.08 -21.44
CA SER J 334 -48.12 -7.73 -20.15
C SER J 334 -47.20 -6.53 -20.28
N THR J 335 -47.41 -5.54 -19.43
CA THR J 335 -46.59 -4.34 -19.39
C THR J 335 -45.14 -4.61 -19.00
N THR J 336 -44.81 -5.82 -18.55
CA THR J 336 -43.46 -6.13 -18.10
C THR J 336 -42.78 -7.18 -18.96
N ALA J 337 -43.30 -7.46 -20.15
CA ALA J 337 -42.68 -8.43 -21.03
C ALA J 337 -42.99 -8.03 -22.47
N VAL J 338 -42.06 -8.32 -23.37
CA VAL J 338 -42.28 -7.98 -24.77
C VAL J 338 -41.63 -9.05 -25.64
N LEU J 339 -42.28 -9.32 -26.76
CA LEU J 339 -41.84 -10.33 -27.72
C LEU J 339 -41.05 -9.68 -28.85
N LYS J 340 -40.01 -10.36 -29.31
CA LYS J 340 -39.24 -9.84 -30.44
C LYS J 340 -40.06 -9.90 -31.71
N GLU J 341 -40.56 -11.09 -32.04
CA GLU J 341 -41.38 -11.26 -33.23
C GLU J 341 -42.65 -10.43 -33.13
N ALA J 342 -43.05 -9.84 -34.24
CA ALA J 342 -44.29 -9.08 -34.27
C ALA J 342 -45.42 -9.81 -34.99
N THR J 343 -45.10 -10.59 -36.02
CA THR J 343 -46.10 -11.33 -36.77
C THR J 343 -45.52 -12.68 -37.18
N THR J 344 -46.40 -13.64 -37.40
CA THR J 344 -46.03 -14.97 -37.82
C THR J 344 -47.06 -15.46 -38.83
N HIS J 345 -46.60 -16.16 -39.86
CA HIS J 345 -47.51 -16.77 -40.81
C HIS J 345 -48.09 -18.01 -40.16
N VAL J 346 -49.35 -17.95 -39.77
CA VAL J 346 -50.01 -19.06 -39.12
C VAL J 346 -50.43 -20.11 -40.14
N THR J 347 -50.74 -21.30 -39.64
CA THR J 347 -51.15 -22.45 -40.44
C THR J 347 -52.39 -23.04 -39.79
N ALA J 348 -53.17 -23.78 -40.57
CA ALA J 348 -54.41 -24.35 -40.04
C ALA J 348 -54.17 -25.03 -38.71
N VAL J 349 -53.03 -25.68 -38.57
CA VAL J 349 -52.53 -26.15 -37.29
C VAL J 349 -51.03 -25.97 -37.32
N GLY J 350 -50.42 -25.79 -36.16
CA GLY J 350 -48.99 -25.68 -36.11
C GLY J 350 -48.52 -25.13 -34.78
N SER J 351 -47.24 -24.79 -34.75
CA SER J 351 -46.63 -24.20 -33.58
C SER J 351 -45.46 -23.34 -34.03
N ILE J 352 -45.25 -22.24 -33.31
CA ILE J 352 -44.17 -21.32 -33.61
C ILE J 352 -43.48 -20.94 -32.31
N THR J 353 -42.17 -20.72 -32.39
CA THR J 353 -41.35 -20.36 -31.25
C THR J 353 -40.94 -18.91 -31.39
N LEU J 354 -41.15 -18.13 -30.33
CA LEU J 354 -40.87 -16.71 -30.35
C LEU J 354 -39.84 -16.37 -29.29
N HIS J 355 -39.02 -15.38 -29.59
CA HIS J 355 -38.06 -14.87 -28.64
C HIS J 355 -38.72 -13.73 -27.87
N PHE J 356 -38.40 -13.63 -26.58
CA PHE J 356 -38.98 -12.57 -25.79
C PHE J 356 -38.00 -12.12 -24.72
N SER J 357 -38.26 -10.95 -24.17
CA SER J 357 -37.46 -10.36 -23.11
C SER J 357 -38.38 -9.84 -22.02
N THR J 358 -37.90 -9.89 -20.78
CA THR J 358 -38.66 -9.34 -19.67
C THR J 358 -37.73 -9.09 -18.49
N SER J 359 -38.19 -8.22 -17.60
CA SER J 359 -37.53 -8.00 -16.33
C SER J 359 -38.06 -8.90 -15.23
N SER J 360 -39.30 -9.33 -15.35
CA SER J 360 -39.95 -10.12 -14.30
C SER J 360 -39.21 -11.45 -14.11
N PRO J 361 -38.88 -11.82 -12.88
CA PRO J 361 -38.21 -13.10 -12.66
C PRO J 361 -39.06 -14.28 -13.06
N GLN J 362 -40.37 -14.09 -13.18
CA GLN J 362 -41.28 -15.14 -13.58
C GLN J 362 -41.94 -14.75 -14.89
N ALA J 363 -42.19 -15.74 -15.73
CA ALA J 363 -42.77 -15.53 -17.06
C ALA J 363 -44.29 -15.51 -17.03
N ASN J 364 -44.89 -15.11 -15.92
CA ASN J 364 -46.35 -15.07 -15.80
C ASN J 364 -46.89 -13.85 -16.55
N PHE J 365 -46.84 -13.94 -17.87
CA PHE J 365 -47.33 -12.86 -18.72
C PHE J 365 -48.31 -13.39 -19.74
N ILE J 366 -49.23 -12.52 -20.13
CA ILE J 366 -50.26 -12.85 -21.11
C ILE J 366 -49.73 -12.65 -22.51
N VAL J 367 -49.88 -13.66 -23.35
CA VAL J 367 -49.47 -13.61 -24.75
C VAL J 367 -50.73 -13.64 -25.60
N SER J 368 -50.71 -12.93 -26.72
CA SER J 368 -51.84 -12.97 -27.63
C SER J 368 -51.38 -13.21 -29.06
N LEU J 369 -52.06 -14.14 -29.72
CA LEU J 369 -51.86 -14.47 -31.12
C LEU J 369 -53.18 -14.24 -31.82
N CYS J 370 -53.21 -13.33 -32.79
CA CYS J 370 -54.45 -13.00 -33.50
C CYS J 370 -55.60 -12.70 -32.54
N GLY J 371 -55.26 -12.16 -31.37
CA GLY J 371 -56.21 -11.77 -30.35
C GLY J 371 -56.55 -12.79 -29.29
N LYS J 372 -56.44 -14.08 -29.58
CA LYS J 372 -56.65 -15.05 -28.51
C LYS J 372 -55.51 -14.96 -27.51
N LYS J 373 -55.76 -15.41 -26.29
CA LYS J 373 -54.79 -15.25 -25.22
C LYS J 373 -54.61 -16.54 -24.44
N THR J 374 -53.38 -16.73 -23.96
CA THR J 374 -53.02 -17.86 -23.12
C THR J 374 -52.07 -17.35 -22.04
N THR J 375 -52.21 -17.87 -20.84
CA THR J 375 -51.33 -17.48 -19.74
C THR J 375 -50.06 -18.31 -19.75
N CYS J 376 -48.96 -17.70 -20.17
CA CYS J 376 -47.66 -18.35 -20.10
C CYS J 376 -47.14 -18.22 -18.67
N ASN J 377 -46.32 -19.18 -18.24
CA ASN J 377 -45.74 -19.06 -16.91
C ASN J 377 -44.52 -19.96 -16.73
N ALA J 378 -43.40 -19.37 -16.32
CA ALA J 378 -42.20 -20.11 -16.01
C ALA J 378 -41.34 -19.27 -15.09
N GLU J 379 -40.53 -19.95 -14.30
CA GLU J 379 -39.60 -19.29 -13.38
C GLU J 379 -38.34 -18.91 -14.16
N CYS J 380 -38.23 -17.65 -14.55
CA CYS J 380 -37.06 -17.23 -15.31
C CYS J 380 -35.87 -17.09 -14.37
N LYS J 381 -34.73 -17.61 -14.80
CA LYS J 381 -33.48 -17.56 -14.05
C LYS J 381 -32.79 -16.20 -14.19
N PRO J 382 -31.98 -15.82 -13.20
CA PRO J 382 -31.22 -14.57 -13.31
C PRO J 382 -30.21 -14.64 -14.43
N PRO J 383 -29.96 -13.52 -15.11
CA PRO J 383 -29.07 -13.55 -16.29
C PRO J 383 -27.65 -13.96 -15.95
N ALA J 384 -27.03 -14.66 -16.90
CA ALA J 384 -25.69 -15.20 -16.73
C ALA J 384 -24.63 -14.13 -16.68
N ASP J 385 -24.72 -13.11 -17.55
CA ASP J 385 -23.74 -12.03 -17.60
C ASP J 385 -24.30 -10.76 -16.97
N HIS J 386 -23.54 -10.22 -16.02
CA HIS J 386 -23.96 -9.04 -15.27
C HIS J 386 -24.13 -7.81 -16.15
N ILE J 387 -23.35 -7.70 -17.23
CA ILE J 387 -23.37 -6.50 -18.05
C ILE J 387 -23.56 -6.88 -19.51
N ILE J 388 -24.33 -6.06 -20.23
CA ILE J 388 -24.65 -6.32 -21.62
C ILE J 388 -24.62 -5.00 -22.39
N GLY J 389 -24.26 -5.09 -23.67
CA GLY J 389 -24.11 -3.95 -24.54
C GLY J 389 -25.38 -3.39 -25.13
N GLU J 390 -26.53 -3.58 -24.47
CA GLU J 390 -27.76 -3.10 -25.03
C GLU J 390 -28.70 -2.70 -23.89
N PRO J 391 -29.48 -1.64 -24.05
CA PRO J 391 -30.33 -1.18 -22.95
C PRO J 391 -31.51 -2.10 -22.67
N HIS J 392 -31.94 -2.09 -21.42
CA HIS J 392 -33.13 -2.84 -21.00
C HIS J 392 -34.35 -2.38 -21.78
N LYS J 393 -35.26 -3.32 -22.01
CA LYS J 393 -36.45 -3.05 -22.80
C LYS J 393 -37.72 -2.84 -21.99
N VAL J 394 -37.70 -3.04 -20.68
CA VAL J 394 -38.92 -2.83 -19.89
C VAL J 394 -38.55 -2.52 -18.45
N ASP J 395 -39.42 -1.78 -17.77
CA ASP J 395 -39.18 -1.40 -16.39
C ASP J 395 -39.42 -2.56 -15.43
N GLN J 396 -38.73 -2.51 -14.29
CA GLN J 396 -38.91 -3.47 -13.20
C GLN J 396 -40.17 -3.15 -12.40
N GLU J 397 -41.33 -3.37 -13.02
CA GLU J 397 -42.57 -3.12 -12.30
C GLU J 397 -42.64 -4.02 -11.07
N PHE J 398 -42.81 -3.38 -9.91
CA PHE J 398 -42.75 -4.09 -8.64
C PHE J 398 -43.75 -5.24 -8.57
N GLN J 399 -44.94 -5.05 -9.11
CA GLN J 399 -45.94 -6.12 -9.13
C GLN J 399 -45.41 -7.38 -9.81
N ALA J 400 -44.40 -7.24 -10.66
CA ALA J 400 -43.80 -8.39 -11.32
C ALA J 400 -42.36 -8.64 -10.93
N ALA J 401 -41.70 -7.71 -10.24
CA ALA J 401 -40.33 -7.96 -9.82
C ALA J 401 -40.27 -9.01 -8.72
N VAL J 402 -41.35 -9.17 -7.96
CA VAL J 402 -41.43 -10.23 -6.97
C VAL J 402 -41.61 -11.56 -7.69
N SER J 403 -40.72 -12.51 -7.42
CA SER J 403 -40.84 -13.79 -8.08
C SER J 403 -42.04 -14.54 -7.51
N LYS J 404 -42.54 -15.49 -8.30
CA LYS J 404 -43.67 -16.29 -7.85
C LYS J 404 -43.35 -16.97 -6.52
N THR J 405 -42.18 -17.59 -6.41
CA THR J 405 -41.80 -18.20 -5.14
C THR J 405 -41.70 -17.15 -4.04
N SER J 406 -41.03 -16.04 -4.33
CA SER J 406 -40.86 -14.99 -3.33
C SER J 406 -42.20 -14.39 -2.94
N TRP J 407 -43.02 -14.06 -3.93
CA TRP J 407 -44.33 -13.48 -3.67
C TRP J 407 -45.18 -14.46 -2.88
N ASN J 408 -45.05 -15.75 -3.20
CA ASN J 408 -45.74 -16.80 -2.47
C ASN J 408 -45.34 -16.81 -1.00
N TRP J 409 -44.04 -16.72 -0.70
CA TRP J 409 -43.65 -16.66 0.71
C TRP J 409 -44.10 -15.37 1.38
N LEU J 410 -44.09 -14.26 0.64
CA LEU J 410 -44.54 -13.00 1.22
C LEU J 410 -46.02 -13.10 1.61
N LEU J 411 -46.84 -13.55 0.67
CA LEU J 411 -48.26 -13.75 0.96
C LEU J 411 -48.45 -14.82 2.00
N ALA J 412 -47.54 -15.78 2.11
CA ALA J 412 -47.65 -16.80 3.15
C ALA J 412 -47.50 -16.17 4.53
N LEU J 413 -46.47 -15.34 4.71
CA LEU J 413 -46.26 -14.71 6.00
C LEU J 413 -47.37 -13.72 6.32
N PHE J 414 -47.73 -12.88 5.35
CA PHE J 414 -48.84 -11.95 5.60
C PHE J 414 -50.16 -12.70 5.77
N GLY J 415 -50.32 -13.85 5.13
CA GLY J 415 -51.51 -14.66 5.33
C GLY J 415 -51.56 -15.19 6.75
N GLY J 416 -50.42 -15.65 7.26
CA GLY J 416 -50.37 -16.09 8.65
C GLY J 416 -50.74 -14.97 9.61
N ALA J 417 -50.14 -13.79 9.43
CA ALA J 417 -50.43 -12.67 10.32
C ALA J 417 -51.89 -12.22 10.21
N SER J 418 -52.38 -12.04 8.97
CA SER J 418 -53.76 -11.62 8.76
C SER J 418 -54.74 -12.65 9.30
N SER J 419 -54.48 -13.93 9.07
CA SER J 419 -55.34 -14.97 9.60
C SER J 419 -55.29 -14.97 11.12
N LEU J 420 -54.11 -14.81 11.71
CA LEU J 420 -54.04 -14.78 13.17
C LEU J 420 -54.84 -13.62 13.76
N ILE J 421 -54.76 -12.44 13.16
CA ILE J 421 -55.52 -11.30 13.68
C ILE J 421 -57.02 -11.47 13.43
N VAL J 422 -57.41 -11.95 12.24
CA VAL J 422 -58.83 -12.13 11.95
C VAL J 422 -59.43 -13.22 12.81
N VAL J 423 -58.74 -14.36 12.93
CA VAL J 423 -59.21 -15.44 13.78
C VAL J 423 -59.26 -14.99 15.22
N GLY J 424 -58.27 -14.23 15.67
CA GLY J 424 -58.31 -13.71 17.03
C GLY J 424 -59.53 -12.86 17.28
N LEU J 425 -59.81 -11.93 16.35
CA LEU J 425 -61.00 -11.10 16.48
C LEU J 425 -62.27 -11.94 16.50
N ILE J 426 -62.35 -12.94 15.62
CA ILE J 426 -63.49 -13.85 15.60
C ILE J 426 -63.63 -14.59 16.93
N VAL J 427 -62.51 -15.03 17.50
CA VAL J 427 -62.53 -15.71 18.79
C VAL J 427 -63.02 -14.78 19.88
N LEU J 428 -62.59 -13.51 19.86
CA LEU J 428 -63.09 -12.55 20.82
C LEU J 428 -64.59 -12.34 20.67
N VAL J 429 -65.08 -12.35 19.44
CA VAL J 429 -66.52 -12.23 19.20
C VAL J 429 -67.26 -13.44 19.77
N CYS J 430 -66.81 -14.63 19.40
CA CYS J 430 -67.47 -15.86 19.84
C CYS J 430 -67.46 -16.00 21.36
N SER J 431 -66.32 -15.71 21.99
CA SER J 431 -66.24 -15.77 23.44
C SER J 431 -67.24 -14.83 24.11
N SER J 432 -67.45 -13.66 23.53
CA SER J 432 -68.45 -12.75 24.08
C SER J 432 -69.84 -13.40 24.11
N MET J 433 -70.17 -14.14 23.05
CA MET J 433 -71.46 -14.82 22.98
C MET J 433 -71.63 -15.90 24.04
N LEU J 434 -70.53 -16.48 24.52
CA LEU J 434 -70.60 -17.59 25.48
C LEU J 434 -71.45 -17.28 26.70
N ILE J 435 -71.25 -16.12 27.33
CA ILE J 435 -72.00 -15.82 28.54
C ILE J 435 -73.46 -15.53 28.24
N ASN J 436 -73.73 -14.76 27.18
CA ASN J 436 -75.11 -14.44 26.85
C ASN J 436 -75.92 -15.67 26.46
N THR J 437 -75.26 -16.73 25.98
CA THR J 437 -75.98 -17.95 25.63
C THR J 437 -76.39 -18.77 26.86
N ARG J 438 -75.85 -18.49 28.04
CA ARG J 438 -76.15 -19.30 29.21
C ARG J 438 -76.75 -18.54 30.39
N ARG J 439 -76.87 -17.21 30.31
CA ARG J 439 -77.52 -16.47 31.38
C ARG J 439 -79.04 -16.59 31.29
N PRO K 1 8.42 49.75 -42.37
CA PRO K 1 8.85 49.12 -41.13
C PRO K 1 9.12 50.15 -40.03
N TYR K 2 9.40 49.69 -38.83
CA TYR K 2 9.65 50.60 -37.72
C TYR K 2 10.70 50.00 -36.80
N LEU K 3 11.16 50.81 -35.87
CA LEU K 3 12.19 50.45 -34.91
C LEU K 3 11.57 50.28 -33.54
N GLY K 4 11.66 49.07 -32.99
CA GLY K 4 11.05 48.74 -31.73
C GLY K 4 12.00 48.77 -30.54
N PHE K 5 11.51 48.19 -29.44
CA PHE K 5 12.23 48.18 -28.16
C PHE K 5 11.92 46.86 -27.45
N CYS K 6 12.80 45.91 -27.59
CA CYS K 6 12.59 44.59 -27.03
C CYS K 6 12.84 44.57 -25.54
N PRO K 7 12.05 43.83 -24.72
CA PRO K 7 12.33 43.71 -23.30
C PRO K 7 13.73 43.10 -23.14
N TYR K 8 14.04 42.08 -23.95
CA TYR K 8 15.36 41.39 -23.85
C TYR K 8 16.01 41.34 -25.23
N CYS K 9 17.24 41.86 -25.33
CA CYS K 9 17.97 41.87 -26.63
C CYS K 9 19.10 40.85 -26.59
N ARG K 10 20.06 40.94 -27.51
CA ARG K 10 21.23 40.03 -27.47
C ARG K 10 21.76 40.06 -26.04
N HIS K 11 22.03 41.26 -25.52
CA HIS K 11 22.43 41.37 -24.08
C HIS K 11 21.12 41.40 -23.29
N SER K 12 21.06 40.73 -22.14
CA SER K 12 19.79 40.64 -21.38
C SER K 12 19.20 42.05 -21.22
N ALA K 13 20.05 43.06 -21.09
CA ALA K 13 19.58 44.45 -20.87
C ALA K 13 18.65 44.87 -22.02
N PRO K 14 17.52 45.55 -21.74
CA PRO K 14 16.65 46.05 -22.80
C PRO K 14 17.42 46.98 -23.75
N CYS K 15 17.01 47.04 -25.03
CA CYS K 15 17.67 47.90 -26.00
C CYS K 15 16.67 48.20 -27.10
N PHE K 16 16.91 49.28 -27.82
CA PHE K 16 16.13 49.52 -29.02
C PHE K 16 16.56 48.52 -30.08
N SER K 17 15.59 47.94 -30.77
CA SER K 17 15.93 46.96 -31.76
C SER K 17 15.12 47.06 -33.03
N PRO K 18 15.75 46.89 -34.18
CA PRO K 18 15.01 46.90 -35.44
C PRO K 18 14.12 45.71 -35.54
N ILE K 19 14.41 44.66 -34.78
CA ILE K 19 13.58 43.47 -34.71
C ILE K 19 12.97 43.47 -33.32
N LYS K 20 11.64 43.54 -33.24
CA LYS K 20 10.97 43.50 -31.95
C LYS K 20 9.76 42.59 -31.97
N ILE K 21 9.63 41.78 -30.93
CA ILE K 21 8.43 40.98 -30.75
C ILE K 21 7.32 41.87 -30.24
N GLU K 22 6.19 41.89 -30.94
CA GLU K 22 5.05 42.66 -30.44
C GLU K 22 3.97 41.77 -29.85
N ASN K 23 3.71 40.64 -30.48
CA ASN K 23 2.68 39.73 -30.03
C ASN K 23 3.09 38.32 -30.41
N VAL K 24 2.57 37.35 -29.69
CA VAL K 24 2.89 35.97 -29.98
C VAL K 24 1.68 35.11 -29.65
N TRP K 25 0.88 34.82 -30.67
CA TRP K 25 -0.30 33.99 -30.50
C TRP K 25 0.08 32.52 -30.54
N ASP K 26 -0.76 31.71 -29.93
CA ASP K 26 -0.43 30.31 -29.72
C ASP K 26 -1.63 29.39 -29.92
N GLU K 27 -2.70 29.87 -30.54
CA GLU K 27 -3.92 29.09 -30.67
C GLU K 27 -3.86 28.01 -31.74
N SER K 28 -2.68 27.60 -32.20
CA SER K 28 -2.61 26.46 -33.10
C SER K 28 -2.82 25.18 -32.31
N ASP K 29 -3.31 24.15 -33.00
CA ASP K 29 -3.37 22.84 -32.36
C ASP K 29 -2.14 22.01 -32.64
N ASP K 30 -1.35 22.39 -33.65
CA ASP K 30 -0.12 21.69 -33.94
C ASP K 30 1.05 22.22 -33.13
N GLY K 31 0.82 23.29 -32.37
CA GLY K 31 1.84 23.93 -31.58
C GLY K 31 2.62 24.99 -32.32
N SER K 32 2.29 25.25 -33.57
CA SER K 32 2.94 26.35 -34.27
C SER K 32 2.48 27.68 -33.68
N ILE K 33 3.21 28.74 -34.01
CA ILE K 33 2.92 30.07 -33.52
C ILE K 33 3.22 31.08 -34.61
N ARG K 34 2.62 32.26 -34.43
CA ARG K 34 2.84 33.39 -35.37
C ARG K 34 3.37 34.56 -34.55
N ILE K 35 4.50 35.15 -34.95
CA ILE K 35 5.15 36.22 -34.23
C ILE K 35 5.07 37.52 -35.00
N GLN K 36 4.51 38.55 -34.38
CA GLN K 36 4.52 39.88 -34.97
C GLN K 36 5.88 40.51 -34.68
N VAL K 37 6.48 41.11 -35.70
CA VAL K 37 7.82 41.65 -35.56
C VAL K 37 7.93 43.02 -36.23
N SER K 38 8.78 43.87 -35.65
CA SER K 38 8.93 45.23 -36.14
C SER K 38 9.57 45.29 -37.51
N ALA K 39 10.31 44.26 -37.90
CA ALA K 39 10.88 44.23 -39.24
C ALA K 39 9.83 43.70 -40.20
N GLN K 40 9.97 44.09 -41.46
CA GLN K 40 9.03 43.68 -42.50
C GLN K 40 9.67 42.54 -43.27
N PHE K 41 8.93 41.45 -43.40
CA PHE K 41 9.43 40.24 -44.05
C PHE K 41 8.79 40.03 -45.41
N GLY K 42 9.60 39.52 -46.35
CA GLY K 42 9.10 39.26 -47.68
C GLY K 42 8.93 40.47 -48.54
N TYR K 43 9.58 41.57 -48.21
CA TYR K 43 9.49 42.80 -48.97
C TYR K 43 10.89 43.34 -49.17
N ASN K 44 11.13 43.96 -50.32
CA ASN K 44 12.42 44.57 -50.57
C ASN K 44 12.44 46.00 -50.02
N GLN K 45 13.59 46.67 -50.15
CA GLN K 45 13.69 48.05 -49.68
C GLN K 45 12.67 48.94 -50.35
N ALA K 46 12.34 48.66 -51.60
CA ALA K 46 11.30 49.40 -52.32
C ALA K 46 9.92 48.99 -51.88
N GLY K 47 9.81 47.90 -51.11
CA GLY K 47 8.53 47.38 -50.67
C GLY K 47 7.94 46.37 -51.62
N THR K 48 8.70 45.91 -52.61
CA THR K 48 8.24 44.88 -53.53
C THR K 48 8.39 43.53 -52.87
N ALA K 49 7.43 42.65 -53.11
CA ALA K 49 7.47 41.33 -52.50
C ALA K 49 8.66 40.52 -52.98
N ASP K 50 9.35 39.88 -52.04
CA ASP K 50 10.48 39.03 -52.37
C ASP K 50 10.67 38.06 -51.21
N VAL K 51 10.36 36.78 -51.47
CA VAL K 51 10.42 35.75 -50.45
C VAL K 51 11.81 35.55 -49.84
N THR K 52 12.87 35.92 -50.55
CA THR K 52 14.20 35.62 -50.03
C THR K 52 14.73 36.63 -49.01
N LYS K 53 14.05 37.74 -48.77
CA LYS K 53 14.68 38.76 -47.94
C LYS K 53 13.64 39.52 -47.13
N PHE K 54 14.14 40.23 -46.11
CA PHE K 54 13.34 41.07 -45.24
C PHE K 54 13.99 42.43 -45.09
N ARG K 55 13.25 43.35 -44.49
CA ARG K 55 13.72 44.71 -44.34
C ARG K 55 13.34 45.23 -42.97
N TYR K 56 14.19 46.13 -42.45
CA TYR K 56 13.99 46.68 -41.12
C TYR K 56 14.50 48.11 -41.07
N MET K 57 13.99 48.86 -40.09
CA MET K 57 14.47 50.21 -39.86
C MET K 57 15.95 50.13 -39.56
N SER K 58 16.77 50.79 -40.36
CA SER K 58 18.21 50.64 -40.21
C SER K 58 18.67 51.08 -38.84
N TYR K 59 19.64 50.35 -38.31
CA TYR K 59 20.18 50.66 -37.00
C TYR K 59 21.21 51.77 -37.15
N ASP K 60 20.84 52.81 -37.89
CA ASP K 60 21.75 53.90 -38.20
C ASP K 60 20.97 55.20 -38.32
N HIS K 61 21.66 56.30 -38.03
CA HIS K 61 21.03 57.62 -38.04
C HIS K 61 20.50 58.00 -39.40
N ASP K 62 20.90 57.32 -40.47
CA ASP K 62 20.31 57.60 -41.78
C ASP K 62 18.85 57.18 -41.86
N HIS K 63 18.36 56.40 -40.90
CA HIS K 63 16.95 56.00 -40.82
C HIS K 63 16.47 55.09 -41.95
N ASP K 64 16.94 55.32 -43.18
CA ASP K 64 16.41 54.61 -44.34
C ASP K 64 16.46 53.10 -44.17
N ILE K 65 15.50 52.44 -44.83
CA ILE K 65 15.31 51.01 -44.74
C ILE K 65 16.52 50.25 -45.29
N LYS K 66 16.86 49.15 -44.62
CA LYS K 66 17.96 48.28 -45.05
C LYS K 66 17.43 46.85 -45.17
N GLU K 67 18.16 46.01 -45.90
CA GLU K 67 17.71 44.68 -46.26
C GLU K 67 18.68 43.59 -45.81
N ASP K 68 18.14 42.38 -45.66
CA ASP K 68 18.93 41.18 -45.41
C ASP K 68 18.13 39.96 -45.83
N SER K 69 18.81 38.82 -45.95
CA SER K 69 18.20 37.58 -46.40
C SER K 69 17.45 36.84 -45.30
N MET K 70 16.50 36.02 -45.72
CA MET K 70 15.74 35.17 -44.81
C MET K 70 16.62 34.22 -44.00
N GLU K 71 17.65 33.67 -44.63
CA GLU K 71 18.49 32.67 -43.97
C GLU K 71 19.15 33.19 -42.71
N LYS K 72 19.29 34.49 -42.57
CA LYS K 72 19.92 35.06 -41.39
C LYS K 72 18.92 35.39 -40.29
N ILE K 73 17.67 34.95 -40.43
CA ILE K 73 16.65 35.08 -39.39
C ILE K 73 16.32 33.69 -38.88
N ALA K 74 16.28 33.52 -37.57
CA ALA K 74 16.03 32.21 -36.98
C ALA K 74 15.18 32.37 -35.71
N ILE K 75 13.93 31.95 -35.77
CA ILE K 75 13.05 31.97 -34.62
C ILE K 75 13.40 30.81 -33.71
N SER K 76 13.51 31.08 -32.41
CA SER K 76 13.91 30.05 -31.48
C SER K 76 13.30 30.29 -30.11
N THR K 77 13.12 29.20 -29.37
CA THR K 77 12.65 29.25 -27.99
C THR K 77 13.65 28.49 -27.16
N SER K 78 13.21 27.41 -26.51
CA SER K 78 14.18 26.57 -25.81
C SER K 78 15.19 26.02 -26.81
N GLY K 79 14.72 25.75 -28.03
CA GLY K 79 15.56 25.29 -29.11
C GLY K 79 15.15 26.02 -30.38
N PRO K 80 15.94 25.88 -31.44
CA PRO K 80 15.60 26.54 -32.70
C PRO K 80 14.31 25.99 -33.29
N CYS K 81 13.53 26.87 -33.90
CA CYS K 81 12.28 26.51 -34.56
C CYS K 81 12.48 26.55 -36.07
N ARG K 82 11.44 26.18 -36.80
CA ARG K 82 11.45 26.23 -38.25
C ARG K 82 10.64 27.43 -38.72
N ARG K 83 11.22 28.22 -39.62
CA ARG K 83 10.55 29.40 -40.15
C ARG K 83 9.46 28.99 -41.17
N LEU K 84 8.46 28.29 -40.63
CA LEU K 84 7.40 27.70 -41.46
C LEU K 84 6.72 28.70 -42.38
N GLY K 85 6.75 29.98 -42.07
CA GLY K 85 6.15 30.95 -42.96
C GLY K 85 6.48 32.36 -42.52
N HIS K 86 6.37 33.27 -43.46
CA HIS K 86 6.66 34.67 -43.16
C HIS K 86 5.97 35.57 -44.17
N LYS K 87 5.50 36.71 -43.69
CA LYS K 87 4.75 37.66 -44.50
C LYS K 87 4.56 38.94 -43.72
N GLY K 88 4.87 40.07 -44.34
CA GLY K 88 4.69 41.35 -43.70
C GLY K 88 5.34 41.39 -42.33
N TYR K 89 4.62 41.94 -41.36
CA TYR K 89 5.06 42.02 -39.99
C TYR K 89 4.92 40.71 -39.24
N PHE K 90 4.79 39.57 -39.89
CA PHE K 90 4.52 38.37 -39.12
C PHE K 90 5.28 37.17 -39.65
N LEU K 91 5.77 36.35 -38.72
CA LEU K 91 6.47 35.12 -39.02
C LEU K 91 5.66 33.96 -38.47
N LEU K 92 5.48 32.92 -39.28
CA LEU K 92 4.80 31.72 -38.82
C LEU K 92 5.84 30.65 -38.59
N ALA K 93 5.85 30.09 -37.39
CA ALA K 93 6.85 29.11 -37.01
C ALA K 93 6.25 28.09 -36.05
N GLN K 94 6.99 27.02 -35.83
CA GLN K 94 6.62 25.96 -34.89
C GLN K 94 7.73 25.81 -33.87
N CYS K 95 7.59 26.42 -32.82
CA CYS K 95 8.64 26.30 -31.83
C CYS K 95 8.37 25.16 -30.85
N PRO K 96 9.43 24.51 -30.39
CA PRO K 96 9.28 23.47 -29.38
C PRO K 96 8.92 24.08 -28.05
N PRO K 97 8.34 23.29 -27.14
CA PRO K 97 7.92 23.83 -25.84
C PRO K 97 9.00 24.64 -25.17
N GLY K 98 8.66 25.88 -24.80
CA GLY K 98 9.62 26.77 -24.19
C GLY K 98 8.93 27.85 -23.38
N ASP K 99 9.73 28.59 -22.64
CA ASP K 99 9.21 29.68 -21.84
C ASP K 99 9.29 31.04 -22.53
N SER K 100 9.91 31.14 -23.68
CA SER K 100 9.99 32.43 -24.35
C SER K 100 10.33 32.21 -25.81
N VAL K 101 9.79 33.07 -26.67
CA VAL K 101 10.12 33.05 -28.09
C VAL K 101 11.23 34.04 -28.34
N THR K 102 12.13 33.71 -29.25
CA THR K 102 13.32 34.52 -29.49
C THR K 102 13.61 34.61 -30.99
N VAL K 103 13.30 35.73 -31.58
CA VAL K 103 13.62 35.97 -32.98
C VAL K 103 15.02 36.56 -33.00
N SER K 104 15.86 36.08 -33.90
CA SER K 104 17.21 36.59 -33.97
C SER K 104 17.66 36.80 -35.41
N ILE K 105 18.47 37.84 -35.58
CA ILE K 105 19.14 38.11 -36.85
C ILE K 105 20.59 37.65 -36.67
N THR K 106 20.93 36.52 -37.30
CA THR K 106 22.25 35.92 -37.19
C THR K 106 23.25 36.47 -38.19
N SER K 107 22.97 37.64 -38.79
CA SER K 107 23.81 38.20 -39.85
C SER K 107 25.26 38.41 -39.44
N GLY K 108 25.56 38.49 -38.15
CA GLY K 108 26.92 38.80 -37.76
C GLY K 108 27.17 40.29 -37.92
N ALA K 109 27.13 40.78 -39.15
CA ALA K 109 27.35 42.20 -39.42
C ALA K 109 26.26 43.06 -38.81
N SER K 110 25.15 42.46 -38.43
CA SER K 110 24.07 43.15 -37.73
C SER K 110 23.39 42.16 -36.80
N GLU K 111 24.19 41.25 -36.22
CA GLU K 111 23.68 40.22 -35.35
C GLU K 111 23.01 40.81 -34.12
N ASN K 112 21.77 40.39 -33.89
CA ASN K 112 20.93 40.92 -32.82
C ASN K 112 19.83 39.90 -32.56
N SER K 113 19.14 40.09 -31.45
CA SER K 113 18.05 39.18 -31.12
C SER K 113 17.02 39.90 -30.26
N CYS K 114 15.84 39.29 -30.16
CA CYS K 114 14.75 39.84 -29.38
C CYS K 114 14.00 38.69 -28.73
N THR K 115 13.48 38.92 -27.53
CA THR K 115 12.76 37.87 -26.82
C THR K 115 11.65 38.48 -25.97
N VAL K 116 10.57 37.73 -25.78
CA VAL K 116 9.49 38.11 -24.89
C VAL K 116 9.05 36.89 -24.10
N GLU K 117 8.64 37.13 -22.87
CA GLU K 117 8.12 36.05 -22.04
C GLU K 117 6.77 35.59 -22.58
N LYS K 118 6.65 34.29 -22.83
CA LYS K 118 5.38 33.72 -23.26
C LYS K 118 5.38 32.22 -23.00
N LYS K 119 4.36 31.76 -22.30
CA LYS K 119 4.23 30.36 -21.90
C LYS K 119 3.77 29.47 -23.07
N ILE K 120 4.60 29.42 -24.11
CA ILE K 120 4.26 28.58 -25.24
C ILE K 120 4.58 27.13 -24.83
N ARG K 121 3.58 26.49 -24.24
CA ARG K 121 3.70 25.11 -23.77
C ARG K 121 3.11 24.17 -24.81
N ARG K 122 3.54 22.91 -24.76
CA ARG K 122 3.02 21.92 -25.66
C ARG K 122 1.50 21.88 -25.55
N LYS K 123 0.82 21.73 -26.67
CA LYS K 123 -0.62 21.54 -26.61
C LYS K 123 -1.01 20.48 -27.63
N PHE K 124 -2.16 19.88 -27.39
CA PHE K 124 -2.60 18.74 -28.18
C PHE K 124 -4.11 18.72 -28.30
N VAL K 125 -4.60 18.66 -29.53
CA VAL K 125 -6.02 18.50 -29.74
C VAL K 125 -6.42 17.08 -29.38
N GLY K 126 -7.69 16.89 -29.07
CA GLY K 126 -8.16 15.58 -28.67
C GLY K 126 -8.13 15.37 -27.17
N ARG K 127 -8.14 14.09 -26.80
CA ARG K 127 -8.26 13.69 -25.40
C ARG K 127 -7.05 12.92 -24.90
N GLU K 128 -5.93 12.98 -25.60
CA GLU K 128 -4.75 12.24 -25.18
C GLU K 128 -3.49 13.04 -25.46
N GLU K 129 -2.51 12.92 -24.57
CA GLU K 129 -1.25 13.59 -24.77
C GLU K 129 -0.38 12.79 -25.74
N TYR K 130 0.28 13.49 -26.65
CA TYR K 130 1.18 12.86 -27.59
C TYR K 130 2.25 13.86 -27.97
N LEU K 131 3.43 13.35 -28.32
CA LEU K 131 4.46 14.27 -28.78
C LEU K 131 4.31 14.56 -30.26
N PHE K 132 3.99 13.54 -31.03
CA PHE K 132 3.81 13.66 -32.46
C PHE K 132 2.54 12.93 -32.87
N PRO K 133 1.77 13.50 -33.78
CA PRO K 133 0.56 12.84 -34.24
C PRO K 133 0.90 11.47 -34.79
N PRO K 134 0.27 10.42 -34.27
CA PRO K 134 0.55 9.08 -34.77
C PRO K 134 -0.08 8.90 -36.14
N VAL K 135 0.64 8.21 -37.02
CA VAL K 135 0.20 7.98 -38.39
C VAL K 135 -1.26 7.52 -38.44
N GLN K 136 -1.63 6.55 -37.62
CA GLN K 136 -2.98 6.03 -37.60
C GLN K 136 -3.75 6.58 -36.41
N GLY K 137 -4.99 7.01 -36.65
CA GLY K 137 -5.81 7.52 -35.57
C GLY K 137 -7.11 8.11 -36.11
N LYS K 138 -7.85 8.71 -35.20
CA LYS K 138 -9.12 9.33 -35.55
C LYS K 138 -8.87 10.74 -36.06
N LEU K 139 -9.49 11.08 -37.19
CA LEU K 139 -9.33 12.39 -37.81
C LEU K 139 -10.31 13.38 -37.18
N VAL K 140 -9.96 13.83 -35.98
CA VAL K 140 -10.80 14.77 -35.25
C VAL K 140 -10.58 16.18 -35.76
N LYS K 141 -11.59 17.02 -35.53
CA LYS K 141 -11.53 18.43 -35.87
C LYS K 141 -10.45 19.14 -35.06
N CYS K 142 -9.58 19.89 -35.74
CA CYS K 142 -8.54 20.65 -35.07
C CYS K 142 -8.30 21.93 -35.85
N HIS K 143 -7.49 22.82 -35.29
CA HIS K 143 -7.19 24.07 -35.96
C HIS K 143 -5.69 24.32 -36.00
N VAL K 144 -5.21 24.76 -37.16
CA VAL K 144 -3.78 25.05 -37.35
C VAL K 144 -3.66 26.32 -38.19
N TYR K 145 -2.61 27.08 -37.92
CA TYR K 145 -2.35 28.28 -38.70
C TYR K 145 -2.02 27.88 -40.14
N ASP K 146 -2.81 28.39 -41.08
CA ASP K 146 -2.64 28.04 -42.48
C ASP K 146 -1.29 28.53 -42.99
N ARG K 147 -0.47 27.58 -43.45
CA ARG K 147 0.86 27.90 -43.95
C ARG K 147 0.85 28.85 -45.14
N LEU K 148 -0.27 28.95 -45.84
CA LEU K 148 -0.35 29.84 -46.99
C LEU K 148 -0.39 31.30 -46.54
N LYS K 149 0.70 32.01 -46.85
CA LYS K 149 0.90 33.41 -46.45
C LYS K 149 -0.14 34.36 -47.01
N GLU K 150 -1.02 33.91 -47.90
CA GLU K 150 -2.05 34.81 -48.41
C GLU K 150 -3.34 34.78 -47.60
N THR K 151 -3.51 33.81 -46.72
CA THR K 151 -4.72 33.76 -45.91
C THR K 151 -4.72 34.95 -44.94
N SER K 152 -5.90 35.44 -44.62
CA SER K 152 -6.03 36.58 -43.72
C SER K 152 -6.72 36.18 -42.43
N ALA K 153 -6.03 36.41 -41.31
CA ALA K 153 -6.52 36.15 -39.97
C ALA K 153 -7.25 37.32 -39.37
N GLY K 154 -7.09 38.50 -39.93
CA GLY K 154 -7.60 39.74 -39.39
C GLY K 154 -6.76 40.88 -39.92
N TYR K 155 -6.87 42.05 -39.31
CA TYR K 155 -6.07 43.16 -39.82
C TYR K 155 -5.45 43.98 -38.71
N ILE K 156 -4.39 44.68 -39.09
CA ILE K 156 -3.64 45.60 -38.24
C ILE K 156 -3.87 47.02 -38.74
N THR K 157 -4.11 47.94 -37.81
CA THR K 157 -4.26 49.34 -38.15
C THR K 157 -2.89 49.97 -38.37
N MET K 158 -2.71 50.61 -39.52
CA MET K 158 -1.48 51.32 -39.82
C MET K 158 -1.59 52.78 -39.41
N HIS K 159 -0.46 53.37 -39.06
CA HIS K 159 -0.40 54.77 -38.68
C HIS K 159 0.85 55.40 -39.28
N ARG K 160 0.75 56.68 -39.59
CA ARG K 160 1.92 57.40 -40.06
C ARG K 160 2.91 57.56 -38.91
N PRO K 161 4.21 57.46 -39.18
CA PRO K 161 5.19 57.48 -38.10
C PRO K 161 5.24 58.79 -37.36
N GLY K 162 5.57 58.70 -36.08
CA GLY K 162 5.74 59.87 -35.25
C GLY K 162 6.96 60.67 -35.63
N PRO K 163 7.13 61.82 -35.00
CA PRO K 163 8.28 62.68 -35.28
C PRO K 163 9.56 62.16 -34.64
N HIS K 164 9.90 60.91 -34.97
CA HIS K 164 11.10 60.30 -34.43
C HIS K 164 12.33 61.11 -34.83
N ALA K 165 13.03 61.63 -33.82
CA ALA K 165 14.17 62.51 -34.03
C ALA K 165 15.46 61.88 -33.51
N TYR K 166 16.57 62.29 -34.11
CA TYR K 166 17.89 61.76 -33.80
C TYR K 166 18.77 62.86 -33.23
N LYS K 167 19.33 62.62 -32.06
CA LYS K 167 20.24 63.58 -31.44
C LYS K 167 21.38 63.94 -32.37
N SER K 168 21.78 63.00 -33.23
CA SER K 168 22.84 63.24 -34.21
C SER K 168 22.55 64.46 -35.08
N TYR K 169 21.29 64.82 -35.24
CA TYR K 169 20.94 65.99 -36.04
C TYR K 169 21.13 67.29 -35.27
N LEU K 170 21.53 67.21 -34.01
CA LEU K 170 21.68 68.38 -33.15
C LEU K 170 23.15 68.60 -32.81
N LYS K 171 23.68 69.81 -32.90
CA LYS K 171 25.06 70.16 -32.52
C LYS K 171 25.09 71.30 -31.52
N GLU K 172 25.93 71.20 -30.51
CA GLU K 172 26.19 72.29 -29.54
C GLU K 172 27.69 72.54 -29.46
N ALA K 173 28.11 73.79 -29.56
CA ALA K 173 29.50 74.21 -29.36
C ALA K 173 29.56 75.71 -29.08
N SER K 174 30.57 76.19 -28.36
CA SER K 174 30.79 77.61 -28.06
C SER K 174 29.58 78.36 -27.47
N GLY K 175 28.67 77.60 -26.84
CA GLY K 175 27.48 78.10 -26.19
C GLY K 175 26.32 78.35 -27.13
N GLU K 176 26.42 77.87 -28.36
CA GLU K 176 25.37 78.00 -29.36
C GLU K 176 24.94 76.61 -29.81
N VAL K 177 23.88 76.57 -30.61
CA VAL K 177 23.34 75.31 -31.08
C VAL K 177 23.16 75.40 -32.59
N TYR K 178 23.18 74.24 -33.24
CA TYR K 178 23.03 74.16 -34.68
C TYR K 178 22.23 72.92 -35.02
N ILE K 179 21.19 73.08 -35.82
CA ILE K 179 20.38 71.97 -36.30
C ILE K 179 20.92 71.65 -37.69
N LYS K 180 21.65 70.55 -37.77
CA LYS K 180 22.31 70.12 -39.00
C LYS K 180 21.59 68.90 -39.56
N PRO K 181 20.72 69.04 -40.56
CA PRO K 181 20.08 67.83 -41.09
C PRO K 181 21.08 66.92 -41.78
N PRO K 182 20.80 65.64 -41.82
CA PRO K 182 21.68 64.67 -42.50
C PRO K 182 21.49 64.67 -44.01
N SER K 183 22.61 64.59 -44.72
CA SER K 183 22.63 64.51 -46.19
C SER K 183 21.82 65.63 -46.83
N GLY K 184 21.70 66.75 -46.13
CA GLY K 184 20.89 67.86 -46.62
C GLY K 184 19.43 67.55 -46.82
N LYS K 185 18.94 66.43 -46.29
CA LYS K 185 17.53 66.11 -46.44
C LYS K 185 16.68 67.12 -45.69
N ASN K 186 15.54 67.49 -46.27
CA ASN K 186 14.70 68.49 -45.63
C ASN K 186 14.20 67.94 -44.31
N VAL K 187 14.42 68.69 -43.24
CA VAL K 187 14.07 68.25 -41.90
C VAL K 187 13.20 69.30 -41.24
N THR K 188 12.27 68.84 -40.40
CA THR K 188 11.44 69.72 -39.58
C THR K 188 12.02 69.76 -38.19
N TYR K 189 12.09 70.96 -37.61
CA TYR K 189 12.59 71.16 -36.27
C TYR K 189 11.56 71.88 -35.41
N GLU K 190 11.65 71.66 -34.11
CA GLU K 190 10.84 72.36 -33.13
C GLU K 190 11.77 72.73 -31.98
N CYS K 191 11.55 73.89 -31.38
CA CYS K 191 12.42 74.30 -30.29
C CYS K 191 11.74 75.34 -29.42
N LYS K 192 12.15 75.39 -28.14
CA LYS K 192 11.66 76.38 -27.19
C LYS K 192 12.82 77.00 -26.41
N CYS K 193 13.67 77.74 -27.12
CA CYS K 193 14.76 78.49 -26.47
C CYS K 193 14.15 79.79 -25.96
N GLY K 194 13.57 79.71 -24.77
CA GLY K 194 12.85 80.84 -24.23
C GLY K 194 11.46 80.93 -24.85
N ASP K 195 11.42 81.03 -26.18
CA ASP K 195 10.16 81.10 -26.90
C ASP K 195 10.05 79.91 -27.84
N TYR K 196 8.83 79.45 -28.07
CA TYR K 196 8.60 78.31 -28.93
C TYR K 196 8.87 78.69 -30.39
N SER K 197 9.34 77.72 -31.16
CA SER K 197 9.64 77.96 -32.56
C SER K 197 9.62 76.66 -33.32
N THR K 198 9.33 76.75 -34.62
CA THR K 198 9.29 75.60 -35.51
C THR K 198 9.68 76.05 -36.89
N GLY K 199 10.16 75.08 -37.68
CA GLY K 199 10.50 75.36 -39.06
C GLY K 199 10.99 74.10 -39.74
N ILE K 200 11.32 74.27 -41.01
CA ILE K 200 11.92 73.18 -41.80
C ILE K 200 13.25 73.71 -42.31
N VAL K 201 14.21 72.79 -42.45
CA VAL K 201 15.57 73.16 -42.80
C VAL K 201 16.20 72.05 -43.64
N SER K 202 17.20 72.45 -44.43
CA SER K 202 17.91 71.54 -45.31
C SER K 202 19.41 71.52 -45.07
N THR K 203 19.91 72.45 -44.25
CA THR K 203 21.32 72.75 -44.02
C THR K 203 21.48 73.22 -42.58
N GLN K 204 22.69 73.09 -42.05
CA GLN K 204 23.06 73.59 -40.72
C GLN K 204 22.48 74.99 -40.48
N THR K 205 21.62 75.15 -39.47
CA THR K 205 20.93 76.42 -39.24
C THR K 205 21.13 76.90 -37.82
N LYS K 206 21.73 78.09 -37.68
CA LYS K 206 21.87 78.70 -36.37
C LYS K 206 20.51 78.95 -35.75
N MET K 207 20.32 78.48 -34.52
CA MET K 207 19.06 78.64 -33.82
C MET K 207 19.19 79.76 -32.79
N ASN K 208 18.29 80.72 -32.86
CA ASN K 208 18.34 81.89 -31.99
C ASN K 208 17.95 81.57 -30.56
N GLY K 209 18.62 82.23 -29.61
CA GLY K 209 18.33 82.10 -28.20
C GLY K 209 18.70 80.78 -27.55
N CYS K 210 19.28 79.84 -28.28
CA CYS K 210 19.56 78.53 -27.73
C CYS K 210 20.92 78.43 -27.07
N THR K 211 21.02 77.54 -26.08
CA THR K 211 22.24 77.29 -25.34
C THR K 211 22.56 75.82 -25.14
N LYS K 212 21.57 74.94 -25.19
CA LYS K 212 21.78 73.51 -25.01
C LYS K 212 21.09 72.75 -26.13
N ALA K 213 21.73 71.67 -26.59
CA ALA K 213 21.17 70.90 -27.68
C ALA K 213 19.86 70.23 -27.31
N ARG K 214 19.58 70.05 -26.03
CA ARG K 214 18.32 69.46 -25.64
C ARG K 214 17.18 70.46 -25.67
N GLN K 215 17.47 71.74 -25.84
CA GLN K 215 16.41 72.74 -25.95
C GLN K 215 15.69 72.68 -27.28
N CYS K 216 16.26 72.02 -28.28
CA CYS K 216 15.65 71.91 -29.60
C CYS K 216 15.58 70.45 -30.02
N ILE K 217 14.75 70.20 -31.03
CA ILE K 217 14.59 68.87 -31.60
C ILE K 217 14.29 69.02 -33.08
N ALA K 218 14.72 68.03 -33.86
CA ALA K 218 14.44 68.03 -35.30
C ALA K 218 14.35 66.60 -35.80
N TYR K 219 13.47 66.37 -36.77
CA TYR K 219 13.21 65.04 -37.29
C TYR K 219 12.94 65.11 -38.78
N LYS K 220 13.36 64.08 -39.49
CA LYS K 220 13.16 63.99 -40.93
C LYS K 220 11.75 63.54 -41.26
N LEU K 221 11.28 63.94 -42.44
CA LEU K 221 9.98 63.52 -42.95
C LEU K 221 10.09 62.15 -43.61
N ASP K 222 9.24 61.21 -43.17
CA ASP K 222 9.26 59.88 -43.77
C ASP K 222 7.88 59.25 -43.65
N GLN K 223 7.47 58.54 -44.72
CA GLN K 223 6.20 57.81 -44.74
C GLN K 223 6.26 56.62 -45.69
N THR K 224 7.45 56.19 -46.14
CA THR K 224 7.59 55.19 -47.20
C THR K 224 6.68 53.99 -47.02
N LYS K 225 6.51 53.52 -45.79
CA LYS K 225 5.47 52.56 -45.43
C LYS K 225 5.00 52.92 -44.04
N TRP K 226 3.68 52.94 -43.86
CA TRP K 226 3.13 53.33 -42.57
C TRP K 226 3.63 52.40 -41.48
N VAL K 227 3.47 52.86 -40.25
CA VAL K 227 3.97 52.16 -39.08
C VAL K 227 2.86 51.46 -38.32
N PHE K 228 3.14 50.22 -37.91
CA PHE K 228 2.23 49.50 -37.03
C PHE K 228 2.17 50.24 -35.71
N ASN K 229 0.96 50.57 -35.24
CA ASN K 229 0.88 51.19 -33.94
C ASN K 229 1.53 50.27 -32.92
N SER K 230 2.47 50.81 -32.18
CA SER K 230 3.28 50.00 -31.29
C SER K 230 3.62 50.81 -30.06
N PRO K 231 3.70 50.18 -28.90
CA PRO K 231 4.04 50.92 -27.68
C PRO K 231 5.37 51.64 -27.76
N ASP K 232 6.25 51.26 -28.69
CA ASP K 232 7.53 51.96 -28.77
C ASP K 232 7.51 53.14 -29.72
N LEU K 233 6.49 53.31 -30.55
CA LEU K 233 6.48 54.41 -31.50
C LEU K 233 5.50 55.48 -31.04
N ILE K 234 6.00 56.69 -30.85
CA ILE K 234 5.12 57.80 -30.55
C ILE K 234 4.24 58.07 -31.77
N ARG K 235 2.97 58.39 -31.53
CA ARG K 235 2.07 58.64 -32.64
C ARG K 235 2.26 60.04 -33.22
N HIS K 236 1.93 60.17 -34.50
CA HIS K 236 1.82 61.47 -35.12
C HIS K 236 0.57 62.15 -34.59
N THR K 237 0.51 63.47 -34.73
CA THR K 237 -0.69 64.16 -34.28
C THR K 237 -1.92 63.70 -35.04
N ASP K 238 -1.76 63.38 -36.33
CA ASP K 238 -2.85 62.81 -37.12
C ASP K 238 -2.74 61.30 -37.00
N HIS K 239 -3.23 60.76 -35.90
CA HIS K 239 -3.17 59.32 -35.68
C HIS K 239 -4.33 58.59 -36.32
N SER K 240 -5.01 59.19 -37.29
CA SER K 240 -6.07 58.50 -38.00
C SER K 240 -5.49 57.31 -38.76
N VAL K 241 -6.23 56.21 -38.79
CA VAL K 241 -5.76 55.00 -39.44
C VAL K 241 -5.50 55.25 -40.92
N GLN K 242 -4.23 55.21 -41.31
CA GLN K 242 -3.86 55.46 -42.69
C GLN K 242 -4.09 54.26 -43.59
N GLY K 243 -4.20 53.07 -43.02
CA GLY K 243 -4.43 51.88 -43.83
C GLY K 243 -4.57 50.67 -42.94
N LYS K 244 -4.89 49.55 -43.57
CA LYS K 244 -5.07 48.28 -42.87
C LYS K 244 -4.34 47.18 -43.60
N LEU K 245 -3.61 46.35 -42.86
CA LEU K 245 -2.86 45.24 -43.43
C LEU K 245 -3.49 43.93 -42.98
N HIS K 246 -3.67 43.01 -43.93
CA HIS K 246 -4.22 41.70 -43.62
C HIS K 246 -3.23 40.86 -42.82
N ILE K 247 -3.62 40.49 -41.61
CA ILE K 247 -2.82 39.64 -40.75
C ILE K 247 -2.72 38.27 -41.42
N PRO K 248 -1.53 37.80 -41.73
CA PRO K 248 -1.38 36.51 -42.40
C PRO K 248 -1.61 35.33 -41.47
N PHE K 249 -1.73 34.17 -42.10
CA PHE K 249 -1.89 32.87 -41.47
C PHE K 249 -3.21 32.70 -40.72
N ARG K 250 -4.31 32.80 -41.46
CA ARG K 250 -5.64 32.58 -40.89
C ARG K 250 -5.71 31.24 -40.17
N LEU K 251 -6.29 31.24 -38.98
CA LEU K 251 -6.54 29.98 -38.33
C LEU K 251 -7.71 29.32 -39.05
N THR K 252 -7.55 28.06 -39.45
CA THR K 252 -8.63 27.39 -40.16
C THR K 252 -8.81 25.98 -39.61
N PRO K 253 -10.03 25.46 -39.65
CA PRO K 253 -10.25 24.07 -39.23
C PRO K 253 -9.56 23.09 -40.15
N THR K 254 -9.18 21.96 -39.58
CA THR K 254 -8.46 20.92 -40.31
C THR K 254 -8.56 19.67 -39.46
N VAL K 255 -8.28 18.50 -40.04
CA VAL K 255 -8.25 17.25 -39.29
C VAL K 255 -6.83 16.91 -38.87
N CYS K 256 -6.64 16.68 -37.57
CA CYS K 256 -5.35 16.31 -37.00
C CYS K 256 -5.43 14.86 -36.57
N PRO K 257 -4.51 14.02 -37.01
CA PRO K 257 -4.51 12.64 -36.51
C PRO K 257 -4.26 12.63 -35.01
N VAL K 258 -5.13 11.94 -34.28
CA VAL K 258 -4.91 11.80 -32.85
C VAL K 258 -4.92 10.33 -32.47
N PRO K 259 -4.10 9.92 -31.51
CA PRO K 259 -4.03 8.51 -31.14
C PRO K 259 -5.33 7.99 -30.55
N LEU K 260 -5.53 6.69 -30.69
CA LEU K 260 -6.56 5.98 -29.96
C LEU K 260 -5.84 5.14 -28.93
N ALA K 261 -6.09 5.42 -27.66
CA ALA K 261 -5.48 4.65 -26.59
C ALA K 261 -5.81 3.18 -26.74
N HIS K 262 -4.99 2.35 -26.09
CA HIS K 262 -5.21 0.91 -26.12
C HIS K 262 -6.64 0.60 -25.72
N THR K 263 -7.25 -0.32 -26.43
CA THR K 263 -8.64 -0.65 -26.13
C THR K 263 -8.68 -1.23 -24.73
N PRO K 264 -9.46 -0.65 -23.81
CA PRO K 264 -9.43 -1.08 -22.41
C PRO K 264 -10.19 -2.38 -22.23
N THR K 265 -9.50 -3.41 -21.76
CA THR K 265 -10.20 -4.64 -21.47
C THR K 265 -11.13 -4.39 -20.31
N VAL K 266 -12.36 -4.89 -20.41
CA VAL K 266 -13.37 -4.62 -19.40
C VAL K 266 -13.79 -5.91 -18.72
N THR K 267 -13.86 -5.85 -17.39
CA THR K 267 -14.31 -6.95 -16.56
C THR K 267 -15.73 -6.63 -16.11
N LYS K 268 -16.62 -7.61 -16.22
CA LYS K 268 -18.03 -7.40 -15.90
C LYS K 268 -18.37 -8.09 -14.59
N TRP K 269 -19.11 -7.38 -13.75
CA TRP K 269 -19.47 -7.89 -12.44
C TRP K 269 -20.80 -7.27 -12.02
N PHE K 270 -21.36 -7.80 -10.94
CA PHE K 270 -22.68 -7.40 -10.47
C PHE K 270 -22.83 -5.89 -10.31
N LYS K 271 -23.74 -5.32 -11.11
CA LYS K 271 -24.01 -3.88 -11.13
C LYS K 271 -22.75 -3.04 -11.27
N GLY K 272 -21.75 -3.56 -11.98
CA GLY K 272 -20.55 -2.78 -12.16
C GLY K 272 -19.56 -3.32 -13.17
N ILE K 273 -18.75 -2.43 -13.74
CA ILE K 273 -17.71 -2.80 -14.68
C ILE K 273 -16.39 -2.29 -14.14
N THR K 274 -15.31 -2.94 -14.55
CA THR K 274 -13.96 -2.49 -14.23
C THR K 274 -13.20 -2.29 -15.52
N LEU K 275 -12.70 -1.07 -15.74
CA LEU K 275 -11.90 -0.77 -16.90
C LEU K 275 -10.43 -0.89 -16.56
N HIS K 276 -9.74 -1.81 -17.21
CA HIS K 276 -8.30 -2.00 -17.02
C HIS K 276 -7.59 -1.15 -18.06
N LEU K 277 -7.21 0.05 -17.65
CA LEU K 277 -6.59 0.98 -18.56
C LEU K 277 -5.09 0.74 -18.67
N THR K 278 -4.54 1.11 -19.82
CA THR K 278 -3.13 0.90 -20.09
C THR K 278 -2.61 2.03 -20.97
N ALA K 279 -3.07 3.25 -20.71
CA ALA K 279 -2.61 4.38 -21.51
C ALA K 279 -1.18 4.72 -21.13
N THR K 280 -0.29 4.69 -22.11
CA THR K 280 1.11 5.02 -21.85
C THR K 280 1.29 6.49 -21.51
N ARG K 281 0.40 7.34 -21.97
CA ARG K 281 0.48 8.78 -21.72
C ARG K 281 -0.85 9.31 -21.22
N PRO K 282 -0.84 10.48 -20.58
CA PRO K 282 -2.08 11.08 -20.08
C PRO K 282 -3.23 11.01 -21.07
N THR K 283 -4.26 10.26 -20.71
CA THR K 283 -5.41 10.02 -21.56
C THR K 283 -6.67 10.28 -20.74
N LEU K 284 -7.60 11.03 -21.32
CA LEU K 284 -8.82 11.38 -20.61
C LEU K 284 -9.81 10.21 -20.58
N LEU K 285 -10.31 9.93 -19.39
CA LEU K 285 -11.40 9.00 -19.19
C LEU K 285 -12.58 9.78 -18.61
N THR K 286 -13.73 9.66 -19.24
CA THR K 286 -14.96 10.21 -18.71
C THR K 286 -16.05 9.15 -18.74
N THR K 287 -16.95 9.22 -17.79
CA THR K 287 -18.10 8.34 -17.73
C THR K 287 -19.29 9.14 -17.24
N ARG K 288 -20.48 8.63 -17.55
CA ARG K 288 -21.68 9.23 -17.02
C ARG K 288 -22.79 8.20 -16.98
N LYS K 289 -23.59 8.24 -15.93
CA LYS K 289 -24.78 7.39 -15.91
C LYS K 289 -25.79 7.96 -16.88
N LEU K 290 -26.54 7.08 -17.53
CA LEU K 290 -27.57 7.51 -18.45
C LEU K 290 -28.90 7.80 -17.75
N GLY K 291 -28.91 7.86 -16.43
CA GLY K 291 -30.14 8.06 -15.68
C GLY K 291 -30.46 9.49 -15.32
N LEU K 292 -31.32 9.63 -14.30
CA LEU K 292 -31.78 10.93 -13.82
C LEU K 292 -30.64 11.89 -13.51
N ARG K 293 -29.47 11.36 -13.16
CA ARG K 293 -28.33 12.21 -12.88
C ARG K 293 -27.08 11.54 -13.42
N ALA K 294 -26.10 12.36 -13.78
CA ALA K 294 -24.90 11.83 -14.43
C ALA K 294 -23.88 11.25 -13.46
N ASP K 295 -23.61 11.93 -12.35
CA ASP K 295 -22.52 11.50 -11.46
C ASP K 295 -21.27 11.25 -12.30
N ALA K 296 -21.04 12.14 -13.26
CA ALA K 296 -20.02 11.99 -14.28
C ALA K 296 -18.61 12.05 -13.72
N THR K 297 -17.97 10.91 -13.62
CA THR K 297 -16.58 10.84 -13.21
C THR K 297 -15.69 11.28 -14.35
N ALA K 298 -14.68 12.09 -14.03
CA ALA K 298 -13.70 12.50 -15.03
C ALA K 298 -12.32 12.40 -14.40
N GLU K 299 -11.40 11.73 -15.09
CA GLU K 299 -10.09 11.48 -14.51
C GLU K 299 -9.07 11.24 -15.60
N TRP K 300 -7.98 11.99 -15.57
CA TRP K 300 -6.86 11.73 -16.46
C TRP K 300 -6.14 10.50 -15.94
N ILE K 301 -5.81 9.59 -16.83
CA ILE K 301 -5.15 8.36 -16.42
C ILE K 301 -3.80 8.25 -17.10
N THR K 302 -2.86 7.62 -16.39
CA THR K 302 -1.52 7.39 -16.90
C THR K 302 -1.08 6.00 -16.43
N GLY K 303 -0.25 5.36 -17.24
CA GLY K 303 0.19 4.04 -16.88
C GLY K 303 -0.98 3.07 -16.92
N THR K 304 -0.80 1.97 -16.21
CA THR K 304 -1.82 0.93 -16.10
C THR K 304 -2.50 1.04 -14.73
N THR K 305 -3.82 1.04 -14.74
CA THR K 305 -4.56 1.04 -13.48
C THR K 305 -5.98 0.61 -13.74
N SER K 306 -6.58 0.00 -12.73
CA SER K 306 -8.00 -0.32 -12.76
C SER K 306 -8.83 0.89 -12.30
N ARG K 307 -10.07 0.91 -12.75
CA ARG K 307 -11.06 1.85 -12.26
C ARG K 307 -12.38 1.10 -12.13
N ASN K 308 -13.08 1.29 -11.02
CA ASN K 308 -14.34 0.61 -10.77
C ASN K 308 -15.47 1.63 -10.92
N PHE K 309 -16.46 1.31 -11.75
CA PHE K 309 -17.62 2.15 -11.98
C PHE K 309 -18.90 1.38 -11.71
N SER K 310 -19.73 1.91 -10.82
CA SER K 310 -21.05 1.25 -10.56
C SER K 310 -21.94 1.45 -11.80
N VAL K 311 -22.42 0.37 -12.40
CA VAL K 311 -23.33 0.47 -13.57
C VAL K 311 -24.76 0.14 -13.10
N GLY K 312 -25.77 0.79 -13.69
CA GLY K 312 -27.16 0.57 -13.25
C GLY K 312 -28.07 0.22 -14.41
N ARG K 313 -29.37 0.07 -14.15
CA ARG K 313 -30.35 -0.22 -15.24
C ARG K 313 -30.26 0.89 -16.28
N GLU K 314 -30.08 2.13 -15.84
CA GLU K 314 -29.94 3.27 -16.78
C GLU K 314 -28.72 3.03 -17.68
N GLY K 315 -27.66 2.43 -17.12
CA GLY K 315 -26.44 2.15 -17.90
C GLY K 315 -25.33 3.15 -17.61
N LEU K 316 -24.09 2.79 -17.94
CA LEU K 316 -22.94 3.69 -17.69
C LEU K 316 -22.12 3.87 -18.96
N GLU K 317 -22.21 5.05 -19.59
CA GLU K 317 -21.42 5.35 -20.77
C GLU K 317 -20.02 5.73 -20.33
N TYR K 318 -19.03 5.23 -21.05
CA TYR K 318 -17.64 5.64 -20.84
C TYR K 318 -17.04 6.06 -22.17
N VAL K 319 -16.09 6.98 -22.10
CA VAL K 319 -15.49 7.56 -23.29
C VAL K 319 -13.98 7.53 -23.12
N TRP K 320 -13.43 6.32 -23.12
CA TRP K 320 -12.00 6.16 -22.93
C TRP K 320 -11.23 6.67 -24.14
N GLY K 321 -10.29 7.56 -23.88
CA GLY K 321 -9.46 8.15 -24.90
C GLY K 321 -10.29 8.80 -25.98
N ASN K 322 -9.72 8.85 -27.17
CA ASN K 322 -10.45 9.40 -28.31
C ASN K 322 -11.40 8.40 -28.94
N HIS K 323 -11.52 7.20 -28.38
CA HIS K 323 -12.42 6.20 -28.92
C HIS K 323 -13.84 6.73 -28.93
N GLU K 324 -14.66 6.14 -29.80
CA GLU K 324 -16.07 6.48 -29.79
C GLU K 324 -16.68 6.09 -28.46
N PRO K 325 -17.64 6.86 -27.96
CA PRO K 325 -18.29 6.51 -26.70
C PRO K 325 -18.83 5.10 -26.73
N VAL K 326 -18.69 4.40 -25.63
CA VAL K 326 -19.18 3.04 -25.47
C VAL K 326 -20.26 3.05 -24.41
N ARG K 327 -21.29 2.24 -24.59
CA ARG K 327 -22.37 2.13 -23.63
C ARG K 327 -22.46 0.72 -23.10
N VAL K 328 -22.83 0.60 -21.83
CA VAL K 328 -23.06 -0.68 -21.17
C VAL K 328 -24.23 -0.52 -20.22
N TRP K 329 -24.88 -1.62 -19.90
CA TRP K 329 -25.99 -1.59 -18.97
C TRP K 329 -25.88 -2.76 -18.01
N ALA K 330 -26.34 -2.52 -16.79
CA ALA K 330 -26.34 -3.54 -15.75
C ALA K 330 -27.61 -4.37 -15.80
N GLN K 331 -27.47 -5.66 -16.05
CA GLN K 331 -28.62 -6.54 -15.95
C GLN K 331 -28.91 -6.79 -14.48
N GLU K 332 -30.15 -7.11 -14.17
CA GLU K 332 -30.47 -7.37 -12.77
C GLU K 332 -29.99 -8.73 -12.29
N SER K 333 -28.85 -9.20 -12.78
CA SER K 333 -28.27 -10.43 -12.28
C SER K 333 -27.76 -10.22 -10.86
N ALA K 334 -27.73 -11.29 -10.09
CA ALA K 334 -27.20 -11.19 -8.74
C ALA K 334 -27.05 -12.57 -8.11
N PRO K 335 -26.34 -12.68 -6.98
CA PRO K 335 -26.30 -13.95 -6.26
C PRO K 335 -27.69 -14.46 -5.91
N GLY K 336 -27.73 -15.70 -5.44
CA GLY K 336 -28.99 -16.31 -5.04
C GLY K 336 -29.86 -16.72 -6.22
N ASP K 337 -31.14 -16.93 -5.91
CA ASP K 337 -32.07 -17.39 -6.94
C ASP K 337 -33.49 -16.94 -6.63
N PRO K 338 -34.10 -16.14 -7.50
CA PRO K 338 -35.50 -15.76 -7.33
C PRO K 338 -36.44 -16.95 -7.19
N HIS K 339 -35.96 -18.16 -7.44
CA HIS K 339 -36.80 -19.35 -7.32
C HIS K 339 -36.18 -20.41 -6.41
N GLY K 340 -35.11 -20.08 -5.72
CA GLY K 340 -34.49 -20.98 -4.77
C GLY K 340 -35.27 -21.03 -3.47
N TRP K 341 -34.65 -21.60 -2.46
CA TRP K 341 -35.23 -21.59 -1.13
C TRP K 341 -35.01 -20.22 -0.49
N PRO K 342 -35.71 -19.90 0.61
CA PRO K 342 -35.57 -18.56 1.21
C PRO K 342 -34.15 -18.11 1.47
N HIS K 343 -33.27 -19.03 1.88
CA HIS K 343 -31.86 -18.68 2.05
C HIS K 343 -31.28 -18.15 0.76
N GLU K 344 -31.72 -18.72 -0.36
CA GLU K 344 -31.31 -18.32 -1.71
C GLU K 344 -32.15 -17.19 -2.26
N ILE K 345 -33.40 -17.08 -1.80
CA ILE K 345 -34.33 -16.05 -2.27
C ILE K 345 -33.94 -14.68 -1.73
N ILE K 346 -33.83 -14.56 -0.41
CA ILE K 346 -33.64 -13.25 0.20
C ILE K 346 -32.29 -12.63 -0.19
N ILE K 347 -31.24 -13.43 -0.26
CA ILE K 347 -29.93 -12.88 -0.62
C ILE K 347 -29.95 -12.22 -2.00
N HIS K 348 -30.77 -12.76 -2.91
CA HIS K 348 -30.86 -12.19 -4.25
C HIS K 348 -31.42 -10.78 -4.23
N TYR K 349 -32.57 -10.58 -3.59
CA TYR K 349 -33.11 -9.24 -3.51
C TYR K 349 -32.24 -8.34 -2.65
N TYR K 350 -31.67 -8.88 -1.57
CA TYR K 350 -30.78 -8.09 -0.72
C TYR K 350 -29.64 -7.51 -1.54
N HIS K 351 -29.21 -8.22 -2.57
CA HIS K 351 -28.21 -7.63 -3.47
C HIS K 351 -28.86 -6.64 -4.44
N ARG K 352 -29.94 -7.06 -5.11
CA ARG K 352 -30.57 -6.19 -6.10
C ARG K 352 -31.24 -4.96 -5.49
N HIS K 353 -31.94 -5.12 -4.38
CA HIS K 353 -32.71 -4.03 -3.78
C HIS K 353 -32.63 -4.09 -2.26
N PRO K 354 -31.46 -3.75 -1.70
CA PRO K 354 -31.32 -3.87 -0.25
C PRO K 354 -32.37 -3.06 0.49
N VAL K 355 -32.67 -1.85 0.03
CA VAL K 355 -33.73 -1.02 0.61
C VAL K 355 -35.02 -1.82 0.78
N TYR K 356 -35.66 -2.17 -0.33
CA TYR K 356 -36.90 -2.94 -0.28
C TYR K 356 -36.73 -4.27 0.45
N THR K 357 -35.57 -4.91 0.33
CA THR K 357 -35.36 -6.17 1.02
C THR K 357 -35.49 -5.99 2.53
N VAL K 358 -34.80 -4.98 3.07
CA VAL K 358 -34.90 -4.67 4.50
C VAL K 358 -36.33 -4.30 4.85
N ILE K 359 -36.97 -3.49 4.01
CA ILE K 359 -38.36 -3.12 4.25
C ILE K 359 -39.25 -4.35 4.39
N VAL K 360 -39.19 -5.27 3.45
CA VAL K 360 -40.06 -6.43 3.54
C VAL K 360 -39.60 -7.41 4.61
N LEU K 361 -38.34 -7.33 5.06
CA LEU K 361 -37.93 -8.18 6.16
C LEU K 361 -38.53 -7.66 7.46
N CYS K 362 -38.43 -6.35 7.68
CA CYS K 362 -39.08 -5.76 8.83
C CYS K 362 -40.58 -5.95 8.75
N GLY K 363 -41.13 -5.96 7.53
CA GLY K 363 -42.55 -6.21 7.35
C GLY K 363 -42.95 -7.60 7.80
N VAL K 364 -42.16 -8.60 7.43
CA VAL K 364 -42.41 -9.97 7.89
C VAL K 364 -42.26 -10.06 9.41
N ALA K 365 -41.26 -9.39 9.97
CA ALA K 365 -41.08 -9.40 11.41
C ALA K 365 -42.28 -8.75 12.10
N LEU K 366 -42.76 -7.64 11.54
CA LEU K 366 -43.96 -6.97 12.04
C LEU K 366 -45.16 -7.90 11.97
N ALA K 367 -45.29 -8.64 10.88
CA ALA K 367 -46.39 -9.59 10.72
C ALA K 367 -46.33 -10.67 11.79
N ILE K 368 -45.15 -11.22 12.03
CA ILE K 368 -44.96 -12.22 13.08
C ILE K 368 -45.33 -11.67 14.44
N LEU K 369 -44.83 -10.47 14.76
CA LEU K 369 -45.09 -9.88 16.07
C LEU K 369 -46.56 -9.56 16.27
N VAL K 370 -47.20 -8.91 15.29
CA VAL K 370 -48.62 -8.59 15.43
C VAL K 370 -49.47 -9.86 15.49
N GLY K 371 -49.12 -10.87 14.70
CA GLY K 371 -49.88 -12.12 14.76
C GLY K 371 -49.78 -12.78 16.12
N THR K 372 -48.57 -12.97 16.61
CA THR K 372 -48.40 -13.55 17.94
C THR K 372 -49.05 -12.67 18.99
N ALA K 373 -49.02 -11.34 18.82
CA ALA K 373 -49.68 -10.46 19.76
C ALA K 373 -51.18 -10.71 19.77
N SER K 374 -51.77 -10.96 18.60
CA SER K 374 -53.19 -11.30 18.56
C SER K 374 -53.46 -12.61 19.29
N SER K 375 -52.59 -13.60 19.10
CA SER K 375 -52.75 -14.86 19.82
C SER K 375 -52.62 -14.66 21.32
N ALA K 376 -51.68 -13.82 21.74
CA ALA K 376 -51.51 -13.51 23.15
C ALA K 376 -52.70 -12.76 23.70
N ALA K 377 -53.30 -11.89 22.89
CA ALA K 377 -54.53 -11.22 23.30
C ALA K 377 -55.66 -12.22 23.50
N CYS K 378 -55.73 -13.23 22.62
CA CYS K 378 -56.73 -14.28 22.80
C CYS K 378 -56.50 -15.05 24.09
N ILE K 379 -55.26 -15.45 24.35
CA ILE K 379 -54.94 -16.20 25.56
C ILE K 379 -55.22 -15.38 26.82
N ALA K 380 -54.64 -14.19 26.91
CA ALA K 380 -54.78 -13.35 28.10
C ALA K 380 -56.16 -12.72 28.26
N LYS K 381 -56.95 -12.61 27.18
CA LYS K 381 -58.27 -12.00 27.28
C LYS K 381 -59.38 -12.94 26.88
N ALA K 382 -59.38 -13.48 25.66
CA ALA K 382 -60.46 -14.36 25.24
C ALA K 382 -60.51 -15.63 26.08
N ARG K 383 -59.45 -16.43 26.07
CA ARG K 383 -59.46 -17.64 26.89
C ARG K 383 -59.61 -17.31 28.36
N ARG K 384 -58.92 -16.27 28.83
CA ARG K 384 -59.01 -15.90 30.24
C ARG K 384 -60.44 -15.59 30.65
N ASP K 385 -61.20 -14.92 29.78
CA ASP K 385 -62.58 -14.62 30.15
C ASP K 385 -63.50 -15.80 29.86
N CYS K 386 -63.07 -16.76 29.05
CA CYS K 386 -63.80 -18.02 28.92
C CYS K 386 -63.62 -18.86 30.16
N LEU K 387 -62.50 -18.66 30.86
CA LEU K 387 -62.16 -19.36 32.09
C LEU K 387 -62.83 -18.74 33.31
N THR K 388 -62.95 -17.42 33.35
CA THR K 388 -63.54 -16.79 34.53
C THR K 388 -64.93 -17.32 34.90
N PRO K 389 -65.81 -17.74 33.97
CA PRO K 389 -67.08 -18.31 34.44
C PRO K 389 -66.90 -19.66 35.10
N TYR K 390 -65.70 -20.21 35.06
CA TYR K 390 -65.36 -21.49 35.67
C TYR K 390 -64.19 -21.35 36.63
N ALA K 391 -63.76 -20.13 36.91
CA ALA K 391 -62.64 -19.92 37.82
C ALA K 391 -63.05 -20.10 39.27
N LEU K 392 -64.34 -20.31 39.51
CA LEU K 392 -64.88 -20.47 40.85
C LEU K 392 -65.72 -21.74 40.98
N ALA K 393 -66.12 -22.36 39.87
CA ALA K 393 -66.94 -23.54 39.85
C ALA K 393 -66.28 -24.75 40.50
N PRO K 394 -67.07 -25.72 40.93
CA PRO K 394 -66.51 -26.94 41.55
C PRO K 394 -66.01 -27.95 40.54
N ASN K 395 -64.92 -28.63 40.93
CA ASN K 395 -64.28 -29.70 40.18
C ASN K 395 -64.10 -29.45 38.68
N ALA K 396 -63.71 -28.23 38.33
CA ALA K 396 -63.58 -27.80 36.93
C ALA K 396 -64.73 -28.31 36.08
N THR K 397 -65.95 -28.05 36.56
CA THR K 397 -67.14 -28.53 35.86
C THR K 397 -67.30 -27.64 34.65
N VAL K 398 -66.72 -28.08 33.54
CA VAL K 398 -66.77 -27.35 32.28
C VAL K 398 -67.34 -28.30 31.22
N GLU L 1 -74.22 -14.12 61.56
CA GLU L 1 -72.78 -14.25 61.67
C GLU L 1 -72.14 -14.23 60.29
N SER L 2 -71.07 -13.45 60.14
CA SER L 2 -70.35 -13.39 58.87
C SER L 2 -68.93 -12.87 59.05
N ASP L 3 -68.27 -13.29 60.14
CA ASP L 3 -66.94 -12.77 60.48
C ASP L 3 -65.87 -13.27 59.53
N LYS L 4 -66.17 -14.26 58.69
CA LYS L 4 -65.24 -14.76 57.68
C LYS L 4 -65.26 -13.88 56.43
N THR L 5 -65.55 -12.59 56.60
CA THR L 5 -65.66 -11.64 55.50
C THR L 5 -64.82 -10.42 55.84
N PHE L 6 -64.33 -9.74 54.81
CA PHE L 6 -63.36 -8.68 55.07
C PHE L 6 -63.56 -7.47 54.18
N PRO L 7 -63.80 -6.31 54.78
CA PRO L 7 -63.94 -5.07 53.99
C PRO L 7 -62.59 -4.55 53.51
N ILE L 8 -62.67 -3.68 52.52
CA ILE L 8 -61.51 -3.01 51.96
C ILE L 8 -61.37 -1.65 52.63
N MET L 9 -60.16 -1.33 53.10
CA MET L 9 -59.89 -0.06 53.76
C MET L 9 -59.23 0.90 52.78
N LEU L 10 -60.01 1.86 52.29
CA LEU L 10 -59.52 2.91 51.40
C LEU L 10 -59.54 4.22 52.17
N ASN L 11 -58.36 4.78 52.43
CA ASN L 11 -58.24 6.00 53.21
C ASN L 11 -58.97 5.86 54.54
N GLY L 12 -58.92 4.66 55.11
CA GLY L 12 -59.64 4.37 56.33
C GLY L 12 -61.15 4.35 56.16
N GLN L 13 -61.62 4.05 54.95
CA GLN L 13 -63.05 4.02 54.66
C GLN L 13 -63.44 2.65 54.13
N VAL L 14 -64.54 2.11 54.64
CA VAL L 14 -65.04 0.82 54.21
C VAL L 14 -65.86 1.00 52.95
N ASN L 15 -65.22 1.44 51.88
CA ASN L 15 -65.93 1.66 50.62
C ASN L 15 -66.40 0.37 49.97
N GLY L 16 -65.99 -0.78 50.49
CA GLY L 16 -66.46 -2.05 49.97
C GLY L 16 -66.01 -3.19 50.85
N TYR L 17 -66.46 -4.38 50.47
CA TYR L 17 -66.12 -5.61 51.19
C TYR L 17 -65.63 -6.66 50.22
N ALA L 18 -65.10 -7.75 50.78
CA ALA L 18 -64.62 -8.89 50.03
C ALA L 18 -64.97 -10.14 50.80
N CYS L 19 -65.04 -11.26 50.09
CA CYS L 19 -65.33 -12.53 50.72
C CYS L 19 -64.42 -13.61 50.15
N VAL L 20 -64.04 -14.54 51.01
CA VAL L 20 -63.22 -15.68 50.62
C VAL L 20 -64.18 -16.83 50.33
N VAL L 21 -64.41 -17.09 49.04
CA VAL L 21 -65.32 -18.14 48.59
C VAL L 21 -64.53 -19.17 47.82
N GLY L 22 -64.73 -20.44 48.15
CA GLY L 22 -64.02 -21.55 47.54
C GLY L 22 -62.51 -21.44 47.57
N GLY L 23 -61.99 -20.73 48.56
CA GLY L 23 -60.57 -20.53 48.69
C GLY L 23 -60.00 -19.43 47.83
N ARG L 24 -60.85 -18.71 47.11
CA ARG L 24 -60.44 -17.55 46.32
C ARG L 24 -61.01 -16.30 46.97
N LEU L 25 -60.18 -15.30 47.15
CA LEU L 25 -60.64 -14.02 47.66
C LEU L 25 -61.27 -13.24 46.51
N MET L 26 -62.50 -12.78 46.70
CA MET L 26 -63.15 -11.97 45.70
C MET L 26 -63.60 -10.64 46.29
N LYS L 27 -63.31 -9.57 45.58
CA LYS L 27 -63.71 -8.22 45.91
C LYS L 27 -64.15 -7.53 44.63
N PRO L 28 -65.08 -6.59 44.72
CA PRO L 28 -65.43 -5.81 43.54
C PRO L 28 -64.20 -5.08 43.02
N LEU L 29 -64.09 -4.99 41.70
CA LEU L 29 -62.97 -4.26 41.12
C LEU L 29 -63.15 -2.76 41.33
N HIS L 30 -64.40 -2.28 41.19
CA HIS L 30 -64.68 -0.87 41.36
C HIS L 30 -64.32 -0.36 42.75
N VAL L 31 -64.35 -1.22 43.76
CA VAL L 31 -63.99 -0.80 45.11
C VAL L 31 -62.49 -0.56 45.20
N GLU L 32 -62.10 0.70 45.06
CA GLU L 32 -60.71 1.10 45.20
C GLU L 32 -60.25 0.92 46.64
N GLY L 33 -58.94 0.79 46.80
CA GLY L 33 -58.31 0.67 48.10
C GLY L 33 -57.79 -0.73 48.40
N LYS L 34 -57.10 -0.80 49.53
CA LYS L 34 -56.45 -2.02 50.01
C LYS L 34 -57.33 -2.78 50.98
N ILE L 35 -57.32 -4.11 50.85
CA ILE L 35 -58.06 -4.95 51.79
C ILE L 35 -57.48 -4.81 53.20
N ASP L 36 -58.34 -5.03 54.18
CA ASP L 36 -57.97 -4.97 55.60
C ASP L 36 -56.80 -5.88 55.94
N ASN L 37 -56.98 -7.20 55.78
CA ASN L 37 -55.95 -8.15 56.19
C ASN L 37 -54.72 -8.12 55.30
N GLU L 38 -53.56 -8.00 55.94
CA GLU L 38 -52.28 -7.88 55.24
C GLU L 38 -51.91 -9.15 54.48
N GLN L 39 -52.28 -10.31 55.00
CA GLN L 39 -51.98 -11.56 54.30
C GLN L 39 -52.85 -11.70 53.07
N LEU L 40 -54.11 -11.30 53.16
CA LEU L 40 -54.98 -11.30 52.00
C LEU L 40 -54.48 -10.30 50.96
N ALA L 41 -54.01 -9.14 51.41
CA ALA L 41 -53.48 -8.13 50.50
C ALA L 41 -52.26 -8.62 49.74
N ALA L 42 -51.56 -9.63 50.24
CA ALA L 42 -50.41 -10.16 49.51
C ALA L 42 -50.85 -10.91 48.27
N VAL L 43 -52.11 -11.30 48.19
CA VAL L 43 -52.62 -11.98 47.00
C VAL L 43 -52.68 -10.99 45.84
N LYS L 44 -52.09 -11.37 44.71
CA LYS L 44 -52.17 -10.57 43.49
C LYS L 44 -53.40 -11.03 42.74
N LEU L 45 -54.53 -10.39 43.05
CA LEU L 45 -55.82 -10.75 42.47
C LEU L 45 -55.80 -10.64 40.95
N LYS L 46 -56.61 -11.49 40.32
CA LYS L 46 -56.81 -11.52 38.88
C LYS L 46 -58.21 -10.99 38.62
N LYS L 47 -58.31 -9.96 37.79
CA LYS L 47 -59.57 -9.28 37.53
C LYS L 47 -60.35 -9.91 36.38
N ALA L 48 -61.68 -9.72 36.44
CA ALA L 48 -62.66 -10.17 35.45
C ALA L 48 -63.62 -8.99 35.28
N SER L 49 -63.17 -8.00 34.51
CA SER L 49 -63.88 -6.72 34.38
C SER L 49 -65.32 -6.89 33.91
N MET L 50 -65.63 -7.94 33.15
CA MET L 50 -67.02 -8.12 32.76
C MET L 50 -67.92 -8.35 33.96
N TYR L 51 -67.37 -8.92 35.03
CA TYR L 51 -68.09 -9.09 36.28
C TYR L 51 -67.91 -7.93 37.25
N ASP L 52 -67.02 -6.99 36.94
CA ASP L 52 -66.62 -5.95 37.90
C ASP L 52 -66.11 -6.64 39.17
N LEU L 53 -65.30 -7.66 38.96
CA LEU L 53 -64.81 -8.51 40.03
C LEU L 53 -63.37 -8.88 39.73
N GLU L 54 -62.64 -9.19 40.80
CA GLU L 54 -61.28 -9.68 40.70
C GLU L 54 -61.09 -10.80 41.70
N TYR L 55 -60.36 -11.83 41.30
CA TYR L 55 -60.24 -13.03 42.10
C TYR L 55 -58.79 -13.48 42.18
N GLY L 56 -58.52 -14.29 43.20
CA GLY L 56 -57.20 -14.87 43.37
C GLY L 56 -57.18 -15.87 44.50
N ASP L 57 -56.32 -16.89 44.36
CA ASP L 57 -56.20 -17.90 45.40
C ASP L 57 -55.74 -17.28 46.71
N VAL L 58 -56.48 -17.53 47.77
CA VAL L 58 -56.07 -17.07 49.09
C VAL L 58 -54.85 -17.89 49.48
N PRO L 59 -53.95 -17.38 50.31
CA PRO L 59 -52.77 -18.17 50.66
C PRO L 59 -53.14 -19.44 51.42
N GLN L 60 -52.20 -20.37 51.42
CA GLN L 60 -52.38 -21.72 51.93
C GLN L 60 -52.69 -21.79 53.42
N ASN L 61 -52.65 -20.69 54.15
CA ASN L 61 -52.94 -20.75 55.58
C ASN L 61 -54.41 -20.57 55.95
N MET L 62 -55.30 -20.20 55.03
CA MET L 62 -56.69 -20.03 55.44
C MET L 62 -57.71 -20.50 54.41
N LYS L 63 -57.29 -21.19 53.35
CA LYS L 63 -58.27 -21.66 52.38
C LYS L 63 -59.30 -22.61 53.00
N SER L 64 -58.97 -23.24 54.12
CA SER L 64 -59.96 -24.04 54.83
C SER L 64 -61.11 -23.17 55.35
N ASP L 65 -60.82 -21.92 55.68
CA ASP L 65 -61.77 -20.99 56.27
C ASP L 65 -62.74 -20.37 55.26
N THR L 66 -62.63 -20.72 53.99
CA THR L 66 -63.45 -20.10 52.96
C THR L 66 -64.94 -20.44 53.12
N LEU L 67 -65.77 -19.51 52.68
CA LEU L 67 -67.21 -19.74 52.60
C LEU L 67 -67.55 -20.63 51.43
N GLN L 68 -68.54 -21.50 51.62
CA GLN L 68 -68.99 -22.39 50.56
C GLN L 68 -69.99 -21.65 49.67
N TYR L 69 -69.71 -21.59 48.36
CA TYR L 69 -70.67 -21.00 47.44
C TYR L 69 -71.86 -21.93 47.28
N THR L 70 -73.00 -21.36 46.92
CA THR L 70 -74.23 -22.12 46.85
C THR L 70 -74.85 -22.03 45.47
N SER L 71 -75.07 -23.18 44.84
CA SER L 71 -75.69 -23.22 43.54
C SER L 71 -77.19 -22.93 43.65
N ASP L 72 -77.87 -23.67 44.51
CA ASP L 72 -79.32 -23.55 44.65
C ASP L 72 -79.71 -22.17 45.12
N LYS L 73 -80.75 -21.62 44.49
CA LYS L 73 -81.26 -20.29 44.80
C LYS L 73 -82.78 -20.31 44.72
N PRO L 74 -83.42 -21.12 45.56
CA PRO L 74 -84.88 -21.14 45.56
C PRO L 74 -85.43 -19.78 45.99
N PRO L 75 -86.61 -19.42 45.51
CA PRO L 75 -87.20 -18.14 45.91
C PRO L 75 -87.52 -18.11 47.39
N GLY L 76 -87.13 -17.02 48.03
CA GLY L 76 -87.31 -16.88 49.47
C GLY L 76 -86.41 -15.78 50.01
N PHE L 77 -86.23 -15.79 51.32
CA PHE L 77 -85.47 -14.77 52.02
C PHE L 77 -84.07 -15.29 52.33
N TYR L 78 -83.07 -14.47 52.03
CA TYR L 78 -81.67 -14.82 52.20
C TYR L 78 -80.99 -13.87 53.18
N ASN L 79 -80.12 -14.43 54.01
CA ASN L 79 -79.43 -13.65 55.02
C ASN L 79 -78.44 -12.69 54.38
N TRP L 80 -78.17 -11.60 55.09
CA TRP L 80 -77.24 -10.56 54.66
C TRP L 80 -76.57 -9.98 55.90
N HIS L 81 -75.89 -8.84 55.72
CA HIS L 81 -75.36 -8.11 56.86
C HIS L 81 -76.43 -7.19 57.44
N HIS L 82 -77.17 -6.52 56.55
CA HIS L 82 -78.29 -5.67 56.94
C HIS L 82 -79.55 -6.53 57.02
N GLY L 83 -79.54 -7.43 58.01
CA GLY L 83 -80.64 -8.34 58.23
C GLY L 83 -80.76 -9.44 57.18
N ALA L 84 -81.83 -9.42 56.40
CA ALA L 84 -82.03 -10.43 55.38
C ALA L 84 -82.73 -9.78 54.19
N VAL L 85 -82.60 -10.41 53.03
CA VAL L 85 -83.12 -9.87 51.78
C VAL L 85 -83.98 -10.90 51.08
N GLN L 86 -85.05 -10.44 50.44
CA GLN L 86 -85.90 -11.30 49.63
C GLN L 86 -85.27 -11.53 48.27
N TYR L 87 -85.49 -12.72 47.72
CA TYR L 87 -85.12 -13.04 46.35
C TYR L 87 -86.40 -13.33 45.58
N GLU L 88 -86.62 -12.59 44.49
CA GLU L 88 -87.86 -12.70 43.74
C GLU L 88 -87.62 -12.52 42.25
N ASN L 89 -88.34 -13.31 41.46
CA ASN L 89 -88.27 -13.28 40.00
C ASN L 89 -86.84 -13.36 39.48
N GLY L 90 -85.98 -14.04 40.24
CA GLY L 90 -84.59 -14.17 39.89
C GLY L 90 -83.69 -13.06 40.36
N ARG L 91 -84.22 -12.06 41.06
CA ARG L 91 -83.41 -10.96 41.54
C ARG L 91 -83.59 -10.77 43.03
N PHE L 92 -82.52 -10.39 43.72
CA PHE L 92 -82.60 -10.04 45.12
C PHE L 92 -83.25 -8.68 45.25
N THR L 93 -84.23 -8.56 46.14
CA THR L 93 -84.96 -7.33 46.31
C THR L 93 -84.93 -6.97 47.78
N VAL L 94 -84.84 -5.67 48.05
CA VAL L 94 -84.53 -5.16 49.38
C VAL L 94 -85.41 -3.95 49.66
N PRO L 95 -85.67 -3.68 50.95
CA PRO L 95 -86.46 -2.49 51.29
C PRO L 95 -85.93 -1.25 50.60
N ARG L 96 -86.86 -0.39 50.19
CA ARG L 96 -86.53 0.78 49.40
C ARG L 96 -85.58 1.74 50.12
N GLY L 97 -84.39 1.89 49.53
CA GLY L 97 -83.34 2.78 49.99
C GLY L 97 -82.50 2.32 51.16
N VAL L 98 -82.70 1.11 51.68
CA VAL L 98 -81.83 0.63 52.73
C VAL L 98 -80.59 0.00 52.09
N GLY L 99 -79.43 0.26 52.69
CA GLY L 99 -78.18 -0.15 52.06
C GLY L 99 -77.80 0.78 50.93
N GLY L 100 -76.51 0.88 50.62
CA GLY L 100 -76.08 1.79 49.59
C GLY L 100 -74.57 1.72 49.38
N LYS L 101 -74.03 2.82 48.87
CA LYS L 101 -72.59 2.92 48.60
C LYS L 101 -71.78 2.42 49.79
N GLY L 102 -70.77 1.61 49.49
CA GLY L 102 -69.92 1.01 50.49
C GLY L 102 -70.28 -0.43 50.81
N ASP L 103 -71.50 -0.84 50.46
CA ASP L 103 -71.97 -2.20 50.73
C ASP L 103 -71.53 -3.20 49.67
N SER L 104 -71.00 -2.74 48.55
CA SER L 104 -70.50 -3.65 47.52
C SER L 104 -69.50 -4.63 48.10
N GLY L 105 -69.56 -5.87 47.65
CA GLY L 105 -68.70 -6.91 48.16
C GLY L 105 -69.23 -7.60 49.38
N ARG L 106 -70.36 -7.15 49.92
CA ARG L 106 -70.98 -7.84 51.03
C ARG L 106 -71.61 -9.13 50.52
N PRO L 107 -71.31 -10.27 51.14
CA PRO L 107 -71.91 -11.53 50.70
C PRO L 107 -73.33 -11.69 51.21
N ILE L 108 -74.11 -12.46 50.46
CA ILE L 108 -75.47 -12.83 50.84
C ILE L 108 -75.39 -14.27 51.31
N LEU L 109 -76.00 -14.57 52.44
CA LEU L 109 -75.83 -15.87 53.06
C LEU L 109 -77.07 -16.76 52.95
N ASP L 110 -76.83 -17.97 52.47
CA ASP L 110 -77.81 -19.05 52.55
C ASP L 110 -78.12 -19.29 54.03
N ASN L 111 -79.42 -19.46 54.33
CA ASN L 111 -79.82 -19.72 55.71
C ASN L 111 -79.04 -20.89 56.30
N ARG L 112 -78.57 -21.81 55.48
CA ARG L 112 -77.76 -22.92 55.95
C ARG L 112 -76.35 -22.51 56.35
N GLY L 113 -75.99 -21.25 56.14
CA GLY L 113 -74.67 -20.74 56.47
C GLY L 113 -73.69 -20.84 55.32
N ARG L 114 -74.17 -20.54 54.13
CA ARG L 114 -73.40 -20.59 52.89
C ARG L 114 -73.63 -19.30 52.13
N VAL L 115 -72.74 -18.96 51.20
CA VAL L 115 -72.87 -17.74 50.43
C VAL L 115 -73.50 -18.06 49.09
N VAL L 116 -74.55 -17.30 48.74
CA VAL L 116 -75.26 -17.51 47.50
C VAL L 116 -74.86 -16.49 46.43
N ALA L 117 -74.48 -15.30 46.87
CA ALA L 117 -74.14 -14.25 45.91
C ALA L 117 -73.38 -13.15 46.62
N ILE L 118 -72.77 -12.29 45.82
CA ILE L 118 -72.07 -11.09 46.32
C ILE L 118 -72.69 -9.90 45.61
N VAL L 119 -73.06 -8.89 46.38
CA VAL L 119 -73.75 -7.72 45.86
C VAL L 119 -72.77 -6.69 45.30
N LEU L 120 -73.17 -6.08 44.18
CA LEU L 120 -72.45 -4.97 43.55
C LEU L 120 -73.09 -3.62 43.86
N GLY L 121 -74.41 -3.56 43.89
CA GLY L 121 -75.13 -2.33 44.21
C GLY L 121 -76.63 -2.54 44.09
N GLY L 122 -77.35 -1.58 43.52
CA GLY L 122 -78.78 -1.74 43.39
C GLY L 122 -79.41 -0.73 42.46
N ALA L 123 -80.71 -0.53 42.66
CA ALA L 123 -81.51 0.44 41.92
C ALA L 123 -82.89 0.49 42.58
N ASN L 124 -83.66 1.51 42.25
CA ASN L 124 -85.06 1.56 42.66
C ASN L 124 -85.96 1.93 41.48
N GLU L 125 -87.03 1.16 41.30
CA GLU L 125 -88.03 1.50 40.29
C GLU L 125 -89.01 2.51 40.87
N GLY L 126 -89.19 2.47 42.18
CA GLY L 126 -90.07 3.32 42.94
C GLY L 126 -90.76 2.53 44.04
N THR L 127 -91.07 1.27 43.76
CA THR L 127 -91.72 0.41 44.72
C THR L 127 -90.73 -0.32 45.63
N ARG L 128 -89.67 -0.88 45.06
CA ARG L 128 -88.69 -1.66 45.80
C ARG L 128 -87.30 -1.48 45.22
N THR L 129 -86.31 -1.72 46.07
CA THR L 129 -84.91 -1.75 45.64
C THR L 129 -84.59 -3.09 44.99
N ALA L 130 -83.96 -3.04 43.82
CA ALA L 130 -83.49 -4.24 43.14
C ALA L 130 -81.97 -4.25 43.21
N LEU L 131 -81.40 -5.37 43.65
CA LEU L 131 -79.96 -5.49 43.78
C LEU L 131 -79.29 -6.02 42.53
N SER L 132 -78.05 -5.62 42.34
CA SER L 132 -77.18 -6.17 41.31
C SER L 132 -76.25 -7.15 42.02
N VAL L 133 -76.08 -8.33 41.44
CA VAL L 133 -75.37 -9.40 42.15
C VAL L 133 -74.66 -10.30 41.15
N VAL L 134 -73.58 -10.90 41.62
CA VAL L 134 -72.94 -11.99 40.91
C VAL L 134 -73.62 -13.27 41.35
N THR L 135 -73.89 -14.17 40.41
CA THR L 135 -74.71 -15.34 40.68
C THR L 135 -74.09 -16.57 40.04
N TRP L 136 -74.77 -17.69 40.23
CA TRP L 136 -74.32 -18.97 39.72
C TRP L 136 -75.54 -19.71 39.18
N ASN L 137 -75.50 -20.06 37.90
CA ASN L 137 -76.60 -20.83 37.35
C ASN L 137 -76.62 -22.21 38.00
N GLN L 138 -77.79 -22.84 37.96
CA GLN L 138 -77.94 -24.20 38.49
C GLN L 138 -76.82 -25.10 38.00
N LYS L 139 -76.42 -24.96 36.74
CA LYS L 139 -75.31 -25.73 36.21
C LYS L 139 -74.03 -25.44 36.97
N GLY L 140 -73.90 -24.23 37.52
CA GLY L 140 -72.75 -23.79 38.27
C GLY L 140 -72.02 -22.66 37.59
N VAL L 141 -72.53 -22.18 36.48
CA VAL L 141 -71.90 -21.10 35.72
C VAL L 141 -72.00 -19.81 36.53
N THR L 142 -70.87 -19.17 36.77
CA THR L 142 -70.90 -17.94 37.53
C THR L 142 -71.32 -16.81 36.61
N ILE L 143 -72.20 -15.93 37.11
CA ILE L 143 -72.84 -14.91 36.31
C ILE L 143 -72.88 -13.63 37.13
N LYS L 144 -73.14 -12.52 36.45
CA LYS L 144 -73.39 -11.23 37.09
C LYS L 144 -74.77 -10.76 36.65
N ASP L 145 -75.52 -10.19 37.59
CA ASP L 145 -76.84 -9.66 37.31
C ASP L 145 -76.94 -8.20 37.70
N THR L 146 -77.57 -7.41 36.84
CA THR L 146 -77.70 -5.98 37.07
C THR L 146 -79.07 -5.50 36.58
N PRO L 147 -79.98 -5.17 37.50
CA PRO L 147 -81.26 -4.58 37.12
C PRO L 147 -81.15 -3.37 36.20
N GLU L 148 -82.27 -2.97 35.61
CA GLU L 148 -82.30 -1.85 34.68
C GLU L 148 -81.91 -0.56 35.40
N GLY L 149 -80.87 0.11 34.89
CA GLY L 149 -80.37 1.31 35.53
C GLY L 149 -79.63 1.03 36.80
N SER L 150 -78.97 -0.12 36.89
CA SER L 150 -78.23 -0.49 38.09
C SER L 150 -77.20 0.55 38.46
N GLU L 151 -77.09 0.83 39.75
CA GLU L 151 -76.05 1.70 40.23
C GLU L 151 -75.09 0.87 41.08
N PRO L 152 -73.79 0.92 40.81
CA PRO L 152 -72.84 0.26 41.70
C PRO L 152 -72.69 1.08 42.97
N TRP L 153 -72.41 0.38 44.06
CA TRP L 153 -72.25 1.05 45.34
C TRP L 153 -70.79 1.29 45.69
N ALA M 1 -22.72 9.67 -43.49
CA ALA M 1 -21.87 9.58 -42.31
C ALA M 1 -20.46 10.07 -42.61
N LYS M 2 -19.69 10.35 -41.55
CA LYS M 2 -18.31 10.77 -41.72
C LYS M 2 -17.39 9.59 -42.01
N CYS M 3 -16.21 9.93 -42.53
CA CYS M 3 -15.23 8.96 -42.97
C CYS M 3 -13.85 9.62 -42.96
N GLU M 4 -12.79 8.92 -43.37
CA GLU M 4 -11.42 9.36 -43.07
C GLU M 4 -11.02 10.79 -43.54
N PRO M 5 -11.39 11.33 -44.73
CA PRO M 5 -11.13 12.72 -45.04
C PRO M 5 -12.23 13.69 -44.56
N SER M 6 -13.28 13.25 -43.85
CA SER M 6 -14.38 14.08 -43.37
C SER M 6 -15.16 14.72 -44.51
N GLN M 7 -15.05 14.19 -45.73
CA GLN M 7 -15.67 14.85 -46.88
C GLN M 7 -16.39 13.83 -47.74
N PHE M 8 -16.72 14.24 -48.96
CA PHE M 8 -17.51 13.50 -49.95
C PHE M 8 -17.00 12.08 -50.24
N GLN M 9 -17.93 11.27 -50.70
CA GLN M 9 -17.70 9.89 -51.11
C GLN M 9 -17.82 9.80 -52.61
N CYS M 10 -16.80 9.25 -53.27
CA CYS M 10 -16.89 9.07 -54.71
C CYS M 10 -17.88 7.96 -55.05
N THR M 11 -18.26 7.91 -56.34
CA THR M 11 -19.26 6.96 -56.81
C THR M 11 -18.90 5.50 -56.53
N ASN M 12 -17.62 5.18 -56.38
CA ASN M 12 -17.22 3.83 -56.02
C ASN M 12 -17.61 3.48 -54.58
N GLY M 13 -18.01 4.47 -53.80
CA GLY M 13 -18.36 4.28 -52.42
C GLY M 13 -17.17 4.39 -51.50
N ARG M 14 -16.22 5.24 -51.84
CA ARG M 14 -15.01 5.48 -51.07
C ARG M 14 -14.93 6.98 -50.83
N CYS M 15 -14.33 7.38 -49.71
CA CYS M 15 -14.25 8.78 -49.28
C CYS M 15 -12.98 9.52 -49.72
N ILE M 16 -13.15 10.79 -50.09
CA ILE M 16 -12.20 11.64 -50.85
C ILE M 16 -12.27 13.09 -50.35
N THR M 17 -11.27 13.93 -50.65
CA THR M 17 -11.30 15.39 -50.37
C THR M 17 -10.63 16.22 -51.46
N LEU M 18 -11.14 17.44 -51.68
CA LEU M 18 -10.59 18.42 -52.62
C LEU M 18 -9.12 18.75 -52.37
N LEU M 19 -8.66 18.72 -51.11
CA LEU M 19 -7.24 18.91 -50.80
C LEU M 19 -6.39 17.76 -51.35
N TRP M 20 -6.80 16.51 -51.10
CA TRP M 20 -6.12 15.34 -51.66
C TRP M 20 -6.29 15.25 -53.17
N LYS M 21 -7.33 15.84 -53.78
CA LYS M 21 -7.48 15.95 -55.24
C LYS M 21 -6.24 16.55 -55.91
N CYS M 22 -5.53 17.44 -55.21
CA CYS M 22 -4.26 18.02 -55.67
C CYS M 22 -3.07 17.69 -54.74
N ASP M 23 -3.06 16.51 -54.11
CA ASP M 23 -1.85 15.97 -53.45
C ASP M 23 -0.84 15.35 -54.46
N GLY M 24 -1.23 15.16 -55.72
CA GLY M 24 -0.42 14.51 -56.76
C GLY M 24 -0.45 12.98 -56.78
N ASP M 25 -1.45 12.35 -56.14
CA ASP M 25 -1.47 10.92 -55.86
C ASP M 25 -2.91 10.36 -55.81
N GLU M 26 -3.36 9.64 -56.83
CA GLU M 26 -4.78 9.33 -57.08
C GLU M 26 -5.52 8.68 -55.90
N ASP M 27 -6.68 9.23 -55.54
CA ASP M 27 -7.49 8.75 -54.40
C ASP M 27 -8.60 7.75 -54.78
N CYS M 28 -9.33 7.94 -55.88
CA CYS M 28 -10.45 7.08 -56.31
C CYS M 28 -10.56 6.94 -57.83
N VAL M 29 -11.20 5.86 -58.28
CA VAL M 29 -11.38 5.49 -59.69
C VAL M 29 -12.18 6.51 -60.50
N ASP M 30 -13.21 7.12 -59.91
CA ASP M 30 -14.10 8.02 -60.63
C ASP M 30 -13.92 9.45 -60.12
N GLY M 31 -13.54 10.36 -61.01
CA GLY M 31 -13.32 11.76 -60.70
C GLY M 31 -12.03 11.98 -59.93
N SER M 32 -12.12 12.73 -58.84
CA SER M 32 -10.99 13.20 -58.04
C SER M 32 -9.82 13.75 -58.89
N ASP M 33 -8.62 13.19 -58.74
CA ASP M 33 -7.32 13.86 -58.94
C ASP M 33 -6.96 14.29 -60.37
N GLU M 34 -7.70 13.84 -61.38
CA GLU M 34 -7.50 14.29 -62.76
C GLU M 34 -8.26 15.60 -63.07
N LYS M 35 -9.29 15.94 -62.27
CA LYS M 35 -10.12 17.14 -62.45
C LYS M 35 -9.51 18.35 -61.72
N ASN M 36 -9.86 19.55 -62.17
CA ASN M 36 -9.12 20.77 -61.85
C ASN M 36 -9.13 21.13 -60.35
N CYS M 37 -7.94 21.42 -59.84
CA CYS M 37 -7.65 22.10 -58.57
C CYS M 37 -6.25 22.74 -58.66
N VAL M 38 -5.93 23.71 -57.79
CA VAL M 38 -4.62 24.39 -57.80
C VAL M 38 -3.51 23.41 -57.40
N LYS M 39 -2.45 23.31 -58.20
CA LYS M 39 -1.50 22.18 -58.13
C LYS M 39 -0.04 22.61 -58.38
N LYS M 40 0.88 21.97 -57.65
CA LYS M 40 2.33 21.93 -57.97
C LYS M 40 2.57 20.90 -59.08
N THR M 41 2.15 21.20 -60.30
CA THR M 41 2.11 20.25 -61.42
C THR M 41 3.45 19.55 -61.67
N CYS M 42 4.56 20.28 -61.62
CA CYS M 42 5.86 19.65 -61.76
C CYS M 42 6.62 19.62 -60.44
N ALA M 43 7.00 18.42 -60.02
CA ALA M 43 7.88 18.24 -58.88
C ALA M 43 9.33 18.41 -59.35
N GLU M 44 10.28 18.35 -58.42
CA GLU M 44 11.68 18.48 -58.81
C GLU M 44 12.11 17.36 -59.74
N SER M 45 11.46 16.20 -59.65
CA SER M 45 11.70 15.05 -60.51
C SER M 45 11.07 15.17 -61.90
N ASP M 46 10.38 16.26 -62.19
CA ASP M 46 9.56 16.35 -63.40
C ASP M 46 10.08 17.41 -64.36
N PHE M 47 9.77 17.22 -65.63
CA PHE M 47 10.16 18.13 -66.70
C PHE M 47 8.92 18.77 -67.32
N VAL M 48 8.94 20.09 -67.46
CA VAL M 48 7.85 20.83 -68.08
C VAL M 48 7.90 20.68 -69.59
N CYS M 49 6.73 20.79 -70.23
CA CYS M 49 6.61 20.81 -71.68
C CYS M 49 5.96 22.13 -72.09
N ASN M 50 6.32 22.59 -73.29
CA ASN M 50 5.92 23.93 -73.73
C ASN M 50 4.41 24.10 -73.86
N ASN M 51 3.67 23.02 -74.14
CA ASN M 51 2.22 23.15 -74.17
C ASN M 51 1.59 23.29 -72.79
N GLY M 52 2.40 23.31 -71.73
CA GLY M 52 1.94 23.40 -70.36
C GLY M 52 1.80 22.07 -69.65
N GLN M 53 2.02 20.96 -70.35
CA GLN M 53 1.99 19.65 -69.74
C GLN M 53 3.19 19.47 -68.82
N CYS M 54 3.04 18.58 -67.84
CA CYS M 54 4.16 18.23 -66.98
C CYS M 54 4.32 16.72 -67.02
N VAL M 55 5.57 16.27 -67.11
CA VAL M 55 5.86 14.84 -67.21
C VAL M 55 7.08 14.51 -66.38
N PRO M 56 7.13 13.27 -65.86
CA PRO M 56 8.34 12.80 -65.17
C PRO M 56 9.57 13.02 -66.02
N SER M 57 10.55 13.75 -65.49
CA SER M 57 11.72 14.16 -66.27
C SER M 57 12.50 12.95 -66.81
N ARG M 58 12.46 11.81 -66.13
CA ARG M 58 13.14 10.63 -66.63
C ARG M 58 12.61 10.18 -67.98
N TRP M 59 11.37 10.54 -68.32
CA TRP M 59 10.80 10.18 -69.61
C TRP M 59 11.38 10.98 -70.77
N LYS M 60 11.99 12.12 -70.50
CA LYS M 60 12.58 12.93 -71.56
C LYS M 60 13.65 12.17 -72.32
N CYS M 61 13.56 12.23 -73.65
CA CYS M 61 14.47 11.53 -74.56
C CYS M 61 14.47 10.03 -74.37
N ASP M 62 13.38 9.45 -73.86
CA ASP M 62 13.35 8.00 -73.69
C ASP M 62 12.93 7.30 -74.99
N GLY M 63 12.36 8.05 -75.92
CA GLY M 63 11.92 7.54 -77.21
C GLY M 63 10.44 7.68 -77.47
N ASP M 64 9.63 8.01 -76.46
CA ASP M 64 8.20 8.14 -76.66
C ASP M 64 7.74 9.57 -76.39
N PRO M 65 6.83 10.11 -77.19
CA PRO M 65 6.30 11.44 -76.90
C PRO M 65 5.34 11.35 -75.73
N ASP M 66 5.86 11.51 -74.51
CA ASP M 66 5.02 11.30 -73.34
C ASP M 66 4.22 12.53 -72.93
N CYS M 67 4.64 13.73 -73.32
CA CYS M 67 3.82 14.91 -73.20
C CYS M 67 3.26 15.21 -74.59
N GLU M 68 2.00 15.67 -74.62
CA GLU M 68 1.27 15.78 -75.87
C GLU M 68 1.85 16.78 -76.86
N ASP M 69 2.79 17.64 -76.45
CA ASP M 69 3.43 18.49 -77.45
C ASP M 69 4.72 17.90 -78.00
N GLY M 70 5.17 16.78 -77.44
CA GLY M 70 6.40 16.14 -77.88
C GLY M 70 7.68 16.84 -77.49
N SER M 71 7.61 17.86 -76.63
CA SER M 71 8.81 18.59 -76.24
C SER M 71 9.83 17.70 -75.55
N ASP M 72 9.38 16.61 -74.94
CA ASP M 72 10.29 15.66 -74.29
C ASP M 72 11.10 14.83 -75.28
N GLU M 73 10.91 14.99 -76.59
CA GLU M 73 11.66 14.21 -77.56
C GLU M 73 12.36 15.09 -78.59
N SER M 74 12.58 16.36 -78.26
CA SER M 74 13.25 17.29 -79.17
C SER M 74 14.76 17.05 -79.19
N PRO M 75 15.38 17.01 -80.38
CA PRO M 75 16.84 16.88 -80.46
C PRO M 75 17.61 18.01 -79.77
N GLU M 76 16.93 19.03 -79.28
CA GLU M 76 17.58 20.12 -78.55
C GLU M 76 18.35 19.65 -77.33
N GLN M 77 18.06 18.45 -76.84
CA GLN M 77 18.80 17.87 -75.71
C GLN M 77 19.12 16.41 -76.02
N CYS M 78 18.18 15.71 -76.64
CA CYS M 78 18.33 14.29 -76.90
C CYS M 78 19.49 14.05 -77.86
N ALA N 1 16.03 64.49 -2.87
CA ALA N 1 14.96 63.51 -2.78
C ALA N 1 15.53 62.10 -2.61
N LYS N 2 14.68 61.18 -2.17
CA LYS N 2 15.10 59.80 -1.99
C LYS N 2 15.28 59.15 -3.37
N CYS N 3 16.41 58.47 -3.55
CA CYS N 3 16.67 57.72 -4.76
C CYS N 3 17.38 56.43 -4.40
N GLU N 4 17.38 55.49 -5.34
CA GLU N 4 18.05 54.21 -5.14
C GLU N 4 19.53 54.21 -5.54
N PRO N 5 19.94 54.83 -6.66
CA PRO N 5 21.36 54.82 -7.00
C PRO N 5 22.24 55.61 -6.04
N SER N 6 21.70 56.65 -5.41
CA SER N 6 22.44 57.48 -4.46
C SER N 6 23.74 58.04 -5.05
N GLN N 7 23.76 58.33 -6.34
CA GLN N 7 24.97 58.82 -6.99
C GLN N 7 24.68 60.12 -7.73
N PHE N 8 25.61 61.07 -7.64
CA PHE N 8 25.60 62.35 -8.35
C PHE N 8 24.20 62.95 -8.55
N GLN N 9 23.45 63.12 -7.45
CA GLN N 9 22.11 63.70 -7.54
C GLN N 9 22.17 65.13 -8.04
N CYS N 10 21.64 65.36 -9.25
CA CYS N 10 21.65 66.67 -9.85
C CYS N 10 20.64 67.60 -9.18
N THR N 11 20.68 68.87 -9.61
CA THR N 11 19.77 69.88 -9.07
C THR N 11 18.31 69.55 -9.37
N ASN N 12 18.03 68.78 -10.42
CA ASN N 12 16.66 68.34 -10.68
C ASN N 12 16.19 67.26 -9.70
N GLY N 13 17.07 66.80 -8.81
CA GLY N 13 16.72 65.79 -7.85
C GLY N 13 16.91 64.36 -8.28
N ARG N 14 17.52 64.12 -9.45
CA ARG N 14 17.72 62.75 -9.93
C ARG N 14 19.17 62.34 -9.71
N CYS N 15 19.35 61.22 -9.02
CA CYS N 15 20.66 60.65 -8.77
C CYS N 15 21.24 60.16 -10.08
N ILE N 16 22.30 60.82 -10.55
CA ILE N 16 22.98 60.41 -11.77
C ILE N 16 23.88 59.21 -11.47
N THR N 17 23.43 58.02 -11.88
CA THR N 17 24.24 56.81 -11.77
C THR N 17 25.56 57.04 -12.48
N LEU N 18 26.63 56.40 -11.99
CA LEU N 18 27.93 56.56 -12.63
C LEU N 18 27.87 56.23 -14.12
N LEU N 19 27.16 55.16 -14.48
CA LEU N 19 26.93 54.87 -15.89
C LEU N 19 26.16 55.99 -16.56
N TRP N 20 25.04 56.40 -15.94
CA TRP N 20 24.24 57.51 -16.45
C TRP N 20 25.09 58.75 -16.64
N LYS N 21 26.08 58.94 -15.76
CA LYS N 21 27.01 60.06 -15.87
C LYS N 21 27.77 60.02 -17.18
N CYS N 22 27.82 58.84 -17.83
CA CYS N 22 28.47 58.63 -19.11
C CYS N 22 27.55 57.90 -20.08
N ASP N 23 26.24 57.96 -19.85
CA ASP N 23 25.29 57.24 -20.69
C ASP N 23 25.09 57.89 -22.05
N GLY N 24 25.46 59.16 -22.18
CA GLY N 24 25.30 59.92 -23.40
C GLY N 24 23.91 60.48 -23.61
N ASP N 25 22.94 60.07 -22.81
CA ASP N 25 21.59 60.61 -22.85
C ASP N 25 21.48 61.62 -21.73
N GLU N 26 21.83 62.87 -22.02
CA GLU N 26 21.81 63.90 -20.98
C GLU N 26 20.39 64.00 -20.45
N ASP N 27 20.23 63.74 -19.15
CA ASP N 27 18.93 63.62 -18.52
C ASP N 27 18.57 64.83 -17.68
N CYS N 28 19.42 65.18 -16.72
CA CYS N 28 19.16 66.33 -15.87
C CYS N 28 19.23 67.62 -16.68
N VAL N 29 18.68 68.69 -16.12
CA VAL N 29 18.73 69.99 -16.78
C VAL N 29 20.17 70.40 -17.05
N ASP N 30 21.04 70.19 -16.08
CA ASP N 30 22.48 70.36 -16.27
C ASP N 30 23.02 69.17 -17.05
N GLY N 31 23.92 69.45 -17.99
CA GLY N 31 24.56 68.41 -18.78
C GLY N 31 25.47 67.55 -17.93
N SER N 32 24.88 66.93 -16.91
CA SER N 32 25.57 66.17 -15.89
C SER N 32 25.71 64.68 -16.23
N ASP N 33 25.05 64.21 -17.28
CA ASP N 33 25.18 62.84 -17.74
C ASP N 33 26.31 62.65 -18.74
N GLU N 34 27.18 63.64 -18.91
CA GLU N 34 28.34 63.58 -19.79
C GLU N 34 29.55 64.25 -19.13
N LYS N 35 29.70 64.09 -17.82
CA LYS N 35 30.76 64.75 -17.09
C LYS N 35 31.52 63.83 -16.13
N ASN N 36 32.84 64.02 -16.10
CA ASN N 36 33.75 63.39 -15.14
C ASN N 36 33.62 61.87 -15.04
N CYS N 37 33.68 61.19 -16.18
CA CYS N 37 33.64 59.74 -16.14
C CYS N 37 34.25 59.18 -17.43
N VAL N 38 34.64 57.93 -17.36
CA VAL N 38 35.25 57.22 -18.48
C VAL N 38 34.19 56.80 -19.49
N LYS N 39 34.42 57.12 -20.77
CA LYS N 39 33.52 56.69 -21.83
C LYS N 39 34.28 56.63 -23.15
N LYS N 40 33.84 55.73 -24.03
CA LYS N 40 34.28 55.72 -25.41
C LYS N 40 33.61 56.91 -26.09
N THR N 41 34.31 58.04 -26.15
CA THR N 41 33.76 59.30 -26.65
C THR N 41 33.26 59.20 -28.10
N CYS N 42 33.85 58.32 -28.90
CA CYS N 42 33.37 57.91 -30.22
C CYS N 42 32.93 56.44 -30.24
N ALA N 43 31.71 56.17 -30.72
CA ALA N 43 31.20 54.84 -31.01
C ALA N 43 31.62 54.47 -32.43
N GLU N 44 31.20 53.28 -32.88
CA GLU N 44 31.56 52.86 -34.23
C GLU N 44 30.96 53.77 -35.30
N SER N 45 29.94 54.53 -34.94
CA SER N 45 29.30 55.50 -35.82
C SER N 45 29.92 56.89 -35.75
N ASP N 46 30.95 57.14 -34.96
CA ASP N 46 31.37 58.51 -34.60
C ASP N 46 32.81 58.81 -35.05
N PHE N 47 33.10 60.08 -35.37
CA PHE N 47 34.40 60.51 -35.89
C PHE N 47 35.25 61.23 -34.83
N VAL N 48 36.49 60.77 -34.67
CA VAL N 48 37.53 61.39 -33.86
C VAL N 48 38.17 62.58 -34.59
N CYS N 49 37.67 63.79 -34.31
CA CYS N 49 38.35 65.03 -34.69
C CYS N 49 39.76 65.10 -34.06
N ASN N 50 40.74 65.71 -34.76
CA ASN N 50 42.17 65.58 -34.47
C ASN N 50 42.57 65.94 -33.02
N ASN N 51 41.93 66.93 -32.39
CA ASN N 51 42.19 67.30 -30.99
C ASN N 51 41.63 66.34 -29.92
N GLY N 52 40.93 65.27 -30.33
CA GLY N 52 40.27 64.32 -29.42
C GLY N 52 38.77 64.54 -29.24
N GLN N 53 38.19 65.55 -29.89
CA GLN N 53 36.74 65.77 -29.94
C GLN N 53 36.02 64.68 -30.74
N CYS N 54 34.78 64.34 -30.37
CA CYS N 54 33.97 63.31 -31.03
C CYS N 54 32.60 63.82 -31.47
N VAL N 55 32.23 63.50 -32.70
CA VAL N 55 31.04 64.04 -33.40
C VAL N 55 30.45 63.02 -34.39
N PRO N 56 29.21 63.20 -34.88
CA PRO N 56 28.63 62.28 -35.87
C PRO N 56 29.51 62.15 -37.11
N SER N 57 29.84 60.90 -37.45
CA SER N 57 30.75 60.63 -38.56
C SER N 57 30.25 61.24 -39.87
N ARG N 58 28.94 61.36 -40.04
CA ARG N 58 28.40 61.97 -41.26
C ARG N 58 28.92 63.39 -41.45
N TRP N 59 29.20 64.12 -40.37
CA TRP N 59 29.72 65.48 -40.46
C TRP N 59 31.09 65.56 -41.13
N LYS N 60 31.85 64.44 -41.18
CA LYS N 60 33.14 64.45 -41.86
C LYS N 60 33.00 64.70 -43.35
N CYS N 61 33.76 65.62 -43.95
CA CYS N 61 33.84 65.79 -45.41
C CYS N 61 32.47 66.00 -46.08
N ASP N 62 31.72 67.00 -45.62
CA ASP N 62 30.35 67.34 -46.03
C ASP N 62 30.24 68.74 -46.67
N GLY N 63 31.34 69.48 -46.78
CA GLY N 63 31.36 70.86 -47.25
C GLY N 63 30.96 71.91 -46.20
N ASP N 64 30.85 71.58 -44.91
CA ASP N 64 30.28 72.45 -43.88
C ASP N 64 30.83 72.16 -42.48
N PRO N 65 31.82 72.91 -41.94
CA PRO N 65 32.56 72.53 -40.73
C PRO N 65 31.75 72.50 -39.42
N ASP N 66 32.13 71.62 -38.50
CA ASP N 66 31.33 71.29 -37.31
C ASP N 66 32.07 71.25 -35.97
N CYS N 67 33.08 70.39 -35.80
CA CYS N 67 33.83 70.25 -34.54
C CYS N 67 34.80 71.43 -34.33
N GLU N 68 35.16 71.73 -33.09
CA GLU N 68 35.77 73.02 -32.73
C GLU N 68 37.20 73.26 -33.27
N ASP N 69 37.95 72.22 -33.60
CA ASP N 69 39.23 72.33 -34.31
C ASP N 69 39.09 72.31 -35.85
N GLY N 70 37.87 72.16 -36.36
CA GLY N 70 37.55 72.05 -37.79
C GLY N 70 37.94 70.71 -38.43
N SER N 71 38.40 69.72 -37.67
CA SER N 71 38.95 68.47 -38.21
C SER N 71 37.97 67.68 -39.10
N ASP N 72 36.66 67.76 -38.85
CA ASP N 72 35.64 67.13 -39.70
C ASP N 72 35.63 67.68 -41.14
N GLU N 73 36.22 68.84 -41.37
CA GLU N 73 36.11 69.57 -42.64
C GLU N 73 37.42 70.25 -43.06
N SER N 74 38.52 69.93 -42.40
CA SER N 74 39.85 70.25 -42.91
C SER N 74 40.10 69.49 -44.22
N PRO N 75 40.58 70.15 -45.29
CA PRO N 75 40.91 69.49 -46.57
C PRO N 75 41.91 68.35 -46.42
N GLU N 76 42.71 68.37 -45.35
CA GLU N 76 43.62 67.26 -45.10
C GLU N 76 42.86 65.98 -44.80
N GLN N 77 41.66 66.08 -44.22
CA GLN N 77 40.79 64.95 -43.92
C GLN N 77 40.00 64.49 -45.17
N CYS N 78 39.91 65.31 -46.24
CA CYS N 78 39.08 64.98 -47.39
C CYS N 78 39.93 64.88 -48.66
N ALA O 1 41.81 -12.73 -5.16
CA ALA O 1 40.78 -12.76 -4.14
C ALA O 1 39.58 -11.90 -4.54
N LYS O 2 38.45 -12.12 -3.87
CA LYS O 2 37.26 -11.33 -4.12
C LYS O 2 37.55 -9.85 -3.89
N CYS O 3 37.12 -9.01 -4.82
CA CYS O 3 37.41 -7.59 -4.73
C CYS O 3 36.32 -6.80 -5.44
N GLU O 4 36.21 -5.53 -5.04
CA GLU O 4 35.15 -4.66 -5.57
C GLU O 4 35.23 -4.34 -7.06
N PRO O 5 36.40 -4.18 -7.71
CA PRO O 5 36.37 -3.77 -9.11
C PRO O 5 36.02 -4.88 -10.10
N SER O 6 35.95 -6.14 -9.67
CA SER O 6 35.65 -7.26 -10.57
C SER O 6 36.63 -7.35 -11.74
N GLN O 7 37.86 -6.89 -11.56
CA GLN O 7 38.83 -6.89 -12.64
C GLN O 7 40.16 -7.47 -12.14
N PHE O 8 41.00 -7.83 -13.11
CA PHE O 8 42.21 -8.62 -12.90
C PHE O 8 43.14 -8.10 -11.79
N GLN O 9 43.77 -9.05 -11.12
CA GLN O 9 44.80 -8.81 -10.12
C GLN O 9 46.14 -9.28 -10.68
N CYS O 10 47.14 -8.40 -10.64
CA CYS O 10 48.49 -8.76 -11.05
C CYS O 10 49.36 -9.02 -9.83
N THR O 11 50.64 -9.29 -10.07
CA THR O 11 51.58 -9.59 -9.00
C THR O 11 51.72 -8.48 -7.97
N ASN O 12 51.14 -7.30 -8.24
CA ASN O 12 51.13 -6.23 -7.25
C ASN O 12 50.31 -6.57 -6.02
N GLY O 13 49.48 -7.60 -6.10
CA GLY O 13 48.66 -8.02 -4.98
C GLY O 13 47.46 -7.13 -4.75
N ARG O 14 46.98 -6.48 -5.81
CA ARG O 14 45.81 -5.61 -5.77
C ARG O 14 44.99 -5.81 -7.03
N CYS O 15 43.68 -5.72 -6.91
CA CYS O 15 42.85 -5.72 -8.10
C CYS O 15 42.98 -4.36 -8.76
N ILE O 16 43.09 -4.36 -10.09
CA ILE O 16 43.47 -3.18 -10.91
C ILE O 16 42.57 -3.12 -12.14
N THR O 17 42.39 -1.93 -12.72
CA THR O 17 41.52 -1.76 -13.89
C THR O 17 42.13 -2.45 -15.12
N LEU O 18 41.50 -3.51 -15.64
CA LEU O 18 41.96 -4.29 -16.79
C LEU O 18 42.07 -3.45 -18.07
N LEU O 19 41.23 -2.43 -18.24
CA LEU O 19 41.37 -1.47 -19.35
C LEU O 19 42.74 -0.78 -19.34
N TRP O 20 43.37 -0.60 -18.17
CA TRP O 20 44.73 -0.07 -18.08
C TRP O 20 45.77 -0.98 -18.72
N LYS O 21 45.42 -2.22 -19.09
CA LYS O 21 46.31 -3.13 -19.81
C LYS O 21 46.62 -2.66 -21.24
N CYS O 22 45.83 -1.74 -21.81
CA CYS O 22 46.14 -1.04 -23.07
C CYS O 22 45.78 0.46 -23.00
N ASP O 23 46.08 1.13 -21.89
CA ASP O 23 45.97 2.60 -21.75
C ASP O 23 47.23 3.39 -22.19
N GLY O 24 48.28 2.65 -22.56
CA GLY O 24 49.54 3.30 -22.94
C GLY O 24 50.47 3.50 -21.75
N ASP O 25 50.03 3.08 -20.55
CA ASP O 25 50.84 3.30 -19.32
C ASP O 25 51.01 1.97 -18.58
N GLU O 26 52.22 1.67 -18.11
CA GLU O 26 52.42 0.43 -17.30
C GLU O 26 52.08 0.75 -15.84
N ASP O 27 51.00 0.16 -15.32
CA ASP O 27 50.55 0.49 -13.94
C ASP O 27 51.01 -0.59 -12.97
N CYS O 28 50.75 -1.86 -13.30
CA CYS O 28 51.20 -2.98 -12.43
C CYS O 28 52.73 -2.97 -12.33
N VAL O 29 53.29 -3.47 -11.22
CA VAL O 29 54.77 -3.58 -11.11
C VAL O 29 55.25 -4.48 -12.25
N ASP O 30 54.42 -5.44 -12.66
CA ASP O 30 54.76 -6.32 -13.81
C ASP O 30 54.36 -5.60 -15.11
N GLY O 31 55.05 -5.89 -16.21
CA GLY O 31 54.71 -5.29 -17.51
C GLY O 31 53.47 -5.92 -18.12
N SER O 32 52.42 -6.11 -17.30
CA SER O 32 51.18 -6.75 -17.78
C SER O 32 50.42 -5.81 -18.71
N ASP O 33 50.61 -4.50 -18.56
CA ASP O 33 49.82 -3.52 -19.36
C ASP O 33 50.30 -3.49 -20.81
N GLU O 34 50.22 -4.63 -21.52
CA GLU O 34 50.62 -4.74 -22.95
C GLU O 34 50.75 -6.22 -23.29
N LYS O 35 50.10 -7.09 -22.51
CA LYS O 35 50.24 -8.55 -22.69
C LYS O 35 49.10 -9.25 -23.43
N ASN O 36 47.86 -8.76 -23.32
CA ASN O 36 46.66 -9.51 -23.72
C ASN O 36 45.66 -8.72 -24.60
N CYS O 37 46.08 -7.58 -25.16
CA CYS O 37 45.21 -6.66 -25.89
C CYS O 37 45.92 -5.96 -27.06
N VAL O 38 45.15 -5.61 -28.08
CA VAL O 38 45.62 -4.83 -29.23
C VAL O 38 45.82 -3.36 -28.83
N LYS O 39 46.93 -2.77 -29.28
CA LYS O 39 47.40 -1.44 -28.88
C LYS O 39 47.86 -0.64 -30.10
N LYS O 40 47.53 0.66 -30.17
CA LYS O 40 48.30 1.59 -31.01
C LYS O 40 49.65 1.83 -30.34
N THR O 41 50.72 1.24 -30.87
CA THR O 41 52.06 1.51 -30.39
C THR O 41 52.46 2.96 -30.55
N CYS O 42 51.95 3.64 -31.58
CA CYS O 42 52.22 5.06 -31.78
C CYS O 42 50.95 5.90 -31.80
N ALA O 43 50.91 6.91 -30.94
CA ALA O 43 49.90 7.94 -31.00
C ALA O 43 50.32 8.95 -32.06
N GLU O 44 49.45 9.93 -32.33
CA GLU O 44 49.82 10.91 -33.34
C GLU O 44 50.97 11.80 -32.88
N SER O 45 51.37 11.68 -31.61
CA SER O 45 52.53 12.34 -31.04
C SER O 45 53.82 11.56 -31.22
N ASP O 46 53.76 10.35 -31.78
CA ASP O 46 54.87 9.42 -31.78
C ASP O 46 55.39 9.13 -33.18
N PHE O 47 56.67 8.78 -33.26
CA PHE O 47 57.33 8.45 -34.52
C PHE O 47 57.50 6.94 -34.65
N VAL O 48 57.02 6.39 -35.75
CA VAL O 48 57.18 4.97 -36.07
C VAL O 48 58.55 4.73 -36.69
N CYS O 49 59.42 3.99 -35.98
CA CYS O 49 60.60 3.47 -36.65
C CYS O 49 60.11 2.48 -37.70
N ASN O 50 60.79 2.41 -38.84
CA ASN O 50 60.21 1.65 -39.96
C ASN O 50 59.98 0.18 -39.64
N ASN O 51 60.53 -0.35 -38.55
CA ASN O 51 60.22 -1.70 -38.13
C ASN O 51 58.90 -1.81 -37.39
N GLY O 52 58.27 -0.67 -37.08
CA GLY O 52 57.05 -0.62 -36.31
C GLY O 52 57.27 -0.30 -34.85
N GLN O 53 58.52 -0.16 -34.42
CA GLN O 53 58.85 0.26 -33.06
C GLN O 53 58.40 1.70 -32.87
N CYS O 54 58.02 2.04 -31.64
CA CYS O 54 57.50 3.38 -31.42
C CYS O 54 58.23 4.08 -30.28
N VAL O 55 58.51 5.34 -30.52
CA VAL O 55 59.20 6.26 -29.62
C VAL O 55 58.55 7.62 -29.72
N PRO O 56 58.67 8.45 -28.68
CA PRO O 56 58.21 9.84 -28.80
C PRO O 56 58.79 10.46 -30.07
N SER O 57 57.93 11.11 -30.85
CA SER O 57 58.36 11.63 -32.15
C SER O 57 59.48 12.64 -32.01
N ARG O 58 59.58 13.30 -30.85
CA ARG O 58 60.69 14.21 -30.61
C ARG O 58 62.02 13.47 -30.52
N TRP O 59 62.00 12.15 -30.27
CA TRP O 59 63.23 11.36 -30.26
C TRP O 59 63.78 11.13 -31.66
N LYS O 60 62.97 11.32 -32.70
CA LYS O 60 63.44 11.13 -34.06
C LYS O 60 64.39 12.24 -34.48
N CYS O 61 65.54 11.83 -35.02
CA CYS O 61 66.58 12.73 -35.52
C CYS O 61 66.86 13.87 -34.54
N ASP O 62 67.04 13.48 -33.28
CA ASP O 62 67.31 14.45 -32.23
C ASP O 62 68.75 14.43 -31.75
N GLY O 63 69.51 13.38 -32.07
CA GLY O 63 70.89 13.34 -31.68
C GLY O 63 71.40 11.97 -31.28
N ASP O 64 70.53 11.10 -30.78
CA ASP O 64 70.98 9.81 -30.28
C ASP O 64 70.03 8.69 -30.65
N PRO O 65 70.52 7.45 -30.74
CA PRO O 65 69.68 6.34 -31.18
C PRO O 65 68.71 5.92 -30.09
N ASP O 66 67.54 5.44 -30.52
CA ASP O 66 66.49 5.11 -29.58
C ASP O 66 65.93 3.72 -29.84
N CYS O 67 65.45 3.48 -31.06
CA CYS O 67 64.89 2.19 -31.42
C CYS O 67 65.98 1.25 -31.94
N GLU O 68 65.66 -0.05 -31.92
CA GLU O 68 66.60 -1.10 -32.29
C GLU O 68 67.09 -1.04 -33.73
N ASP O 69 66.55 -0.17 -34.57
CA ASP O 69 67.04 -0.04 -35.93
C ASP O 69 67.62 1.33 -36.24
N GLY O 70 67.66 2.23 -35.25
CA GLY O 70 68.20 3.57 -35.45
C GLY O 70 67.40 4.47 -36.35
N SER O 71 66.17 4.10 -36.71
CA SER O 71 65.36 4.95 -37.58
C SER O 71 65.16 6.33 -36.97
N ASP O 72 65.18 6.42 -35.64
CA ASP O 72 65.10 7.68 -34.91
C ASP O 72 66.32 8.57 -35.12
N GLU O 73 67.30 8.12 -35.91
CA GLU O 73 68.46 8.92 -36.26
C GLU O 73 68.79 8.83 -37.75
N SER O 74 67.90 8.28 -38.55
CA SER O 74 68.12 8.14 -39.99
C SER O 74 68.15 9.49 -40.68
N PRO O 75 69.28 9.93 -41.25
CA PRO O 75 69.36 11.23 -41.91
C PRO O 75 68.28 11.43 -42.97
N GLU O 76 68.28 10.54 -43.95
CA GLU O 76 67.28 10.56 -45.02
C GLU O 76 65.85 10.63 -44.49
N GLN O 77 65.60 10.02 -43.33
CA GLN O 77 64.25 10.01 -42.78
C GLN O 77 63.90 11.29 -42.03
N CYS O 78 64.89 12.08 -41.60
CA CYS O 78 64.65 13.27 -40.79
C CYS O 78 63.64 14.21 -41.44
N ALA P 1 59.89 -63.91 23.06
CA ALA P 1 58.87 -63.68 22.04
C ALA P 1 59.52 -63.46 20.68
N LYS P 2 58.70 -63.48 19.62
CA LYS P 2 59.15 -63.27 18.26
C LYS P 2 58.63 -61.95 17.72
N CYS P 3 59.35 -61.42 16.73
CA CYS P 3 58.89 -60.23 16.03
C CYS P 3 57.55 -60.51 15.32
N GLU P 4 56.95 -59.45 14.79
CA GLU P 4 55.62 -59.57 14.20
C GLU P 4 55.46 -60.68 13.17
N PRO P 5 56.44 -61.03 12.33
CA PRO P 5 56.22 -62.16 11.43
C PRO P 5 56.51 -63.52 12.05
N SER P 6 57.03 -63.54 13.28
CA SER P 6 57.43 -64.78 13.96
C SER P 6 58.43 -65.57 13.12
N GLN P 7 59.20 -64.86 12.29
CA GLN P 7 60.13 -65.47 11.34
C GLN P 7 61.48 -64.77 11.43
N PHE P 8 62.47 -65.38 10.77
CA PHE P 8 63.86 -64.96 10.88
C PHE P 8 64.03 -63.45 10.67
N GLN P 9 65.03 -62.91 11.37
CA GLN P 9 65.43 -61.52 11.30
C GLN P 9 66.84 -61.43 10.71
N CYS P 10 67.03 -60.49 9.79
CA CYS P 10 68.38 -60.20 9.31
C CYS P 10 68.99 -59.17 10.25
N THR P 11 70.32 -59.19 10.35
CA THR P 11 70.97 -58.28 11.29
C THR P 11 70.85 -56.81 10.90
N ASN P 12 70.27 -56.48 9.75
CA ASN P 12 70.08 -55.08 9.40
C ASN P 12 69.02 -54.42 10.27
N GLY P 13 68.35 -55.18 11.14
CA GLY P 13 67.36 -54.65 12.05
C GLY P 13 65.93 -54.77 11.58
N ARG P 14 65.63 -55.71 10.70
CA ARG P 14 64.27 -55.93 10.21
C ARG P 14 64.00 -57.42 10.06
N CYS P 15 62.80 -57.85 10.44
CA CYS P 15 62.38 -59.21 10.19
C CYS P 15 61.79 -59.28 8.79
N ILE P 16 61.96 -60.43 8.15
CA ILE P 16 61.52 -60.62 6.77
C ILE P 16 60.65 -61.87 6.67
N THR P 17 59.63 -61.80 5.83
CA THR P 17 58.79 -62.96 5.55
C THR P 17 59.67 -64.06 5.00
N LEU P 18 59.73 -65.18 5.71
CA LEU P 18 60.67 -66.26 5.44
C LEU P 18 60.63 -66.75 3.99
N LEU P 19 59.51 -66.57 3.29
CA LEU P 19 59.47 -66.95 1.88
C LEU P 19 60.55 -66.23 1.07
N TRP P 20 60.87 -64.99 1.43
CA TRP P 20 61.86 -64.22 0.69
C TRP P 20 63.30 -64.69 0.92
N LYS P 21 63.50 -65.66 1.81
CA LYS P 21 64.84 -66.12 2.13
C LYS P 21 65.56 -66.76 0.95
N CYS P 22 64.82 -67.35 0.01
CA CYS P 22 65.49 -68.01 -1.11
C CYS P 22 64.80 -67.65 -2.42
N ASP P 23 64.30 -66.41 -2.50
CA ASP P 23 63.66 -65.90 -3.70
C ASP P 23 64.66 -65.49 -4.77
N GLY P 24 65.94 -65.56 -4.45
CA GLY P 24 67.01 -65.13 -5.32
C GLY P 24 67.36 -63.66 -5.16
N ASP P 25 66.77 -62.98 -4.19
CA ASP P 25 67.04 -61.59 -3.89
C ASP P 25 67.39 -61.50 -2.42
N GLU P 26 68.16 -60.48 -2.05
CA GLU P 26 68.45 -60.23 -0.65
C GLU P 26 67.80 -58.93 -0.24
N ASP P 27 66.92 -59.00 0.76
CA ASP P 27 66.12 -57.86 1.18
C ASP P 27 66.71 -57.12 2.37
N CYS P 28 67.99 -57.36 2.67
CA CYS P 28 68.67 -56.68 3.76
C CYS P 28 70.10 -56.39 3.35
N VAL P 29 70.73 -55.44 4.05
CA VAL P 29 72.13 -55.16 3.79
C VAL P 29 73.02 -56.29 4.25
N ASP P 30 72.56 -57.09 5.21
CA ASP P 30 73.30 -58.23 5.70
C ASP P 30 73.19 -59.41 4.73
N GLY P 31 74.11 -60.35 4.88
CA GLY P 31 74.06 -61.60 4.16
C GLY P 31 72.97 -62.44 4.79
N SER P 32 71.86 -62.62 4.07
CA SER P 32 70.67 -63.23 4.65
C SER P 32 69.92 -64.16 3.71
N ASP P 33 70.06 -64.05 2.40
CA ASP P 33 69.20 -64.84 1.51
C ASP P 33 70.01 -65.85 0.71
N GLU P 34 70.54 -65.43 -0.45
CA GLU P 34 71.28 -66.36 -1.29
C GLU P 34 72.49 -66.96 -0.57
N LYS P 35 72.93 -66.34 0.52
CA LYS P 35 74.03 -66.90 1.30
C LYS P 35 73.64 -68.23 1.93
N ASN P 36 72.34 -68.50 2.04
CA ASN P 36 71.80 -69.72 2.62
C ASN P 36 70.60 -70.16 1.78
N CYS P 37 70.83 -70.33 0.48
CA CYS P 37 69.79 -70.62 -0.49
C CYS P 37 70.37 -71.48 -1.60
N VAL P 38 69.50 -72.20 -2.30
CA VAL P 38 69.89 -73.04 -3.41
C VAL P 38 69.60 -72.29 -4.70
N LYS P 39 70.62 -72.15 -5.55
CA LYS P 39 70.53 -71.39 -6.77
C LYS P 39 70.77 -72.28 -7.98
N LYS P 40 69.80 -72.32 -8.87
CA LYS P 40 69.94 -73.02 -10.14
C LYS P 40 70.86 -72.24 -11.06
N THR P 41 71.15 -72.81 -12.22
CA THR P 41 71.94 -72.06 -13.19
C THR P 41 71.19 -70.80 -13.61
N CYS P 42 71.94 -69.85 -14.15
CA CYS P 42 71.37 -68.56 -14.51
C CYS P 42 70.22 -68.71 -15.50
N ALA P 43 69.34 -67.71 -15.49
CA ALA P 43 68.18 -67.70 -16.37
C ALA P 43 68.59 -67.41 -17.81
N GLU P 44 67.62 -67.53 -18.72
CA GLU P 44 67.87 -67.26 -20.13
C GLU P 44 68.28 -65.81 -20.36
N SER P 45 67.91 -64.91 -19.45
CA SER P 45 68.29 -63.51 -19.50
C SER P 45 69.72 -63.27 -19.05
N ASP P 46 70.42 -64.29 -18.56
CA ASP P 46 71.71 -64.15 -17.91
C ASP P 46 72.75 -64.99 -18.63
N PHE P 47 74.01 -64.76 -18.28
CA PHE P 47 75.14 -65.50 -18.82
C PHE P 47 75.80 -66.34 -17.74
N VAL P 48 76.07 -67.61 -18.08
CA VAL P 48 76.76 -68.53 -17.18
C VAL P 48 78.26 -68.42 -17.38
N CYS P 49 78.94 -67.76 -16.45
CA CYS P 49 80.40 -67.71 -16.52
C CYS P 49 80.96 -69.08 -16.12
N ASN P 50 82.23 -69.31 -16.46
CA ASN P 50 82.80 -70.63 -16.20
C ASN P 50 82.97 -70.88 -14.71
N ASN P 51 83.14 -69.83 -13.91
CA ASN P 51 83.14 -70.03 -12.46
C ASN P 51 81.75 -70.26 -11.91
N GLY P 52 80.71 -70.18 -12.75
CA GLY P 52 79.34 -70.33 -12.36
C GLY P 52 78.63 -69.04 -11.99
N GLN P 53 79.33 -67.90 -12.09
CA GLN P 53 78.73 -66.61 -11.79
C GLN P 53 77.66 -66.27 -12.81
N CYS P 54 76.61 -65.59 -12.37
CA CYS P 54 75.54 -65.14 -13.24
C CYS P 54 75.71 -63.64 -13.46
N VAL P 55 75.67 -63.23 -14.74
CA VAL P 55 75.78 -61.81 -15.08
C VAL P 55 74.76 -61.48 -16.15
N PRO P 56 74.30 -60.23 -16.16
CA PRO P 56 73.38 -59.78 -17.21
C PRO P 56 73.92 -60.08 -18.59
N SER P 57 73.04 -60.58 -19.47
CA SER P 57 73.46 -60.97 -20.80
C SER P 57 74.02 -59.79 -21.59
N ARG P 58 73.37 -58.62 -21.51
CA ARG P 58 73.86 -57.46 -22.24
C ARG P 58 75.28 -57.09 -21.84
N TRP P 59 75.69 -57.42 -20.61
CA TRP P 59 77.05 -57.11 -20.18
C TRP P 59 78.08 -58.05 -20.79
N LYS P 60 77.70 -59.27 -21.15
CA LYS P 60 78.64 -60.19 -21.75
C LYS P 60 79.20 -59.60 -23.04
N CYS P 61 80.50 -59.82 -23.25
CA CYS P 61 81.22 -59.35 -24.43
C CYS P 61 81.12 -57.84 -24.64
N ASP P 62 81.34 -57.09 -23.55
CA ASP P 62 81.26 -55.64 -23.63
C ASP P 62 82.62 -54.97 -23.52
N GLY P 63 83.66 -55.68 -23.08
CA GLY P 63 84.98 -55.14 -22.91
C GLY P 63 85.47 -55.05 -21.47
N ASP P 64 84.62 -55.37 -20.50
CA ASP P 64 84.97 -55.33 -19.08
C ASP P 64 84.66 -56.68 -18.45
N PRO P 65 85.62 -57.35 -17.83
CA PRO P 65 85.29 -58.63 -17.18
C PRO P 65 84.40 -58.34 -16.00
N ASP P 66 83.20 -58.92 -16.02
CA ASP P 66 82.25 -58.67 -14.95
C ASP P 66 82.37 -59.72 -13.85
N CYS P 67 82.19 -60.99 -14.24
CA CYS P 67 82.40 -62.09 -13.31
C CYS P 67 83.88 -62.23 -12.98
N GLU P 68 84.16 -62.69 -11.76
CA GLU P 68 85.52 -62.81 -11.28
C GLU P 68 86.38 -63.65 -12.22
N ASP P 69 85.82 -64.71 -12.79
CA ASP P 69 86.58 -65.52 -13.74
C ASP P 69 86.73 -64.85 -15.10
N GLY P 70 86.05 -63.73 -15.33
CA GLY P 70 86.18 -63.02 -16.59
C GLY P 70 85.65 -63.72 -17.82
N SER P 71 84.94 -64.84 -17.65
CA SER P 71 84.44 -65.61 -18.78
C SER P 71 83.63 -64.76 -19.75
N ASP P 72 83.04 -63.66 -19.27
CA ASP P 72 82.24 -62.79 -20.11
C ASP P 72 83.04 -62.05 -21.17
N GLU P 73 84.37 -62.00 -21.08
CA GLU P 73 85.17 -61.24 -22.03
C GLU P 73 86.19 -62.16 -22.70
N SER P 74 85.99 -62.46 -23.98
CA SER P 74 86.92 -63.28 -24.75
C SER P 74 86.94 -62.73 -26.18
N PRO P 75 87.94 -61.91 -26.52
CA PRO P 75 87.98 -61.31 -27.86
C PRO P 75 87.95 -62.30 -29.02
N GLU P 76 88.24 -63.58 -28.78
CA GLU P 76 88.11 -64.56 -29.87
C GLU P 76 86.68 -65.04 -30.01
N GLN P 77 85.90 -64.97 -28.94
CA GLN P 77 84.50 -65.33 -28.93
C GLN P 77 83.62 -64.11 -29.14
N CYS P 78 83.93 -63.02 -28.46
CA CYS P 78 83.18 -61.79 -28.53
C CYS P 78 83.37 -61.10 -29.88
CA CA Q . -4.95 12.39 -53.99
CA CA R . 9.66 10.19 -73.61
CA CA S . 22.49 60.65 -18.77
CA CA T . 31.24 69.01 -41.56
CA CA U . 48.33 1.13 -17.63
CA CA V . 66.91 9.78 -32.08
CA CA W . 64.76 -62.01 -0.84
CA CA X . 81.31 -57.52 -18.96
#